data_5HXB
#
_entry.id   5HXB
#
_cell.length_a   156.747
_cell.length_b   111.522
_cell.length_c   175.057
_cell.angle_alpha   90.00
_cell.angle_beta   95.81
_cell.angle_gamma   90.00
#
_symmetry.space_group_name_H-M   'P 1 2 1'
#
loop_
_entity.id
_entity.type
_entity.pdbx_description
1 polymer 'Eukaryotic peptide chain release factor GTP-binding subunit ERF3A'
2 polymer 'DNA damage-binding protein 1'
3 polymer 'Protein cereblon'
4 non-polymer 'ZINC ION'
5 non-polymer 1-(3-chloro-4-methylphenyl)-3-({2-[(3S)-2,6-dioxopiperidin-3-yl]-1-oxo-2,3-dihydro-1H-isoindol-5-yl}methyl)urea
#
loop_
_entity_poly.entity_id
_entity_poly.type
_entity_poly.pdbx_seq_one_letter_code
_entity_poly.pdbx_strand_id
1 'polypeptide(L)'
;GSGPIRLPIVDKYKDMGTVVLGKLESGSICKGQQLVMMPNKHNVEVLGILSDDVETDTVAPGENLKIRLKGIEEEEILPG
FILCDPNNLCHSGRTFDAQIVIIEHKSIICPGYNAVLHIHTCIEEVEITALICLVDKKSGEKSKTRPRFVKQDQVCIARL
RTAGTICLETFKDFPQMGRFTLRDEGKTIAIGKVLKLVP
;
X,A
2 'polypeptide(L)'
;MSYNYVVTAQKPTAVNGCVTGHFTSAEDLNLLIAKNTRLEIYVVTAEGLRPVKEVGMYGKIAVMELFRPKGESKDLLFIL
TAKYNACILEYKQSGESIDIITRAHGNVQDRIGRPSETGIIGIIDPECRMIGLRLYDGLFKVIPLDRDNKELKAFNIRLE
ELHVIDVKFLYGCQAPTICFVYQDPQGRHVKTYEVSLREKEFNKGPWKQENVEAEASMVIAVPEPFGGAIIIGQESITYH
NGDKYLAIAPPIIKQSTIVCHNRVDPNGSRYLLGDMEGRLFMLLLEKEEQMDGTVTLKDLRVELLGETSIAECLTYLDNG
VVFVGSRLGDSQLVKLNVDSNEQGSYVVAMETFTNLGPIVDMCVVDLERQGQGQLVTCSGAFKEGSLRIIRNGIGIHEHA
SIDLPGIKGLWPLRSDPNRETDDTLVLSFVGQTRVLMLNGEEVEETELMGFVDDQQTFFCGNVAHQQLIQITSASVRLVS
QEPKALVSEWKEPQAKNISVASCNSSQVVVAVGRALYYLQIHPQELRQISHTEMEHEVACLDITPLGDSNGLSPLCAIGL
WTDISARILKLPSFELLHKEMLGGEIIPRSILMTTFESSHYLLCALGDGALFYFGLNIETGLLSDRKKVTLGTQPTVLRT
FRSLSTTNVFACSDRPTVIYSSNHKLVFSNVNLKEVNYMCPLNSDGYPDSLALANNSTLTIGTIDEIQKLHIRTVPLYES
PRKICYQEVSQCFGVLSSRIEVQDTSGGTTALRPSASTQALSSSVSSSKLFSSSTAPHETSFGEEVEVHNLLIIDQHTFE
VLHAHQFLQNEYALSLVSCKLGKDPNTYFIVGTAMVYPEEAEPKQGRIVVFQYSDGKLQTVAEKEVKGAVYSMVEFNGKL
LASINSTVRLYEWTTEKELRTECNHYNNIMALYLKTKGDFILVGDLMRSVLLLAYKPMEGNFEEIARDFNPNWMSAVEIL
DDDNFLGAENAFNLFVCQKDSAATTDEERQHLQEVGLFHLGEFVNVFCHGSLVMQNLGETSTPTQGSVLFGTVNGMIGLV
TSLSESWYNLLLDMQNRLNKVIKSVGKIEHSFWRSFHTERKTEPATGFIDGDLIESFLDISRPKMQEVVANLQYDDGSGM
KREATADDLIKVVEELTRIH
;
Y,B
3 'polypeptide(L)'
;GSMEAKKPNIINFDTSLPTSHTYLGADMEEFHGRTLHDDDSCQVIPVLPQVMMILIPGQTLPLQLFHPQEVSMVRNLIQK
DRTFAVLAYSNVQEREAQFGTTAEIYAYREEQDFGIEIVKVKAIGRQRFKVLELRTQSDGIQQAKVQILPECVLPSTMSA
VQLESLNKCQIFPSKPVSREDQCSYKWWQKYQKRKFHCANLTSWPRWLYSLYDAETLMDRIKKQLREWDENLKDDSLPSN
PIDFSYRVAACLPIDDVLRIQLLKIGSAIQRLRCELDIMNKCTSLCCKQCQETEITTKNEIFSLSLCGPMAAYVNPHGYV
HETLTVYKACNLNLIGRPSTEHSWFPGYAWTVAQCKICASHIGWKFTATKKDMSPQKFWGLTRSALLPTIPDTEDEISPD
KVILCL
;
Z,C
#
loop_
_chem_comp.id
_chem_comp.type
_chem_comp.name
_chem_comp.formula
85C non-polymer 1-(3-chloro-4-methylphenyl)-3-({2-[(3S)-2,6-dioxopiperidin-3-yl]-1-oxo-2,3-dihydro-1H-isoindol-5-yl}methyl)urea 'C22 H21 Cl N4 O4'
ZN non-polymer 'ZINC ION' 'Zn 2'
#
# COMPACT_ATOMS: atom_id res chain seq x y z
N ILE A 5 53.46 -7.63 94.99
CA ILE A 5 52.30 -7.69 95.99
C ILE A 5 51.99 -6.38 96.67
N ARG A 6 50.80 -6.39 97.22
CA ARG A 6 50.17 -5.22 97.67
C ARG A 6 48.93 -5.62 98.52
N LEU A 7 48.93 -5.27 99.80
CA LEU A 7 47.85 -5.55 100.69
C LEU A 7 47.54 -4.30 101.49
N PRO A 8 46.48 -3.56 101.12
CA PRO A 8 46.05 -2.48 101.98
C PRO A 8 45.49 -2.97 103.28
N ILE A 9 46.19 -2.54 104.34
CA ILE A 9 45.98 -2.95 105.70
C ILE A 9 44.80 -2.20 106.20
N VAL A 10 43.82 -2.93 106.74
CA VAL A 10 42.63 -2.29 107.31
C VAL A 10 42.80 -1.99 108.74
N ASP A 11 43.21 -2.99 109.50
CA ASP A 11 43.56 -2.75 110.90
C ASP A 11 44.64 -3.74 111.48
N LYS A 12 45.30 -3.25 112.53
CA LYS A 12 46.28 -4.00 113.28
C LYS A 12 45.69 -4.32 114.66
N TYR A 13 45.57 -5.61 114.99
CA TYR A 13 44.99 -5.98 116.27
C TYR A 13 46.03 -6.65 117.07
N LYS A 14 46.83 -5.85 117.76
CA LYS A 14 47.95 -6.44 118.42
C LYS A 14 47.40 -7.60 119.15
N ASP A 15 47.94 -8.75 118.82
CA ASP A 15 47.56 -10.02 119.39
C ASP A 15 48.77 -10.81 119.03
N MET A 16 49.02 -11.92 119.72
CA MET A 16 50.18 -12.78 119.45
C MET A 16 51.36 -11.82 119.48
N GLY A 17 52.32 -11.98 118.56
CA GLY A 17 53.37 -10.99 118.51
C GLY A 17 52.68 -9.73 118.01
N THR A 18 51.92 -9.91 116.92
CA THR A 18 51.15 -8.85 116.28
C THR A 18 50.29 -9.45 115.19
N VAL A 19 49.34 -8.69 114.67
CA VAL A 19 48.53 -9.20 113.55
C VAL A 19 47.78 -8.06 112.89
N VAL A 20 47.47 -8.31 111.61
CA VAL A 20 47.07 -7.32 110.68
C VAL A 20 46.03 -7.89 109.72
N LEU A 21 45.09 -7.04 109.35
CA LEU A 21 43.96 -7.41 108.50
C LEU A 21 43.95 -6.77 107.09
N GLY A 22 43.36 -7.45 106.14
CA GLY A 22 43.01 -6.75 104.93
C GLY A 22 42.36 -7.59 103.88
N LYS A 23 42.15 -6.97 102.71
CA LYS A 23 42.04 -7.70 101.44
C LYS A 23 43.30 -7.55 100.67
N LEU A 24 43.67 -8.63 100.00
CA LEU A 24 44.99 -8.81 99.40
C LEU A 24 44.93 -8.56 97.90
N GLU A 25 45.37 -7.37 97.47
CA GLU A 25 45.04 -6.84 96.13
C GLU A 25 46.14 -7.02 95.03
N SER A 26 47.41 -7.03 95.40
CA SER A 26 48.44 -7.48 94.46
C SER A 26 49.08 -8.79 94.95
N GLY A 27 48.86 -9.86 94.19
CA GLY A 27 49.80 -11.00 94.17
C GLY A 27 49.57 -12.07 95.22
N SER A 28 50.51 -13.00 95.32
CA SER A 28 50.40 -14.15 96.19
C SER A 28 51.40 -13.99 97.32
N ILE A 29 51.08 -14.62 98.44
CA ILE A 29 51.80 -14.33 99.66
C ILE A 29 52.16 -15.60 100.45
N CYS A 30 53.46 -15.93 100.40
CA CYS A 30 53.99 -17.21 100.87
C CYS A 30 54.26 -17.04 102.35
N LYS A 31 54.11 -18.14 103.12
CA LYS A 31 54.32 -18.14 104.60
C LYS A 31 55.77 -17.79 104.91
N GLY A 32 55.97 -16.92 105.91
CA GLY A 32 57.31 -16.38 106.24
C GLY A 32 58.06 -15.50 105.21
N GLN A 33 57.36 -15.01 104.17
CA GLN A 33 58.00 -14.31 103.00
C GLN A 33 58.38 -12.85 103.32
N GLN A 34 59.65 -12.58 103.63
CA GLN A 34 60.05 -11.21 104.06
C GLN A 34 59.38 -10.14 103.22
N LEU A 35 58.94 -9.06 103.86
CA LEU A 35 58.18 -7.97 103.18
C LEU A 35 58.51 -6.64 103.78
N VAL A 36 57.86 -5.62 103.24
CA VAL A 36 58.00 -4.27 103.79
C VAL A 36 56.63 -3.64 103.84
N MET A 37 56.53 -2.56 104.63
CA MET A 37 55.27 -1.92 104.90
C MET A 37 55.42 -0.42 105.05
N MET A 38 54.62 0.30 104.28
CA MET A 38 55.10 1.48 103.68
C MET A 38 54.80 2.64 104.60
N PRO A 39 54.73 3.84 104.05
CA PRO A 39 55.67 4.96 104.06
C PRO A 39 56.96 4.79 104.90
N ASN A 40 56.97 3.85 105.84
CA ASN A 40 58.01 3.78 106.86
C ASN A 40 59.14 2.78 106.54
N LYS A 41 59.02 2.11 105.40
CA LYS A 41 60.01 1.17 104.93
C LYS A 41 60.29 0.16 105.99
N HIS A 42 59.31 -0.27 106.79
CA HIS A 42 59.61 -1.29 107.79
C HIS A 42 59.64 -2.68 107.18
N ASN A 43 60.80 -3.33 107.29
CA ASN A 43 60.91 -4.77 107.09
C ASN A 43 59.95 -5.49 107.97
N VAL A 44 59.66 -6.72 107.60
CA VAL A 44 58.77 -7.55 108.35
C VAL A 44 58.71 -8.90 107.69
N GLU A 45 58.75 -9.97 108.46
CA GLU A 45 58.56 -11.30 107.88
C GLU A 45 57.15 -11.73 108.24
N VAL A 46 56.46 -12.35 107.27
CA VAL A 46 55.25 -13.09 107.60
C VAL A 46 55.66 -14.16 108.57
N LEU A 47 54.94 -14.21 109.69
CA LEU A 47 54.84 -15.43 110.47
C LEU A 47 53.61 -16.21 110.00
N GLY A 48 52.42 -15.62 110.22
CA GLY A 48 51.18 -16.40 110.32
C GLY A 48 50.05 -15.86 109.47
N ILE A 49 49.45 -16.74 108.69
CA ILE A 49 48.47 -16.35 107.72
C ILE A 49 47.19 -17.09 107.97
N LEU A 50 46.29 -16.43 108.70
CA LEU A 50 45.06 -17.05 109.23
C LEU A 50 43.88 -16.75 108.26
N SER A 51 44.16 -16.77 106.97
CA SER A 51 43.20 -16.39 105.97
C SER A 51 41.87 -17.00 106.24
N ASP A 52 40.90 -16.10 106.27
CA ASP A 52 39.53 -16.43 106.49
C ASP A 52 39.51 -17.10 107.83
N ASP A 53 38.57 -18.01 108.04
CA ASP A 53 38.55 -18.73 109.27
C ASP A 53 39.80 -19.60 109.24
N VAL A 54 40.09 -20.15 108.06
CA VAL A 54 41.23 -21.08 107.89
C VAL A 54 42.59 -20.37 107.97
N GLU A 55 43.66 -21.12 108.25
CA GLU A 55 45.01 -20.71 107.89
C GLU A 55 45.36 -21.46 106.61
N THR A 56 46.14 -20.84 105.72
CA THR A 56 46.88 -21.58 104.69
C THR A 56 48.34 -21.09 104.63
N ASP A 57 49.20 -21.83 103.92
CA ASP A 57 50.64 -21.51 103.84
C ASP A 57 50.90 -20.37 102.87
N THR A 58 50.29 -20.44 101.69
CA THR A 58 50.31 -19.34 100.74
C THR A 58 48.90 -19.09 100.28
N VAL A 59 48.65 -17.89 99.80
CA VAL A 59 47.29 -17.53 99.39
C VAL A 59 47.36 -16.40 98.39
N ALA A 60 46.44 -16.42 97.43
CA ALA A 60 46.50 -15.56 96.24
C ALA A 60 45.53 -14.39 96.41
N PRO A 61 45.58 -13.38 95.52
CA PRO A 61 44.72 -12.19 95.63
C PRO A 61 43.28 -12.54 95.89
N GLY A 62 42.53 -11.56 96.36
CA GLY A 62 41.09 -11.73 96.58
C GLY A 62 40.80 -12.04 98.02
N GLU A 63 41.45 -13.06 98.53
CA GLU A 63 41.13 -13.53 99.85
C GLU A 63 41.31 -12.45 100.92
N ASN A 64 40.84 -12.81 102.12
CA ASN A 64 40.73 -11.89 103.24
C ASN A 64 41.65 -12.37 104.35
N LEU A 65 42.86 -11.85 104.36
CA LEU A 65 43.87 -12.34 105.25
C LEU A 65 43.90 -11.56 106.54
N LYS A 66 43.99 -12.27 107.65
CA LYS A 66 44.76 -11.79 108.77
C LYS A 66 46.19 -12.37 108.68
N ILE A 67 47.17 -11.55 109.04
CA ILE A 67 48.58 -11.92 108.89
C ILE A 67 49.31 -11.50 110.13
N ARG A 68 49.90 -12.47 110.83
CA ARG A 68 50.84 -12.14 111.90
C ARG A 68 52.19 -11.71 111.33
N LEU A 69 52.63 -10.54 111.80
CA LEU A 69 53.85 -9.87 111.34
C LEU A 69 54.88 -9.87 112.45
N LYS A 70 56.18 -10.01 112.12
CA LYS A 70 57.27 -9.72 113.07
C LYS A 70 58.19 -8.67 112.57
N GLY A 71 58.36 -7.57 113.32
CA GLY A 71 59.12 -6.43 112.81
C GLY A 71 59.46 -5.45 113.89
N ILE A 72 60.23 -4.42 113.55
CA ILE A 72 60.56 -3.36 114.54
C ILE A 72 59.29 -2.50 114.75
N GLU A 73 58.32 -2.60 113.83
CA GLU A 73 57.08 -1.79 113.94
C GLU A 73 55.79 -2.66 114.02
N GLU A 74 55.16 -2.67 115.21
CA GLU A 74 54.28 -3.80 115.66
C GLU A 74 52.93 -3.43 116.35
N GLU A 75 52.79 -2.19 116.75
CA GLU A 75 51.59 -1.40 116.49
C GLU A 75 52.41 -0.09 116.33
N GLU A 76 51.74 1.01 116.10
CA GLU A 76 52.41 2.20 115.64
C GLU A 76 52.40 2.09 114.07
N ILE A 77 51.57 1.19 113.53
CA ILE A 77 51.35 0.98 112.11
C ILE A 77 49.89 1.35 111.95
N LEU A 78 49.52 2.14 110.97
CA LEU A 78 48.14 2.56 110.86
C LEU A 78 47.47 2.18 109.57
N PRO A 79 46.15 2.16 109.57
CA PRO A 79 45.47 1.83 108.30
C PRO A 79 45.59 2.88 107.16
N GLY A 80 45.75 2.31 105.96
CA GLY A 80 46.15 3.08 104.79
C GLY A 80 47.62 3.28 104.79
N PHE A 81 48.29 2.35 105.46
CA PHE A 81 49.44 1.71 104.90
C PHE A 81 48.97 0.42 104.24
N ILE A 82 49.97 -0.26 103.69
CA ILE A 82 49.85 -1.40 102.78
C ILE A 82 51.13 -2.23 103.02
N LEU A 83 51.11 -3.52 102.74
CA LEU A 83 52.35 -4.24 102.64
C LEU A 83 52.86 -4.03 101.22
N CYS A 84 54.16 -4.19 101.01
CA CYS A 84 54.69 -4.16 99.65
C CYS A 84 55.84 -5.11 99.52
N ASP A 85 55.80 -5.91 98.47
CA ASP A 85 56.99 -6.55 97.87
C ASP A 85 58.19 -5.58 97.84
N PRO A 86 59.36 -6.04 98.34
CA PRO A 86 60.49 -5.11 98.51
C PRO A 86 61.19 -4.67 97.19
N ASN A 87 60.98 -5.39 96.09
CA ASN A 87 61.67 -5.07 94.84
C ASN A 87 61.03 -3.88 94.12
N ASN A 88 59.94 -4.11 93.40
CA ASN A 88 59.03 -3.02 93.05
C ASN A 88 58.05 -2.86 94.20
N LEU A 89 58.34 -1.90 95.07
CA LEU A 89 57.47 -1.54 96.19
C LEU A 89 56.64 -0.31 95.81
N CYS A 90 55.90 0.24 96.77
CA CYS A 90 54.80 1.16 96.48
C CYS A 90 55.28 2.60 96.45
N HIS A 91 54.72 3.37 95.52
CA HIS A 91 55.02 4.80 95.42
C HIS A 91 54.23 5.45 96.50
N SER A 92 54.63 6.64 96.91
CA SER A 92 53.90 7.37 97.95
C SER A 92 54.33 8.85 98.01
N GLY A 93 54.24 9.46 99.19
CA GLY A 93 54.34 10.92 99.32
C GLY A 93 52.92 11.45 99.31
N ARG A 94 52.75 12.76 99.15
CA ARG A 94 51.54 13.48 99.66
C ARG A 94 50.86 14.51 98.73
N THR A 95 51.48 14.79 97.58
CA THR A 95 50.79 15.50 96.50
C THR A 95 50.56 14.49 95.44
N PHE A 96 49.50 14.71 94.65
CA PHE A 96 49.23 13.95 93.39
C PHE A 96 48.13 14.59 92.48
N ASP A 97 48.18 14.21 91.21
CA ASP A 97 47.28 14.68 90.17
C ASP A 97 46.23 13.62 89.91
N ALA A 98 45.00 14.04 89.64
CA ALA A 98 44.03 13.06 89.33
C ALA A 98 42.83 13.66 88.74
N GLN A 99 42.04 12.76 88.17
CA GLN A 99 40.96 13.08 87.27
C GLN A 99 39.72 12.77 88.05
N ILE A 100 38.91 13.79 88.23
CA ILE A 100 38.09 13.90 89.40
C ILE A 100 36.64 14.28 89.02
N VAL A 101 35.75 13.31 88.84
CA VAL A 101 34.41 13.66 88.36
C VAL A 101 33.49 14.10 89.49
N ILE A 102 33.12 15.36 89.44
CA ILE A 102 32.20 15.96 90.35
C ILE A 102 30.81 15.43 90.12
N ILE A 103 30.30 14.70 91.09
CA ILE A 103 28.98 14.11 91.00
C ILE A 103 27.90 14.83 91.76
N GLU A 104 28.24 15.33 92.94
CA GLU A 104 27.26 16.03 93.72
C GLU A 104 27.75 17.30 94.30
N HIS A 105 27.11 18.40 93.96
CA HIS A 105 27.48 19.64 94.59
C HIS A 105 26.49 20.74 94.36
N LYS A 106 26.18 21.47 95.40
CA LYS A 106 25.23 22.55 95.33
C LYS A 106 25.67 23.78 94.59
N SER A 107 26.94 24.08 94.63
CA SER A 107 27.41 25.31 94.03
C SER A 107 28.66 24.96 93.23
N ILE A 108 29.85 25.41 93.66
CA ILE A 108 31.03 25.53 92.79
C ILE A 108 32.36 25.24 93.44
N ILE A 109 32.70 23.95 93.54
CA ILE A 109 34.06 23.58 94.07
C ILE A 109 35.28 24.11 93.26
N CYS A 110 36.35 24.47 93.98
CA CYS A 110 37.23 25.54 93.55
C CYS A 110 38.49 25.73 94.51
N PRO A 111 39.70 25.89 93.94
CA PRO A 111 40.99 25.31 94.38
C PRO A 111 41.32 25.76 95.74
N GLY A 112 41.79 24.88 96.57
CA GLY A 112 41.73 25.13 98.00
C GLY A 112 40.37 24.83 98.63
N TYR A 113 39.54 24.10 97.88
CA TYR A 113 38.44 23.29 98.44
C TYR A 113 39.05 22.24 99.31
N ASN A 114 38.53 22.22 100.53
CA ASN A 114 38.85 21.19 101.43
C ASN A 114 37.85 20.07 101.48
N ALA A 115 38.36 18.83 101.54
CA ALA A 115 37.50 17.64 101.67
C ALA A 115 38.28 16.44 102.17
N VAL A 116 37.56 15.38 102.51
CA VAL A 116 38.17 14.12 102.94
C VAL A 116 38.39 13.29 101.71
N LEU A 117 39.32 12.35 101.80
CA LEU A 117 39.76 11.64 100.65
C LEU A 117 39.89 10.21 101.00
N HIS A 118 39.01 9.39 100.48
CA HIS A 118 39.08 7.98 100.83
C HIS A 118 39.78 7.20 99.77
N ILE A 119 41.00 6.83 100.03
CA ILE A 119 41.68 5.97 99.10
C ILE A 119 41.90 4.68 99.81
N HIS A 120 41.35 3.61 99.29
CA HIS A 120 41.53 2.29 99.88
C HIS A 120 41.33 2.30 101.38
N THR A 121 42.24 1.68 102.11
CA THR A 121 42.12 1.67 103.54
C THR A 121 42.22 3.06 104.07
N CYS A 122 43.13 3.84 103.52
CA CYS A 122 43.35 5.18 104.03
C CYS A 122 42.22 6.14 103.93
N ILE A 123 42.24 7.13 104.82
CA ILE A 123 41.24 8.14 104.85
C ILE A 123 41.83 9.45 105.37
N GLU A 124 42.47 10.20 104.49
CA GLU A 124 43.12 11.43 104.93
C GLU A 124 42.51 12.66 104.36
N GLU A 125 42.50 13.71 105.14
CA GLU A 125 41.92 14.94 104.73
C GLU A 125 42.80 15.48 103.65
N VAL A 126 42.22 16.26 102.75
CA VAL A 126 42.89 16.69 101.50
C VAL A 126 42.35 18.04 101.00
N GLU A 127 43.16 18.67 100.14
CA GLU A 127 42.83 19.94 99.49
C GLU A 127 43.15 19.80 98.03
N ILE A 128 42.32 20.36 97.17
CA ILE A 128 42.68 20.35 95.77
C ILE A 128 43.25 21.72 95.50
N THR A 129 44.53 21.69 95.20
CA THR A 129 45.44 22.79 95.50
C THR A 129 45.47 23.78 94.40
N ALA A 130 45.73 23.31 93.18
CA ALA A 130 44.87 23.66 92.04
C ALA A 130 44.36 22.45 91.27
N LEU A 131 43.23 22.73 90.64
CA LEU A 131 42.77 22.05 89.45
C LEU A 131 43.35 22.70 88.17
N ILE A 132 43.33 21.87 87.11
CA ILE A 132 44.34 21.85 86.00
C ILE A 132 43.67 22.11 84.66
N CYS A 133 42.99 21.10 84.16
CA CYS A 133 42.40 21.14 82.91
C CYS A 133 41.08 20.52 83.03
N LEU A 134 40.05 21.29 82.73
CA LEU A 134 38.72 20.76 82.51
C LEU A 134 38.74 19.57 81.52
N VAL A 135 37.69 18.73 81.47
CA VAL A 135 37.47 17.83 80.31
C VAL A 135 36.04 17.49 80.00
N ASP A 136 35.67 17.61 78.71
CA ASP A 136 34.29 17.40 78.28
C ASP A 136 34.04 15.90 78.09
N LYS A 137 32.83 15.53 78.50
CA LYS A 137 32.48 14.15 78.73
C LYS A 137 32.17 13.45 77.40
N LYS A 138 31.45 14.13 76.54
CA LYS A 138 31.12 13.55 75.28
C LYS A 138 32.38 13.03 74.55
N SER A 139 33.43 13.86 74.50
CA SER A 139 34.60 13.58 73.65
C SER A 139 35.68 12.77 74.39
N GLY A 140 36.29 13.39 75.41
CA GLY A 140 37.70 13.13 75.80
C GLY A 140 38.53 14.43 75.80
N GLU A 141 37.86 15.50 75.37
CA GLU A 141 38.55 16.66 74.93
C GLU A 141 39.03 17.32 76.16
N LYS A 142 40.31 17.20 76.45
CA LYS A 142 40.90 18.10 77.42
C LYS A 142 40.61 19.54 77.08
N SER A 143 40.90 20.43 78.00
CA SER A 143 40.41 21.74 77.85
C SER A 143 41.50 22.66 77.52
N LYS A 144 41.09 23.85 77.12
CA LYS A 144 41.96 24.71 76.35
C LYS A 144 42.67 25.55 77.32
N THR A 145 41.85 26.26 78.05
CA THR A 145 42.30 26.99 79.19
C THR A 145 42.32 26.10 80.47
N ARG A 146 42.94 26.65 81.51
CA ARG A 146 42.71 26.25 82.92
C ARG A 146 41.32 26.59 83.24
N PRO A 147 40.78 25.91 84.24
CA PRO A 147 39.48 26.34 84.69
C PRO A 147 39.58 26.86 86.08
N ARG A 148 38.90 27.98 86.33
CA ARG A 148 38.87 28.60 87.68
C ARG A 148 38.16 27.69 88.80
N PHE A 149 37.50 26.60 88.37
CA PHE A 149 36.66 25.78 89.24
C PHE A 149 35.79 24.77 88.51
N VAL A 150 35.26 23.81 89.21
CA VAL A 150 34.51 22.82 88.55
C VAL A 150 33.21 22.76 89.27
N LYS A 151 32.06 22.85 88.56
CA LYS A 151 30.68 22.53 89.13
C LYS A 151 30.26 21.03 89.07
N GLN A 152 28.98 20.76 89.22
CA GLN A 152 28.56 19.36 89.37
C GLN A 152 28.81 18.66 88.09
N ASP A 153 28.52 17.37 88.05
CA ASP A 153 28.05 16.76 86.78
C ASP A 153 29.03 17.00 85.63
N GLN A 154 30.34 17.15 86.00
CA GLN A 154 31.44 17.82 85.22
C GLN A 154 32.80 17.21 85.59
N VAL A 155 33.78 17.22 84.72
CA VAL A 155 35.07 16.54 85.03
C VAL A 155 36.22 17.52 84.96
N CYS A 156 37.28 17.32 85.75
CA CYS A 156 38.50 18.18 85.72
C CYS A 156 39.66 17.29 86.01
N ILE A 157 40.86 17.85 85.91
CA ILE A 157 42.08 17.14 86.37
C ILE A 157 42.74 18.08 87.31
N ALA A 158 43.22 17.55 88.42
CA ALA A 158 43.57 18.40 89.47
C ALA A 158 44.57 17.75 90.32
N ARG A 159 45.37 18.61 90.98
CA ARG A 159 46.40 18.18 91.87
C ARG A 159 46.01 18.41 93.32
N LEU A 160 46.52 17.56 94.20
CA LEU A 160 45.87 17.27 95.48
C LEU A 160 46.96 17.03 96.56
N ARG A 161 46.93 17.79 97.68
CA ARG A 161 47.83 17.54 98.85
C ARG A 161 47.08 17.02 100.08
N THR A 162 47.45 15.82 100.50
CA THR A 162 46.94 15.23 101.71
C THR A 162 47.69 15.81 102.92
N ALA A 163 46.98 16.47 103.83
CA ALA A 163 47.65 17.19 104.92
C ALA A 163 48.53 16.31 105.83
N GLY A 164 48.71 15.05 105.44
CA GLY A 164 49.85 14.25 105.91
C GLY A 164 50.62 13.57 104.80
N THR A 165 50.45 12.25 104.70
CA THR A 165 51.21 11.42 103.76
C THR A 165 50.45 10.17 103.48
N ILE A 166 50.58 9.68 102.27
CA ILE A 166 49.72 8.64 101.82
C ILE A 166 50.61 7.50 101.38
N CYS A 167 50.03 6.43 100.85
CA CYS A 167 50.71 5.62 99.81
C CYS A 167 49.87 5.33 98.51
N LEU A 168 50.09 6.20 97.50
CA LEU A 168 49.39 6.15 96.23
C LEU A 168 49.89 5.07 95.29
N GLU A 169 49.04 4.69 94.35
CA GLU A 169 49.45 4.28 93.00
C GLU A 169 48.66 5.05 91.96
N THR A 170 49.19 5.11 90.74
CA THR A 170 48.43 5.68 89.61
C THR A 170 47.47 4.64 89.12
N PHE A 171 46.33 5.11 88.67
CA PHE A 171 45.33 4.23 88.18
C PHE A 171 46.13 3.77 87.02
N LYS A 172 45.70 2.70 86.36
CA LYS A 172 46.43 2.18 85.23
C LYS A 172 47.64 1.49 85.79
N ASP A 173 48.45 2.21 86.55
CA ASP A 173 49.60 1.59 87.15
C ASP A 173 49.04 0.54 88.08
N PHE A 174 47.97 0.93 88.76
CA PHE A 174 47.24 0.08 89.67
C PHE A 174 45.86 0.65 89.67
N PRO A 175 44.83 -0.18 90.08
CA PRO A 175 43.52 0.44 90.04
C PRO A 175 42.87 0.60 91.40
N GLN A 176 42.78 -0.48 92.16
CA GLN A 176 42.11 -0.45 93.43
C GLN A 176 42.71 0.51 94.43
N MET A 177 43.98 0.79 94.24
CA MET A 177 44.69 1.66 95.16
C MET A 177 44.91 3.03 94.60
N GLY A 178 44.39 3.28 93.40
CA GLY A 178 44.37 4.63 92.82
C GLY A 178 42.99 5.17 92.42
N ARG A 179 41.93 4.43 92.68
CA ARG A 179 40.62 5.00 92.56
C ARG A 179 40.31 5.39 93.94
N PHE A 180 39.55 6.44 94.05
CA PHE A 180 39.31 7.03 95.31
C PHE A 180 38.17 7.99 95.22
N THR A 181 37.60 8.30 96.35
CA THR A 181 36.44 9.09 96.37
C THR A 181 36.73 10.22 97.28
N LEU A 182 36.74 11.44 96.79
CA LEU A 182 36.54 12.57 97.69
C LEU A 182 35.23 12.43 98.35
N ARG A 183 35.08 12.99 99.56
CA ARG A 183 33.89 12.77 100.41
C ARG A 183 33.83 13.93 101.40
N ASP A 184 32.69 14.57 101.54
CA ASP A 184 32.59 15.75 102.43
C ASP A 184 31.20 15.77 103.03
N GLU A 185 31.11 16.12 104.32
CA GLU A 185 29.86 15.93 105.06
C GLU A 185 29.34 14.51 104.76
N GLY A 186 30.23 13.53 104.62
CA GLY A 186 29.81 12.13 104.52
C GLY A 186 29.13 11.73 103.22
N LYS A 187 28.67 12.74 102.45
CA LYS A 187 28.35 12.54 101.02
C LYS A 187 29.55 12.16 100.22
N THR A 188 29.27 11.53 99.11
CA THR A 188 30.26 11.42 98.02
C THR A 188 30.15 12.58 97.06
N ILE A 189 31.23 13.30 96.92
CA ILE A 189 31.24 14.55 96.28
C ILE A 189 32.11 14.59 94.98
N ALA A 190 32.90 13.52 94.75
CA ALA A 190 33.68 13.31 93.49
C ALA A 190 34.25 11.88 93.44
N ILE A 191 34.63 11.43 92.26
CA ILE A 191 35.48 10.24 92.18
C ILE A 191 36.55 10.32 91.12
N GLY A 192 37.70 9.75 91.44
CA GLY A 192 38.99 10.21 90.90
C GLY A 192 39.98 9.07 90.75
N LYS A 193 40.54 8.90 89.53
CA LYS A 193 41.67 8.00 89.31
C LYS A 193 42.90 8.90 89.53
N VAL A 194 43.97 8.33 90.10
CA VAL A 194 45.18 9.09 90.30
C VAL A 194 46.06 8.88 89.10
N LEU A 195 46.71 9.94 88.72
CA LEU A 195 47.41 9.99 87.44
C LEU A 195 48.91 9.96 87.65
N LYS A 196 49.45 11.04 88.23
CA LYS A 196 50.87 11.17 88.51
C LYS A 196 51.06 11.10 90.01
N LEU A 197 52.26 11.41 90.46
CA LEU A 197 52.53 11.61 91.87
C LEU A 197 53.56 12.74 91.92
N VAL A 198 53.26 13.82 92.64
CA VAL A 198 53.99 15.06 92.45
C VAL A 198 54.92 15.29 93.66
N PRO A 199 56.12 15.92 93.42
CA PRO A 199 57.38 15.27 93.78
C PRO A 199 57.23 13.83 94.26
N SER B 2 -15.90 6.57 46.47
CA SER B 2 -16.03 6.13 45.04
C SER B 2 -16.40 4.64 44.94
N TYR B 3 -17.38 4.33 44.08
CA TYR B 3 -18.07 3.05 44.06
C TYR B 3 -18.20 2.56 42.62
N ASN B 4 -17.72 1.36 42.41
CA ASN B 4 -17.38 0.89 41.06
C ASN B 4 -18.07 -0.43 40.69
N TYR B 5 -18.34 -0.60 39.39
CA TYR B 5 -18.93 -1.80 38.84
C TYR B 5 -17.89 -2.55 38.04
N VAL B 6 -17.56 -3.79 38.43
CA VAL B 6 -16.67 -4.64 37.62
C VAL B 6 -17.45 -5.70 36.89
N VAL B 7 -17.27 -5.78 35.60
CA VAL B 7 -17.89 -6.82 34.81
C VAL B 7 -16.95 -7.37 33.75
N THR B 8 -17.08 -8.65 33.46
CA THR B 8 -16.31 -9.33 32.42
C THR B 8 -16.94 -9.07 31.05
N ALA B 9 -16.12 -8.70 30.08
CA ALA B 9 -16.58 -8.52 28.71
C ALA B 9 -16.11 -9.64 27.83
N GLN B 10 -15.01 -10.29 28.21
CA GLN B 10 -14.51 -11.48 27.54
C GLN B 10 -13.99 -12.45 28.60
N LYS B 11 -14.66 -13.61 28.72
CA LYS B 11 -14.26 -14.64 29.64
C LYS B 11 -12.87 -15.11 29.36
N PRO B 12 -12.11 -15.57 30.38
CA PRO B 12 -10.73 -16.02 30.15
C PRO B 12 -10.65 -17.09 29.13
N THR B 13 -9.64 -17.00 28.26
CA THR B 13 -9.52 -17.94 27.13
C THR B 13 -8.44 -19.02 27.38
N ALA B 14 -7.42 -18.66 28.15
CA ALA B 14 -6.27 -19.52 28.41
C ALA B 14 -6.60 -20.81 29.18
N VAL B 15 -5.99 -21.93 28.76
CA VAL B 15 -6.22 -23.24 29.37
C VAL B 15 -5.21 -23.55 30.51
N ASN B 16 -5.73 -23.77 31.73
CA ASN B 16 -4.90 -24.21 32.85
C ASN B 16 -4.55 -25.68 32.81
N GLY B 17 -5.52 -26.47 32.41
CA GLY B 17 -5.51 -27.93 32.68
C GLY B 17 -6.66 -28.59 31.93
N CYS B 18 -6.55 -29.88 31.68
CA CYS B 18 -7.39 -30.54 30.68
C CYS B 18 -7.37 -32.06 30.93
N VAL B 19 -8.53 -32.63 31.08
CA VAL B 19 -8.62 -34.05 31.46
C VAL B 19 -9.73 -34.78 30.74
N THR B 20 -9.56 -36.11 30.61
CA THR B 20 -10.54 -37.00 29.93
C THR B 20 -11.07 -38.01 30.92
N GLY B 21 -12.15 -38.68 30.54
CA GLY B 21 -12.77 -39.65 31.41
C GLY B 21 -14.28 -39.55 31.27
N HIS B 22 -15.00 -40.21 32.15
CA HIS B 22 -16.42 -40.44 31.92
C HIS B 22 -17.28 -39.77 32.95
N PHE B 23 -17.70 -38.53 32.66
CA PHE B 23 -18.19 -37.64 33.67
C PHE B 23 -19.66 -37.31 33.47
N THR B 24 -20.01 -36.98 32.23
CA THR B 24 -21.39 -36.70 31.89
C THR B 24 -22.22 -37.96 31.91
N SER B 25 -21.64 -39.06 31.50
CA SER B 25 -22.35 -40.30 31.31
C SER B 25 -21.24 -41.32 31.31
N ALA B 26 -21.53 -42.54 31.73
CA ALA B 26 -20.49 -43.55 31.79
C ALA B 26 -20.04 -44.00 30.42
N GLU B 27 -20.98 -44.01 29.48
CA GLU B 27 -20.67 -44.35 28.11
C GLU B 27 -19.94 -43.26 27.30
N ASP B 28 -20.28 -41.99 27.50
CA ASP B 28 -19.58 -40.90 26.87
C ASP B 28 -18.10 -40.85 27.29
N LEU B 29 -17.26 -40.27 26.43
CA LEU B 29 -15.93 -39.82 26.84
C LEU B 29 -15.88 -38.31 26.76
N ASN B 30 -15.46 -37.69 27.84
CA ASN B 30 -15.47 -36.24 27.92
C ASN B 30 -14.10 -35.66 27.90
N LEU B 31 -14.03 -34.43 27.44
CA LEU B 31 -12.87 -33.60 27.68
C LEU B 31 -13.31 -32.54 28.64
N LEU B 32 -12.62 -32.42 29.77
CA LEU B 32 -12.87 -31.35 30.73
C LEU B 32 -11.70 -30.38 30.69
N ILE B 33 -12.01 -29.11 30.49
CA ILE B 33 -11.02 -28.05 30.29
C ILE B 33 -11.20 -26.95 31.34
N ALA B 34 -10.13 -26.63 32.06
CA ALA B 34 -10.15 -25.46 32.96
C ALA B 34 -9.59 -24.24 32.30
N LYS B 35 -10.37 -23.17 32.30
CA LYS B 35 -9.89 -21.93 31.77
C LYS B 35 -10.03 -21.01 32.96
N ASN B 36 -9.09 -21.11 33.89
CA ASN B 36 -9.16 -20.26 35.06
C ASN B 36 -10.48 -20.50 35.79
N THR B 37 -11.28 -19.47 35.95
CA THR B 37 -12.54 -19.59 36.65
C THR B 37 -13.61 -20.37 35.92
N ARG B 38 -13.37 -20.77 34.68
CA ARG B 38 -14.39 -21.46 33.92
C ARG B 38 -14.08 -22.90 33.75
N LEU B 39 -15.12 -23.69 33.60
CA LEU B 39 -14.97 -25.13 33.41
C LEU B 39 -15.82 -25.59 32.23
N GLU B 40 -15.19 -25.94 31.12
CA GLU B 40 -15.90 -26.36 29.91
C GLU B 40 -16.01 -27.89 29.89
N ILE B 41 -17.21 -28.40 29.57
CA ILE B 41 -17.42 -29.84 29.40
C ILE B 41 -17.88 -30.21 28.01
N TYR B 42 -17.01 -30.93 27.32
CA TYR B 42 -17.27 -31.40 25.96
C TYR B 42 -17.47 -32.91 25.98
N VAL B 43 -18.22 -33.42 25.00
CA VAL B 43 -18.17 -34.84 24.67
C VAL B 43 -17.31 -34.98 23.44
N VAL B 44 -16.40 -35.91 23.48
CA VAL B 44 -15.54 -36.23 22.32
C VAL B 44 -16.38 -36.93 21.22
N THR B 45 -16.20 -36.58 19.95
CA THR B 45 -16.59 -37.49 18.85
C THR B 45 -15.48 -37.44 17.80
N ALA B 46 -15.60 -38.25 16.76
CA ALA B 46 -14.48 -38.44 15.85
C ALA B 46 -14.59 -37.53 14.62
N LEU B 49 -15.51 -32.41 19.00
CA LEU B 49 -15.97 -31.99 20.33
C LEU B 49 -17.33 -31.30 20.30
N ARG B 50 -18.31 -31.90 20.97
CA ARG B 50 -19.63 -31.31 21.14
C ARG B 50 -19.68 -30.68 22.54
N PRO B 51 -19.86 -29.33 22.60
CA PRO B 51 -19.98 -28.67 23.89
C PRO B 51 -21.22 -29.13 24.58
N VAL B 52 -21.18 -29.24 25.90
CA VAL B 52 -22.33 -29.76 26.63
C VAL B 52 -22.76 -28.85 27.76
N LYS B 53 -21.77 -28.42 28.55
CA LYS B 53 -22.01 -27.52 29.72
C LYS B 53 -20.73 -26.79 30.03
N GLU B 54 -20.83 -25.46 30.18
CA GLU B 54 -19.74 -24.68 30.78
C GLU B 54 -20.23 -23.88 31.97
N VAL B 55 -19.47 -23.92 33.06
CA VAL B 55 -19.87 -23.28 34.32
C VAL B 55 -18.74 -22.43 34.87
N GLY B 56 -19.02 -21.74 35.98
CA GLY B 56 -18.06 -20.88 36.62
C GLY B 56 -17.86 -21.24 38.08
N MET B 57 -16.62 -21.45 38.48
CA MET B 57 -16.27 -21.48 39.90
C MET B 57 -16.27 -20.08 40.42
N TYR B 58 -16.52 -19.97 41.70
CA TYR B 58 -16.11 -18.84 42.45
C TYR B 58 -14.70 -19.16 42.94
N GLY B 59 -13.76 -19.18 41.99
CA GLY B 59 -12.43 -19.75 42.26
C GLY B 59 -11.50 -19.74 41.06
N LYS B 60 -10.22 -19.56 41.30
CA LYS B 60 -9.22 -20.02 40.34
C LYS B 60 -9.11 -21.52 40.47
N ILE B 61 -9.49 -22.28 39.45
CA ILE B 61 -9.23 -23.74 39.45
C ILE B 61 -7.73 -23.97 39.39
N ALA B 62 -7.21 -24.59 40.42
CA ALA B 62 -5.76 -24.83 40.58
C ALA B 62 -5.40 -26.33 40.55
N VAL B 63 -6.38 -27.20 40.85
CA VAL B 63 -6.30 -28.61 40.56
C VAL B 63 -7.67 -29.15 40.13
N MET B 64 -7.62 -30.08 39.21
CA MET B 64 -8.81 -30.60 38.56
C MET B 64 -8.53 -32.03 38.11
N GLU B 65 -9.12 -33.00 38.78
CA GLU B 65 -8.92 -34.40 38.44
C GLU B 65 -10.24 -35.14 38.36
N LEU B 66 -10.32 -36.10 37.44
CA LEU B 66 -11.41 -37.05 37.44
C LEU B 66 -11.01 -38.37 38.10
N PHE B 67 -11.96 -39.01 38.75
CA PHE B 67 -11.65 -40.20 39.55
C PHE B 67 -12.93 -41.02 39.75
N ARG B 68 -12.80 -42.34 39.91
CA ARG B 68 -13.99 -43.17 40.14
C ARG B 68 -13.98 -43.83 41.50
N PRO B 69 -14.77 -43.29 42.50
CA PRO B 69 -14.80 -44.02 43.74
C PRO B 69 -15.58 -45.33 43.56
N LYS B 70 -15.22 -46.33 44.38
CA LYS B 70 -15.80 -47.66 44.31
C LYS B 70 -17.34 -47.59 44.37
N GLY B 71 -17.99 -48.39 43.54
CA GLY B 71 -19.45 -48.47 43.49
C GLY B 71 -20.08 -47.12 43.19
N GLU B 72 -19.52 -46.41 42.21
CA GLU B 72 -20.14 -45.22 41.67
C GLU B 72 -20.28 -45.39 40.14
N SER B 73 -21.28 -44.75 39.56
CA SER B 73 -21.82 -45.14 38.25
C SER B 73 -21.15 -44.41 37.05
N LYS B 74 -20.56 -43.22 37.32
CA LYS B 74 -19.56 -42.59 36.45
C LYS B 74 -18.53 -41.84 37.28
N ASP B 75 -17.58 -41.21 36.62
CA ASP B 75 -16.49 -40.50 37.32
C ASP B 75 -17.03 -39.26 38.02
N LEU B 76 -16.43 -38.94 39.16
CA LEU B 76 -16.62 -37.66 39.82
C LEU B 76 -15.45 -36.72 39.56
N LEU B 77 -15.60 -35.46 39.92
CA LEU B 77 -14.65 -34.41 39.58
C LEU B 77 -14.19 -33.67 40.83
N PHE B 78 -12.88 -33.67 41.10
CA PHE B 78 -12.34 -32.90 42.20
C PHE B 78 -11.77 -31.59 41.69
N ILE B 79 -12.18 -30.49 42.30
CA ILE B 79 -11.57 -29.19 42.03
C ILE B 79 -10.91 -28.74 43.35
N LEU B 80 -9.70 -28.19 43.28
CA LEU B 80 -9.21 -27.36 44.35
C LEU B 80 -8.80 -26.01 43.83
N THR B 81 -9.32 -24.94 44.42
CA THR B 81 -9.04 -23.58 43.93
C THR B 81 -7.83 -22.93 44.56
N ALA B 82 -7.38 -21.82 43.99
CA ALA B 82 -6.21 -21.09 44.45
C ALA B 82 -6.41 -20.63 45.89
N LYS B 83 -7.66 -20.48 46.31
CA LYS B 83 -7.97 -20.06 47.68
C LYS B 83 -8.23 -21.27 48.59
N TYR B 84 -7.92 -22.45 48.08
CA TYR B 84 -7.95 -23.71 48.77
C TYR B 84 -9.38 -24.19 49.04
N ASN B 85 -10.31 -23.80 48.18
CA ASN B 85 -11.65 -24.34 48.23
C ASN B 85 -11.70 -25.65 47.49
N ALA B 86 -11.91 -26.73 48.21
CA ALA B 86 -12.08 -28.05 47.62
C ALA B 86 -13.57 -28.33 47.34
N CYS B 87 -13.83 -29.14 46.32
CA CYS B 87 -15.13 -29.77 46.18
C CYS B 87 -15.09 -31.03 45.29
N ILE B 88 -16.07 -31.90 45.49
CA ILE B 88 -16.29 -33.02 44.60
C ILE B 88 -17.63 -32.87 43.91
N LEU B 89 -17.64 -33.09 42.61
CA LEU B 89 -18.70 -32.64 41.68
C LEU B 89 -19.23 -33.78 40.81
N GLU B 90 -20.55 -33.77 40.56
CA GLU B 90 -21.22 -34.76 39.76
C GLU B 90 -22.07 -34.09 38.68
N TYR B 91 -22.07 -34.67 37.49
CA TYR B 91 -22.97 -34.25 36.42
C TYR B 91 -24.34 -34.90 36.61
N LYS B 92 -25.41 -34.14 36.38
CA LYS B 92 -26.78 -34.65 36.59
C LYS B 92 -27.68 -34.24 35.45
N GLN B 93 -28.35 -35.21 34.84
CA GLN B 93 -29.26 -34.95 33.74
C GLN B 93 -30.63 -34.55 34.28
N SER B 97 -32.61 -28.91 32.54
CA SER B 97 -32.21 -30.28 32.24
C SER B 97 -30.89 -30.71 32.88
N ILE B 98 -29.88 -29.81 33.04
CA ILE B 98 -28.56 -30.18 33.56
C ILE B 98 -28.11 -29.36 34.80
N ASP B 99 -27.74 -30.06 35.86
CA ASP B 99 -27.04 -29.47 37.00
C ASP B 99 -25.65 -30.08 37.14
N ILE B 100 -24.70 -29.28 37.59
CA ILE B 100 -23.44 -29.80 38.17
C ILE B 100 -23.49 -29.62 39.68
N ILE B 101 -23.46 -30.71 40.42
CA ILE B 101 -23.85 -30.66 41.83
C ILE B 101 -22.67 -30.92 42.77
N THR B 102 -22.75 -30.38 43.96
CA THR B 102 -21.62 -30.44 44.86
C THR B 102 -21.89 -31.51 45.98
N ARG B 103 -21.21 -32.65 45.84
CA ARG B 103 -21.36 -33.77 46.74
C ARG B 103 -20.64 -33.48 48.07
N ALA B 104 -19.47 -32.86 47.95
CA ALA B 104 -18.57 -32.64 49.04
C ALA B 104 -17.84 -31.33 48.84
N HIS B 105 -17.57 -30.61 49.93
CA HIS B 105 -16.75 -29.40 49.84
C HIS B 105 -16.22 -29.00 51.19
N GLY B 106 -15.14 -28.24 51.17
CA GLY B 106 -14.57 -27.67 52.37
C GLY B 106 -13.38 -26.82 51.98
N ASN B 107 -13.09 -25.75 52.72
CA ASN B 107 -11.88 -24.96 52.47
C ASN B 107 -10.66 -25.49 53.30
N VAL B 108 -9.67 -26.03 52.61
CA VAL B 108 -8.61 -26.78 53.25
C VAL B 108 -7.37 -25.92 53.58
N GLN B 109 -7.57 -24.65 53.86
CA GLN B 109 -6.51 -23.79 54.34
C GLN B 109 -5.98 -24.19 55.70
N ASP B 110 -4.71 -23.86 55.98
CA ASP B 110 -4.14 -24.03 57.32
C ASP B 110 -3.70 -22.69 57.91
N ARG B 111 -3.79 -22.55 59.22
CA ARG B 111 -3.41 -21.30 59.89
C ARG B 111 -1.92 -21.01 59.67
N ILE B 112 -1.08 -22.03 59.86
CA ILE B 112 0.36 -21.91 59.62
C ILE B 112 0.59 -22.29 58.16
N GLY B 113 1.84 -22.50 57.78
CA GLY B 113 2.16 -23.08 56.47
C GLY B 113 2.65 -22.09 55.41
N ARG B 114 3.94 -22.19 55.06
CA ARG B 114 4.48 -21.48 53.91
C ARG B 114 4.09 -22.29 52.64
N PRO B 115 3.31 -21.66 51.75
CA PRO B 115 2.99 -22.29 50.47
C PRO B 115 4.27 -22.72 49.73
N SER B 116 4.25 -23.92 49.18
CA SER B 116 5.43 -24.51 48.56
C SER B 116 5.86 -23.84 47.25
N GLU B 117 7.17 -23.74 47.07
CA GLU B 117 7.78 -23.05 45.93
C GLU B 117 7.38 -23.74 44.63
N THR B 118 7.21 -25.05 44.70
CA THR B 118 6.82 -25.88 43.55
C THR B 118 5.33 -25.84 43.23
N GLY B 119 4.59 -25.05 44.01
CA GLY B 119 3.18 -24.82 43.72
C GLY B 119 2.31 -25.92 44.24
N ILE B 120 0.99 -25.64 44.28
CA ILE B 120 -0.02 -26.60 44.71
C ILE B 120 -0.02 -27.85 43.83
N ILE B 121 -0.18 -29.03 44.42
CA ILE B 121 -0.15 -30.29 43.68
C ILE B 121 -1.23 -31.25 44.21
N GLY B 122 -2.18 -31.62 43.35
CA GLY B 122 -3.29 -32.46 43.73
C GLY B 122 -3.15 -33.80 43.05
N ILE B 123 -3.40 -34.85 43.82
CA ILE B 123 -3.32 -36.21 43.30
C ILE B 123 -4.38 -37.09 43.96
N ILE B 124 -4.98 -37.97 43.18
CA ILE B 124 -5.91 -38.97 43.68
C ILE B 124 -5.31 -40.34 43.41
N ASP B 125 -5.25 -41.20 44.41
CA ASP B 125 -4.71 -42.54 44.23
C ASP B 125 -5.64 -43.40 43.33
N PRO B 126 -5.09 -44.46 42.70
CA PRO B 126 -5.82 -45.26 41.73
C PRO B 126 -6.99 -46.05 42.30
N GLU B 127 -6.96 -46.38 43.60
CA GLU B 127 -8.04 -47.13 44.24
C GLU B 127 -9.11 -46.17 44.79
N CYS B 128 -8.92 -44.89 44.52
CA CYS B 128 -9.80 -43.83 45.01
C CYS B 128 -10.01 -43.90 46.54
N ARG B 129 -8.93 -44.15 47.27
CA ARG B 129 -8.97 -44.14 48.72
C ARG B 129 -8.91 -42.73 49.27
N MET B 130 -8.07 -41.89 48.68
CA MET B 130 -7.77 -40.56 49.24
C MET B 130 -7.52 -39.50 48.14
N ILE B 131 -7.70 -38.23 48.48
CA ILE B 131 -7.03 -37.16 47.77
C ILE B 131 -5.83 -36.73 48.55
N GLY B 132 -4.70 -36.65 47.88
CA GLY B 132 -3.45 -36.20 48.50
C GLY B 132 -3.12 -34.80 48.07
N LEU B 133 -2.97 -33.88 49.03
CA LEU B 133 -2.65 -32.50 48.68
C LEU B 133 -1.32 -32.06 49.21
N ARG B 134 -0.49 -31.54 48.32
CA ARG B 134 0.72 -30.84 48.70
C ARG B 134 0.56 -29.37 48.45
N LEU B 135 0.39 -28.64 49.55
CA LEU B 135 0.06 -27.21 49.50
C LEU B 135 1.15 -26.41 50.18
N TYR B 136 1.67 -26.96 51.29
CA TYR B 136 2.72 -26.29 52.07
C TYR B 136 3.97 -27.18 52.23
N ASP B 137 5.11 -26.54 52.40
CA ASP B 137 6.35 -27.26 52.62
C ASP B 137 6.22 -28.01 53.95
N GLY B 138 6.84 -29.19 54.03
CA GLY B 138 6.83 -29.97 55.26
C GLY B 138 5.59 -30.84 55.51
N LEU B 139 4.46 -30.51 54.87
CA LEU B 139 3.22 -31.25 55.11
C LEU B 139 2.63 -31.90 53.85
N PHE B 140 1.94 -33.03 54.02
CA PHE B 140 1.22 -33.67 52.94
C PHE B 140 -0.21 -33.94 53.44
N LYS B 141 -1.17 -33.22 52.90
CA LYS B 141 -2.56 -33.30 53.36
C LYS B 141 -3.29 -34.47 52.70
N VAL B 142 -4.11 -35.15 53.50
CA VAL B 142 -4.85 -36.28 52.99
C VAL B 142 -6.32 -36.07 53.33
N ILE B 143 -7.15 -36.10 52.29
CA ILE B 143 -8.60 -36.29 52.47
C ILE B 143 -9.00 -37.73 52.17
N PRO B 144 -9.41 -38.46 53.22
CA PRO B 144 -10.05 -39.77 53.00
C PRO B 144 -11.30 -39.64 52.14
N LEU B 145 -11.41 -40.47 51.11
CA LEU B 145 -12.66 -40.61 50.38
C LEU B 145 -13.50 -41.73 51.00
N ASP B 146 -14.11 -41.38 52.12
CA ASP B 146 -15.12 -42.23 52.75
C ASP B 146 -16.48 -41.66 52.35
N ARG B 147 -17.44 -42.55 52.14
CA ARG B 147 -18.77 -42.14 51.71
C ARG B 147 -19.25 -40.95 52.57
N ASP B 148 -18.93 -40.98 53.86
CA ASP B 148 -19.43 -39.98 54.81
C ASP B 148 -18.47 -38.79 55.01
N ASN B 149 -17.70 -38.42 53.97
CA ASN B 149 -16.86 -37.23 54.03
C ASN B 149 -17.35 -36.06 53.17
N LYS B 150 -18.60 -35.65 53.39
CA LYS B 150 -19.18 -34.51 52.67
C LYS B 150 -18.47 -33.17 52.97
N GLU B 151 -17.95 -33.02 54.18
CA GLU B 151 -17.25 -31.77 54.53
C GLU B 151 -15.71 -31.80 54.27
N LEU B 152 -15.25 -32.84 53.55
CA LEU B 152 -13.85 -33.01 53.18
C LEU B 152 -12.84 -32.65 54.30
N LYS B 153 -13.18 -33.03 55.53
CA LYS B 153 -12.23 -32.94 56.65
C LYS B 153 -10.99 -33.79 56.32
N ALA B 154 -9.84 -33.36 56.82
CA ALA B 154 -8.55 -33.83 56.28
C ALA B 154 -7.48 -33.80 57.36
N PHE B 155 -6.38 -34.51 57.13
CA PHE B 155 -5.27 -34.52 58.08
C PHE B 155 -3.92 -34.50 57.36
N ASN B 156 -2.91 -33.99 58.08
CA ASN B 156 -1.58 -33.76 57.51
C ASN B 156 -0.62 -34.86 57.93
N ILE B 157 0.35 -35.14 57.09
CA ILE B 157 1.50 -35.99 57.44
C ILE B 157 2.80 -35.16 57.30
N ARG B 158 3.67 -35.21 58.32
CA ARG B 158 4.90 -34.42 58.28
C ARG B 158 5.85 -34.99 57.20
N LEU B 159 6.50 -34.07 56.49
CA LEU B 159 7.62 -34.40 55.61
C LEU B 159 8.90 -33.86 56.21
N GLU B 160 9.83 -34.75 56.51
CA GLU B 160 11.21 -34.34 56.75
C GLU B 160 11.73 -33.49 55.59
N GLU B 161 11.50 -33.95 54.36
CA GLU B 161 11.94 -33.23 53.17
C GLU B 161 11.03 -32.01 52.89
N LEU B 162 11.67 -30.85 52.82
CA LEU B 162 10.99 -29.56 52.73
C LEU B 162 10.80 -29.03 51.31
N HIS B 163 11.68 -29.45 50.40
CA HIS B 163 11.67 -29.00 49.01
C HIS B 163 11.27 -30.12 48.09
N VAL B 164 9.99 -30.37 47.96
CA VAL B 164 9.49 -31.42 47.09
C VAL B 164 9.17 -30.83 45.71
N ILE B 165 9.82 -31.38 44.68
CA ILE B 165 9.66 -30.92 43.30
C ILE B 165 8.33 -31.40 42.70
N ASP B 166 8.00 -32.67 42.90
CA ASP B 166 6.81 -33.24 42.28
C ASP B 166 6.43 -34.60 42.86
N VAL B 167 5.12 -34.87 42.92
CA VAL B 167 4.61 -36.06 43.64
C VAL B 167 3.38 -36.70 42.95
N LYS B 168 3.37 -38.03 42.96
CA LYS B 168 2.31 -38.82 42.35
C LYS B 168 2.13 -40.06 43.19
N PHE B 169 0.90 -40.59 43.23
CA PHE B 169 0.67 -41.96 43.73
C PHE B 169 1.06 -42.96 42.64
N LEU B 170 1.41 -44.17 43.05
CA LEU B 170 1.75 -45.20 42.07
C LEU B 170 0.60 -46.14 41.81
N TYR B 171 0.69 -46.87 40.70
CA TYR B 171 -0.27 -47.94 40.41
C TYR B 171 0.27 -49.31 40.87
N GLY B 172 -0.64 -50.21 41.21
CA GLY B 172 -0.30 -51.58 41.56
C GLY B 172 0.45 -51.72 42.86
N CYS B 173 -0.01 -51.03 43.89
CA CYS B 173 0.53 -51.23 45.25
C CYS B 173 -0.53 -51.78 46.17
N GLN B 174 -0.13 -52.63 47.13
CA GLN B 174 -1.09 -53.22 48.07
C GLN B 174 -1.54 -52.21 49.15
N ALA B 175 -0.97 -51.00 49.11
CA ALA B 175 -1.42 -49.86 49.94
C ALA B 175 -1.06 -48.55 49.23
N PRO B 176 -1.86 -47.47 49.44
CA PRO B 176 -1.61 -46.26 48.66
C PRO B 176 -0.19 -45.76 48.86
N THR B 177 0.48 -45.43 47.76
CA THR B 177 1.92 -45.20 47.78
C THR B 177 2.30 -43.98 46.96
N ILE B 178 2.99 -43.03 47.59
CA ILE B 178 3.44 -41.83 46.89
C ILE B 178 4.89 -41.93 46.42
N CYS B 179 5.14 -41.44 45.20
CA CYS B 179 6.48 -41.37 44.65
C CYS B 179 6.79 -39.92 44.32
N PHE B 180 7.90 -39.40 44.84
CA PHE B 180 8.21 -38.00 44.60
C PHE B 180 9.68 -37.70 44.45
N VAL B 181 9.98 -36.62 43.75
CA VAL B 181 11.33 -36.06 43.69
C VAL B 181 11.43 -34.91 44.71
N TYR B 182 12.54 -34.88 45.43
CA TYR B 182 12.85 -33.78 46.32
C TYR B 182 14.33 -33.39 46.16
N GLN B 183 14.66 -32.19 46.58
CA GLN B 183 16.04 -31.70 46.54
C GLN B 183 16.49 -31.20 47.88
N ASP B 184 17.72 -31.57 48.28
CA ASP B 184 18.38 -31.04 49.47
C ASP B 184 19.84 -30.68 49.09
N PRO B 185 20.66 -30.23 50.07
CA PRO B 185 22.10 -29.98 49.83
C PRO B 185 22.91 -31.13 49.22
N GLN B 186 22.55 -32.38 49.48
CA GLN B 186 23.26 -33.51 48.93
C GLN B 186 22.84 -33.85 47.48
N GLY B 187 21.77 -33.21 46.99
CA GLY B 187 21.37 -33.34 45.58
C GLY B 187 19.87 -33.47 45.36
N ARG B 188 19.50 -34.10 44.24
CA ARG B 188 18.08 -34.44 43.94
C ARG B 188 17.83 -35.92 43.93
N HIS B 189 16.73 -36.34 44.53
CA HIS B 189 16.49 -37.77 44.82
C HIS B 189 15.01 -38.11 44.65
N VAL B 190 14.75 -39.33 44.16
CA VAL B 190 13.41 -39.84 44.18
C VAL B 190 13.22 -40.79 45.36
N LYS B 191 12.07 -40.69 46.00
CA LYS B 191 11.76 -41.49 47.17
C LYS B 191 10.30 -41.91 47.07
N THR B 192 9.92 -42.86 47.91
CA THR B 192 8.53 -43.31 48.00
C THR B 192 8.14 -43.39 49.45
N TYR B 193 6.86 -43.17 49.73
CA TYR B 193 6.30 -43.49 51.04
C TYR B 193 5.08 -44.34 50.82
N GLU B 194 4.78 -45.16 51.81
CA GLU B 194 3.47 -45.81 51.94
C GLU B 194 2.67 -44.94 52.89
N VAL B 195 1.45 -44.59 52.52
CA VAL B 195 0.66 -43.71 53.34
C VAL B 195 -0.24 -44.57 54.16
N SER B 196 0.00 -44.66 55.46
CA SER B 196 -0.87 -45.44 56.33
C SER B 196 -2.14 -44.69 56.60
N LEU B 197 -3.23 -45.10 55.95
CA LEU B 197 -4.56 -44.54 56.19
C LEU B 197 -4.95 -44.48 57.68
N ARG B 198 -4.74 -45.60 58.38
CA ARG B 198 -5.11 -45.71 59.81
C ARG B 198 -4.22 -44.83 60.70
N GLU B 199 -2.90 -45.04 60.64
CA GLU B 199 -1.99 -44.31 61.51
C GLU B 199 -1.79 -42.87 61.06
N LYS B 200 -2.21 -42.55 59.83
CA LYS B 200 -2.03 -41.19 59.29
C LYS B 200 -0.56 -40.82 59.30
N GLU B 201 0.28 -41.71 58.78
CA GLU B 201 1.69 -41.43 58.68
C GLU B 201 2.32 -42.07 57.44
N PHE B 202 3.50 -41.62 57.06
CA PHE B 202 4.27 -42.31 56.03
C PHE B 202 4.94 -43.56 56.61
N ASN B 203 4.94 -44.64 55.82
CA ASN B 203 5.78 -45.76 56.12
C ASN B 203 6.82 -45.99 55.07
N LYS B 204 8.00 -46.45 55.51
CA LYS B 204 9.15 -46.57 54.61
C LYS B 204 8.69 -47.24 53.30
N GLY B 205 8.89 -46.54 52.19
CA GLY B 205 8.37 -46.97 50.90
C GLY B 205 9.13 -48.08 50.23
N PRO B 206 8.55 -48.67 49.14
CA PRO B 206 9.10 -49.82 48.43
C PRO B 206 10.53 -49.63 47.92
N TRP B 207 10.89 -48.38 47.59
CA TRP B 207 12.17 -48.08 46.96
C TRP B 207 12.54 -46.61 47.04
N LYS B 208 13.76 -46.30 46.61
CA LYS B 208 14.23 -44.93 46.48
C LYS B 208 15.47 -44.87 45.58
N GLN B 209 15.94 -43.64 45.30
CA GLN B 209 17.10 -43.46 44.44
C GLN B 209 17.45 -41.97 44.34
N ASN B 211 20.87 -40.66 43.65
CA ASN B 211 20.75 -39.28 43.21
C ASN B 211 20.37 -39.17 41.71
N VAL B 212 19.11 -38.81 41.44
CA VAL B 212 18.59 -38.64 40.07
C VAL B 212 19.24 -37.45 39.35
N GLU B 213 18.87 -37.24 38.08
CA GLU B 213 19.38 -36.11 37.30
C GLU B 213 19.20 -34.79 38.02
N ALA B 214 20.15 -33.88 37.85
CA ALA B 214 20.18 -32.61 38.59
C ALA B 214 18.89 -31.82 38.43
N GLU B 215 18.27 -31.95 37.25
CA GLU B 215 17.19 -31.02 36.88
C GLU B 215 15.91 -31.78 36.57
N ALA B 216 15.89 -33.06 36.95
CA ALA B 216 14.67 -33.87 36.99
C ALA B 216 13.57 -33.10 37.69
N SER B 217 12.39 -33.09 37.10
CA SER B 217 11.27 -32.29 37.63
C SER B 217 9.88 -32.85 37.41
N MET B 218 9.76 -33.91 36.63
CA MET B 218 8.42 -34.41 36.30
C MET B 218 8.24 -35.87 36.72
N VAL B 219 7.22 -36.12 37.50
CA VAL B 219 6.90 -37.50 37.88
C VAL B 219 5.71 -37.96 37.05
N ILE B 220 5.81 -39.17 36.50
CA ILE B 220 4.72 -39.80 35.79
C ILE B 220 4.48 -41.19 36.34
N ALA B 221 3.28 -41.43 36.87
CA ALA B 221 2.93 -42.73 37.40
C ALA B 221 2.33 -43.62 36.31
N VAL B 222 2.95 -44.77 36.11
CA VAL B 222 2.56 -45.66 35.02
C VAL B 222 1.54 -46.65 35.57
N PRO B 223 0.42 -46.86 34.82
CA PRO B 223 -0.65 -47.81 35.22
C PRO B 223 -0.23 -49.27 35.32
N GLU B 224 -1.15 -50.15 35.73
CA GLU B 224 -0.75 -51.44 36.32
C GLU B 224 -0.67 -52.63 35.31
N PRO B 225 0.00 -52.41 34.17
CA PRO B 225 0.76 -53.60 33.81
C PRO B 225 2.20 -53.49 34.32
N PHE B 226 2.93 -52.48 33.86
CA PHE B 226 4.31 -52.29 34.28
C PHE B 226 4.41 -51.71 35.72
N GLY B 227 3.44 -50.88 36.07
CA GLY B 227 3.52 -50.03 37.26
C GLY B 227 4.76 -49.16 37.21
N GLY B 228 5.15 -48.62 38.34
CA GLY B 228 6.39 -47.86 38.45
C GLY B 228 6.24 -46.38 38.12
N ALA B 229 7.39 -45.72 38.00
CA ALA B 229 7.40 -44.30 37.74
C ALA B 229 8.38 -43.95 36.64
N ILE B 230 8.03 -42.95 35.84
CA ILE B 230 8.97 -42.32 34.92
C ILE B 230 9.37 -40.97 35.48
N ILE B 231 10.64 -40.62 35.33
CA ILE B 231 11.15 -39.31 35.78
C ILE B 231 11.77 -38.55 34.62
N ILE B 232 11.18 -37.42 34.23
CA ILE B 232 11.70 -36.60 33.14
C ILE B 232 12.58 -35.51 33.72
N GLY B 233 13.73 -35.26 33.09
CA GLY B 233 14.60 -34.09 33.42
C GLY B 233 14.85 -33.21 32.18
N GLN B 234 16.03 -32.63 32.14
CA GLN B 234 16.46 -31.84 30.98
C GLN B 234 17.08 -32.70 29.91
N GLU B 235 18.00 -33.57 30.33
CA GLU B 235 18.75 -34.45 29.45
C GLU B 235 18.29 -35.92 29.52
N SER B 236 17.78 -36.31 30.67
CA SER B 236 17.49 -37.75 30.92
C SER B 236 16.03 -38.04 31.27
N ILE B 237 15.55 -39.19 30.79
CA ILE B 237 14.27 -39.73 31.13
C ILE B 237 14.57 -41.09 31.73
N THR B 238 13.98 -41.37 32.89
CA THR B 238 14.39 -42.53 33.70
C THR B 238 13.18 -43.30 34.19
N TYR B 239 13.26 -44.64 34.17
CA TYR B 239 12.19 -45.45 34.70
C TYR B 239 12.61 -46.19 35.97
N HIS B 240 11.67 -46.29 36.91
CA HIS B 240 11.89 -46.98 38.18
C HIS B 240 10.70 -47.85 38.52
N ASN B 241 10.96 -49.08 38.96
CA ASN B 241 10.02 -49.84 39.78
C ASN B 241 10.83 -50.81 40.62
N GLY B 242 10.55 -50.84 41.91
CA GLY B 242 11.39 -51.58 42.83
C GLY B 242 12.80 -51.28 42.40
N ASP B 243 13.55 -52.31 42.01
CA ASP B 243 14.93 -52.12 41.62
C ASP B 243 15.26 -52.48 40.15
N LYS B 244 14.26 -52.55 39.29
CA LYS B 244 14.46 -52.37 37.85
C LYS B 244 14.72 -50.88 37.59
N TYR B 245 15.46 -50.56 36.53
CA TYR B 245 15.95 -49.20 36.34
C TYR B 245 16.44 -49.00 34.92
N LEU B 246 15.84 -48.03 34.23
CA LEU B 246 16.18 -47.72 32.85
C LEU B 246 16.53 -46.25 32.77
N ALA B 247 17.59 -45.89 32.04
CA ALA B 247 17.97 -44.48 31.89
C ALA B 247 18.43 -44.16 30.47
N ILE B 248 17.61 -43.42 29.73
CA ILE B 248 17.96 -42.95 28.41
C ILE B 248 18.19 -41.42 28.43
N ALA B 249 19.06 -40.96 27.56
CA ALA B 249 19.40 -39.55 27.46
C ALA B 249 19.43 -39.12 25.99
N PRO B 250 18.27 -39.12 25.32
CA PRO B 250 18.26 -38.93 23.86
C PRO B 250 18.59 -37.49 23.45
N PRO B 251 19.25 -37.31 22.28
CA PRO B 251 19.59 -35.96 21.82
C PRO B 251 18.36 -35.17 21.40
N ILE B 252 17.31 -35.87 20.97
CA ILE B 252 16.14 -35.26 20.38
C ILE B 252 15.35 -34.40 21.41
N ILE B 253 15.66 -34.56 22.70
CA ILE B 253 15.09 -33.64 23.71
C ILE B 253 16.13 -32.74 24.35
N LYS B 254 17.33 -32.70 23.76
CA LYS B 254 18.44 -31.90 24.32
C LYS B 254 18.05 -30.44 24.43
N GLN B 255 17.47 -29.91 23.35
CA GLN B 255 17.34 -28.45 23.14
C GLN B 255 16.38 -27.74 24.09
N SER B 256 15.47 -28.47 24.70
CA SER B 256 14.58 -27.79 25.67
C SER B 256 13.97 -28.71 26.70
N THR B 257 12.86 -28.30 27.29
CA THR B 257 12.46 -28.79 28.59
C THR B 257 11.09 -29.40 28.50
N ILE B 258 10.94 -30.59 29.04
CA ILE B 258 9.65 -31.26 29.00
C ILE B 258 8.85 -30.79 30.19
N VAL B 259 7.68 -30.22 29.92
CA VAL B 259 6.90 -29.53 30.96
C VAL B 259 5.48 -30.09 31.12
N CYS B 260 4.97 -30.77 30.11
CA CYS B 260 3.70 -31.42 30.27
C CYS B 260 3.74 -32.75 29.61
N HIS B 261 2.86 -33.61 30.06
CA HIS B 261 2.84 -35.02 29.64
C HIS B 261 1.38 -35.46 29.70
N ASN B 262 1.09 -36.61 29.08
CA ASN B 262 -0.17 -37.28 29.28
C ASN B 262 -0.21 -38.69 28.68
N ARG B 263 -0.98 -39.56 29.31
CA ARG B 263 -1.12 -40.96 28.87
C ARG B 263 -2.00 -41.09 27.62
N VAL B 264 -1.47 -41.77 26.60
CA VAL B 264 -2.22 -42.03 25.37
C VAL B 264 -3.26 -43.14 25.56
N ASP B 265 -2.82 -44.33 25.97
CA ASP B 265 -3.75 -45.43 26.19
C ASP B 265 -3.71 -45.98 27.63
N PRO B 266 -4.81 -46.63 28.09
CA PRO B 266 -4.87 -47.19 29.44
C PRO B 266 -3.64 -48.02 29.78
N ASN B 267 -3.29 -48.97 28.91
CA ASN B 267 -2.03 -49.74 28.94
C ASN B 267 -0.81 -48.96 29.45
N GLY B 268 -0.69 -47.72 29.00
CA GLY B 268 0.47 -46.88 29.30
C GLY B 268 1.63 -47.17 28.37
N SER B 269 1.35 -47.87 27.28
CA SER B 269 2.37 -48.14 26.24
C SER B 269 2.98 -46.84 25.71
N ARG B 270 2.13 -45.82 25.54
CA ARG B 270 2.50 -44.58 24.88
C ARG B 270 2.17 -43.37 25.77
N TYR B 271 3.03 -42.37 25.73
CA TYR B 271 2.79 -41.12 26.42
C TYR B 271 3.02 -39.96 25.47
N LEU B 272 2.27 -38.88 25.63
CA LEU B 272 2.56 -37.62 24.94
C LEU B 272 3.41 -36.75 25.84
N LEU B 273 4.37 -36.04 25.23
CA LEU B 273 5.26 -35.14 25.97
C LEU B 273 5.33 -33.79 25.29
N GLY B 274 5.10 -32.73 26.07
CA GLY B 274 5.16 -31.36 25.58
C GLY B 274 6.35 -30.52 26.05
N ASP B 275 7.13 -30.09 25.06
CA ASP B 275 8.18 -29.07 25.14
C ASP B 275 7.75 -27.77 25.80
N MET B 276 8.69 -26.92 26.18
CA MET B 276 8.37 -25.59 26.71
C MET B 276 8.25 -24.55 25.59
N GLU B 277 8.54 -25.02 24.38
CA GLU B 277 8.67 -24.15 23.20
C GLU B 277 7.95 -24.78 22.00
N GLY B 278 7.15 -25.82 22.21
CA GLY B 278 6.14 -26.21 21.20
C GLY B 278 6.35 -27.57 20.57
N ARG B 279 7.44 -28.25 20.91
CA ARG B 279 7.61 -29.62 20.44
C ARG B 279 6.64 -30.56 21.11
N LEU B 280 6.10 -31.46 20.32
CA LEU B 280 5.29 -32.56 20.80
C LEU B 280 6.01 -33.86 20.56
N PHE B 281 6.23 -34.63 21.61
CA PHE B 281 6.93 -35.90 21.51
C PHE B 281 6.01 -37.03 21.81
N MET B 282 6.35 -38.23 21.31
CA MET B 282 5.78 -39.44 21.87
C MET B 282 6.83 -40.31 22.53
N LEU B 283 6.56 -40.70 23.77
CA LEU B 283 7.35 -41.65 24.49
C LEU B 283 6.67 -43.01 24.40
N LEU B 284 7.48 -44.04 24.17
CA LEU B 284 7.01 -45.43 24.06
C LEU B 284 7.72 -46.31 25.07
N LEU B 285 6.97 -47.18 25.72
CA LEU B 285 7.52 -48.17 26.65
C LEU B 285 7.51 -49.51 25.95
N GLU B 286 8.68 -50.14 25.86
CA GLU B 286 8.80 -51.41 25.18
C GLU B 286 8.81 -52.58 26.16
N LYS B 287 7.98 -53.57 25.85
CA LYS B 287 7.91 -54.85 26.60
C LYS B 287 8.42 -56.05 25.81
N THR B 296 8.37 -58.02 31.06
CA THR B 296 7.73 -56.72 30.90
C THR B 296 8.80 -55.63 30.55
N LEU B 297 8.94 -54.52 31.30
CA LEU B 297 9.49 -53.28 30.73
C LEU B 297 11.00 -53.31 30.43
N LYS B 298 11.33 -53.16 29.16
CA LYS B 298 12.71 -53.42 28.67
C LYS B 298 13.41 -52.18 28.11
N ASP B 299 12.68 -51.31 27.41
CA ASP B 299 13.35 -50.09 26.88
C ASP B 299 12.41 -48.92 26.63
N LEU B 300 12.97 -47.73 26.47
CA LEU B 300 12.19 -46.49 26.16
C LEU B 300 12.69 -45.86 24.87
N ARG B 301 11.76 -45.36 24.04
CA ARG B 301 12.13 -44.55 22.83
C ARG B 301 11.28 -43.27 22.70
N VAL B 302 11.92 -42.13 22.48
CA VAL B 302 11.15 -40.90 22.30
C VAL B 302 11.21 -40.43 20.86
N GLU B 303 10.11 -39.96 20.30
CA GLU B 303 10.03 -39.66 18.87
C GLU B 303 9.35 -38.30 18.68
N LEU B 304 9.85 -37.53 17.72
CA LEU B 304 9.43 -36.11 17.55
C LEU B 304 8.20 -35.97 16.65
N LEU B 305 7.04 -35.77 17.24
CA LEU B 305 5.83 -35.62 16.44
C LEU B 305 5.75 -34.32 15.64
N GLY B 306 6.33 -33.24 16.16
CA GLY B 306 6.32 -31.94 15.49
C GLY B 306 6.02 -30.75 16.40
N GLU B 307 5.54 -29.67 15.78
CA GLU B 307 5.30 -28.39 16.43
C GLU B 307 3.77 -28.16 16.60
N THR B 308 3.38 -27.73 17.79
CA THR B 308 2.03 -27.39 18.12
C THR B 308 2.13 -25.97 18.74
N SER B 309 1.01 -25.37 19.09
CA SER B 309 1.04 -24.26 19.99
C SER B 309 1.79 -24.65 21.23
N ILE B 310 2.47 -23.68 21.84
CA ILE B 310 3.18 -23.93 23.07
C ILE B 310 2.15 -24.50 24.04
N ALA B 311 2.39 -25.72 24.48
CA ALA B 311 1.42 -26.47 25.28
C ALA B 311 1.54 -26.21 26.78
N GLU B 312 0.42 -26.07 27.45
CA GLU B 312 0.37 -25.97 28.89
C GLU B 312 -0.07 -27.31 29.41
N CYS B 313 -1.01 -27.92 28.70
CA CYS B 313 -1.48 -29.25 29.05
C CYS B 313 -1.91 -30.03 27.79
N LEU B 314 -1.83 -31.35 27.86
CA LEU B 314 -2.19 -32.20 26.74
C LEU B 314 -3.16 -33.28 27.13
N THR B 315 -4.08 -33.59 26.23
CA THR B 315 -4.98 -34.71 26.43
C THR B 315 -5.09 -35.49 25.14
N TYR B 316 -4.95 -36.80 25.24
CA TYR B 316 -5.28 -37.66 24.11
C TYR B 316 -6.76 -37.93 24.17
N LEU B 317 -7.44 -37.71 23.05
CA LEU B 317 -8.87 -37.97 22.98
C LEU B 317 -9.14 -39.34 22.36
N ASP B 318 -9.10 -39.45 21.04
CA ASP B 318 -9.36 -40.72 20.37
C ASP B 318 -9.20 -40.59 18.86
N ASN B 319 -9.12 -41.73 18.18
CA ASN B 319 -8.78 -41.76 16.74
C ASN B 319 -7.59 -40.82 16.46
N GLY B 320 -6.56 -40.94 17.30
CA GLY B 320 -5.32 -40.18 17.13
C GLY B 320 -5.49 -38.67 17.14
N VAL B 321 -6.51 -38.18 17.85
CA VAL B 321 -6.73 -36.75 17.99
C VAL B 321 -6.29 -36.32 19.38
N VAL B 322 -5.70 -35.14 19.45
CA VAL B 322 -5.11 -34.66 20.68
C VAL B 322 -5.53 -33.22 20.94
N PHE B 323 -5.93 -32.96 22.20
CA PHE B 323 -6.18 -31.60 22.64
C PHE B 323 -4.92 -30.95 23.23
N VAL B 324 -4.49 -29.86 22.63
CA VAL B 324 -3.38 -29.06 23.12
C VAL B 324 -3.97 -27.83 23.77
N GLY B 325 -3.84 -27.80 25.10
CA GLY B 325 -4.29 -26.65 25.88
C GLY B 325 -3.17 -25.64 25.92
N SER B 326 -3.43 -24.43 25.44
CA SER B 326 -2.42 -23.39 25.44
C SER B 326 -2.65 -22.27 26.41
N ARG B 327 -1.57 -21.61 26.79
CA ARG B 327 -1.67 -20.39 27.57
C ARG B 327 -1.10 -19.24 26.79
N LEU B 328 0.00 -19.51 26.10
CA LEU B 328 0.67 -18.49 25.32
C LEU B 328 0.06 -18.25 23.97
N GLY B 329 -0.81 -19.15 23.53
CA GLY B 329 -1.29 -19.18 22.13
C GLY B 329 -2.68 -19.73 22.04
N ASP B 330 -3.15 -19.96 20.83
CA ASP B 330 -4.45 -20.59 20.65
C ASP B 330 -4.33 -22.05 21.03
N SER B 331 -5.37 -22.57 21.68
CA SER B 331 -5.42 -23.99 21.99
C SER B 331 -5.85 -24.73 20.73
N GLN B 332 -5.57 -26.03 20.67
CA GLN B 332 -5.68 -26.76 19.40
C GLN B 332 -6.45 -28.11 19.51
N LEU B 333 -6.95 -28.59 18.38
CA LEU B 333 -7.04 -30.00 18.17
C LEU B 333 -6.05 -30.44 17.12
N VAL B 334 -5.25 -31.43 17.43
CA VAL B 334 -4.28 -31.95 16.43
C VAL B 334 -4.50 -33.41 16.12
N LYS B 335 -4.49 -33.75 14.84
CA LYS B 335 -4.48 -35.16 14.43
C LYS B 335 -3.02 -35.60 14.25
N LEU B 336 -2.64 -36.63 14.98
CA LEU B 336 -1.30 -37.21 14.76
C LEU B 336 -1.33 -38.50 13.96
N ASN B 337 -0.85 -38.43 12.72
CA ASN B 337 -0.69 -39.60 11.81
C ASN B 337 0.55 -40.53 12.12
N VAL B 338 0.45 -41.79 11.67
CA VAL B 338 1.58 -42.74 11.71
C VAL B 338 2.28 -42.78 10.32
N ASP B 339 1.54 -42.38 9.29
CA ASP B 339 2.06 -41.51 8.23
C ASP B 339 2.57 -40.17 8.83
N SER B 340 3.88 -40.03 8.97
CA SER B 340 4.48 -38.71 8.96
C SER B 340 4.74 -38.25 7.49
N ASN B 341 4.38 -37.00 7.22
CA ASN B 341 4.54 -36.39 5.92
C ASN B 341 6.04 -36.27 5.57
N GLU B 342 6.34 -35.83 4.34
CA GLU B 342 7.57 -35.09 4.02
C GLU B 342 7.25 -33.55 3.92
N GLN B 343 5.99 -33.14 4.13
CA GLN B 343 5.71 -31.85 4.88
C GLN B 343 6.59 -31.80 6.15
N GLY B 344 6.87 -32.97 6.68
CA GLY B 344 7.77 -33.12 7.85
C GLY B 344 7.38 -34.27 8.78
N SER B 345 7.49 -34.00 10.08
CA SER B 345 6.94 -34.87 11.14
C SER B 345 5.35 -34.84 11.29
N TYR B 346 4.83 -35.63 12.23
CA TYR B 346 3.59 -36.43 12.00
C TYR B 346 2.30 -35.87 12.57
N VAL B 347 2.28 -34.55 12.80
CA VAL B 347 1.17 -33.92 13.54
C VAL B 347 0.51 -32.87 12.63
N VAL B 348 -0.81 -32.76 12.69
CA VAL B 348 -1.52 -31.88 11.75
C VAL B 348 -2.63 -31.20 12.51
N ALA B 349 -2.86 -29.91 12.21
CA ALA B 349 -3.86 -29.13 12.95
C ALA B 349 -5.24 -29.41 12.42
N MET B 350 -6.19 -29.61 13.33
CA MET B 350 -7.59 -29.86 13.01
C MET B 350 -8.38 -28.57 13.25
N GLU B 351 -8.28 -28.09 14.47
CA GLU B 351 -8.98 -26.89 14.89
C GLU B 351 -8.03 -25.94 15.62
N THR B 352 -8.40 -24.66 15.59
CA THR B 352 -7.77 -23.61 16.39
C THR B 352 -8.87 -22.98 17.29
N PHE B 353 -8.56 -22.75 18.59
CA PHE B 353 -9.50 -22.11 19.46
C PHE B 353 -8.89 -20.84 20.04
N THR B 354 -9.59 -19.72 19.84
CA THR B 354 -8.97 -18.41 20.07
C THR B 354 -8.53 -18.21 21.54
N ASN B 355 -7.31 -17.78 21.66
CA ASN B 355 -6.76 -17.34 22.96
C ASN B 355 -6.17 -15.96 22.92
N LEU B 356 -6.76 -15.00 23.64
CA LEU B 356 -6.20 -13.66 23.72
C LEU B 356 -5.09 -13.60 24.74
N GLY B 357 -4.96 -14.66 25.55
CA GLY B 357 -3.98 -14.74 26.65
C GLY B 357 -2.52 -14.39 26.36
N PRO B 358 -1.77 -14.01 27.42
CA PRO B 358 -1.19 -12.72 27.71
C PRO B 358 -1.79 -11.64 26.87
N ILE B 359 -2.69 -10.87 27.46
CA ILE B 359 -2.98 -9.55 26.96
C ILE B 359 -1.98 -8.65 27.63
N VAL B 360 -0.95 -8.29 26.87
CA VAL B 360 0.26 -7.78 27.40
C VAL B 360 0.26 -6.26 27.30
N ASP B 361 -0.55 -5.77 26.35
CA ASP B 361 -0.88 -4.34 26.20
C ASP B 361 -1.97 -4.22 25.14
N MET B 362 -2.69 -3.12 25.17
CA MET B 362 -3.81 -2.90 24.24
C MET B 362 -4.16 -1.44 24.10
N CYS B 363 -4.97 -1.10 23.11
CA CYS B 363 -5.41 0.29 22.90
C CYS B 363 -6.76 0.26 22.21
N VAL B 364 -7.57 1.31 22.43
CA VAL B 364 -8.91 1.37 21.85
C VAL B 364 -8.99 2.39 20.72
N VAL B 365 -9.53 1.96 19.60
CA VAL B 365 -9.42 2.64 18.34
C VAL B 365 -10.83 2.85 17.85
N ASP B 366 -11.01 3.93 17.08
CA ASP B 366 -12.18 4.18 16.16
C ASP B 366 -13.40 4.52 16.98
N GLN B 370 -15.21 5.87 12.95
CA GLN B 370 -15.24 6.65 14.19
C GLN B 370 -16.68 6.80 14.72
N GLY B 371 -17.10 5.85 15.54
CA GLY B 371 -18.37 5.94 16.30
C GLY B 371 -18.54 4.91 17.42
N GLN B 372 -18.33 3.64 17.08
CA GLN B 372 -18.38 2.50 18.01
C GLN B 372 -17.01 1.80 18.12
N GLY B 373 -16.31 2.13 19.20
CA GLY B 373 -14.87 1.79 19.35
C GLY B 373 -14.47 0.32 19.47
N GLN B 374 -13.31 -0.02 18.91
CA GLN B 374 -12.85 -1.42 18.92
C GLN B 374 -11.40 -1.54 19.43
N LEU B 375 -11.05 -2.70 19.91
CA LEU B 375 -9.98 -2.82 20.88
C LEU B 375 -8.89 -3.68 20.25
N VAL B 376 -7.64 -3.21 20.28
CA VAL B 376 -6.57 -3.98 19.68
C VAL B 376 -5.56 -4.40 20.70
N THR B 377 -5.14 -5.67 20.67
CA THR B 377 -4.22 -6.17 21.70
C THR B 377 -2.90 -6.67 21.18
N CYS B 378 -1.91 -6.61 22.07
CA CYS B 378 -0.71 -7.38 21.95
C CYS B 378 -0.91 -8.66 22.74
N SER B 379 -1.21 -9.75 22.02
CA SER B 379 -1.53 -11.05 22.62
C SER B 379 -0.49 -12.10 22.30
N GLY B 380 -0.26 -13.01 23.23
CA GLY B 380 0.62 -14.14 22.99
C GLY B 380 2.10 -13.86 23.19
N ALA B 381 2.92 -14.80 22.75
CA ALA B 381 4.32 -14.85 23.11
C ALA B 381 5.08 -15.78 22.17
N PHE B 382 6.35 -15.45 21.93
CA PHE B 382 7.17 -16.22 21.02
C PHE B 382 6.40 -16.49 19.70
N LYS B 383 6.31 -17.73 19.26
CA LYS B 383 5.71 -18.01 17.96
C LYS B 383 4.18 -17.70 17.92
N GLU B 384 3.58 -17.64 19.09
CA GLU B 384 2.15 -17.39 19.20
C GLU B 384 1.78 -15.90 19.18
N GLY B 385 2.79 -15.02 19.23
CA GLY B 385 2.54 -13.58 19.23
C GLY B 385 1.59 -13.14 18.14
N SER B 386 0.63 -12.31 18.49
CA SER B 386 -0.36 -11.85 17.54
C SER B 386 -0.88 -10.49 17.92
N LEU B 387 -1.53 -9.86 16.96
CA LEU B 387 -2.48 -8.83 17.27
C LEU B 387 -3.88 -9.46 17.28
N ARG B 388 -4.65 -9.09 18.30
CA ARG B 388 -6.10 -9.37 18.30
C ARG B 388 -6.93 -8.12 18.14
N ILE B 389 -7.82 -8.17 17.17
CA ILE B 389 -8.78 -7.10 17.02
C ILE B 389 -10.16 -7.56 17.44
N ILE B 390 -10.76 -6.78 18.35
CA ILE B 390 -12.00 -7.15 19.01
C ILE B 390 -13.07 -6.10 18.80
N ARG B 391 -14.13 -6.54 18.13
CA ARG B 391 -15.24 -5.67 17.73
C ARG B 391 -16.52 -6.33 18.24
N ASN B 392 -17.34 -5.51 18.89
CA ASN B 392 -18.62 -5.94 19.38
C ASN B 392 -19.62 -5.80 18.22
N GLY B 393 -20.62 -6.64 18.07
CA GLY B 393 -21.05 -6.94 16.71
C GLY B 393 -22.07 -8.02 16.59
N ILE B 394 -22.67 -8.14 15.43
CA ILE B 394 -23.59 -9.18 15.10
C ILE B 394 -22.91 -9.59 13.90
N GLY B 395 -22.43 -10.82 13.86
CA GLY B 395 -21.75 -11.38 12.67
C GLY B 395 -22.70 -11.96 11.65
N ILE B 396 -22.25 -12.05 10.42
CA ILE B 396 -23.05 -12.63 9.34
C ILE B 396 -22.28 -13.69 8.60
N HIS B 397 -22.79 -14.92 8.69
CA HIS B 397 -22.25 -16.05 7.98
C HIS B 397 -22.70 -15.97 6.55
N GLU B 398 -21.75 -15.96 5.62
CA GLU B 398 -22.09 -15.84 4.21
C GLU B 398 -22.21 -17.20 3.58
N HIS B 399 -23.25 -17.39 2.77
CA HIS B 399 -23.42 -18.64 2.05
C HIS B 399 -23.18 -18.47 0.58
N ALA B 400 -23.50 -17.27 0.05
CA ALA B 400 -23.08 -16.85 -1.29
C ALA B 400 -22.57 -15.41 -1.31
N SER B 401 -21.60 -15.14 -2.18
CA SER B 401 -21.33 -13.77 -2.65
C SER B 401 -21.37 -13.78 -4.19
N ILE B 402 -22.10 -12.81 -4.78
CA ILE B 402 -22.20 -12.69 -6.23
C ILE B 402 -21.78 -11.28 -6.68
N ASP B 403 -20.82 -11.27 -7.62
CA ASP B 403 -20.40 -10.04 -8.26
C ASP B 403 -21.36 -9.46 -9.23
N LEU B 404 -22.00 -8.45 -8.68
CA LEU B 404 -23.27 -8.03 -9.12
C LEU B 404 -23.35 -6.55 -8.71
N PRO B 405 -22.80 -5.73 -9.57
CA PRO B 405 -22.72 -4.28 -9.31
C PRO B 405 -24.04 -3.58 -9.52
N GLY B 406 -24.34 -2.60 -8.68
CA GLY B 406 -25.32 -1.54 -9.02
C GLY B 406 -26.72 -1.70 -8.47
N ILE B 407 -26.95 -2.73 -7.65
CA ILE B 407 -28.28 -2.96 -7.10
C ILE B 407 -28.81 -1.71 -6.38
N LYS B 408 -30.04 -1.33 -6.68
CA LYS B 408 -30.68 -0.19 -6.04
C LYS B 408 -32.01 -0.55 -5.34
N GLY B 409 -32.29 -1.86 -5.26
CA GLY B 409 -33.39 -2.39 -4.45
C GLY B 409 -33.43 -3.94 -4.50
N LEU B 410 -34.04 -4.53 -3.48
CA LEU B 410 -34.08 -5.97 -3.34
C LEU B 410 -35.42 -6.48 -2.87
N TRP B 411 -35.89 -7.56 -3.46
CA TRP B 411 -37.17 -8.16 -3.04
C TRP B 411 -37.19 -9.64 -3.13
N PRO B 412 -37.66 -10.32 -2.08
CA PRO B 412 -37.96 -11.72 -2.13
C PRO B 412 -39.33 -11.90 -2.73
N LEU B 413 -39.57 -13.10 -3.23
CA LEU B 413 -40.75 -13.37 -3.99
C LEU B 413 -40.98 -14.86 -4.08
N ARG B 414 -42.17 -15.22 -4.54
CA ARG B 414 -42.65 -16.59 -4.52
C ARG B 414 -43.38 -16.88 -5.87
N SER B 415 -42.65 -17.51 -6.80
CA SER B 415 -43.21 -17.91 -8.07
C SER B 415 -44.28 -19.01 -7.95
N ASP B 416 -44.59 -19.50 -6.73
CA ASP B 416 -45.60 -20.57 -6.58
C ASP B 416 -46.29 -20.60 -5.19
N PRO B 417 -47.64 -20.54 -5.17
CA PRO B 417 -48.41 -20.92 -3.97
C PRO B 417 -48.68 -22.41 -3.90
N GLU B 420 -45.27 -20.33 -0.88
CA GLU B 420 -44.88 -21.27 0.21
C GLU B 420 -43.56 -20.89 0.94
N THR B 421 -42.52 -20.63 0.14
CA THR B 421 -41.15 -20.25 0.58
C THR B 421 -40.52 -19.58 -0.65
N ASP B 422 -39.76 -18.50 -0.46
CA ASP B 422 -39.22 -17.73 -1.59
C ASP B 422 -38.39 -18.63 -2.53
N ASP B 423 -38.40 -18.29 -3.82
CA ASP B 423 -37.65 -19.00 -4.83
C ASP B 423 -37.05 -17.99 -5.86
N THR B 424 -37.47 -16.75 -5.66
CA THR B 424 -37.26 -15.72 -6.61
C THR B 424 -36.67 -14.54 -5.88
N LEU B 425 -35.60 -13.99 -6.44
CA LEU B 425 -35.06 -12.72 -5.98
C LEU B 425 -35.13 -11.69 -7.08
N VAL B 426 -35.76 -10.56 -6.81
CA VAL B 426 -35.86 -9.47 -7.77
C VAL B 426 -34.95 -8.34 -7.40
N LEU B 427 -34.13 -7.91 -8.35
CA LEU B 427 -33.22 -6.79 -8.14
C LEU B 427 -33.57 -5.69 -9.10
N SER B 428 -33.39 -4.45 -8.65
CA SER B 428 -33.56 -3.26 -9.48
C SER B 428 -32.24 -2.46 -9.62
N PHE B 429 -32.04 -1.85 -10.79
CA PHE B 429 -30.90 -0.98 -11.02
C PHE B 429 -31.51 0.31 -11.56
N VAL B 430 -30.70 1.31 -11.90
CA VAL B 430 -31.29 2.58 -12.30
C VAL B 430 -32.02 2.43 -13.66
N GLY B 431 -33.32 2.68 -13.63
CA GLY B 431 -34.21 2.41 -14.77
C GLY B 431 -34.07 1.01 -15.37
N GLN B 432 -34.00 -0.01 -14.51
CA GLN B 432 -33.85 -1.39 -14.98
C GLN B 432 -34.21 -2.38 -13.84
N THR B 433 -34.76 -3.53 -14.22
CA THR B 433 -35.18 -4.55 -13.25
C THR B 433 -34.91 -5.93 -13.72
N ARG B 434 -34.57 -6.77 -12.80
CA ARG B 434 -34.22 -8.07 -13.22
C ARG B 434 -34.44 -9.09 -12.17
N VAL B 435 -34.61 -10.32 -12.61
CA VAL B 435 -35.13 -11.37 -11.79
C VAL B 435 -34.15 -12.54 -11.71
N LEU B 436 -33.97 -13.05 -10.50
CA LEU B 436 -33.15 -14.22 -10.26
C LEU B 436 -34.03 -15.36 -9.74
N MET B 437 -33.91 -16.51 -10.36
CA MET B 437 -34.50 -17.71 -9.75
C MET B 437 -33.51 -18.43 -8.86
N LEU B 438 -34.03 -19.02 -7.77
CA LEU B 438 -33.18 -19.77 -6.83
C LEU B 438 -33.48 -21.26 -6.87
N ASN B 439 -32.47 -22.05 -7.26
CA ASN B 439 -32.54 -23.49 -7.08
C ASN B 439 -31.44 -23.92 -6.18
N GLY B 440 -31.81 -24.35 -4.98
CA GLY B 440 -30.84 -24.57 -3.93
C GLY B 440 -29.94 -23.36 -3.80
N GLU B 441 -28.65 -23.59 -4.03
CA GLU B 441 -27.64 -22.58 -3.85
C GLU B 441 -27.19 -21.99 -5.18
N GLU B 442 -27.86 -22.39 -6.26
CA GLU B 442 -27.54 -21.84 -7.58
C GLU B 442 -28.59 -20.81 -8.03
N VAL B 443 -28.11 -19.57 -8.23
CA VAL B 443 -28.95 -18.45 -8.61
C VAL B 443 -28.77 -18.22 -10.11
N GLU B 444 -29.87 -18.01 -10.80
CA GLU B 444 -29.88 -18.04 -12.28
C GLU B 444 -30.91 -17.02 -12.74
N GLU B 445 -30.57 -16.25 -13.75
CA GLU B 445 -31.43 -15.15 -14.22
C GLU B 445 -32.61 -15.72 -14.98
N THR B 446 -33.76 -15.14 -14.75
CA THR B 446 -35.02 -15.56 -15.38
C THR B 446 -35.81 -14.29 -15.88
N GLU B 447 -36.95 -14.54 -16.52
CA GLU B 447 -37.98 -13.55 -16.75
C GLU B 447 -39.20 -13.88 -15.85
N LEU B 448 -39.78 -12.87 -15.21
CA LEU B 448 -41.11 -13.03 -14.62
C LEU B 448 -42.16 -12.45 -15.56
N MET B 449 -43.04 -13.32 -16.08
CA MET B 449 -44.07 -12.86 -16.99
C MET B 449 -45.08 -11.94 -16.26
N GLY B 450 -45.25 -10.75 -16.80
CA GLY B 450 -46.11 -9.75 -16.22
C GLY B 450 -45.31 -8.64 -15.63
N PHE B 451 -44.00 -8.87 -15.45
CA PHE B 451 -43.13 -7.88 -14.86
C PHE B 451 -42.34 -7.18 -16.01
N VAL B 452 -42.58 -5.89 -16.13
CA VAL B 452 -41.73 -4.97 -16.88
C VAL B 452 -40.29 -4.93 -16.35
N ASP B 453 -39.34 -4.98 -17.26
CA ASP B 453 -37.92 -5.14 -16.92
C ASP B 453 -37.06 -4.00 -17.52
N ASP B 454 -37.66 -2.88 -17.86
CA ASP B 454 -36.93 -1.74 -18.44
C ASP B 454 -37.13 -0.47 -17.63
N GLN B 455 -37.90 -0.58 -16.56
CA GLN B 455 -38.03 0.47 -15.57
C GLN B 455 -37.34 0.04 -14.30
N GLN B 456 -37.08 0.99 -13.40
CA GLN B 456 -36.61 0.69 -12.05
C GLN B 456 -37.78 0.28 -11.16
N THR B 457 -37.64 -0.84 -10.45
CA THR B 457 -38.66 -1.33 -9.51
C THR B 457 -38.48 -0.69 -8.10
N PHE B 458 -39.57 -0.16 -7.52
CA PHE B 458 -39.52 0.45 -6.21
C PHE B 458 -40.00 -0.47 -5.09
N PHE B 459 -40.96 -1.33 -5.38
CA PHE B 459 -41.26 -2.47 -4.52
C PHE B 459 -41.83 -3.55 -5.41
N CYS B 460 -41.55 -4.81 -5.07
CA CYS B 460 -42.41 -5.89 -5.51
C CYS B 460 -42.47 -6.96 -4.44
N GLY B 461 -43.43 -7.86 -4.57
CA GLY B 461 -43.75 -8.80 -3.50
C GLY B 461 -44.91 -9.69 -3.88
N ASN B 462 -45.15 -10.73 -3.07
CA ASN B 462 -46.39 -11.46 -3.10
C ASN B 462 -47.47 -10.68 -2.40
N VAL B 463 -48.68 -10.77 -2.93
CA VAL B 463 -49.85 -10.02 -2.39
C VAL B 463 -51.11 -10.88 -2.22
N ALA B 464 -52.20 -10.21 -1.88
CA ALA B 464 -53.47 -10.88 -1.61
C ALA B 464 -54.15 -11.41 -2.89
N HIS B 465 -54.97 -12.45 -2.71
CA HIS B 465 -55.77 -13.06 -3.78
C HIS B 465 -54.92 -13.80 -4.80
N GLN B 466 -53.93 -14.57 -4.31
CA GLN B 466 -53.09 -15.45 -5.13
C GLN B 466 -52.36 -14.72 -6.26
N GLN B 467 -51.82 -13.56 -5.91
CA GLN B 467 -51.32 -12.58 -6.89
C GLN B 467 -49.90 -12.09 -6.59
N LEU B 468 -49.41 -11.20 -7.45
CA LEU B 468 -48.09 -10.61 -7.35
C LEU B 468 -48.16 -9.16 -7.72
N ILE B 469 -47.16 -8.39 -7.34
CA ILE B 469 -47.16 -6.95 -7.66
C ILE B 469 -45.80 -6.31 -7.92
N GLN B 470 -45.69 -5.51 -8.98
CA GLN B 470 -44.51 -4.71 -9.22
C GLN B 470 -44.86 -3.21 -9.28
N ILE B 471 -44.21 -2.45 -8.40
CA ILE B 471 -44.37 -1.00 -8.41
C ILE B 471 -43.15 -0.27 -8.92
N THR B 472 -43.21 0.08 -10.20
CA THR B 472 -42.14 0.81 -10.91
C THR B 472 -42.39 2.34 -10.80
N SER B 473 -41.54 3.11 -11.44
CA SER B 473 -41.74 4.54 -11.59
C SER B 473 -42.96 4.84 -12.46
N ALA B 474 -43.09 4.04 -13.51
CA ALA B 474 -44.16 4.20 -14.51
C ALA B 474 -45.53 3.79 -13.96
N SER B 475 -45.64 2.52 -13.58
CA SER B 475 -46.91 1.88 -13.31
C SER B 475 -46.91 1.01 -12.08
N VAL B 476 -48.10 0.62 -11.66
CA VAL B 476 -48.30 -0.27 -10.51
C VAL B 476 -49.03 -1.50 -10.99
N ARG B 477 -48.41 -2.64 -10.81
CA ARG B 477 -48.69 -3.72 -11.74
C ARG B 477 -49.08 -5.01 -11.03
N LEU B 478 -50.37 -5.30 -11.06
CA LEU B 478 -50.91 -6.53 -10.50
C LEU B 478 -50.73 -7.68 -11.46
N VAL B 479 -50.19 -8.78 -10.99
CA VAL B 479 -49.91 -9.96 -11.79
C VAL B 479 -50.48 -11.20 -11.12
N SER B 480 -51.04 -12.07 -11.94
CA SER B 480 -51.51 -13.39 -11.47
C SER B 480 -50.34 -14.35 -11.20
N GLN B 481 -50.61 -15.45 -10.48
CA GLN B 481 -49.62 -16.48 -10.23
C GLN B 481 -49.80 -17.71 -11.10
N GLU B 482 -51.00 -18.36 -11.10
CA GLU B 482 -51.27 -19.42 -12.06
C GLU B 482 -51.57 -18.78 -13.43
N PRO B 483 -50.99 -19.37 -14.51
CA PRO B 483 -50.46 -18.63 -15.64
C PRO B 483 -50.18 -17.13 -15.38
N LYS B 484 -48.91 -16.84 -15.11
CA LYS B 484 -48.47 -15.49 -14.75
C LYS B 484 -48.76 -14.47 -15.83
N ALA B 485 -49.40 -13.37 -15.47
CA ALA B 485 -49.55 -12.25 -16.39
C ALA B 485 -50.32 -11.10 -15.81
N LEU B 486 -50.12 -9.97 -16.44
CA LEU B 486 -50.48 -8.70 -15.88
C LEU B 486 -51.98 -8.50 -15.94
N VAL B 487 -52.63 -8.76 -14.82
CA VAL B 487 -54.07 -8.70 -14.81
C VAL B 487 -54.63 -7.29 -14.66
N SER B 488 -53.98 -6.44 -13.88
CA SER B 488 -54.29 -5.01 -13.94
C SER B 488 -53.12 -4.12 -13.77
N GLU B 489 -53.17 -2.98 -14.44
CA GLU B 489 -52.14 -1.91 -14.29
C GLU B 489 -52.86 -0.65 -13.79
N TRP B 490 -52.12 0.13 -13.04
CA TRP B 490 -52.51 1.48 -12.65
C TRP B 490 -51.36 2.40 -12.94
N LYS B 491 -51.69 3.56 -13.48
CA LYS B 491 -50.72 4.64 -13.66
C LYS B 491 -51.34 5.92 -13.13
N GLU B 492 -50.58 6.99 -13.09
CA GLU B 492 -51.14 8.29 -12.66
C GLU B 492 -52.19 8.76 -13.65
N PRO B 493 -53.31 9.35 -13.14
CA PRO B 493 -54.32 9.95 -13.99
C PRO B 493 -53.77 10.92 -15.05
N GLN B 494 -52.63 11.54 -14.81
CA GLN B 494 -51.98 12.38 -15.83
C GLN B 494 -50.68 11.75 -16.36
N ALA B 495 -50.60 10.41 -16.28
CA ALA B 495 -49.49 9.63 -16.85
C ALA B 495 -48.10 10.09 -16.38
N LYS B 496 -47.96 10.30 -15.07
CA LYS B 496 -46.76 10.92 -14.51
C LYS B 496 -45.78 9.87 -13.95
N ASN B 497 -44.66 10.38 -13.43
CA ASN B 497 -43.74 9.55 -12.69
C ASN B 497 -44.09 9.36 -11.24
N ILE B 498 -44.16 8.11 -10.82
CA ILE B 498 -44.16 7.76 -9.36
C ILE B 498 -42.80 8.08 -8.73
N SER B 499 -42.80 8.78 -7.59
CA SER B 499 -41.55 9.06 -6.84
C SER B 499 -41.25 8.05 -5.74
N VAL B 500 -42.27 7.69 -4.98
CA VAL B 500 -42.13 6.87 -3.75
C VAL B 500 -43.33 5.93 -3.56
N ALA B 501 -43.09 4.64 -3.31
CA ALA B 501 -44.20 3.67 -3.22
C ALA B 501 -44.08 2.77 -2.02
N SER B 502 -45.22 2.33 -1.47
CA SER B 502 -45.26 1.51 -0.26
C SER B 502 -46.46 0.61 -0.29
N CYS B 503 -46.23 -0.66 -0.02
CA CYS B 503 -47.22 -1.67 -0.34
C CYS B 503 -47.12 -2.77 0.68
N ASN B 504 -48.26 -3.34 1.06
CA ASN B 504 -48.25 -4.41 2.00
C ASN B 504 -48.88 -5.60 1.31
N SER B 505 -49.44 -6.53 2.05
CA SER B 505 -50.06 -7.63 1.37
C SER B 505 -51.30 -7.24 0.61
N SER B 506 -52.04 -6.25 1.10
CA SER B 506 -53.37 -5.95 0.58
C SER B 506 -53.57 -4.54 0.01
N GLN B 507 -52.67 -3.63 0.33
CA GLN B 507 -52.82 -2.25 -0.02
C GLN B 507 -51.55 -1.68 -0.72
N VAL B 508 -51.76 -0.57 -1.44
CA VAL B 508 -50.69 0.23 -1.93
C VAL B 508 -50.92 1.69 -1.55
N VAL B 509 -49.84 2.37 -1.17
CA VAL B 509 -49.84 3.83 -1.16
C VAL B 509 -48.66 4.37 -1.92
N VAL B 510 -48.95 4.90 -3.10
CA VAL B 510 -47.87 5.53 -3.89
C VAL B 510 -47.96 7.02 -3.94
N ALA B 511 -46.80 7.63 -3.84
CA ALA B 511 -46.66 9.07 -3.91
C ALA B 511 -46.20 9.47 -5.30
N VAL B 512 -46.70 10.61 -5.75
CA VAL B 512 -46.06 11.35 -6.87
C VAL B 512 -45.59 12.74 -6.41
N GLY B 513 -44.37 12.76 -5.88
CA GLY B 513 -43.70 13.96 -5.36
C GLY B 513 -44.47 14.69 -4.27
N ARG B 514 -45.46 15.49 -4.71
CA ARG B 514 -46.16 16.36 -3.77
C ARG B 514 -47.39 15.70 -3.16
N ALA B 515 -48.14 14.96 -3.95
CA ALA B 515 -49.41 14.38 -3.55
C ALA B 515 -49.46 12.86 -3.90
N LEU B 516 -50.39 12.13 -3.30
CA LEU B 516 -50.27 10.68 -3.19
C LEU B 516 -51.59 9.96 -3.13
N TYR B 517 -51.59 8.68 -3.55
CA TYR B 517 -52.83 7.92 -3.77
C TYR B 517 -52.85 6.62 -2.96
N TYR B 518 -54.06 6.23 -2.56
CA TYR B 518 -54.28 4.96 -1.88
C TYR B 518 -54.92 3.94 -2.79
N LEU B 519 -54.34 2.76 -2.85
CA LEU B 519 -54.76 1.68 -3.76
C LEU B 519 -55.00 0.40 -2.98
N GLN B 520 -55.92 -0.42 -3.47
CA GLN B 520 -56.20 -1.74 -2.90
C GLN B 520 -55.86 -2.89 -3.82
N ILE B 521 -56.03 -4.11 -3.34
CA ILE B 521 -55.68 -5.30 -4.12
C ILE B 521 -56.76 -6.37 -3.99
N HIS B 522 -57.53 -6.54 -5.07
CA HIS B 522 -58.56 -7.56 -5.18
C HIS B 522 -58.24 -8.37 -6.43
N PRO B 523 -58.85 -9.55 -6.60
CA PRO B 523 -58.42 -10.28 -7.78
C PRO B 523 -58.67 -9.48 -9.02
N GLN B 524 -57.64 -9.32 -9.85
CA GLN B 524 -57.71 -8.80 -11.19
C GLN B 524 -57.85 -7.32 -11.19
N GLU B 525 -58.06 -6.76 -10.00
CA GLU B 525 -58.28 -5.32 -9.87
C GLU B 525 -57.40 -4.76 -8.77
N LEU B 526 -56.77 -3.62 -9.05
CA LEU B 526 -56.32 -2.74 -8.01
C LEU B 526 -57.04 -1.39 -8.11
N ARG B 527 -58.07 -1.20 -7.28
CA ARG B 527 -58.95 -0.03 -7.50
C ARG B 527 -58.65 1.10 -6.54
N GLN B 528 -58.57 2.33 -7.08
CA GLN B 528 -58.17 3.54 -6.36
C GLN B 528 -59.16 3.87 -5.24
N ILE B 529 -58.74 4.71 -4.28
CA ILE B 529 -59.66 5.16 -3.23
C ILE B 529 -59.52 6.66 -2.91
N SER B 530 -58.32 7.05 -2.56
CA SER B 530 -58.10 8.45 -2.03
C SER B 530 -57.01 9.14 -2.75
N HIS B 531 -57.15 10.45 -3.03
CA HIS B 531 -56.25 11.14 -3.98
C HIS B 531 -55.83 12.50 -3.44
N THR B 532 -54.95 12.51 -2.45
CA THR B 532 -54.80 13.63 -1.51
C THR B 532 -53.70 14.59 -1.96
N GLU B 533 -53.40 15.60 -1.13
CA GLU B 533 -52.35 16.58 -1.46
C GLU B 533 -51.59 17.04 -0.22
N MET B 534 -50.28 17.18 -0.35
CA MET B 534 -49.39 17.39 0.80
C MET B 534 -48.70 18.75 0.75
N GLU B 535 -48.34 19.24 1.94
CA GLU B 535 -47.52 20.46 2.07
C GLU B 535 -46.32 20.46 1.06
N HIS B 536 -45.57 19.37 1.02
CA HIS B 536 -44.35 19.34 0.21
C HIS B 536 -43.97 17.91 -0.15
N GLU B 537 -42.96 17.80 -1.01
CA GLU B 537 -42.74 16.56 -1.72
C GLU B 537 -42.29 15.42 -0.79
N VAL B 538 -43.26 14.58 -0.49
CA VAL B 538 -43.11 13.36 0.24
C VAL B 538 -41.88 12.52 -0.18
N ALA B 539 -41.17 12.03 0.83
CA ALA B 539 -39.83 11.48 0.67
C ALA B 539 -39.72 10.02 1.11
N CYS B 540 -40.71 9.56 1.88
CA CYS B 540 -40.72 8.16 2.39
C CYS B 540 -42.09 7.78 2.92
N LEU B 541 -42.47 6.50 2.74
CA LEU B 541 -43.81 6.06 3.11
C LEU B 541 -43.79 4.76 3.86
N ASP B 542 -44.82 4.51 4.68
CA ASP B 542 -45.04 3.22 5.28
C ASP B 542 -46.50 2.86 5.61
N ILE B 543 -46.73 1.56 5.67
CA ILE B 543 -48.05 0.99 5.65
C ILE B 543 -47.99 -0.41 6.32
N THR B 544 -46.94 -0.66 7.13
CA THR B 544 -46.73 -1.97 7.73
C THR B 544 -47.78 -2.17 8.86
N PRO B 545 -48.57 -3.25 8.73
CA PRO B 545 -49.78 -3.42 9.47
C PRO B 545 -49.58 -3.76 10.95
N LEU B 546 -50.33 -3.07 11.82
CA LEU B 546 -50.56 -3.60 13.19
C LEU B 546 -52.06 -3.49 13.60
N ASN B 550 -56.67 -7.20 11.97
CA ASN B 550 -55.21 -6.98 11.97
C ASN B 550 -54.53 -7.43 10.62
N GLY B 551 -55.33 -7.69 9.55
CA GLY B 551 -54.84 -8.03 8.19
C GLY B 551 -54.31 -6.86 7.40
N LEU B 552 -55.07 -5.76 7.40
CA LEU B 552 -54.71 -4.50 6.64
C LEU B 552 -54.43 -3.24 7.54
N SER B 553 -53.49 -2.40 7.10
CA SER B 553 -52.96 -1.32 7.93
C SER B 553 -53.79 -0.07 7.88
N PRO B 554 -54.51 0.26 8.97
CA PRO B 554 -55.44 1.40 8.94
C PRO B 554 -54.75 2.79 9.08
N LEU B 555 -53.42 2.81 8.85
CA LEU B 555 -52.62 3.98 9.14
C LEU B 555 -51.46 4.12 8.16
N CYS B 556 -50.89 5.32 8.15
CA CYS B 556 -49.88 5.69 7.18
C CYS B 556 -48.77 6.56 7.75
N ALA B 557 -47.54 6.18 7.45
CA ALA B 557 -46.32 6.94 7.83
C ALA B 557 -45.77 7.75 6.65
N ILE B 558 -45.51 9.05 6.86
CA ILE B 558 -45.06 9.92 5.80
C ILE B 558 -43.90 10.79 6.21
N GLY B 559 -43.17 11.30 5.22
CA GLY B 559 -42.01 12.18 5.46
C GLY B 559 -41.87 13.18 4.34
N LEU B 560 -42.00 14.48 4.66
CA LEU B 560 -42.05 15.51 3.62
C LEU B 560 -40.76 16.29 3.50
N TRP B 561 -40.56 16.80 2.29
CA TRP B 561 -39.26 17.11 1.79
C TRP B 561 -38.73 18.37 2.47
N THR B 562 -39.65 19.24 2.88
CA THR B 562 -39.24 20.62 3.12
C THR B 562 -39.71 21.19 4.45
N ASP B 563 -40.76 20.56 4.94
CA ASP B 563 -41.20 20.69 6.38
C ASP B 563 -40.45 19.68 7.26
N ILE B 564 -39.89 18.64 6.60
CA ILE B 564 -38.78 17.80 7.20
C ILE B 564 -39.31 17.07 8.46
N SER B 565 -40.53 16.56 8.30
CA SER B 565 -41.43 16.14 9.38
C SER B 565 -41.95 14.72 9.14
N ALA B 566 -42.05 13.92 10.20
CA ALA B 566 -42.63 12.59 10.14
C ALA B 566 -44.11 12.62 10.53
N ARG B 567 -44.98 12.64 9.51
CA ARG B 567 -46.44 12.73 9.75
C ARG B 567 -47.12 11.36 9.75
N ILE B 568 -48.13 11.23 10.59
CA ILE B 568 -49.03 10.06 10.56
C ILE B 568 -50.41 10.49 10.09
N LEU B 569 -51.04 9.63 9.28
CA LEU B 569 -52.34 9.91 8.70
C LEU B 569 -53.28 8.69 8.86
N LYS B 570 -54.58 8.96 8.84
CA LYS B 570 -55.59 7.91 8.79
C LYS B 570 -55.71 7.35 7.36
N LEU B 571 -56.06 6.07 7.24
CA LEU B 571 -56.36 5.53 5.92
C LEU B 571 -57.85 5.82 5.53
N PRO B 572 -58.28 5.40 4.32
CA PRO B 572 -58.97 6.28 3.37
C PRO B 572 -58.86 7.81 3.63
N SER B 573 -59.16 8.22 4.85
CA SER B 573 -59.30 9.63 5.22
C SER B 573 -58.05 10.52 4.97
N PHE B 574 -56.90 10.11 5.51
CA PHE B 574 -55.66 10.89 5.44
C PHE B 574 -55.54 12.02 6.46
N GLU B 575 -56.49 12.25 7.34
CA GLU B 575 -56.21 13.32 8.32
C GLU B 575 -55.43 12.73 9.48
N LEU B 576 -54.19 12.34 9.26
CA LEU B 576 -53.41 11.68 10.32
C LEU B 576 -53.04 12.39 11.63
N LEU B 577 -52.54 13.61 11.59
CA LEU B 577 -52.18 14.31 12.83
C LEU B 577 -50.89 13.81 13.50
N HIS B 578 -50.57 14.30 14.69
CA HIS B 578 -49.36 13.88 15.43
C HIS B 578 -48.22 14.01 14.46
N LYS B 579 -48.05 15.20 13.90
CA LYS B 579 -47.09 15.38 12.78
C LYS B 579 -45.71 16.00 13.15
N GLU B 580 -44.79 15.18 13.72
CA GLU B 580 -43.71 15.65 14.66
C GLU B 580 -42.56 16.29 13.90
N MET B 581 -42.55 17.61 13.70
CA MET B 581 -41.61 18.23 12.74
C MET B 581 -40.18 18.19 13.32
N LEU B 582 -39.45 17.09 13.10
CA LEU B 582 -38.00 17.00 13.54
C LEU B 582 -37.27 18.12 12.82
N GLY B 583 -35.97 18.30 13.12
CA GLY B 583 -35.27 19.57 12.76
C GLY B 583 -34.41 19.47 11.52
N GLY B 584 -34.15 20.57 10.79
CA GLY B 584 -33.17 20.50 9.67
C GLY B 584 -33.37 21.36 8.41
N ILE B 586 -32.51 18.89 6.45
CA ILE B 586 -32.12 17.61 5.84
C ILE B 586 -33.36 16.70 5.73
N ILE B 587 -33.49 16.07 4.56
CA ILE B 587 -34.68 15.26 4.24
C ILE B 587 -34.63 13.89 4.96
N PRO B 588 -35.77 13.38 5.34
CA PRO B 588 -35.95 11.94 5.72
C PRO B 588 -35.74 11.01 4.56
N ARG B 589 -35.02 9.91 4.75
CA ARG B 589 -34.78 8.90 3.71
C ARG B 589 -35.72 7.68 3.87
N SER B 590 -35.82 7.14 5.09
CA SER B 590 -36.71 5.99 5.31
C SER B 590 -37.64 6.23 6.51
N ILE B 591 -38.79 5.56 6.46
CA ILE B 591 -39.72 5.54 7.59
C ILE B 591 -40.42 4.20 7.71
N LEU B 592 -40.76 3.82 8.94
CA LEU B 592 -41.24 2.46 9.21
C LEU B 592 -42.07 2.42 10.53
N MET B 593 -43.20 1.72 10.47
CA MET B 593 -43.89 1.23 11.65
C MET B 593 -43.53 -0.23 11.86
N THR B 594 -43.08 -0.53 13.09
CA THR B 594 -42.82 -1.94 13.46
C THR B 594 -42.93 -2.24 14.96
N THR B 595 -42.72 -3.50 15.32
CA THR B 595 -43.20 -4.03 16.61
C THR B 595 -42.11 -4.85 17.35
N PHE B 596 -41.63 -4.30 18.46
CA PHE B 596 -40.61 -4.97 19.22
C PHE B 596 -41.18 -5.41 20.55
N GLU B 597 -40.84 -6.63 20.96
CA GLU B 597 -41.42 -7.07 22.18
C GLU B 597 -42.81 -6.91 21.66
N SER B 598 -43.71 -6.30 22.41
CA SER B 598 -45.04 -6.09 21.88
C SER B 598 -45.40 -4.63 21.78
N SER B 599 -44.46 -3.76 22.13
CA SER B 599 -44.75 -2.35 22.03
C SER B 599 -44.64 -2.00 20.58
N HIS B 600 -45.33 -0.95 20.15
CA HIS B 600 -45.30 -0.55 18.76
C HIS B 600 -44.56 0.75 18.56
N TYR B 601 -43.59 0.72 17.66
CA TYR B 601 -42.78 1.90 17.39
C TYR B 601 -42.93 2.45 15.96
N LEU B 602 -42.64 3.75 15.79
CA LEU B 602 -42.44 4.35 14.49
C LEU B 602 -41.01 4.85 14.34
N LEU B 603 -40.35 4.47 13.24
CA LEU B 603 -38.95 4.82 13.04
C LEU B 603 -38.80 5.70 11.80
N CYS B 604 -38.08 6.78 11.96
CA CYS B 604 -37.82 7.68 10.85
C CYS B 604 -36.37 8.06 10.79
N ALA B 605 -35.73 7.74 9.66
CA ALA B 605 -34.26 7.80 9.53
C ALA B 605 -33.85 8.91 8.58
N LEU B 606 -32.87 9.70 8.96
CA LEU B 606 -32.54 10.92 8.23
C LEU B 606 -31.40 10.78 7.21
N GLY B 607 -31.40 11.71 6.25
CA GLY B 607 -30.39 11.76 5.20
C GLY B 607 -29.01 12.24 5.67
N ASP B 608 -28.94 12.69 6.93
CA ASP B 608 -27.69 13.06 7.60
C ASP B 608 -27.10 11.88 8.39
N GLY B 609 -27.94 10.87 8.61
CA GLY B 609 -27.53 9.66 9.31
C GLY B 609 -28.22 9.45 10.64
N ALA B 610 -29.07 10.39 11.03
CA ALA B 610 -29.75 10.33 12.31
C ALA B 610 -30.97 9.43 12.21
N LEU B 611 -31.39 8.88 13.33
CA LEU B 611 -32.57 8.03 13.37
C LEU B 611 -33.41 8.36 14.57
N PHE B 612 -34.62 8.84 14.32
CA PHE B 612 -35.58 9.20 15.37
C PHE B 612 -36.53 8.02 15.61
N TYR B 613 -36.70 7.63 16.87
CA TYR B 613 -37.58 6.51 17.17
C TYR B 613 -38.62 6.83 18.26
N PHE B 614 -39.88 6.93 17.85
CA PHE B 614 -40.98 7.37 18.67
C PHE B 614 -41.82 6.16 19.11
N GLY B 615 -42.64 6.38 20.12
CA GLY B 615 -43.73 5.45 20.46
C GLY B 615 -44.85 5.63 19.45
N LEU B 616 -45.65 4.58 19.27
CA LEU B 616 -46.78 4.63 18.39
C LEU B 616 -48.11 4.36 19.10
N ASN B 617 -49.24 4.90 18.57
CA ASN B 617 -50.55 4.36 18.89
C ASN B 617 -51.30 3.95 17.64
N ILE B 618 -51.28 2.65 17.33
CA ILE B 618 -52.14 1.98 16.32
C ILE B 618 -53.61 2.42 16.33
N GLU B 619 -54.18 2.55 17.55
CA GLU B 619 -55.56 2.89 17.75
C GLU B 619 -55.78 4.36 18.10
N THR B 620 -54.84 4.94 18.83
CA THR B 620 -54.92 6.37 19.21
C THR B 620 -54.48 7.31 18.07
N GLY B 621 -53.23 7.16 17.64
CA GLY B 621 -52.66 8.00 16.58
C GLY B 621 -51.44 8.80 16.98
N LEU B 622 -51.21 8.98 18.30
CA LEU B 622 -50.15 9.86 18.80
C LEU B 622 -48.77 9.18 18.67
N LEU B 623 -47.73 9.98 18.44
CA LEU B 623 -46.37 9.50 18.26
C LEU B 623 -45.53 10.34 19.28
N SER B 624 -44.75 9.65 20.10
CA SER B 624 -44.40 10.14 21.43
C SER B 624 -43.15 9.45 21.98
N ASP B 625 -42.97 9.60 23.30
CA ASP B 625 -41.84 9.04 24.04
C ASP B 625 -40.66 9.22 23.14
N ARG B 626 -40.41 10.41 22.57
CA ARG B 626 -39.34 10.53 21.54
C ARG B 626 -37.96 10.20 22.08
N LYS B 627 -37.18 9.45 21.35
CA LYS B 627 -35.76 9.41 21.57
C LYS B 627 -35.19 9.56 20.19
N LYS B 628 -33.89 9.73 20.09
CA LYS B 628 -33.18 9.86 18.76
C LYS B 628 -31.75 9.42 18.92
N VAL B 629 -31.16 8.89 17.86
CA VAL B 629 -29.80 8.35 17.90
C VAL B 629 -29.19 8.30 16.49
N THR B 630 -27.89 8.50 16.42
CA THR B 630 -27.22 8.58 15.12
C THR B 630 -26.44 7.30 14.82
N LEU B 631 -26.40 6.89 13.54
CA LEU B 631 -25.86 5.60 13.12
C LEU B 631 -24.70 5.74 12.10
N GLY B 632 -24.64 6.87 11.39
CA GLY B 632 -23.61 7.10 10.40
C GLY B 632 -24.09 8.00 9.28
N THR B 633 -23.26 8.98 8.93
CA THR B 633 -23.66 10.13 8.09
C THR B 633 -24.29 9.78 6.74
N GLN B 634 -23.94 8.64 6.16
CA GLN B 634 -24.63 8.16 4.94
C GLN B 634 -26.08 7.78 5.28
N PRO B 635 -27.07 8.39 4.57
CA PRO B 635 -28.49 8.14 4.73
C PRO B 635 -28.89 6.69 4.92
N THR B 636 -29.89 6.46 5.76
CA THR B 636 -30.20 5.14 6.28
C THR B 636 -31.47 4.59 5.55
N VAL B 637 -31.50 3.26 5.35
CA VAL B 637 -32.69 2.54 4.91
C VAL B 637 -33.13 1.47 5.87
N LEU B 638 -34.43 1.39 6.13
CA LEU B 638 -34.97 0.49 7.20
C LEU B 638 -35.83 -0.62 6.68
N ARG B 639 -35.52 -1.84 7.07
CA ARG B 639 -36.27 -3.05 6.66
C ARG B 639 -36.71 -3.84 7.89
N THR B 640 -37.83 -4.51 7.77
CA THR B 640 -38.29 -5.49 8.70
C THR B 640 -37.66 -6.83 8.34
N PHE B 641 -37.48 -7.69 9.33
CA PHE B 641 -37.12 -9.08 9.08
C PHE B 641 -37.24 -9.95 10.31
N ARG B 642 -37.40 -11.25 10.09
CA ARG B 642 -37.53 -12.20 11.18
C ARG B 642 -36.15 -12.88 11.43
N SER B 643 -35.71 -12.90 12.69
CA SER B 643 -34.75 -13.93 13.15
C SER B 643 -34.65 -14.01 14.65
N SER B 645 -36.76 -16.12 16.00
CA SER B 645 -38.18 -16.27 15.79
C SER B 645 -39.03 -15.01 15.91
N THR B 646 -38.45 -13.87 16.34
CA THR B 646 -39.17 -12.60 16.43
C THR B 646 -38.87 -11.65 15.26
N THR B 647 -39.29 -10.38 15.36
CA THR B 647 -39.03 -9.40 14.27
C THR B 647 -38.05 -8.28 14.66
N ASN B 648 -37.03 -8.10 13.83
CA ASN B 648 -36.04 -7.02 13.99
C ASN B 648 -36.11 -6.04 12.81
N VAL B 649 -35.23 -5.05 12.84
CA VAL B 649 -35.03 -4.08 11.76
C VAL B 649 -33.54 -4.04 11.31
N PHE B 650 -33.30 -4.12 10.02
CA PHE B 650 -31.98 -3.90 9.46
C PHE B 650 -31.83 -2.46 8.96
N ALA B 651 -30.73 -1.87 9.31
CA ALA B 651 -30.55 -0.47 8.99
C ALA B 651 -29.25 -0.24 8.21
N CYS B 652 -29.41 0.11 6.94
CA CYS B 652 -28.31 0.14 6.01
C CYS B 652 -27.72 1.54 5.91
N SER B 653 -26.40 1.61 5.91
CA SER B 653 -25.70 2.87 5.91
C SER B 653 -24.21 2.51 5.92
N ASP B 654 -23.38 3.49 6.20
CA ASP B 654 -21.96 3.28 6.24
C ASP B 654 -21.72 2.21 7.26
N ARG B 655 -22.48 2.32 8.36
CA ARG B 655 -22.46 1.31 9.38
C ARG B 655 -23.78 0.62 9.39
N PRO B 656 -23.83 -0.65 9.06
CA PRO B 656 -25.08 -1.34 9.08
C PRO B 656 -25.41 -1.73 10.52
N THR B 657 -26.67 -1.73 10.87
CA THR B 657 -27.09 -1.89 12.26
C THR B 657 -28.36 -2.79 12.30
N VAL B 658 -28.42 -3.69 13.25
CA VAL B 658 -29.63 -4.45 13.52
C VAL B 658 -30.29 -3.90 14.80
N ILE B 659 -31.59 -3.98 14.85
CA ILE B 659 -32.35 -3.37 15.92
C ILE B 659 -33.20 -4.41 16.70
N TYR B 660 -33.25 -4.25 18.01
CA TYR B 660 -34.15 -5.01 18.86
C TYR B 660 -34.17 -4.25 20.18
N SER B 661 -35.41 -4.14 20.69
CA SER B 661 -36.18 -5.32 21.06
C SER B 661 -37.34 -4.76 21.87
N ASN B 663 -37.54 -7.28 25.61
CA ASN B 663 -36.69 -6.90 26.75
C ASN B 663 -36.87 -5.44 27.10
N HIS B 664 -37.71 -4.78 26.30
CA HIS B 664 -38.28 -3.48 26.63
C HIS B 664 -37.25 -2.34 26.75
N LYS B 665 -36.22 -2.44 25.88
CA LYS B 665 -35.55 -1.28 25.25
C LYS B 665 -35.48 -1.58 23.77
N LEU B 666 -35.40 -0.56 22.92
CA LEU B 666 -34.91 -0.80 21.53
C LEU B 666 -33.38 -0.66 21.54
N VAL B 667 -32.63 -1.54 20.88
CA VAL B 667 -31.26 -1.80 21.26
C VAL B 667 -30.40 -1.98 20.03
N PHE B 668 -29.76 -0.91 19.60
CA PHE B 668 -28.98 -0.92 18.37
C PHE B 668 -27.70 -1.69 18.50
N SER B 669 -27.31 -2.39 17.42
CA SER B 669 -26.28 -3.43 17.52
C SER B 669 -25.63 -3.32 16.21
N ASN B 670 -24.34 -2.92 16.15
CA ASN B 670 -23.63 -2.89 14.85
C ASN B 670 -23.41 -4.30 14.25
N VAL B 671 -23.40 -4.34 12.90
CA VAL B 671 -23.36 -5.57 12.13
C VAL B 671 -21.96 -5.71 11.53
N ASN B 672 -21.34 -6.89 11.73
CA ASN B 672 -19.94 -7.09 11.35
C ASN B 672 -19.72 -7.20 9.85
N LEU B 673 -19.94 -6.09 9.15
CA LEU B 673 -19.86 -6.03 7.66
C LEU B 673 -19.49 -4.61 7.19
N LYS B 674 -18.76 -4.50 6.08
CA LYS B 674 -18.57 -3.24 5.44
C LYS B 674 -19.92 -2.91 4.86
N GLU B 675 -20.09 -1.73 4.30
CA GLU B 675 -21.44 -1.16 4.20
C GLU B 675 -22.41 -1.99 3.36
N VAL B 676 -23.65 -1.99 3.83
CA VAL B 676 -24.73 -2.64 3.16
C VAL B 676 -25.65 -1.54 2.71
N ASN B 677 -25.77 -1.29 1.41
CA ASN B 677 -26.75 -0.36 0.86
C ASN B 677 -28.21 -0.79 0.98
N TYR B 678 -28.49 -2.05 0.71
CA TYR B 678 -29.85 -2.56 0.68
C TYR B 678 -29.94 -3.98 1.21
N MET B 679 -31.10 -4.31 1.77
CA MET B 679 -31.35 -5.69 2.20
C MET B 679 -32.78 -6.13 2.08
N CYS B 680 -32.95 -7.43 2.27
CA CYS B 680 -34.27 -8.08 2.33
C CYS B 680 -34.11 -9.39 3.10
N PRO B 681 -35.19 -9.90 3.69
CA PRO B 681 -35.25 -11.28 4.16
C PRO B 681 -35.34 -12.25 3.01
N LEU B 682 -34.77 -13.46 3.17
CA LEU B 682 -34.77 -14.43 2.10
C LEU B 682 -34.84 -15.83 2.66
N ASN B 683 -35.91 -16.54 2.28
CA ASN B 683 -36.16 -17.85 2.82
C ASN B 683 -36.38 -18.83 1.71
N SER B 684 -35.38 -19.65 1.42
CA SER B 684 -35.44 -20.55 0.28
C SER B 684 -35.17 -22.01 0.64
N ASP B 685 -35.49 -22.88 -0.29
CA ASP B 685 -35.13 -24.30 -0.19
C ASP B 685 -33.61 -24.46 -0.20
N GLY B 686 -32.88 -23.38 -0.49
CA GLY B 686 -31.43 -23.40 -0.38
C GLY B 686 -30.86 -22.48 0.66
N TYR B 687 -31.57 -21.41 0.97
CA TYR B 687 -31.08 -20.43 1.94
C TYR B 687 -32.13 -20.10 2.99
N PRO B 688 -32.39 -21.03 3.92
CA PRO B 688 -33.56 -20.93 4.78
C PRO B 688 -33.38 -19.93 5.88
N ASP B 689 -34.41 -19.13 6.14
CA ASP B 689 -34.40 -18.06 7.15
C ASP B 689 -33.12 -17.19 7.05
N SER B 690 -32.72 -16.93 5.80
CA SER B 690 -31.49 -16.20 5.52
C SER B 690 -31.77 -14.73 5.22
N LEU B 691 -30.73 -14.07 4.72
CA LEU B 691 -30.70 -12.66 4.42
C LEU B 691 -30.07 -12.45 3.05
N ALA B 692 -30.49 -11.40 2.34
CA ALA B 692 -29.79 -10.99 1.14
C ALA B 692 -29.29 -9.55 1.29
N LEU B 693 -27.98 -9.38 1.22
CA LEU B 693 -27.35 -8.08 1.43
C LEU B 693 -26.74 -7.60 0.12
N ALA B 694 -27.05 -6.38 -0.26
CA ALA B 694 -26.46 -5.79 -1.45
C ALA B 694 -25.73 -4.52 -1.10
N ASN B 695 -24.51 -4.40 -1.59
CA ASN B 695 -23.85 -3.12 -1.63
C ASN B 695 -23.66 -2.65 -3.07
N ASN B 696 -22.70 -1.76 -3.27
CA ASN B 696 -22.41 -1.19 -4.59
C ASN B 696 -21.94 -2.16 -5.63
N SER B 697 -21.18 -3.17 -5.21
CA SER B 697 -20.61 -4.12 -6.15
C SER B 697 -20.86 -5.61 -5.86
N THR B 698 -21.62 -5.92 -4.80
CA THR B 698 -21.88 -7.34 -4.47
C THR B 698 -23.28 -7.62 -3.90
N LEU B 699 -23.85 -8.77 -4.24
CA LEU B 699 -25.02 -9.31 -3.51
C LEU B 699 -24.50 -10.43 -2.63
N THR B 700 -24.91 -10.44 -1.37
CA THR B 700 -24.56 -11.52 -0.44
C THR B 700 -25.83 -12.15 0.14
N ILE B 701 -25.86 -13.48 0.19
CA ILE B 701 -26.92 -14.20 0.87
C ILE B 701 -26.35 -14.87 2.10
N GLY B 702 -26.89 -14.56 3.29
CA GLY B 702 -26.35 -15.14 4.53
C GLY B 702 -27.38 -15.39 5.63
N THR B 703 -27.05 -16.30 6.57
CA THR B 703 -27.72 -16.39 7.87
C THR B 703 -27.08 -15.41 8.85
N ILE B 704 -27.81 -14.99 9.86
CA ILE B 704 -27.31 -13.93 10.72
C ILE B 704 -27.36 -14.39 12.18
N ASP B 705 -26.19 -14.41 12.86
CA ASP B 705 -26.15 -14.76 14.28
C ASP B 705 -27.20 -13.91 15.09
N GLU B 706 -27.80 -14.52 16.10
CA GLU B 706 -28.42 -13.77 17.18
C GLU B 706 -27.63 -14.29 18.37
N ILE B 707 -27.49 -13.46 19.41
CA ILE B 707 -27.14 -12.07 19.25
C ILE B 707 -25.66 -11.77 19.40
N GLN B 708 -25.36 -10.47 19.52
CA GLN B 708 -23.99 -9.97 19.36
C GLN B 708 -23.00 -10.63 20.32
N LYS B 709 -21.87 -11.07 19.81
CA LYS B 709 -20.78 -11.62 20.60
C LYS B 709 -19.55 -10.81 20.22
N LEU B 710 -18.43 -11.01 20.89
CA LEU B 710 -17.20 -10.33 20.51
C LEU B 710 -16.53 -11.06 19.37
N HIS B 711 -16.26 -10.33 18.30
CA HIS B 711 -15.64 -10.96 17.16
C HIS B 711 -14.15 -10.64 17.10
N ILE B 712 -13.32 -11.67 17.17
CA ILE B 712 -11.88 -11.48 17.26
C ILE B 712 -11.15 -11.86 16.00
N ARG B 713 -10.47 -10.88 15.37
CA ARG B 713 -9.63 -11.14 14.17
C ARG B 713 -8.19 -11.32 14.66
N THR B 714 -7.50 -12.26 14.09
CA THR B 714 -6.19 -12.67 14.63
C THR B 714 -5.06 -12.43 13.63
N VAL B 715 -4.13 -11.57 13.97
CA VAL B 715 -3.05 -11.20 13.05
C VAL B 715 -1.71 -11.77 13.54
N PRO B 716 -1.37 -12.93 13.08
CA PRO B 716 -0.16 -13.59 13.56
C PRO B 716 1.04 -12.75 13.28
N LEU B 717 1.92 -12.65 14.27
CA LEU B 717 3.25 -11.97 14.11
C LEU B 717 4.46 -12.93 14.19
N TYR B 718 4.25 -14.10 14.80
CA TYR B 718 5.30 -15.10 15.01
C TYR B 718 6.52 -14.56 15.81
N GLU B 719 6.22 -13.57 16.65
CA GLU B 719 7.17 -13.05 17.65
C GLU B 719 6.37 -12.34 18.74
N SER B 720 7.02 -12.01 19.85
CA SER B 720 6.27 -11.40 20.97
C SER B 720 6.04 -9.89 20.79
N PRO B 721 4.77 -9.49 20.65
CA PRO B 721 4.39 -8.05 20.72
C PRO B 721 4.39 -7.55 22.12
N ARG B 722 4.83 -6.33 22.33
CA ARG B 722 5.09 -5.85 23.68
C ARG B 722 4.38 -4.56 23.99
N LYS B 723 4.22 -3.68 23.01
CA LYS B 723 3.34 -2.52 23.13
C LYS B 723 2.71 -2.18 21.81
N ILE B 724 1.60 -1.48 21.88
CA ILE B 724 0.83 -1.10 20.72
C ILE B 724 0.23 0.24 21.00
N CYS B 725 0.17 1.11 20.00
CA CYS B 725 -0.42 2.45 20.15
C CYS B 725 -0.83 2.86 18.74
N TYR B 726 -1.64 3.89 18.64
CA TYR B 726 -2.32 4.14 17.37
C TYR B 726 -2.12 5.49 16.83
N GLN B 727 -1.61 5.48 15.62
CA GLN B 727 -1.50 6.75 14.89
C GLN B 727 -2.63 6.87 13.89
N GLU B 728 -3.67 7.63 14.26
CA GLU B 728 -4.88 7.80 13.41
C GLU B 728 -4.61 8.54 12.05
N VAL B 729 -3.73 9.54 12.05
CA VAL B 729 -3.43 10.26 10.83
C VAL B 729 -2.64 9.42 9.82
N SER B 730 -1.84 8.52 10.33
CA SER B 730 -1.07 7.60 9.49
C SER B 730 -1.86 6.34 9.26
N GLN B 731 -3.05 6.30 9.85
CA GLN B 731 -3.92 5.12 9.80
C GLN B 731 -3.16 3.76 9.95
N CYS B 732 -2.39 3.66 11.02
CA CYS B 732 -1.57 2.51 11.25
C CYS B 732 -1.14 2.51 12.73
N PHE B 733 -0.73 1.33 13.19
CA PHE B 733 -0.33 1.08 14.55
C PHE B 733 1.21 1.04 14.62
N GLY B 734 1.75 1.50 15.75
CA GLY B 734 3.10 1.13 16.16
C GLY B 734 3.06 0.03 17.17
N VAL B 735 3.87 -0.98 16.96
CA VAL B 735 4.00 -2.15 17.86
C VAL B 735 5.44 -2.38 18.25
N LEU B 736 5.76 -2.27 19.53
CA LEU B 736 7.05 -2.75 19.97
C LEU B 736 7.00 -4.25 20.07
N SER B 737 8.03 -4.90 19.59
CA SER B 737 8.11 -6.35 19.67
C SER B 737 9.52 -6.82 19.75
N SER B 738 9.65 -8.10 20.04
CA SER B 738 10.99 -8.69 20.25
C SER B 738 10.99 -10.08 19.69
N ARG B 739 12.18 -10.56 19.29
CA ARG B 739 12.33 -11.90 18.80
C ARG B 739 13.61 -12.51 19.26
N ILE B 740 13.65 -13.84 19.23
CA ILE B 740 14.77 -14.62 19.73
C ILE B 740 15.68 -15.09 18.57
N GLU B 741 16.91 -14.62 18.60
CA GLU B 741 17.98 -15.14 17.73
C GLU B 741 18.98 -15.96 18.52
N VAL B 742 19.72 -16.85 17.88
CA VAL B 742 20.74 -17.63 18.55
C VAL B 742 22.13 -17.31 17.89
N GLN B 743 23.22 -17.53 18.62
CA GLN B 743 24.48 -16.76 18.48
C GLN B 743 25.29 -17.07 17.21
N ASP B 744 25.82 -15.99 16.58
CA ASP B 744 26.73 -16.08 15.42
C ASP B 744 28.01 -16.64 15.98
N THR B 749 24.52 -13.34 15.06
CA THR B 749 23.15 -13.67 15.50
C THR B 749 22.16 -13.86 14.33
N THR B 750 21.40 -14.95 14.39
CA THR B 750 20.47 -15.34 13.29
C THR B 750 19.20 -16.07 13.81
N ALA B 751 18.03 -15.72 13.23
CA ALA B 751 16.74 -15.99 13.90
C ALA B 751 16.30 -17.45 13.79
N LEU B 752 15.30 -17.81 14.59
CA LEU B 752 14.74 -19.19 14.60
C LEU B 752 13.55 -19.39 13.64
N ARG B 753 12.97 -18.31 13.14
CA ARG B 753 11.92 -18.39 12.14
C ARG B 753 11.66 -17.01 11.53
N PRO B 754 11.04 -16.96 10.36
CA PRO B 754 10.49 -15.71 9.84
C PRO B 754 9.45 -15.09 10.81
N SER B 755 9.60 -13.80 11.06
CA SER B 755 8.72 -13.08 11.96
C SER B 755 8.17 -11.89 11.21
N ALA B 756 7.21 -11.24 11.86
CA ALA B 756 6.81 -9.88 11.46
C ALA B 756 8.03 -9.01 11.15
N SER B 757 8.93 -8.93 12.12
CA SER B 757 10.07 -8.04 12.08
C SER B 757 11.14 -8.40 11.06
N THR B 758 11.02 -9.58 10.47
CA THR B 758 12.01 -10.02 9.47
C THR B 758 11.39 -10.05 8.07
N GLN B 759 10.12 -9.65 7.98
CA GLN B 759 9.37 -9.72 6.75
C GLN B 759 8.55 -8.48 6.52
N ALA B 760 9.08 -7.34 6.96
CA ALA B 760 8.45 -6.06 6.66
C ALA B 760 8.68 -5.72 5.19
N LEU B 761 7.84 -4.85 4.66
CA LEU B 761 8.05 -4.27 3.33
C LEU B 761 9.34 -3.46 3.27
N SER B 762 9.36 -2.40 4.08
CA SER B 762 10.51 -1.54 4.31
C SER B 762 11.09 -1.92 5.68
N SER B 763 12.40 -1.95 5.85
CA SER B 763 12.99 -2.25 7.16
C SER B 763 14.27 -1.42 7.39
N SER B 764 14.48 -1.01 8.64
CA SER B 764 15.66 -0.25 9.01
C SER B 764 16.40 -1.00 10.13
N VAL B 765 17.53 -0.43 10.54
CA VAL B 765 18.23 -0.89 11.70
C VAL B 765 18.82 0.35 12.47
N SER B 766 19.02 0.19 13.77
CA SER B 766 19.65 1.25 14.51
C SER B 766 21.13 1.19 14.18
N SER B 767 21.74 -0.01 14.12
CA SER B 767 23.14 -0.13 13.65
C SER B 767 23.70 -1.36 12.96
N SER B 768 24.80 -1.15 12.25
CA SER B 768 25.38 -2.22 11.40
C SER B 768 26.13 -3.19 12.29
N LYS B 769 26.43 -4.38 11.76
CA LYS B 769 27.46 -5.20 12.34
C LYS B 769 28.94 -4.55 12.17
N LEU B 770 29.24 -3.59 13.08
CA LEU B 770 30.61 -3.01 13.34
C LEU B 770 31.01 -3.48 14.74
N GLU B 784 23.42 -19.80 22.42
CA GLU B 784 22.99 -18.85 23.46
C GLU B 784 22.05 -17.79 22.88
N GLU B 785 20.83 -17.69 23.44
CA GLU B 785 19.76 -16.87 22.86
C GLU B 785 19.95 -15.37 23.11
N VAL B 786 19.46 -14.55 22.20
CA VAL B 786 19.47 -13.10 22.38
C VAL B 786 18.12 -12.50 22.01
N GLU B 787 17.86 -11.28 22.44
CA GLU B 787 16.54 -10.67 22.29
C GLU B 787 16.71 -9.43 21.46
N VAL B 788 15.97 -9.34 20.39
CA VAL B 788 16.16 -8.27 19.42
C VAL B 788 14.86 -7.53 19.27
N HIS B 789 14.92 -6.25 19.62
CA HIS B 789 13.72 -5.42 19.76
C HIS B 789 13.45 -4.63 18.52
N ASN B 790 12.19 -4.53 18.15
CA ASN B 790 11.76 -3.88 16.92
C ASN B 790 10.60 -2.93 17.21
N LEU B 791 10.48 -1.86 16.40
CA LEU B 791 9.27 -1.13 16.25
C LEU B 791 8.63 -1.53 14.93
N LEU B 792 7.42 -2.02 14.98
CA LEU B 792 6.69 -2.40 13.79
C LEU B 792 5.75 -1.32 13.40
N ILE B 793 5.56 -1.10 12.10
CA ILE B 793 4.49 -0.28 11.63
C ILE B 793 3.46 -1.11 10.89
N ILE B 794 2.38 -1.41 11.59
CA ILE B 794 1.32 -2.23 11.03
C ILE B 794 0.19 -1.37 10.47
N ASP B 795 -0.12 -1.60 9.19
CA ASP B 795 -1.31 -0.99 8.55
C ASP B 795 -2.58 -1.30 9.28
N GLN B 796 -3.49 -0.34 9.33
CA GLN B 796 -4.73 -0.52 10.09
C GLN B 796 -5.83 -1.32 9.37
N HIS B 797 -5.77 -1.34 8.05
CA HIS B 797 -6.74 -2.02 7.22
C HIS B 797 -6.34 -3.44 6.88
N THR B 798 -5.11 -3.61 6.45
CA THR B 798 -4.61 -4.87 5.97
C THR B 798 -3.85 -5.68 7.04
N PHE B 799 -3.48 -4.99 8.13
CA PHE B 799 -2.54 -5.54 9.13
C PHE B 799 -1.21 -6.10 8.61
N GLU B 800 -0.86 -5.71 7.40
CA GLU B 800 0.47 -5.93 6.87
C GLU B 800 1.49 -5.13 7.73
N VAL B 801 2.67 -5.74 7.88
CA VAL B 801 3.82 -5.07 8.47
C VAL B 801 4.53 -4.23 7.39
N LEU B 802 4.21 -2.94 7.46
CA LEU B 802 4.77 -1.93 6.52
C LEU B 802 6.22 -1.61 6.72
N HIS B 803 6.64 -1.56 7.98
CA HIS B 803 8.05 -1.29 8.35
C HIS B 803 8.47 -2.00 9.62
N ALA B 804 9.71 -2.49 9.65
CA ALA B 804 10.34 -2.92 10.93
C ALA B 804 11.65 -2.24 11.13
N HIS B 805 11.68 -1.40 12.19
CA HIS B 805 12.85 -0.80 12.75
C HIS B 805 13.47 -1.78 13.69
N GLN B 806 14.78 -1.91 13.69
CA GLN B 806 15.48 -2.65 14.74
C GLN B 806 16.30 -1.72 15.62
N PHE B 807 16.09 -1.80 16.92
CA PHE B 807 16.82 -0.95 17.87
C PHE B 807 18.26 -1.53 18.04
N LEU B 808 19.08 -0.81 18.81
CA LEU B 808 20.48 -1.15 18.94
C LEU B 808 20.75 -2.50 19.64
N GLN B 809 21.88 -3.14 19.32
CA GLN B 809 22.26 -4.37 20.01
C GLN B 809 22.24 -4.05 21.53
N ASN B 810 21.75 -4.97 22.33
CA ASN B 810 21.50 -4.69 23.77
C ASN B 810 20.43 -3.67 24.09
N GLU B 811 19.88 -2.94 23.13
CA GLU B 811 18.87 -1.93 23.44
C GLU B 811 17.50 -2.57 23.61
N TYR B 812 16.91 -2.31 24.76
CA TYR B 812 15.62 -2.86 25.13
C TYR B 812 14.58 -1.73 24.95
N ALA B 813 13.54 -2.00 24.15
CA ALA B 813 12.54 -0.99 23.88
C ALA B 813 11.39 -1.14 24.88
N LEU B 814 11.14 -0.09 25.63
CA LEU B 814 10.32 -0.16 26.85
C LEU B 814 8.95 0.46 26.71
N SER B 815 8.92 1.64 26.08
CA SER B 815 7.72 2.48 26.01
C SER B 815 7.55 3.00 24.58
N LEU B 816 6.29 3.19 24.17
CA LEU B 816 5.94 3.62 22.82
C LEU B 816 4.72 4.51 22.88
N VAL B 817 4.59 5.47 21.98
CA VAL B 817 3.57 6.47 22.13
C VAL B 817 3.43 7.26 20.86
N SER B 818 2.21 7.68 20.53
CA SER B 818 1.99 8.43 19.27
C SER B 818 1.34 9.77 19.60
N CYS B 819 1.92 10.84 19.09
CA CYS B 819 1.40 12.17 19.47
C CYS B 819 1.99 13.38 18.74
N LYS B 820 1.32 14.52 18.91
CA LYS B 820 1.81 15.81 18.43
C LYS B 820 2.50 16.49 19.60
N LEU B 821 3.45 17.36 19.29
CA LEU B 821 4.25 18.03 20.32
C LEU B 821 4.45 19.51 20.06
N GLY B 822 4.36 20.31 21.11
CA GLY B 822 4.37 21.77 20.97
C GLY B 822 3.34 22.23 19.97
N LYS B 823 3.80 23.05 19.03
CA LYS B 823 2.92 23.65 18.00
C LYS B 823 3.18 23.05 16.61
N ASP B 824 3.60 21.80 16.59
CA ASP B 824 4.05 21.13 15.36
C ASP B 824 2.89 20.25 14.90
N PRO B 825 2.44 20.42 13.65
CA PRO B 825 1.29 19.64 13.14
C PRO B 825 1.56 18.16 12.98
N ASN B 826 2.83 17.76 12.91
CA ASN B 826 3.18 16.33 12.72
C ASN B 826 2.85 15.43 13.87
N THR B 827 2.46 14.20 13.59
CA THR B 827 2.25 13.21 14.62
C THR B 827 3.36 12.21 14.56
N TYR B 828 3.95 11.89 15.71
CA TYR B 828 5.16 11.10 15.78
C TYR B 828 4.95 9.83 16.57
N PHE B 829 5.70 8.79 16.22
CA PHE B 829 5.92 7.65 17.09
C PHE B 829 7.11 7.96 17.93
N ILE B 830 7.06 7.65 19.21
CA ILE B 830 8.12 7.93 20.16
C ILE B 830 8.44 6.79 21.04
N VAL B 831 9.65 6.31 20.96
CA VAL B 831 10.06 5.10 21.68
C VAL B 831 10.96 5.47 22.84
N GLY B 832 10.71 4.82 24.00
CA GLY B 832 11.64 4.87 25.11
C GLY B 832 12.41 3.57 25.17
N THR B 833 13.74 3.65 25.20
CA THR B 833 14.57 2.44 25.31
C THR B 833 15.34 2.41 26.61
N ALA B 834 16.06 1.32 26.83
CA ALA B 834 17.06 1.23 27.93
C ALA B 834 18.13 0.27 27.49
N MET B 835 19.37 0.62 27.75
CA MET B 835 20.50 -0.17 27.35
C MET B 835 20.83 -1.17 28.44
N VAL B 836 20.72 -2.43 28.08
CA VAL B 836 20.71 -3.51 29.05
C VAL B 836 21.95 -4.34 28.90
N TYR B 837 22.81 -4.30 29.91
CA TYR B 837 23.89 -5.26 29.97
C TYR B 837 23.77 -6.15 31.18
N PRO B 838 24.14 -7.45 31.03
CA PRO B 838 24.11 -8.40 32.15
C PRO B 838 25.07 -8.03 33.33
N GLU B 839 26.22 -7.44 33.01
CA GLU B 839 27.19 -7.04 34.00
C GLU B 839 26.71 -5.84 34.79
N GLU B 840 25.91 -5.01 34.16
CA GLU B 840 25.42 -3.81 34.83
C GLU B 840 23.97 -3.99 35.25
N ALA B 841 23.70 -4.22 36.53
CA ALA B 841 22.37 -4.70 36.95
C ALA B 841 21.28 -3.65 36.83
N GLU B 842 21.60 -2.36 37.12
CA GLU B 842 20.70 -1.25 36.84
C GLU B 842 21.04 -0.52 35.52
N PRO B 843 20.02 -0.28 34.73
CA PRO B 843 20.17 0.49 33.50
C PRO B 843 20.76 1.92 33.71
N LYS B 844 21.83 2.19 32.97
CA LYS B 844 22.60 3.43 33.10
C LYS B 844 22.55 4.36 31.89
N GLN B 845 21.97 3.87 30.81
CA GLN B 845 21.77 4.67 29.60
C GLN B 845 20.62 4.17 28.73
N GLY B 846 19.98 5.10 28.04
CA GLY B 846 18.81 4.82 27.22
C GLY B 846 18.48 5.99 26.30
N ARG B 847 17.62 5.75 25.33
CA ARG B 847 17.28 6.73 24.33
C ARG B 847 15.82 7.13 24.43
N ILE B 848 15.51 8.40 24.09
CA ILE B 848 14.18 8.71 23.62
C ILE B 848 14.27 9.10 22.16
N VAL B 849 13.59 8.34 21.32
CA VAL B 849 13.70 8.46 19.87
C VAL B 849 12.39 8.96 19.35
N VAL B 850 12.43 9.89 18.43
CA VAL B 850 11.23 10.41 17.79
C VAL B 850 11.26 9.96 16.33
N PHE B 851 10.34 9.09 15.97
CA PHE B 851 10.17 8.66 14.58
C PHE B 851 9.01 9.43 13.92
N GLN B 852 8.97 9.33 12.62
CA GLN B 852 7.80 9.79 11.89
C GLN B 852 7.54 8.94 10.65
N TYR B 853 6.31 8.51 10.52
CA TYR B 853 5.91 7.71 9.39
C TYR B 853 5.07 8.54 8.39
N SER B 854 5.78 9.04 7.38
CA SER B 854 5.06 9.56 6.22
C SER B 854 5.60 8.94 4.94
N ASP B 855 4.83 9.11 3.87
CA ASP B 855 4.88 8.23 2.67
C ASP B 855 4.83 6.77 3.14
N GLY B 856 5.78 5.97 2.72
CA GLY B 856 5.84 4.58 3.16
C GLY B 856 7.06 4.41 4.02
N LYS B 857 7.61 5.53 4.46
CA LYS B 857 8.94 5.51 5.08
C LYS B 857 8.94 5.96 6.56
N LEU B 858 9.76 5.27 7.35
CA LEU B 858 9.95 5.63 8.72
C LEU B 858 11.24 6.43 8.86
N GLN B 859 11.13 7.72 9.19
CA GLN B 859 12.31 8.59 9.39
C GLN B 859 12.64 8.71 10.87
N THR B 860 13.92 8.71 11.21
CA THR B 860 14.31 8.94 12.61
C THR B 860 14.62 10.43 12.77
N VAL B 861 13.74 11.13 13.43
CA VAL B 861 13.68 12.57 13.41
C VAL B 861 14.52 13.20 14.50
N ALA B 862 14.55 12.58 15.68
CA ALA B 862 15.24 13.22 16.86
C ALA B 862 15.51 12.26 18.00
N GLU B 863 16.69 12.41 18.62
CA GLU B 863 17.12 11.50 19.69
C GLU B 863 17.34 12.26 20.95
N LYS B 864 17.31 11.56 22.09
CA LYS B 864 17.91 12.09 23.32
C LYS B 864 18.56 10.90 24.00
N GLU B 865 19.84 11.00 24.30
CA GLU B 865 20.44 10.04 25.24
C GLU B 865 20.07 10.50 26.64
N VAL B 866 19.94 9.55 27.56
CA VAL B 866 19.39 9.80 28.84
C VAL B 866 20.04 8.82 29.80
N LYS B 867 20.38 9.24 31.01
CA LYS B 867 21.33 8.43 31.80
C LYS B 867 20.55 7.39 32.61
N GLY B 868 19.75 6.59 31.89
CA GLY B 868 18.99 5.48 32.49
C GLY B 868 17.90 4.95 31.60
N ALA B 869 17.02 4.13 32.18
CA ALA B 869 15.91 3.52 31.40
C ALA B 869 14.73 4.43 31.29
N VAL B 870 14.07 4.38 30.14
CA VAL B 870 12.85 5.14 29.91
C VAL B 870 11.71 4.15 30.03
N TYR B 871 11.31 3.93 31.29
CA TYR B 871 10.24 2.99 31.63
C TYR B 871 8.87 3.41 31.08
N SER B 872 8.56 4.71 31.04
CA SER B 872 7.36 5.10 30.38
C SER B 872 7.44 6.46 29.75
N MET B 873 6.43 6.73 28.96
CA MET B 873 6.19 8.03 28.45
C MET B 873 4.70 8.26 28.35
N VAL B 874 4.37 9.52 28.34
CA VAL B 874 2.96 9.93 28.21
C VAL B 874 2.95 11.32 27.70
N GLU B 875 2.03 11.58 26.77
CA GLU B 875 1.88 12.91 26.18
C GLU B 875 1.27 13.80 27.26
N PHE B 876 1.84 14.98 27.49
CA PHE B 876 1.42 15.79 28.62
C PHE B 876 1.21 17.29 28.24
N ASN B 877 -0.03 17.62 27.82
CA ASN B 877 -0.38 18.96 27.37
C ASN B 877 0.44 19.48 26.18
N GLY B 878 0.79 18.59 25.26
CA GLY B 878 1.64 18.98 24.13
C GLY B 878 3.13 18.95 24.47
N LYS B 879 3.44 18.60 25.71
CA LYS B 879 4.83 18.33 26.11
C LYS B 879 4.98 16.83 26.27
N LEU B 880 6.24 16.35 26.31
CA LEU B 880 6.47 14.93 26.49
C LEU B 880 6.97 14.61 27.88
N LEU B 881 6.26 13.73 28.57
CA LEU B 881 6.56 13.42 29.91
C LEU B 881 7.09 12.02 29.94
N ALA B 882 8.30 11.86 30.46
CA ALA B 882 8.96 10.58 30.50
C ALA B 882 9.54 10.31 31.80
N SER B 883 9.47 9.05 32.16
CA SER B 883 10.01 8.58 33.43
C SER B 883 11.30 7.83 33.17
N ILE B 884 12.41 8.34 33.69
CA ILE B 884 13.68 7.69 33.49
C ILE B 884 14.20 7.31 34.87
N ASN B 885 14.34 6.04 35.13
CA ASN B 885 14.56 5.57 36.45
C ASN B 885 13.60 6.21 37.46
N SER B 886 14.17 6.86 38.46
CA SER B 886 13.40 7.42 39.51
C SER B 886 13.27 8.92 39.36
N THR B 887 13.36 9.39 38.12
CA THR B 887 13.19 10.76 37.77
C THR B 887 12.01 10.84 36.84
N VAL B 888 11.27 11.94 36.91
CA VAL B 888 10.27 12.23 35.93
C VAL B 888 10.71 13.48 35.25
N ARG B 889 10.62 13.46 33.94
CA ARG B 889 11.22 14.51 33.12
C ARG B 889 10.23 14.95 32.08
N LEU B 890 10.10 16.26 31.92
CA LEU B 890 9.13 16.82 31.02
C LEU B 890 9.88 17.58 29.92
N TYR B 891 9.59 17.27 28.64
CA TYR B 891 10.35 17.80 27.54
C TYR B 891 9.47 18.72 26.69
N GLU B 892 10.05 19.85 26.27
CA GLU B 892 9.40 20.72 25.30
C GLU B 892 9.93 20.40 23.88
N TRP B 893 9.02 20.49 22.89
CA TRP B 893 9.36 20.17 21.51
C TRP B 893 9.54 21.45 20.75
N THR B 894 10.79 21.73 20.40
CA THR B 894 11.18 23.00 19.80
C THR B 894 10.84 23.07 18.28
N THR B 895 11.17 24.18 17.65
CA THR B 895 11.06 24.26 16.20
C THR B 895 12.33 23.73 15.51
N GLU B 896 13.40 23.66 16.27
CA GLU B 896 14.62 23.06 15.77
C GLU B 896 14.43 21.56 15.76
N LYS B 897 13.26 21.12 16.24
CA LYS B 897 12.80 19.71 16.13
C LYS B 897 13.63 18.75 17.00
N GLU B 898 13.69 19.10 18.27
CA GLU B 898 14.47 18.40 19.25
C GLU B 898 13.75 18.62 20.59
N LEU B 899 14.05 17.73 21.54
CA LEU B 899 13.47 17.73 22.89
C LEU B 899 14.38 18.51 23.79
N ARG B 900 13.84 19.56 24.39
CA ARG B 900 14.61 20.38 25.37
C ARG B 900 13.98 20.29 26.75
N THR B 901 14.63 19.60 27.68
CA THR B 901 14.19 19.44 29.09
C THR B 901 13.68 20.72 29.70
N GLU B 902 12.42 20.74 30.11
CA GLU B 902 11.85 21.90 30.80
C GLU B 902 11.98 21.74 32.30
N CYS B 903 11.69 20.53 32.78
CA CYS B 903 11.82 20.24 34.22
C CYS B 903 11.98 18.77 34.55
N ASN B 904 12.35 18.54 35.80
CA ASN B 904 13.01 17.31 36.22
C ASN B 904 12.63 17.07 37.70
N HIS B 905 12.06 15.90 38.03
CA HIS B 905 11.54 15.69 39.37
C HIS B 905 12.00 14.33 39.94
N TYR B 906 12.67 14.36 41.07
CA TYR B 906 13.12 13.08 41.60
C TYR B 906 12.18 12.56 42.65
N ASN B 907 11.89 11.24 42.60
CA ASN B 907 10.99 10.65 43.57
C ASN B 907 11.77 9.53 44.30
N ASN B 908 11.19 9.05 45.38
CA ASN B 908 11.67 7.84 46.06
C ASN B 908 11.43 6.56 45.20
N ILE B 909 10.41 6.68 44.34
CA ILE B 909 9.94 5.54 43.62
C ILE B 909 10.46 5.65 42.21
N MET B 910 10.76 4.48 41.69
CA MET B 910 11.15 4.31 40.32
C MET B 910 9.85 4.55 39.64
N ALA B 911 9.81 5.31 38.55
CA ALA B 911 8.53 5.57 37.90
C ALA B 911 8.05 4.59 36.84
N LEU B 912 7.78 3.34 37.20
CA LEU B 912 7.32 2.40 36.20
C LEU B 912 5.99 2.70 35.58
N TYR B 913 5.00 3.09 36.36
CA TYR B 913 3.78 3.43 35.72
C TYR B 913 3.60 4.96 35.64
N LEU B 914 3.12 5.40 34.49
CA LEU B 914 2.78 6.77 34.30
C LEU B 914 1.45 6.87 33.64
N LYS B 915 0.64 7.75 34.17
CA LYS B 915 -0.64 8.09 33.56
C LYS B 915 -0.97 9.52 33.90
N THR B 916 -1.83 10.13 33.13
CA THR B 916 -2.18 11.51 33.38
C THR B 916 -3.59 11.87 33.03
N LYS B 917 -3.98 13.00 33.60
CA LYS B 917 -5.21 13.70 33.21
C LYS B 917 -5.02 15.12 33.60
N GLY B 918 -5.33 16.04 32.71
CA GLY B 918 -5.38 17.48 33.04
C GLY B 918 -4.00 17.90 33.46
N ASP B 919 -3.86 18.21 34.73
CA ASP B 919 -2.60 18.69 35.28
C ASP B 919 -1.89 17.61 36.11
N PHE B 920 -2.60 16.51 36.33
CA PHE B 920 -2.13 15.47 37.20
C PHE B 920 -1.31 14.46 36.50
N ILE B 921 -0.37 13.95 37.29
CA ILE B 921 0.37 12.80 36.94
C ILE B 921 0.30 11.71 38.02
N LEU B 922 -0.04 10.50 37.60
CA LEU B 922 -0.02 9.34 38.47
C LEU B 922 1.21 8.52 38.22
N VAL B 923 2.02 8.35 39.27
CA VAL B 923 3.26 7.60 39.22
C VAL B 923 3.17 6.38 40.08
N GLY B 924 3.65 5.24 39.58
CA GLY B 924 3.66 4.00 40.35
C GLY B 924 4.88 3.14 40.09
N ASP B 925 5.16 2.23 41.01
CA ASP B 925 6.24 1.28 40.87
C ASP B 925 5.76 -0.17 41.12
N LEU B 926 6.66 -1.12 40.86
CA LEU B 926 6.38 -2.54 41.02
C LEU B 926 5.81 -2.88 42.39
N MET B 927 6.14 -2.05 43.34
CA MET B 927 5.89 -2.28 44.75
C MET B 927 4.58 -1.69 45.20
N ARG B 928 3.87 -1.04 44.33
CA ARG B 928 2.54 -0.66 44.65
C ARG B 928 2.46 0.71 45.28
N SER B 929 3.57 1.41 45.29
CA SER B 929 3.62 2.73 45.81
C SER B 929 3.20 3.73 44.74
N VAL B 930 2.29 4.60 45.12
CA VAL B 930 1.73 5.57 44.22
C VAL B 930 2.00 7.01 44.64
N LEU B 931 2.11 7.85 43.65
CA LEU B 931 2.41 9.26 43.82
C LEU B 931 1.51 10.05 42.92
N LEU B 932 0.81 11.03 43.45
CA LEU B 932 0.13 12.02 42.65
C LEU B 932 1.00 13.22 42.47
N LEU B 933 1.20 13.69 41.22
CA LEU B 933 1.99 14.90 40.95
C LEU B 933 1.21 15.97 40.17
N ALA B 934 1.56 17.23 40.38
CA ALA B 934 0.91 18.32 39.68
C ALA B 934 1.88 19.30 39.01
N TYR B 935 1.72 19.49 37.72
CA TYR B 935 2.46 20.51 37.01
C TYR B 935 1.97 21.85 37.44
N LYS B 936 2.88 22.70 37.91
CA LYS B 936 2.55 24.07 38.28
C LYS B 936 3.03 25.06 37.22
N PRO B 937 2.11 25.47 36.32
CA PRO B 937 2.49 26.23 35.12
C PRO B 937 3.22 27.54 35.45
N MET B 938 2.84 28.19 36.54
CA MET B 938 3.41 29.45 36.95
C MET B 938 4.79 29.25 37.64
N GLU B 939 5.14 28.00 37.92
CA GLU B 939 6.45 27.72 38.49
C GLU B 939 7.33 26.87 37.62
N GLY B 940 6.79 26.27 36.58
CA GLY B 940 7.58 25.51 35.58
C GLY B 940 8.20 24.27 36.22
N ASN B 941 7.40 23.53 36.95
CA ASN B 941 7.86 22.75 38.06
C ASN B 941 6.84 21.71 38.46
N PHE B 942 7.26 20.70 39.21
CA PHE B 942 6.33 19.69 39.67
C PHE B 942 6.13 19.74 41.15
N GLU B 943 5.01 19.18 41.64
CA GLU B 943 4.65 19.30 43.05
C GLU B 943 3.91 18.03 43.46
N GLU B 944 4.38 17.39 44.53
CA GLU B 944 3.75 16.12 44.98
C GLU B 944 2.51 16.43 45.75
N ILE B 945 1.39 15.87 45.30
CA ILE B 945 0.07 16.17 45.84
C ILE B 945 -0.35 15.19 46.90
N ALA B 946 -0.23 13.91 46.58
CA ALA B 946 -0.49 12.84 47.55
C ALA B 946 0.38 11.65 47.27
N ARG B 947 0.41 10.71 48.20
CA ARG B 947 1.21 9.53 48.08
C ARG B 947 0.66 8.46 48.96
N ASP B 948 0.72 7.21 48.51
CA ASP B 948 0.46 6.06 49.36
C ASP B 948 1.37 4.85 49.13
N PHE B 949 2.32 4.66 50.03
CA PHE B 949 3.24 3.54 49.98
C PHE B 949 2.73 2.38 50.76
N ASN B 950 2.26 1.34 50.08
CA ASN B 950 1.58 0.23 50.76
C ASN B 950 2.02 -1.13 50.17
N PRO B 951 3.14 -1.68 50.65
CA PRO B 951 4.02 -2.53 49.82
C PRO B 951 3.44 -3.86 49.37
N ASN B 952 3.07 -3.94 48.10
CA ASN B 952 2.57 -5.16 47.49
C ASN B 952 2.86 -5.11 45.97
N TRP B 953 3.08 -6.27 45.35
CA TRP B 953 3.35 -6.28 43.91
C TRP B 953 2.17 -5.64 43.19
N MET B 954 2.50 -4.65 42.36
CA MET B 954 1.48 -3.95 41.56
C MET B 954 1.79 -4.14 40.10
N SER B 955 0.76 -4.40 39.30
CA SER B 955 0.96 -4.79 37.86
C SER B 955 0.49 -3.75 36.84
N ALA B 956 -0.33 -2.81 37.29
CA ALA B 956 -1.08 -1.92 36.43
C ALA B 956 -1.62 -0.81 37.34
N VAL B 957 -1.71 0.43 36.83
CA VAL B 957 -2.54 1.46 37.44
C VAL B 957 -3.31 2.22 36.38
N GLU B 958 -4.24 3.01 36.84
CA GLU B 958 -5.03 3.90 35.98
C GLU B 958 -5.67 5.00 36.77
N ILE B 959 -5.85 6.17 36.14
CA ILE B 959 -6.71 7.19 36.72
C ILE B 959 -8.18 6.97 36.33
N LEU B 960 -9.06 6.91 37.31
CA LEU B 960 -10.50 6.92 37.05
C LEU B 960 -11.03 8.32 36.89
N ASP B 961 -10.64 9.21 37.78
CA ASP B 961 -10.84 10.68 37.60
C ASP B 961 -9.94 11.44 38.56
N ASP B 962 -10.06 12.76 38.58
CA ASP B 962 -9.14 13.64 39.31
C ASP B 962 -8.78 13.09 40.71
N ASP B 963 -9.70 12.34 41.28
CA ASP B 963 -9.67 11.98 42.69
C ASP B 963 -9.54 10.48 42.96
N ASN B 964 -9.64 9.66 41.94
CA ASN B 964 -9.65 8.21 42.11
C ASN B 964 -8.71 7.45 41.19
N PHE B 965 -8.08 6.44 41.75
CA PHE B 965 -7.00 5.68 41.08
C PHE B 965 -7.21 4.20 41.17
N LEU B 966 -7.20 3.53 40.03
CA LEU B 966 -7.34 2.08 39.96
C LEU B 966 -5.98 1.43 39.90
N GLY B 967 -5.88 0.22 40.42
CA GLY B 967 -4.66 -0.55 40.38
C GLY B 967 -4.97 -2.01 40.37
N ALA B 968 -4.08 -2.80 39.79
CA ALA B 968 -4.07 -4.25 40.06
C ALA B 968 -2.94 -4.60 40.93
N GLU B 969 -3.22 -5.42 41.93
CA GLU B 969 -2.23 -5.70 42.98
C GLU B 969 -2.30 -7.12 43.53
N ASN B 970 -1.24 -7.52 44.22
CA ASN B 970 -0.90 -8.94 44.37
C ASN B 970 -1.96 -9.86 44.85
N ALA B 971 -1.93 -11.05 44.23
CA ALA B 971 -2.93 -12.12 44.37
C ALA B 971 -4.17 -11.69 43.63
N PHE B 972 -3.96 -11.18 42.41
CA PHE B 972 -5.03 -11.00 41.43
C PHE B 972 -6.16 -10.13 41.93
N ASN B 973 -5.77 -9.03 42.56
CA ASN B 973 -6.73 -8.10 43.17
C ASN B 973 -6.87 -6.86 42.31
N LEU B 974 -8.00 -6.14 42.50
CA LEU B 974 -8.09 -4.73 42.15
C LEU B 974 -8.12 -3.89 43.41
N PHE B 975 -7.67 -2.68 43.29
CA PHE B 975 -7.93 -1.70 44.31
C PHE B 975 -8.17 -0.32 43.84
N VAL B 976 -8.63 0.54 44.72
CA VAL B 976 -8.85 1.93 44.39
C VAL B 976 -8.35 2.82 45.49
N CYS B 977 -7.65 3.86 45.12
CA CYS B 977 -7.21 4.98 45.98
C CYS B 977 -8.10 6.20 45.72
N GLN B 978 -8.29 7.01 46.73
CA GLN B 978 -9.00 8.24 46.61
C GLN B 978 -8.33 9.41 47.19
N LYS B 979 -8.50 10.55 46.55
CA LYS B 979 -7.81 11.80 47.03
C LYS B 979 -8.32 12.23 48.39
N ASP B 980 -9.60 12.53 48.51
CA ASP B 980 -10.13 12.97 49.82
C ASP B 980 -10.35 11.75 50.73
N GLU B 987 -1.65 20.19 54.72
CA GLU B 987 -2.61 19.48 55.55
C GLU B 987 -2.33 17.95 55.50
N GLU B 988 -3.26 17.15 56.03
CA GLU B 988 -3.23 15.72 55.75
C GLU B 988 -4.10 15.29 54.61
N ARG B 989 -4.11 16.13 53.59
CA ARG B 989 -4.66 15.82 52.26
C ARG B 989 -3.63 15.27 51.29
N GLN B 990 -2.43 14.94 51.82
CA GLN B 990 -1.34 14.36 51.05
C GLN B 990 -1.30 12.85 51.23
N HIS B 991 -2.38 12.32 51.80
CA HIS B 991 -2.55 10.89 52.02
C HIS B 991 -3.66 10.44 51.07
N LEU B 992 -3.39 9.38 50.31
CA LEU B 992 -4.43 8.66 49.61
C LEU B 992 -5.10 7.60 50.44
N GLN B 993 -6.43 7.53 50.35
CA GLN B 993 -7.24 6.56 51.10
C GLN B 993 -7.60 5.35 50.23
N GLU B 994 -7.57 4.19 50.85
CA GLU B 994 -7.89 2.94 50.17
C GLU B 994 -9.40 2.66 50.25
N VAL B 995 -10.12 3.04 49.23
CA VAL B 995 -11.59 2.97 49.22
C VAL B 995 -12.21 1.78 48.52
N GLY B 996 -11.40 0.92 47.94
CA GLY B 996 -11.92 -0.23 47.19
C GLY B 996 -10.93 -1.36 47.14
N LEU B 997 -11.38 -2.56 47.43
CA LEU B 997 -10.63 -3.75 47.08
C LEU B 997 -11.51 -4.79 46.52
N PHE B 998 -10.94 -5.74 45.77
CA PHE B 998 -11.74 -6.76 45.06
C PHE B 998 -10.82 -7.85 44.55
N HIS B 999 -11.11 -9.12 44.87
CA HIS B 999 -10.28 -10.19 44.32
C HIS B 999 -10.82 -10.56 42.95
N LEU B 1000 -10.08 -10.17 41.92
CA LEU B 1000 -10.53 -10.35 40.53
C LEU B 1000 -10.43 -11.80 40.05
N GLY B 1001 -9.29 -12.45 40.28
CA GLY B 1001 -9.08 -13.81 39.79
C GLY B 1001 -8.24 -13.86 38.54
N GLU B 1002 -7.93 -12.68 37.99
CA GLU B 1002 -7.04 -12.51 36.85
C GLU B 1002 -5.91 -11.51 37.20
N PHE B 1003 -4.82 -11.61 36.44
CA PHE B 1003 -3.67 -10.74 36.61
C PHE B 1003 -3.74 -9.69 35.51
N VAL B 1004 -4.01 -8.45 35.90
CA VAL B 1004 -4.12 -7.36 34.98
C VAL B 1004 -2.78 -6.85 34.52
N ASN B 1005 -2.60 -6.78 33.18
CA ASN B 1005 -1.43 -6.17 32.58
C ASN B 1005 -1.68 -4.74 32.19
N VAL B 1006 -2.93 -4.41 31.80
CA VAL B 1006 -3.22 -3.09 31.33
C VAL B 1006 -4.63 -2.60 31.65
N PHE B 1007 -4.70 -1.32 31.96
CA PHE B 1007 -5.98 -0.58 31.96
C PHE B 1007 -5.95 0.36 30.81
N CYS B 1008 -7.12 0.66 30.28
CA CYS B 1008 -7.22 1.70 29.27
C CYS B 1008 -8.68 2.22 29.16
N HIS B 1009 -8.84 3.53 29.06
CA HIS B 1009 -10.11 4.15 28.85
C HIS B 1009 -10.70 3.75 27.52
N GLY B 1010 -11.97 3.40 27.50
CA GLY B 1010 -12.67 3.07 26.27
C GLY B 1010 -13.91 2.17 26.43
N SER B 1011 -14.76 2.12 25.40
CA SER B 1011 -15.92 1.23 25.44
C SER B 1011 -15.97 0.40 24.16
N LEU B 1012 -16.83 -0.63 24.13
CA LEU B 1012 -17.21 -1.30 22.86
C LEU B 1012 -18.73 -1.38 22.72
N VAL B 1013 -19.39 -0.26 22.82
CA VAL B 1013 -20.80 -0.16 22.37
C VAL B 1013 -20.81 1.31 22.15
N MET B 1014 -21.61 1.78 21.17
CA MET B 1014 -21.49 3.15 20.58
C MET B 1014 -21.87 4.29 21.63
N GLN B 1015 -21.60 5.59 21.30
CA GLN B 1015 -21.21 6.70 22.26
C GLN B 1015 -22.01 6.87 23.59
N ASN B 1016 -23.27 7.37 23.51
CA ASN B 1016 -24.25 7.58 24.68
C ASN B 1016 -24.45 9.07 25.06
N PRO B 1023 -26.58 6.67 34.38
CA PRO B 1023 -26.76 5.21 34.43
C PRO B 1023 -25.62 4.46 35.16
N THR B 1024 -24.39 4.48 34.54
CA THR B 1024 -22.97 4.12 35.04
C THR B 1024 -22.13 5.31 34.56
N GLN B 1025 -20.92 5.51 35.08
CA GLN B 1025 -20.16 6.71 34.65
C GLN B 1025 -18.73 6.39 34.26
N GLY B 1026 -18.36 6.74 33.02
CA GLY B 1026 -17.00 6.52 32.51
C GLY B 1026 -16.79 5.04 32.20
N SER B 1027 -15.57 4.69 31.78
CA SER B 1027 -15.28 3.33 31.45
C SER B 1027 -13.82 3.04 31.24
N VAL B 1028 -13.38 2.05 31.95
CA VAL B 1028 -12.01 1.54 31.82
C VAL B 1028 -12.09 0.07 31.49
N LEU B 1029 -11.38 -0.31 30.44
CA LEU B 1029 -11.22 -1.72 30.10
C LEU B 1029 -9.91 -2.23 30.62
N PHE B 1030 -9.85 -3.51 30.84
CA PHE B 1030 -8.62 -4.10 31.39
C PHE B 1030 -8.33 -5.44 30.81
N GLY B 1031 -7.04 -5.71 30.66
CA GLY B 1031 -6.57 -6.86 29.86
C GLY B 1031 -5.68 -7.66 30.73
N THR B 1032 -5.58 -8.95 30.43
CA THR B 1032 -5.23 -9.92 31.39
C THR B 1032 -4.31 -11.01 30.93
N VAL B 1033 -3.59 -11.64 31.82
CA VAL B 1033 -2.71 -12.75 31.45
C VAL B 1033 -3.47 -13.95 30.91
N ASN B 1034 -4.60 -14.24 31.53
CA ASN B 1034 -5.48 -15.35 31.15
C ASN B 1034 -6.29 -15.06 29.90
N GLY B 1035 -6.22 -13.82 29.44
CA GLY B 1035 -6.93 -13.42 28.22
C GLY B 1035 -8.35 -12.99 28.41
N MET B 1036 -8.64 -12.55 29.62
CA MET B 1036 -9.95 -12.03 29.97
C MET B 1036 -9.91 -10.52 29.71
N ILE B 1037 -11.01 -9.98 29.21
CA ILE B 1037 -11.14 -8.54 29.10
C ILE B 1037 -12.27 -8.13 29.96
N GLY B 1038 -12.03 -7.12 30.79
CA GLY B 1038 -12.98 -6.63 31.75
C GLY B 1038 -13.32 -5.18 31.54
N LEU B 1039 -14.27 -4.71 32.30
CA LEU B 1039 -14.65 -3.34 32.30
C LEU B 1039 -14.92 -2.87 33.75
N VAL B 1040 -14.50 -1.66 34.03
CA VAL B 1040 -14.70 -1.03 35.31
C VAL B 1040 -15.33 0.31 35.12
N THR B 1041 -16.30 0.64 35.95
CA THR B 1041 -16.98 1.93 35.81
C THR B 1041 -17.59 2.42 37.10
N SER B 1042 -17.89 3.70 37.17
CA SER B 1042 -18.36 4.30 38.39
C SER B 1042 -19.87 4.22 38.50
N LEU B 1043 -20.32 4.13 39.74
CA LEU B 1043 -21.75 4.15 40.05
C LEU B 1043 -21.99 5.27 41.02
N SER B 1044 -23.18 5.85 40.95
CA SER B 1044 -23.63 6.75 42.00
C SER B 1044 -23.88 5.95 43.29
N GLU B 1045 -23.67 6.60 44.43
CA GLU B 1045 -23.88 5.96 45.74
C GLU B 1045 -25.25 5.30 45.85
N SER B 1046 -26.26 5.84 45.16
CA SER B 1046 -27.58 5.26 45.12
C SER B 1046 -27.55 3.82 44.53
N TRP B 1047 -26.92 3.68 43.37
CA TRP B 1047 -26.82 2.38 42.72
C TRP B 1047 -25.90 1.42 43.43
N TYR B 1048 -24.82 1.91 43.99
CA TYR B 1048 -23.96 1.03 44.78
C TYR B 1048 -24.73 0.39 45.93
N ASN B 1049 -25.46 1.21 46.69
CA ASN B 1049 -26.30 0.69 47.78
C ASN B 1049 -27.28 -0.36 47.28
N LEU B 1050 -28.01 -0.04 46.22
CA LEU B 1050 -28.97 -1.02 45.65
C LEU B 1050 -28.31 -2.29 45.23
N LEU B 1051 -27.22 -2.22 44.49
CA LEU B 1051 -26.58 -3.42 43.96
C LEU B 1051 -25.90 -4.23 45.06
N LEU B 1052 -25.44 -3.57 46.12
CA LEU B 1052 -24.90 -4.31 47.27
C LEU B 1052 -25.96 -5.21 47.94
N ASP B 1053 -27.15 -4.66 48.15
CA ASP B 1053 -28.29 -5.45 48.61
C ASP B 1053 -28.50 -6.64 47.69
N MET B 1054 -28.51 -6.34 46.41
CA MET B 1054 -28.81 -7.30 45.36
C MET B 1054 -27.86 -8.46 45.37
N GLN B 1055 -26.58 -8.16 45.41
CA GLN B 1055 -25.53 -9.19 45.53
C GLN B 1055 -25.84 -10.20 46.63
N ASN B 1056 -26.18 -9.66 47.81
CA ASN B 1056 -26.44 -10.47 48.99
C ASN B 1056 -27.65 -11.35 48.81
N ARG B 1057 -28.65 -10.80 48.12
CA ARG B 1057 -29.90 -11.52 47.91
C ARG B 1057 -29.72 -12.54 46.81
N LEU B 1058 -28.98 -12.16 45.77
CA LEU B 1058 -28.61 -13.13 44.73
C LEU B 1058 -27.72 -14.24 45.27
N ASN B 1059 -26.95 -13.97 46.31
CA ASN B 1059 -26.13 -15.01 46.90
C ASN B 1059 -26.95 -16.11 47.57
N LYS B 1060 -28.08 -15.74 48.16
CA LYS B 1060 -28.98 -16.72 48.79
C LYS B 1060 -29.65 -17.65 47.75
N VAL B 1061 -29.80 -17.15 46.55
CA VAL B 1061 -30.59 -17.76 45.49
C VAL B 1061 -29.75 -18.62 44.51
N ILE B 1062 -28.61 -18.12 44.10
CA ILE B 1062 -27.80 -18.79 43.07
C ILE B 1062 -27.04 -19.98 43.67
N LYS B 1063 -27.04 -21.09 42.92
CA LYS B 1063 -26.25 -22.27 43.28
C LYS B 1063 -24.80 -22.10 42.81
N SER B 1064 -23.87 -22.17 43.74
CA SER B 1064 -22.46 -21.87 43.43
C SER B 1064 -21.66 -23.14 43.34
N VAL B 1065 -20.79 -23.28 42.34
CA VAL B 1065 -20.39 -24.61 41.87
C VAL B 1065 -19.78 -25.52 42.95
N GLY B 1066 -18.68 -25.10 43.57
CA GLY B 1066 -18.08 -25.91 44.62
C GLY B 1066 -18.68 -25.68 46.00
N LYS B 1067 -19.89 -25.13 46.02
CA LYS B 1067 -20.47 -24.46 47.22
C LYS B 1067 -19.49 -23.53 47.88
N ILE B 1068 -18.89 -22.64 47.09
CA ILE B 1068 -18.06 -21.55 47.60
C ILE B 1068 -18.87 -20.26 47.68
N GLU B 1069 -18.84 -19.63 48.84
CA GLU B 1069 -19.59 -18.40 49.06
C GLU B 1069 -18.97 -17.22 48.23
N HIS B 1070 -19.78 -16.64 47.36
CA HIS B 1070 -19.38 -15.50 46.55
C HIS B 1070 -18.48 -14.51 47.35
N SER B 1071 -18.91 -14.18 48.55
CA SER B 1071 -18.10 -13.22 49.22
C SER B 1071 -16.75 -13.70 49.72
N PHE B 1072 -16.58 -15.01 49.87
CA PHE B 1072 -15.27 -15.58 50.17
C PHE B 1072 -14.39 -15.40 48.99
N TRP B 1073 -14.95 -15.68 47.81
CA TRP B 1073 -14.25 -15.57 46.52
C TRP B 1073 -13.75 -14.20 46.25
N ARG B 1074 -14.64 -13.22 46.32
CA ARG B 1074 -14.31 -11.79 45.99
C ARG B 1074 -13.47 -11.08 47.03
N SER B 1075 -13.41 -11.67 48.22
CA SER B 1075 -12.67 -11.13 49.32
C SER B 1075 -11.20 -10.95 48.95
N PHE B 1076 -10.72 -9.73 49.13
CA PHE B 1076 -9.36 -9.35 48.80
C PHE B 1076 -8.38 -10.30 49.45
N HIS B 1077 -7.45 -10.84 48.66
CA HIS B 1077 -6.59 -11.94 49.08
C HIS B 1077 -5.08 -11.70 48.85
N THR B 1078 -4.25 -12.21 49.76
CA THR B 1078 -2.81 -12.33 49.47
C THR B 1078 -2.25 -13.70 49.82
N LYS B 1081 -2.60 -11.74 54.20
CA LYS B 1081 -3.79 -10.88 54.45
C LYS B 1081 -5.02 -11.35 53.68
N THR B 1082 -6.17 -11.20 54.35
CA THR B 1082 -7.51 -11.42 53.73
C THR B 1082 -8.54 -10.52 54.37
N GLU B 1083 -9.27 -9.81 53.52
CA GLU B 1083 -10.29 -8.85 53.93
C GLU B 1083 -11.49 -9.00 53.01
N PRO B 1084 -12.70 -8.68 53.50
CA PRO B 1084 -13.86 -8.60 52.60
C PRO B 1084 -13.74 -7.59 51.49
N ALA B 1085 -14.38 -7.87 50.36
CA ALA B 1085 -14.32 -7.01 49.18
C ALA B 1085 -15.05 -5.73 49.54
N THR B 1086 -14.70 -4.62 48.88
CA THR B 1086 -15.36 -3.39 49.14
C THR B 1086 -15.21 -2.38 48.01
N GLY B 1087 -16.26 -1.54 47.92
CA GLY B 1087 -16.38 -0.50 46.89
C GLY B 1087 -16.35 -1.00 45.47
N PHE B 1088 -16.56 -2.29 45.29
CA PHE B 1088 -16.73 -2.89 43.99
C PHE B 1088 -18.01 -3.73 43.98
N ILE B 1089 -18.74 -3.67 42.87
CA ILE B 1089 -19.87 -4.54 42.60
C ILE B 1089 -19.58 -5.52 41.45
N ASP B 1090 -19.71 -6.80 41.77
CA ASP B 1090 -19.47 -7.85 40.82
C ASP B 1090 -20.59 -7.99 39.82
N GLY B 1091 -20.46 -7.27 38.71
CA GLY B 1091 -21.45 -7.25 37.64
C GLY B 1091 -21.65 -8.60 37.05
N ASP B 1092 -20.65 -9.47 37.15
CA ASP B 1092 -20.79 -10.85 36.70
C ASP B 1092 -21.92 -11.50 37.49
N LEU B 1093 -21.91 -11.27 38.81
CA LEU B 1093 -22.99 -11.75 39.67
C LEU B 1093 -24.34 -11.05 39.46
N ILE B 1094 -24.34 -9.72 39.37
CA ILE B 1094 -25.58 -8.98 39.12
C ILE B 1094 -26.27 -9.45 37.85
N GLU B 1095 -25.51 -9.66 36.79
CA GLU B 1095 -26.07 -9.97 35.47
C GLU B 1095 -26.68 -11.34 35.42
N SER B 1096 -26.24 -12.27 36.28
CA SER B 1096 -26.87 -13.58 36.37
C SER B 1096 -28.30 -13.51 36.90
N PHE B 1097 -28.72 -12.41 37.49
CA PHE B 1097 -30.14 -12.17 37.82
C PHE B 1097 -31.07 -12.60 36.68
N LEU B 1098 -30.61 -12.33 35.47
CA LEU B 1098 -31.43 -12.54 34.26
C LEU B 1098 -31.61 -14.00 33.91
N ASP B 1099 -30.73 -14.85 34.40
CA ASP B 1099 -30.77 -16.25 34.05
C ASP B 1099 -31.60 -17.13 35.01
N ILE B 1100 -31.93 -16.63 36.19
CA ILE B 1100 -32.71 -17.40 37.18
C ILE B 1100 -34.21 -17.44 36.81
N SER B 1101 -34.96 -18.37 37.39
CA SER B 1101 -36.38 -18.53 37.06
C SER B 1101 -37.22 -17.39 37.64
N ARG B 1102 -38.35 -17.12 37.00
CA ARG B 1102 -39.26 -16.09 37.47
C ARG B 1102 -39.55 -16.14 38.98
N PRO B 1103 -39.79 -17.33 39.56
CA PRO B 1103 -39.96 -17.41 41.03
C PRO B 1103 -38.71 -16.98 41.83
N LYS B 1104 -37.53 -17.26 41.29
CA LYS B 1104 -36.29 -16.83 41.91
C LYS B 1104 -36.08 -15.31 41.81
N MET B 1105 -36.46 -14.71 40.69
CA MET B 1105 -36.47 -13.25 40.53
C MET B 1105 -37.30 -12.58 41.62
N GLN B 1106 -38.45 -13.15 41.92
CA GLN B 1106 -39.33 -12.59 42.95
C GLN B 1106 -38.81 -12.85 44.35
N GLU B 1107 -38.26 -14.03 44.58
CA GLU B 1107 -37.53 -14.32 45.81
C GLU B 1107 -36.60 -13.16 46.12
N VAL B 1108 -35.74 -12.83 45.16
CA VAL B 1108 -34.69 -11.83 45.29
C VAL B 1108 -35.19 -10.41 45.58
N VAL B 1109 -36.28 -10.01 44.93
CA VAL B 1109 -36.78 -8.64 45.08
C VAL B 1109 -37.76 -8.44 46.27
N ALA B 1110 -37.87 -9.47 47.12
CA ALA B 1110 -39.05 -9.65 48.01
C ALA B 1110 -39.34 -8.47 48.89
N ASN B 1111 -38.33 -8.03 49.60
CA ASN B 1111 -38.51 -6.92 50.58
C ASN B 1111 -37.52 -5.78 50.31
N LEU B 1112 -37.75 -5.12 49.16
CA LEU B 1112 -36.90 -4.04 48.69
C LEU B 1112 -37.72 -2.77 48.49
N GLN B 1113 -37.17 -1.63 48.90
CA GLN B 1113 -37.66 -0.32 48.44
C GLN B 1113 -36.88 0.13 47.22
N TYR B 1114 -37.55 0.09 46.06
CA TYR B 1114 -37.00 0.60 44.81
C TYR B 1114 -37.07 2.13 44.83
N ASP B 1115 -36.25 2.83 44.05
CA ASP B 1115 -35.95 4.25 44.37
C ASP B 1115 -36.18 5.27 43.22
N ASP B 1116 -37.30 5.97 43.27
CA ASP B 1116 -37.65 6.95 42.24
C ASP B 1116 -38.82 7.78 42.74
N GLY B 1117 -38.60 9.08 42.96
CA GLY B 1117 -39.69 10.00 43.29
C GLY B 1117 -40.20 9.79 44.70
N LYS B 1121 -40.55 6.05 46.51
CA LYS B 1121 -40.00 4.73 46.91
C LYS B 1121 -41.12 3.73 47.25
N ARG B 1122 -40.90 2.44 46.96
CA ARG B 1122 -41.95 1.41 47.16
C ARG B 1122 -41.53 -0.02 46.73
N GLU B 1123 -42.40 -0.97 47.06
CA GLU B 1123 -42.06 -2.40 47.03
C GLU B 1123 -41.54 -2.81 45.67
N ALA B 1124 -40.29 -3.22 45.60
CA ALA B 1124 -39.61 -3.51 44.33
C ALA B 1124 -40.09 -4.78 43.68
N THR B 1125 -40.26 -4.75 42.36
CA THR B 1125 -40.77 -5.90 41.62
C THR B 1125 -39.64 -6.53 40.78
N ALA B 1126 -39.83 -7.80 40.42
CA ALA B 1126 -38.94 -8.47 39.48
C ALA B 1126 -38.71 -7.68 38.20
N ASP B 1127 -39.75 -6.95 37.76
CA ASP B 1127 -39.67 -6.16 36.51
C ASP B 1127 -38.83 -4.89 36.64
N ASP B 1128 -38.89 -4.23 37.80
CA ASP B 1128 -38.01 -3.09 38.10
C ASP B 1128 -36.56 -3.53 38.05
N LEU B 1129 -36.27 -4.71 38.58
CA LEU B 1129 -34.92 -5.23 38.52
C LEU B 1129 -34.52 -5.71 37.15
N ILE B 1130 -35.43 -6.39 36.44
CA ILE B 1130 -35.10 -6.90 35.10
C ILE B 1130 -34.67 -5.77 34.18
N LYS B 1131 -35.31 -4.62 34.29
CA LYS B 1131 -34.96 -3.46 33.49
C LYS B 1131 -33.70 -2.77 34.01
N VAL B 1132 -33.49 -2.79 35.33
CA VAL B 1132 -32.25 -2.23 35.86
C VAL B 1132 -31.01 -3.02 35.40
N VAL B 1133 -31.04 -4.34 35.55
CA VAL B 1133 -29.93 -5.21 35.15
C VAL B 1133 -29.68 -5.19 33.64
N GLU B 1134 -30.73 -4.98 32.86
CA GLU B 1134 -30.60 -4.94 31.39
C GLU B 1134 -29.89 -3.66 30.93
N GLU B 1135 -30.24 -2.53 31.54
CA GLU B 1135 -29.49 -1.27 31.31
C GLU B 1135 -28.03 -1.53 31.61
N LEU B 1136 -27.79 -2.39 32.59
CA LEU B 1136 -26.45 -2.68 33.05
C LEU B 1136 -25.71 -3.56 32.06
N THR B 1137 -26.42 -4.47 31.42
CA THR B 1137 -25.75 -5.36 30.47
C THR B 1137 -25.29 -4.58 29.24
N ARG B 1138 -25.89 -3.40 29.02
CA ARG B 1138 -25.68 -2.62 27.82
C ARG B 1138 -24.43 -1.75 27.90
N ILE B 1139 -23.58 -1.91 28.93
CA ILE B 1139 -22.32 -1.18 28.94
C ILE B 1139 -21.16 -1.96 28.33
N HIS B 1140 -21.40 -3.16 27.80
CA HIS B 1140 -20.46 -3.77 26.84
C HIS B 1140 -21.26 -4.59 25.91
N ASN C 12 47.29 -7.21 60.60
CA ASN C 12 45.87 -6.87 60.95
C ASN C 12 45.48 -7.37 62.35
N PHE C 13 44.23 -7.11 62.73
CA PHE C 13 43.77 -7.17 64.14
C PHE C 13 42.43 -7.92 64.22
N ASP C 14 42.08 -8.38 65.42
CA ASP C 14 40.95 -9.31 65.58
C ASP C 14 39.58 -8.59 65.51
N THR C 15 38.90 -8.80 64.39
CA THR C 15 37.66 -8.03 64.08
C THR C 15 36.45 -8.37 64.96
N SER C 16 36.55 -9.43 65.76
CA SER C 16 35.47 -9.82 66.70
C SER C 16 35.57 -9.07 68.04
N LEU C 17 36.73 -8.45 68.28
CA LEU C 17 37.00 -7.78 69.55
C LEU C 17 36.12 -6.51 69.78
N PRO C 18 35.98 -5.66 68.75
CA PRO C 18 35.25 -4.39 68.99
C PRO C 18 33.77 -4.61 69.23
N THR C 19 33.17 -5.62 68.60
CA THR C 19 31.74 -5.90 68.74
C THR C 19 31.34 -6.53 70.09
N SER C 20 32.33 -7.08 70.80
CA SER C 20 32.12 -7.68 72.12
C SER C 20 32.34 -6.70 73.28
N HIS C 21 32.66 -5.45 72.96
CA HIS C 21 32.74 -4.34 73.92
C HIS C 21 33.52 -4.64 75.17
N THR C 22 34.73 -5.17 74.97
CA THR C 22 35.55 -5.65 76.07
C THR C 22 35.95 -4.50 77.02
N TYR C 23 35.91 -3.26 76.51
CA TYR C 23 36.22 -2.05 77.27
C TYR C 23 35.22 -1.75 78.41
N LEU C 24 34.18 -2.56 78.51
CA LEU C 24 33.13 -2.35 79.46
C LEU C 24 33.37 -3.11 80.74
N GLY C 25 34.29 -4.05 80.70
CA GLY C 25 34.47 -4.95 81.81
C GLY C 25 34.44 -6.40 81.44
N ALA C 26 35.06 -7.21 82.28
CA ALA C 26 35.60 -8.47 81.81
C ALA C 26 34.53 -9.53 81.56
N ASP C 27 33.69 -9.72 82.56
CA ASP C 27 32.51 -10.54 82.43
C ASP C 27 31.22 -9.83 82.94
N MET C 28 30.16 -9.96 82.14
CA MET C 28 28.86 -9.58 82.60
C MET C 28 28.02 -10.84 82.56
N GLU C 29 26.99 -10.89 83.39
CA GLU C 29 25.99 -11.98 83.33
C GLU C 29 25.30 -11.94 81.96
N GLU C 30 25.22 -13.10 81.31
CA GLU C 30 24.70 -13.19 79.94
C GLU C 30 23.31 -13.83 79.94
N PHE C 31 22.50 -13.43 78.96
CA PHE C 31 21.11 -13.88 78.90
C PHE C 31 20.87 -14.42 77.49
N HIS C 32 20.60 -15.74 77.43
CA HIS C 32 20.28 -16.40 76.17
C HIS C 32 18.84 -16.00 75.74
N GLY C 33 18.79 -15.04 74.84
CA GLY C 33 17.61 -14.84 74.01
C GLY C 33 16.43 -14.13 74.67
N ARG C 34 15.35 -14.88 74.95
CA ARG C 34 14.39 -15.43 73.94
C ARG C 34 13.06 -14.74 73.58
N THR C 35 12.88 -13.51 73.99
CA THR C 35 11.54 -12.93 74.08
C THR C 35 11.22 -12.09 72.85
N LEU C 36 10.33 -12.60 71.97
CA LEU C 36 9.70 -11.77 70.93
C LEU C 36 8.19 -11.78 71.09
N HIS C 37 7.57 -10.60 70.91
CA HIS C 37 6.14 -10.41 71.10
C HIS C 37 5.48 -10.46 69.73
N ASP C 38 4.38 -11.17 69.65
CA ASP C 38 3.79 -11.45 68.33
C ASP C 38 3.10 -10.21 67.71
N ASP C 39 2.99 -10.22 66.39
CA ASP C 39 2.86 -8.97 65.65
C ASP C 39 1.48 -8.29 65.85
N ASP C 40 1.52 -6.99 65.71
CA ASP C 40 0.36 -6.07 65.85
C ASP C 40 -0.15 -5.91 67.29
N SER C 41 0.49 -6.61 68.23
CA SER C 41 0.11 -6.59 69.63
C SER C 41 0.25 -5.18 70.26
N CYS C 42 -0.39 -5.00 71.42
CA CYS C 42 -0.22 -3.79 72.21
C CYS C 42 0.50 -4.09 73.50
N GLN C 43 1.69 -3.52 73.62
CA GLN C 43 2.56 -3.74 74.75
C GLN C 43 2.85 -2.42 75.47
N VAL C 44 3.19 -2.54 76.75
CA VAL C 44 3.78 -1.44 77.46
C VAL C 44 5.26 -1.73 77.72
N ILE C 45 6.10 -0.85 77.22
CA ILE C 45 7.55 -0.95 77.46
C ILE C 45 8.12 0.32 78.14
N PRO C 46 8.95 0.15 79.18
CA PRO C 46 9.74 1.27 79.69
C PRO C 46 10.65 1.91 78.67
N VAL C 47 10.80 3.22 78.70
CA VAL C 47 11.80 3.92 77.87
C VAL C 47 12.75 4.63 78.73
N LEU C 48 14.06 4.32 78.65
CA LEU C 48 15.06 5.09 79.47
C LEU C 48 15.32 6.47 78.96
N PRO C 49 15.39 7.40 79.85
CA PRO C 49 15.57 8.78 79.54
C PRO C 49 17.05 9.12 79.14
N GLN C 50 17.17 10.10 78.30
CA GLN C 50 18.52 10.51 77.86
C GLN C 50 19.07 9.64 76.77
N VAL C 51 18.47 8.49 76.49
CA VAL C 51 19.04 7.70 75.41
C VAL C 51 18.37 8.20 74.19
N MET C 52 19.12 8.74 73.26
CA MET C 52 18.54 9.25 72.05
C MET C 52 19.33 8.72 70.93
N MET C 53 18.72 7.84 70.15
CA MET C 53 19.41 7.11 69.12
C MET C 53 18.29 6.36 68.43
N ILE C 54 18.39 6.17 67.13
CA ILE C 54 17.33 5.49 66.45
C ILE C 54 17.84 4.11 66.22
N LEU C 55 17.24 3.13 66.88
CA LEU C 55 17.92 1.85 67.08
C LEU C 55 17.35 0.82 66.09
N ILE C 56 18.21 -0.02 65.52
CA ILE C 56 17.80 -0.88 64.44
C ILE C 56 17.85 -2.33 64.89
N PRO C 57 16.82 -3.10 64.55
CA PRO C 57 16.83 -4.53 64.77
C PRO C 57 18.17 -5.16 64.42
N GLY C 58 18.71 -5.91 65.37
CA GLY C 58 19.99 -6.61 65.16
C GLY C 58 21.19 -5.81 65.55
N GLN C 59 21.04 -4.48 65.64
CA GLN C 59 22.14 -3.59 66.02
C GLN C 59 22.45 -3.81 67.47
N THR C 60 23.71 -3.67 67.85
CA THR C 60 24.02 -3.77 69.23
C THR C 60 24.12 -2.38 69.87
N LEU C 61 23.66 -2.27 71.12
CA LEU C 61 23.63 -1.00 71.85
C LEU C 61 24.27 -1.18 73.25
N PRO C 62 25.41 -0.51 73.50
CA PRO C 62 25.99 -0.54 74.80
C PRO C 62 25.53 0.70 75.61
N LEU C 63 25.37 0.52 76.93
CA LEU C 63 24.89 1.56 77.78
C LEU C 63 25.66 1.67 79.10
N GLN C 64 25.67 2.87 79.68
CA GLN C 64 26.17 3.05 81.03
C GLN C 64 25.29 3.99 81.78
N LEU C 65 24.74 3.46 82.86
CA LEU C 65 23.67 4.16 83.59
C LEU C 65 24.14 4.63 84.97
N PHE C 66 23.83 5.88 85.29
CA PHE C 66 24.41 6.53 86.47
C PHE C 66 23.32 6.95 87.48
N HIS C 67 22.22 7.45 86.95
CA HIS C 67 21.14 7.90 87.82
C HIS C 67 20.37 6.74 88.36
N PRO C 68 20.08 6.79 89.68
CA PRO C 68 19.41 5.68 90.30
C PRO C 68 18.04 5.48 89.69
N GLN C 69 17.42 6.56 89.11
CA GLN C 69 16.21 6.37 88.30
C GLN C 69 16.37 5.27 87.29
N GLU C 70 17.31 5.46 86.35
CA GLU C 70 17.63 4.47 85.32
C GLU C 70 18.05 3.13 85.97
N VAL C 71 18.98 3.20 86.91
CA VAL C 71 19.57 2.04 87.56
C VAL C 71 18.53 1.12 88.24
N SER C 72 17.44 1.73 88.70
CA SER C 72 16.29 0.98 89.22
C SER C 72 15.55 0.27 88.11
N MET C 73 15.20 1.03 87.10
CA MET C 73 14.42 0.58 86.01
C MET C 73 14.98 -0.71 85.36
N VAL C 74 16.30 -0.78 85.25
CA VAL C 74 17.03 -1.87 84.67
C VAL C 74 17.12 -3.08 85.60
N ARG C 75 17.56 -2.81 86.83
CA ARG C 75 17.74 -3.85 87.85
C ARG C 75 16.47 -4.72 87.92
N ASN C 76 15.31 -4.08 87.90
CA ASN C 76 14.03 -4.78 87.85
C ASN C 76 13.63 -5.31 86.47
N LEU C 77 14.07 -4.62 85.43
CA LEU C 77 13.83 -5.07 84.05
C LEU C 77 14.44 -6.44 83.83
N ILE C 78 15.61 -6.67 84.42
CA ILE C 78 16.27 -7.94 84.29
C ILE C 78 15.42 -9.11 84.77
N GLN C 79 14.71 -8.90 85.85
CA GLN C 79 13.93 -9.97 86.39
C GLN C 79 12.87 -10.44 85.45
N LYS C 80 12.19 -9.50 84.81
CA LYS C 80 11.13 -9.90 83.91
C LYS C 80 11.55 -9.98 82.45
N ASP C 81 11.03 -9.06 81.65
CA ASP C 81 11.25 -8.99 80.22
C ASP C 81 12.65 -8.76 79.71
N ARG C 82 13.42 -7.97 80.43
CA ARG C 82 14.72 -7.57 79.88
C ARG C 82 14.73 -6.62 78.68
N THR C 83 13.53 -6.27 78.19
CA THR C 83 13.40 -5.38 77.03
C THR C 83 12.80 -4.08 77.42
N PHE C 84 13.40 -3.04 76.89
CA PHE C 84 12.97 -1.67 77.08
C PHE C 84 12.85 -1.04 75.71
N ALA C 85 12.33 0.18 75.67
CA ALA C 85 11.90 0.80 74.44
C ALA C 85 12.82 2.00 74.08
N VAL C 86 13.20 2.05 72.81
CA VAL C 86 14.03 3.12 72.33
C VAL C 86 13.28 3.87 71.28
N LEU C 87 13.30 5.21 71.32
CA LEU C 87 12.42 6.01 70.49
C LEU C 87 13.18 6.74 69.36
N ALA C 88 12.58 6.75 68.19
CA ALA C 88 12.92 7.65 67.13
C ALA C 88 12.22 9.01 67.42
N TYR C 89 13.03 10.03 67.54
CA TYR C 89 12.55 11.39 67.54
C TYR C 89 13.14 12.05 66.27
N SER C 90 12.30 12.63 65.38
CA SER C 90 12.72 13.84 64.60
C SER C 90 12.95 14.95 65.68
N ASN C 91 14.05 15.68 65.67
CA ASN C 91 14.26 16.65 66.72
C ASN C 91 13.08 17.58 66.79
N VAL C 92 12.43 17.73 65.67
CA VAL C 92 11.27 18.60 65.62
C VAL C 92 10.16 18.08 66.53
N GLN C 93 10.15 16.80 66.82
CA GLN C 93 9.06 16.22 67.59
C GLN C 93 8.85 16.85 68.95
N GLU C 94 9.92 17.15 69.67
CA GLU C 94 9.75 17.77 70.98
C GLU C 94 8.82 16.91 71.81
N ARG C 95 9.09 15.62 71.81
CA ARG C 95 8.37 14.61 72.59
C ARG C 95 7.22 13.84 71.97
N GLU C 96 6.78 14.21 70.78
CA GLU C 96 5.72 13.44 70.16
C GLU C 96 6.46 12.32 69.48
N ALA C 97 7.00 11.40 70.26
CA ALA C 97 7.74 10.27 69.64
C ALA C 97 6.71 9.32 69.06
N GLN C 98 6.94 8.83 67.84
CA GLN C 98 5.84 8.18 67.07
C GLN C 98 6.19 6.78 66.61
N PHE C 99 7.48 6.51 66.48
CA PHE C 99 7.97 5.13 66.21
C PHE C 99 9.23 4.86 67.04
N GLY C 100 9.61 3.58 67.09
CA GLY C 100 10.81 3.15 67.83
C GLY C 100 11.16 1.69 67.70
N THR C 101 11.94 1.18 68.62
CA THR C 101 12.52 -0.17 68.50
C THR C 101 12.74 -0.81 69.89
N THR C 102 12.32 -2.06 70.06
CA THR C 102 12.58 -2.79 71.29
C THR C 102 14.06 -3.15 71.31
N ALA C 103 14.69 -2.96 72.47
CA ALA C 103 16.01 -3.47 72.69
C ALA C 103 15.97 -4.38 73.88
N GLU C 104 16.62 -5.51 73.76
CA GLU C 104 16.58 -6.63 74.71
C GLU C 104 17.93 -6.76 75.33
N ILE C 105 18.02 -6.78 76.68
CA ILE C 105 19.31 -6.89 77.29
C ILE C 105 19.85 -8.31 77.26
N TYR C 106 21.04 -8.47 76.70
CA TYR C 106 21.71 -9.79 76.62
C TYR C 106 22.93 -9.91 77.53
N ALA C 107 23.34 -8.80 78.11
CA ALA C 107 24.49 -8.82 79.00
C ALA C 107 24.26 -7.72 80.01
N TYR C 108 24.74 -7.90 81.22
CA TYR C 108 24.55 -6.88 82.22
C TYR C 108 25.54 -7.01 83.34
N ARG C 109 25.93 -5.89 83.94
CA ARG C 109 26.85 -5.90 85.05
C ARG C 109 26.50 -4.71 85.89
N GLU C 110 26.59 -4.86 87.20
CA GLU C 110 26.25 -3.77 88.13
C GLU C 110 27.41 -3.56 89.09
N GLU C 111 28.26 -2.58 88.80
CA GLU C 111 29.36 -2.28 89.67
C GLU C 111 29.09 -1.10 90.57
N GLN C 112 29.45 -1.28 91.82
CA GLN C 112 29.64 -0.13 92.75
C GLN C 112 31.05 -0.07 93.31
N ASP C 113 32.04 -0.07 92.43
CA ASP C 113 33.44 -0.10 92.83
C ASP C 113 33.93 1.29 93.13
N PHE C 114 33.87 2.14 92.10
CA PHE C 114 34.30 3.55 92.23
C PHE C 114 33.56 4.08 93.41
N GLY C 115 32.31 3.62 93.63
CA GLY C 115 31.47 4.21 94.70
C GLY C 115 30.53 5.31 94.17
N ILE C 116 30.04 5.10 92.98
CA ILE C 116 28.64 5.36 92.73
C ILE C 116 28.32 4.08 91.99
N GLU C 117 27.07 3.65 92.11
CA GLU C 117 26.62 2.40 91.45
C GLU C 117 26.43 2.72 90.00
N ILE C 118 26.93 1.83 89.17
CA ILE C 118 27.00 2.08 87.71
C ILE C 118 26.46 0.80 87.11
N VAL C 119 25.62 0.91 86.09
CA VAL C 119 25.12 -0.24 85.41
C VAL C 119 25.49 -0.16 83.94
N LYS C 120 26.24 -1.17 83.47
CA LYS C 120 26.61 -1.27 82.08
C LYS C 120 25.83 -2.44 81.48
N VAL C 121 25.17 -2.19 80.35
CA VAL C 121 24.45 -3.21 79.66
C VAL C 121 24.74 -3.23 78.16
N LYS C 122 24.56 -4.39 77.58
CA LYS C 122 24.59 -4.58 76.14
C LYS C 122 23.24 -5.05 75.66
N ALA C 123 22.49 -4.19 74.98
CA ALA C 123 21.22 -4.57 74.38
C ALA C 123 21.31 -4.75 72.88
N ILE C 124 20.35 -5.43 72.30
CA ILE C 124 20.27 -5.65 70.87
C ILE C 124 18.86 -5.31 70.40
N GLY C 125 18.75 -4.48 69.36
CA GLY C 125 17.45 -4.10 68.82
C GLY C 125 16.65 -5.29 68.29
N ARG C 126 15.38 -5.36 68.66
CA ARG C 126 14.56 -6.51 68.31
C ARG C 126 13.40 -6.18 67.37
N GLN C 127 12.46 -5.36 67.82
CA GLN C 127 11.24 -5.12 67.01
C GLN C 127 10.92 -3.65 66.80
N ARG C 128 10.28 -3.37 65.69
CA ARG C 128 9.79 -2.02 65.45
C ARG C 128 8.36 -1.88 65.96
N PHE C 129 8.09 -0.72 66.54
CA PHE C 129 6.75 -0.41 66.97
C PHE C 129 6.28 0.98 66.61
N LYS C 130 4.97 1.14 66.71
CA LYS C 130 4.29 2.43 66.61
C LYS C 130 3.90 2.86 68.01
N VAL C 131 4.16 4.13 68.30
CA VAL C 131 3.73 4.73 69.58
C VAL C 131 2.25 5.04 69.51
N LEU C 132 1.54 4.61 70.53
CA LEU C 132 0.13 4.98 70.71
C LEU C 132 0.02 6.10 71.74
N GLU C 133 0.37 5.79 73.00
CA GLU C 133 0.45 6.76 74.08
C GLU C 133 1.79 6.73 74.82
N LEU C 134 2.09 7.83 75.49
CA LEU C 134 3.23 7.94 76.42
C LEU C 134 2.79 8.43 77.80
N ARG C 135 2.87 7.54 78.79
CA ARG C 135 2.61 7.90 80.22
C ARG C 135 3.92 8.04 81.02
N THR C 136 3.97 9.01 81.95
CA THR C 136 5.24 9.42 82.58
C THR C 136 5.35 9.09 84.10
N GLN C 137 5.60 7.81 84.40
CA GLN C 137 6.00 7.43 85.77
C GLN C 137 6.83 8.65 86.29
N SER C 138 6.48 9.18 87.48
CA SER C 138 7.11 10.44 87.95
C SER C 138 8.54 10.24 88.32
N ASP C 139 9.00 8.99 88.19
CA ASP C 139 10.43 8.58 88.33
C ASP C 139 11.33 8.92 87.08
N GLY C 140 10.92 9.95 86.33
CA GLY C 140 11.72 10.45 85.24
C GLY C 140 11.73 9.44 84.09
N ILE C 141 11.00 8.34 84.25
CA ILE C 141 10.95 7.30 83.25
C ILE C 141 9.59 7.33 82.57
N GLN C 142 9.61 7.10 81.25
CA GLN C 142 8.38 6.80 80.50
C GLN C 142 8.07 5.34 80.46
N GLN C 143 6.78 5.02 80.45
CA GLN C 143 6.32 3.71 79.99
C GLN C 143 5.35 3.96 78.80
N ALA C 144 5.68 3.29 77.70
CA ALA C 144 5.15 3.60 76.37
C ALA C 144 4.15 2.54 75.88
N LYS C 145 2.91 2.98 75.56
CA LYS C 145 1.92 2.16 74.98
C LYS C 145 2.20 2.00 73.48
N VAL C 146 2.37 0.74 73.07
CA VAL C 146 3.23 0.44 71.91
C VAL C 146 2.64 -0.72 71.11
N GLN C 147 2.39 -0.48 69.82
CA GLN C 147 1.88 -1.53 68.94
C GLN C 147 2.99 -2.04 68.01
N ILE C 148 3.29 -3.34 68.13
CA ILE C 148 4.33 -3.96 67.32
C ILE C 148 4.02 -3.84 65.84
N LEU C 149 5.00 -3.41 65.07
CA LEU C 149 4.89 -3.44 63.61
C LEU C 149 5.40 -4.75 63.08
N PRO C 150 4.55 -5.45 62.28
CA PRO C 150 4.95 -6.70 61.60
C PRO C 150 5.89 -6.37 60.45
N GLU C 151 6.90 -7.20 60.20
CA GLU C 151 7.68 -7.08 58.95
C GLU C 151 6.85 -7.69 57.83
N CYS C 152 6.51 -6.80 56.87
CA CYS C 152 5.52 -7.12 55.87
C CYS C 152 6.21 -7.84 54.69
N VAL C 153 5.85 -9.13 54.56
CA VAL C 153 6.52 -10.03 53.64
C VAL C 153 5.65 -10.39 52.45
N LEU C 154 6.31 -10.25 51.28
CA LEU C 154 5.75 -10.47 49.94
C LEU C 154 6.33 -11.77 49.35
N PRO C 155 5.51 -12.52 48.59
CA PRO C 155 6.02 -13.65 47.84
C PRO C 155 6.95 -13.15 46.73
N SER C 156 7.35 -14.01 45.80
CA SER C 156 8.13 -13.55 44.65
C SER C 156 7.22 -12.72 43.74
N THR C 157 7.82 -11.91 42.87
CA THR C 157 7.06 -11.16 41.89
C THR C 157 6.30 -12.08 40.93
N MET C 158 6.75 -13.33 40.80
CA MET C 158 6.23 -14.23 39.80
C MET C 158 5.13 -15.18 40.32
N SER C 159 5.15 -15.45 41.60
CA SER C 159 4.15 -16.28 42.26
C SER C 159 2.69 -15.95 41.94
N ALA C 160 2.44 -14.84 41.24
CA ALA C 160 1.07 -14.39 40.94
C ALA C 160 0.69 -14.84 39.51
N VAL C 161 1.70 -14.81 38.66
CA VAL C 161 1.54 -14.84 37.24
C VAL C 161 2.13 -16.16 36.67
N GLN C 162 2.70 -16.97 37.56
CA GLN C 162 3.53 -18.13 37.17
C GLN C 162 2.69 -19.23 36.57
N LEU C 163 3.07 -19.64 35.37
CA LEU C 163 2.52 -20.83 34.74
C LEU C 163 2.74 -22.02 35.65
N GLU C 164 1.71 -22.84 35.84
CA GLU C 164 1.81 -23.96 36.77
C GLU C 164 2.79 -25.03 36.30
N SER C 165 2.86 -25.23 34.98
CA SER C 165 3.76 -26.25 34.42
C SER C 165 5.24 -25.96 34.73
N LEU C 166 5.59 -24.68 34.88
CA LEU C 166 6.97 -24.25 35.09
C LEU C 166 7.31 -24.11 36.58
N ASN C 167 6.32 -24.31 37.45
CA ASN C 167 6.58 -24.41 38.88
C ASN C 167 7.71 -25.39 39.19
N LYS C 168 7.68 -26.53 38.50
CA LYS C 168 8.63 -27.62 38.73
C LYS C 168 10.09 -27.21 38.50
N CYS C 169 10.31 -26.06 37.87
CA CYS C 169 11.67 -25.64 37.53
C CYS C 169 12.17 -24.52 38.43
N GLN C 170 11.32 -24.08 39.33
CA GLN C 170 11.57 -22.81 40.05
C GLN C 170 12.64 -22.97 41.11
N ILE C 171 12.82 -24.19 41.62
CA ILE C 171 13.98 -24.50 42.46
C ILE C 171 15.16 -24.88 41.56
N PHE C 172 16.31 -24.27 41.85
CA PHE C 172 17.58 -24.63 41.21
C PHE C 172 18.52 -25.36 42.17
N PRO C 173 19.51 -26.11 41.62
CA PRO C 173 20.67 -26.50 42.43
C PRO C 173 21.41 -25.26 42.92
N SER C 174 21.83 -25.29 44.18
CA SER C 174 22.38 -24.10 44.84
C SER C 174 23.76 -23.69 44.29
N LYS C 175 24.04 -22.39 44.44
CA LYS C 175 25.17 -21.73 43.79
C LYS C 175 26.52 -22.21 44.36
N PRO C 176 27.47 -22.52 43.47
CA PRO C 176 28.91 -22.58 43.84
C PRO C 176 29.41 -21.27 44.46
N VAL C 177 30.37 -21.37 45.38
CA VAL C 177 30.75 -20.21 46.22
C VAL C 177 31.71 -19.23 45.50
N SER C 184 30.32 -17.97 37.83
CA SER C 184 30.29 -17.36 39.16
C SER C 184 29.41 -16.11 39.15
N TYR C 185 29.11 -15.66 37.92
CA TYR C 185 28.17 -14.56 37.67
C TYR C 185 27.33 -14.90 36.44
N LYS C 186 27.74 -15.94 35.66
CA LYS C 186 26.84 -16.61 34.72
C LYS C 186 25.69 -17.24 35.48
N TRP C 187 25.98 -17.68 36.71
CA TRP C 187 24.97 -18.22 37.61
C TRP C 187 23.85 -17.22 37.85
N TRP C 188 24.18 -15.94 37.91
CA TRP C 188 23.17 -14.90 38.10
C TRP C 188 22.43 -14.57 36.82
N GLN C 189 23.11 -14.75 35.69
CA GLN C 189 22.42 -14.62 34.42
C GLN C 189 21.49 -15.81 34.24
N LYS C 190 21.96 -16.98 34.66
CA LYS C 190 21.14 -18.18 34.69
C LYS C 190 19.92 -17.99 35.64
N TYR C 191 20.20 -17.69 36.90
CA TYR C 191 19.20 -17.32 37.91
C TYR C 191 18.11 -16.41 37.35
N GLN C 192 18.53 -15.29 36.78
CA GLN C 192 17.59 -14.32 36.20
C GLN C 192 16.74 -14.91 35.10
N LYS C 193 17.34 -15.73 34.24
CA LYS C 193 16.63 -16.30 33.09
C LYS C 193 15.59 -17.32 33.51
N ARG C 194 15.87 -18.09 34.57
CA ARG C 194 14.98 -19.17 35.01
C ARG C 194 13.93 -18.71 36.02
N LYS C 195 14.30 -17.82 36.94
CA LYS C 195 13.36 -17.32 37.95
C LYS C 195 12.29 -16.40 37.37
N PHE C 196 12.70 -15.50 36.50
CA PHE C 196 11.78 -14.50 35.95
C PHE C 196 11.36 -14.84 34.54
N HIS C 197 11.29 -16.13 34.24
CA HIS C 197 10.92 -16.57 32.91
C HIS C 197 9.58 -16.03 32.48
N CYS C 198 8.61 -16.13 33.39
CA CYS C 198 7.23 -15.77 33.07
C CYS C 198 6.96 -14.26 33.02
N ALA C 199 8.01 -13.46 32.97
CA ALA C 199 7.89 -12.03 32.71
C ALA C 199 7.16 -11.80 31.42
N ASN C 200 7.32 -12.75 30.48
CA ASN C 200 6.72 -12.62 29.18
C ASN C 200 5.21 -12.58 29.22
N LEU C 201 4.65 -12.99 30.35
CA LEU C 201 3.20 -12.97 30.60
C LEU C 201 2.77 -11.62 31.14
N THR C 202 3.76 -10.83 31.55
CA THR C 202 3.53 -9.53 32.16
C THR C 202 3.99 -8.47 31.21
N SER C 203 4.00 -7.23 31.69
CA SER C 203 4.38 -6.11 30.87
C SER C 203 5.75 -5.53 31.26
N TRP C 204 6.63 -6.36 31.83
CA TRP C 204 8.03 -5.94 32.04
C TRP C 204 9.09 -6.99 31.75
N PRO C 205 10.36 -6.56 31.64
CA PRO C 205 11.45 -7.50 31.38
C PRO C 205 11.96 -8.22 32.63
N ARG C 206 12.68 -9.32 32.40
CA ARG C 206 13.38 -10.08 33.47
C ARG C 206 14.25 -9.18 34.33
N TRP C 207 15.02 -8.29 33.69
CA TRP C 207 16.00 -7.43 34.38
C TRP C 207 15.35 -6.38 35.27
N LEU C 208 14.06 -6.14 35.08
CA LEU C 208 13.37 -5.21 35.98
C LEU C 208 12.92 -5.94 37.23
N TYR C 209 12.16 -7.00 37.03
CA TYR C 209 11.75 -7.85 38.13
C TYR C 209 12.98 -8.23 38.98
N SER C 210 14.14 -8.20 38.35
CA SER C 210 15.37 -8.51 39.05
C SER C 210 15.74 -7.42 40.03
N LEU C 211 15.41 -6.18 39.73
CA LEU C 211 15.64 -5.04 40.63
C LEU C 211 14.72 -4.99 41.86
N TYR C 212 13.81 -5.94 41.98
CA TYR C 212 12.96 -6.09 43.19
C TYR C 212 13.08 -7.48 43.83
N ASP C 213 14.15 -8.19 43.47
CA ASP C 213 14.39 -9.55 43.91
C ASP C 213 15.34 -9.51 45.09
N ALA C 214 14.82 -9.82 46.27
CA ALA C 214 15.58 -9.83 47.52
C ALA C 214 16.95 -10.49 47.34
N GLU C 215 16.96 -11.66 46.75
CA GLU C 215 18.19 -12.43 46.62
C GLU C 215 19.24 -11.65 45.80
N THR C 216 18.78 -11.01 44.72
CA THR C 216 19.68 -10.25 43.86
C THR C 216 20.25 -9.02 44.56
N LEU C 217 19.35 -8.19 45.09
CA LEU C 217 19.70 -6.96 45.78
C LEU C 217 20.72 -7.23 46.86
N MET C 218 20.47 -8.23 47.69
CA MET C 218 21.37 -8.63 48.77
C MET C 218 22.78 -8.90 48.23
N ASP C 219 22.85 -9.57 47.08
CA ASP C 219 24.11 -9.82 46.41
C ASP C 219 24.79 -8.54 45.92
N ARG C 220 24.03 -7.63 45.33
CA ARG C 220 24.56 -6.33 44.89
C ARG C 220 25.09 -5.53 46.06
N ILE C 221 24.41 -5.63 47.20
CA ILE C 221 24.85 -5.00 48.44
C ILE C 221 26.10 -5.70 48.98
N LYS C 222 26.12 -7.03 48.95
CA LYS C 222 27.30 -7.78 49.37
C LYS C 222 28.60 -7.24 48.76
N LYS C 223 28.61 -7.07 47.46
CA LYS C 223 29.79 -6.58 46.73
C LYS C 223 30.35 -5.26 47.26
N GLN C 224 29.48 -4.33 47.62
CA GLN C 224 29.91 -3.07 48.24
C GLN C 224 30.51 -3.35 49.61
N LEU C 225 29.81 -4.15 50.41
CA LEU C 225 30.25 -4.53 51.77
C LEU C 225 31.58 -5.28 51.74
N ARG C 226 31.88 -5.89 50.59
CA ARG C 226 33.10 -6.67 50.39
C ARG C 226 34.31 -5.75 50.29
N GLU C 227 34.02 -4.58 49.72
CA GLU C 227 34.98 -3.53 49.50
C GLU C 227 35.42 -3.09 50.86
N TRP C 228 34.48 -3.05 51.77
CA TRP C 228 34.82 -2.72 53.14
C TRP C 228 35.80 -3.80 53.59
N ASP C 229 35.65 -4.99 53.01
CA ASP C 229 36.58 -6.09 53.09
C ASP C 229 36.56 -7.26 54.03
N GLU C 230 37.10 -8.31 53.44
CA GLU C 230 37.41 -9.60 54.02
C GLU C 230 36.27 -10.41 54.56
N ASN C 231 35.05 -10.09 54.20
CA ASN C 231 34.03 -10.97 54.77
C ASN C 231 34.33 -12.47 54.56
N SER C 236 28.36 -16.81 57.15
CA SER C 236 28.80 -15.42 56.95
C SER C 236 27.91 -14.40 57.72
N LEU C 237 26.75 -14.04 57.14
CA LEU C 237 25.77 -13.11 57.74
C LEU C 237 24.36 -13.60 57.37
N PRO C 238 23.30 -12.80 57.63
CA PRO C 238 21.98 -13.44 57.55
C PRO C 238 21.61 -13.86 56.13
N SER C 239 20.74 -14.86 56.02
CA SER C 239 20.21 -15.36 54.73
C SER C 239 18.84 -14.72 54.47
N ASN C 240 18.14 -14.47 55.56
CA ASN C 240 16.87 -13.79 55.54
C ASN C 240 17.07 -12.33 55.16
N PRO C 241 16.38 -11.88 54.10
CA PRO C 241 16.40 -10.48 53.65
C PRO C 241 16.05 -9.46 54.74
N ILE C 242 15.08 -9.76 55.60
CA ILE C 242 14.74 -8.91 56.72
C ILE C 242 15.99 -8.54 57.55
N ASP C 243 16.73 -9.57 57.96
CA ASP C 243 17.89 -9.34 58.79
C ASP C 243 18.97 -8.60 58.03
N PHE C 244 19.27 -9.07 56.83
CA PHE C 244 20.28 -8.46 56.00
C PHE C 244 20.02 -6.98 55.87
N SER C 245 18.79 -6.62 55.55
CA SER C 245 18.39 -5.22 55.31
C SER C 245 18.57 -4.35 56.53
N TYR C 246 18.34 -4.93 57.71
CA TYR C 246 18.59 -4.25 59.00
C TYR C 246 20.08 -4.17 59.42
N ARG C 247 20.85 -5.19 59.05
CA ARG C 247 22.28 -5.23 59.29
C ARG C 247 23.03 -4.15 58.48
N VAL C 248 22.68 -3.98 57.21
CA VAL C 248 23.34 -2.94 56.41
C VAL C 248 22.76 -1.58 56.70
N ALA C 249 21.54 -1.53 57.20
CA ALA C 249 20.94 -0.28 57.66
C ALA C 249 21.81 0.37 58.73
N ALA C 250 22.30 -0.43 59.66
CA ALA C 250 23.15 0.07 60.75
C ALA C 250 24.58 0.42 60.30
N CYS C 251 25.03 -0.16 59.20
CA CYS C 251 26.35 0.18 58.61
C CYS C 251 26.35 1.55 57.92
N LEU C 252 25.22 1.91 57.36
CA LEU C 252 25.02 3.18 56.70
C LEU C 252 25.18 4.38 57.59
N PRO C 253 26.21 5.21 57.36
CA PRO C 253 26.33 6.50 58.02
C PRO C 253 25.35 7.50 57.43
N ILE C 254 24.17 7.61 58.00
CA ILE C 254 23.16 8.53 57.52
C ILE C 254 22.66 9.40 58.67
N ASP C 255 21.72 10.31 58.39
CA ASP C 255 21.31 11.28 59.40
C ASP C 255 19.96 10.91 60.05
N ASP C 256 19.84 11.24 61.35
CA ASP C 256 18.74 10.75 62.17
C ASP C 256 17.36 10.84 61.48
N VAL C 257 17.17 11.82 60.57
CA VAL C 257 15.89 11.94 59.89
C VAL C 257 15.70 10.93 58.74
N LEU C 258 16.77 10.63 58.03
CA LEU C 258 16.80 9.56 57.03
C LEU C 258 16.76 8.16 57.64
N ARG C 259 17.42 7.98 58.78
CA ARG C 259 17.45 6.69 59.48
C ARG C 259 16.04 6.29 59.93
N ILE C 260 15.22 7.28 60.30
CA ILE C 260 13.84 6.99 60.70
C ILE C 260 13.00 6.53 59.52
N GLN C 261 13.35 6.99 58.33
CA GLN C 261 12.67 6.61 57.09
C GLN C 261 12.79 5.13 56.77
N LEU C 262 14.02 4.60 56.71
CA LEU C 262 14.28 3.18 56.48
C LEU C 262 13.55 2.31 57.49
N LEU C 263 13.72 2.75 58.74
CA LEU C 263 13.08 2.11 59.87
C LEU C 263 11.56 2.05 59.67
N LYS C 264 10.98 3.16 59.18
CA LYS C 264 9.57 3.17 58.86
C LYS C 264 9.21 2.23 57.70
N ILE C 265 10.18 1.87 56.86
CA ILE C 265 9.93 1.04 55.68
C ILE C 265 9.68 -0.43 56.04
N GLY C 266 8.58 -0.97 55.49
CA GLY C 266 8.03 -2.23 55.99
C GLY C 266 8.38 -3.45 55.19
N SER C 267 8.91 -3.23 53.98
CA SER C 267 9.42 -4.31 53.19
C SER C 267 10.94 -4.41 53.23
N ALA C 268 11.42 -5.64 53.36
CA ALA C 268 12.82 -5.97 53.18
C ALA C 268 13.29 -5.50 51.82
N ILE C 269 12.51 -5.78 50.77
CA ILE C 269 12.89 -5.45 49.39
C ILE C 269 13.12 -3.96 49.21
N GLN C 270 12.14 -3.16 49.65
CA GLN C 270 12.22 -1.69 49.60
C GLN C 270 13.33 -1.14 50.49
N ARG C 271 13.63 -1.90 51.56
CA ARG C 271 14.72 -1.53 52.44
C ARG C 271 16.06 -1.74 51.73
N LEU C 272 16.28 -2.92 51.18
CA LEU C 272 17.49 -3.25 50.42
C LEU C 272 17.70 -2.31 49.23
N ARG C 273 16.63 -2.08 48.45
CA ARG C 273 16.69 -1.18 47.30
C ARG C 273 17.13 0.22 47.74
N CYS C 274 16.31 0.86 48.55
CA CYS C 274 16.64 2.18 49.06
C CYS C 274 18.07 2.25 49.63
N GLU C 275 18.48 1.19 50.32
CA GLU C 275 19.84 1.04 50.84
C GLU C 275 20.94 1.01 49.78
N LEU C 276 20.68 0.35 48.66
CA LEU C 276 21.64 0.37 47.56
C LEU C 276 21.76 1.76 46.99
N ASP C 277 20.64 2.47 46.93
CA ASP C 277 20.64 3.84 46.43
C ASP C 277 21.64 4.71 47.19
N ILE C 278 21.49 4.75 48.51
CA ILE C 278 22.36 5.53 49.38
C ILE C 278 23.84 5.20 49.19
N MET C 279 24.14 3.90 49.07
CA MET C 279 25.53 3.42 48.93
C MET C 279 26.20 3.89 47.63
N ASN C 280 25.41 3.98 46.56
CA ASN C 280 25.90 4.56 45.33
C ASN C 280 25.87 6.09 45.37
N LYS C 281 24.75 6.67 45.80
CA LYS C 281 24.51 8.12 45.72
C LYS C 281 25.26 8.97 46.76
N CYS C 282 25.77 8.36 47.84
CA CYS C 282 26.43 9.11 48.91
C CYS C 282 27.94 8.76 49.06
N THR C 283 28.74 9.36 48.19
CA THR C 283 30.19 9.17 48.23
C THR C 283 30.92 9.96 49.34
N SER C 284 30.45 11.16 49.66
CA SER C 284 31.21 12.07 50.56
C SER C 284 30.57 12.22 51.94
N LEU C 285 31.40 12.55 52.93
CA LEU C 285 30.96 12.73 54.34
C LEU C 285 31.54 14.02 54.89
N CYS C 286 30.66 14.89 55.32
CA CYS C 286 31.02 16.30 55.58
C CYS C 286 30.77 16.64 57.03
N CYS C 287 31.39 17.72 57.49
CA CYS C 287 31.16 18.31 58.80
C CYS C 287 29.69 18.72 58.89
N LYS C 288 28.93 18.16 59.83
CA LYS C 288 27.48 18.37 59.79
C LYS C 288 27.16 19.83 60.12
N GLN C 289 27.95 20.41 61.02
CA GLN C 289 27.75 21.75 61.54
C GLN C 289 27.97 22.84 60.46
N CYS C 290 29.17 22.93 59.89
CA CYS C 290 29.48 23.97 58.90
C CYS C 290 29.18 23.46 57.47
N GLN C 291 28.72 22.22 57.41
CA GLN C 291 28.04 21.64 56.24
C GLN C 291 28.89 21.39 55.00
N GLU C 292 29.47 22.45 54.45
CA GLU C 292 30.18 22.34 53.15
C GLU C 292 31.68 22.08 53.31
N THR C 293 32.05 21.27 54.31
CA THR C 293 33.43 20.78 54.49
C THR C 293 33.50 19.22 54.39
N GLU C 294 34.33 18.72 53.48
CA GLU C 294 34.57 17.27 53.36
C GLU C 294 35.54 16.73 54.47
N ILE C 295 35.08 15.72 55.15
CA ILE C 295 35.94 15.03 56.13
C ILE C 295 36.58 13.80 55.48
N THR C 296 35.75 12.99 54.84
CA THR C 296 36.16 11.66 54.39
C THR C 296 35.23 11.18 53.22
N THR C 297 35.57 10.04 52.63
CA THR C 297 34.84 9.50 51.49
C THR C 297 34.41 8.05 51.72
N LYS C 298 33.59 7.54 50.81
CA LYS C 298 33.18 6.13 50.86
C LYS C 298 34.42 5.29 50.72
N ASN C 299 35.28 5.61 49.77
CA ASN C 299 36.55 4.90 49.55
C ASN C 299 37.24 4.49 50.86
N GLU C 300 37.19 5.37 51.86
CA GLU C 300 37.99 5.21 53.07
C GLU C 300 37.32 4.40 54.19
N ILE C 301 36.04 4.19 54.09
CA ILE C 301 35.29 3.39 55.04
C ILE C 301 35.74 1.94 55.00
N PHE C 302 36.04 1.38 56.16
CA PHE C 302 36.19 -0.08 56.27
C PHE C 302 35.76 -0.61 57.62
N SER C 303 35.50 -1.90 57.62
CA SER C 303 34.88 -2.60 58.76
C SER C 303 35.92 -3.12 59.69
N LEU C 304 36.33 -2.33 60.67
CA LEU C 304 37.17 -2.84 61.72
C LEU C 304 36.37 -3.80 62.55
N SER C 305 35.14 -3.43 62.82
CA SER C 305 34.26 -4.27 63.58
C SER C 305 33.65 -5.25 62.64
N LEU C 306 33.34 -6.44 63.15
CA LEU C 306 32.68 -7.41 62.35
C LEU C 306 31.37 -6.80 61.91
N CYS C 307 30.73 -6.09 62.81
CA CYS C 307 29.42 -5.61 62.52
C CYS C 307 29.32 -4.59 61.45
N GLY C 308 30.33 -3.78 61.24
CA GLY C 308 30.29 -2.91 60.09
C GLY C 308 31.39 -1.93 60.10
N PRO C 309 31.32 -0.99 59.17
CA PRO C 309 32.10 0.24 59.34
C PRO C 309 31.54 1.16 60.42
N MET C 310 30.36 0.82 60.93
CA MET C 310 29.74 1.51 62.05
C MET C 310 29.11 0.56 63.03
N ALA C 311 29.34 0.87 64.32
CA ALA C 311 28.63 0.25 65.44
C ALA C 311 28.36 1.37 66.45
N ALA C 312 27.62 1.04 67.50
CA ALA C 312 27.49 1.92 68.65
C ALA C 312 28.53 1.54 69.74
N TYR C 313 29.12 2.58 70.33
CA TYR C 313 30.01 2.39 71.47
C TYR C 313 29.61 3.37 72.58
N VAL C 314 29.65 2.91 73.86
CA VAL C 314 29.53 3.87 74.98
C VAL C 314 30.84 4.38 75.44
N ASN C 315 30.88 5.66 75.81
CA ASN C 315 32.04 6.19 76.50
C ASN C 315 31.84 6.08 77.99
N PRO C 316 32.83 6.52 78.80
CA PRO C 316 32.76 6.33 80.25
C PRO C 316 31.68 7.13 80.94
N HIS C 317 31.33 8.31 80.41
CA HIS C 317 30.29 9.11 80.99
C HIS C 317 28.90 8.71 80.55
N GLY C 318 28.83 7.61 79.80
CA GLY C 318 27.55 6.99 79.45
C GLY C 318 26.89 7.51 78.17
N TYR C 319 27.68 8.27 77.40
CA TYR C 319 27.35 8.79 76.07
C TYR C 319 27.56 7.75 74.97
N VAL C 320 26.60 7.69 74.04
CA VAL C 320 26.66 6.68 72.98
C VAL C 320 27.21 7.25 71.67
N HIS C 321 28.07 6.49 71.02
CA HIS C 321 28.73 6.99 69.81
C HIS C 321 28.70 5.94 68.74
N GLU C 322 27.93 6.23 67.70
CA GLU C 322 27.95 5.38 66.52
C GLU C 322 29.16 5.87 65.68
N THR C 323 30.28 5.19 65.83
CA THR C 323 31.47 5.67 65.23
C THR C 323 31.85 4.86 64.00
N LEU C 324 32.35 5.59 63.00
CA LEU C 324 32.66 5.06 61.69
C LEU C 324 34.17 4.98 61.49
N THR C 325 34.65 3.80 61.18
CA THR C 325 36.08 3.53 61.04
C THR C 325 36.54 3.83 59.60
N VAL C 326 37.42 4.80 59.42
CA VAL C 326 37.85 5.24 58.12
C VAL C 326 39.39 5.35 58.06
N TYR C 327 39.99 5.08 56.89
CA TYR C 327 41.44 4.90 56.79
C TYR C 327 42.19 6.22 56.75
N LYS C 328 41.84 7.15 55.88
CA LYS C 328 42.28 8.56 56.11
C LYS C 328 41.11 9.48 56.42
N ALA C 329 41.41 10.78 56.51
CA ALA C 329 40.36 11.82 56.58
C ALA C 329 40.95 13.24 56.79
N CYS C 330 40.28 14.21 56.21
CA CYS C 330 40.89 15.49 55.97
C CYS C 330 40.33 16.56 56.91
N ASN C 331 41.03 17.71 56.94
CA ASN C 331 40.54 18.93 57.60
C ASN C 331 40.18 18.74 59.04
N LEU C 332 41.01 18.02 59.79
CA LEU C 332 40.83 17.91 61.25
C LEU C 332 42.07 18.42 61.99
N ASN C 333 41.84 18.84 63.22
CA ASN C 333 42.92 19.04 64.19
C ASN C 333 42.85 17.94 65.23
N LEU C 334 44.02 17.62 65.77
CA LEU C 334 44.13 16.79 66.94
C LEU C 334 44.58 17.67 68.13
N ILE C 335 44.00 17.37 69.28
CA ILE C 335 44.33 18.04 70.52
C ILE C 335 44.69 16.99 71.54
N GLY C 336 45.74 17.26 72.30
CA GLY C 336 46.19 16.30 73.32
C GLY C 336 46.99 15.16 72.70
N ARG C 337 47.26 14.12 73.49
CA ARG C 337 48.11 13.02 73.08
C ARG C 337 47.36 11.69 73.13
N PRO C 338 47.82 10.75 72.33
CA PRO C 338 47.13 9.47 72.19
C PRO C 338 46.97 8.79 73.55
N SER C 339 45.74 8.31 73.82
CA SER C 339 45.41 7.67 75.07
C SER C 339 44.58 6.38 74.81
N THR C 340 44.89 5.36 75.60
CA THR C 340 44.24 4.07 75.55
C THR C 340 43.17 3.97 76.61
N GLU C 341 42.86 5.07 77.27
CA GLU C 341 41.86 5.01 78.30
C GLU C 341 40.52 4.68 77.72
N HIS C 342 39.90 3.63 78.23
CA HIS C 342 38.55 3.30 77.82
C HIS C 342 38.47 3.22 76.34
N SER C 343 39.50 2.71 75.68
CA SER C 343 39.42 2.66 74.23
C SER C 343 38.57 1.48 73.71
N TRP C 344 37.74 1.79 72.73
CA TRP C 344 36.78 0.86 72.17
C TRP C 344 37.41 -0.20 71.28
N PHE C 345 38.65 0.03 70.91
CA PHE C 345 39.38 -0.83 70.00
C PHE C 345 40.69 -1.30 70.66
N PRO C 346 40.63 -2.45 71.33
CA PRO C 346 41.82 -2.91 72.04
C PRO C 346 43.00 -2.96 71.07
N GLY C 347 44.10 -2.31 71.45
CA GLY C 347 45.26 -2.21 70.60
C GLY C 347 45.54 -0.78 70.20
N TYR C 348 44.49 0.06 70.23
CA TYR C 348 44.57 1.44 69.74
C TYR C 348 44.35 2.50 70.83
N ALA C 349 44.98 3.63 70.66
CA ALA C 349 44.77 4.83 71.49
C ALA C 349 44.05 5.91 70.68
N TRP C 350 43.33 6.74 71.38
CA TRP C 350 42.51 7.76 70.73
C TRP C 350 43.01 9.17 71.01
N THR C 351 42.84 10.02 70.02
CA THR C 351 43.12 11.45 70.18
C THR C 351 41.99 12.21 69.62
N VAL C 352 41.49 13.19 70.39
CA VAL C 352 40.28 13.92 70.00
C VAL C 352 40.57 14.69 68.74
N ALA C 353 39.65 14.57 67.80
CA ALA C 353 39.69 15.15 66.46
C ALA C 353 38.65 16.20 66.38
N GLN C 354 38.95 17.42 65.93
CA GLN C 354 37.87 18.36 65.60
C GLN C 354 38.01 19.16 64.32
N CYS C 355 36.90 19.59 63.75
CA CYS C 355 36.83 20.32 62.47
C CYS C 355 37.75 21.52 62.50
N LYS C 356 38.76 21.45 61.67
CA LYS C 356 39.63 22.57 61.36
C LYS C 356 38.91 23.94 61.30
N ILE C 357 37.73 23.97 60.69
CA ILE C 357 36.99 25.22 60.46
C ILE C 357 36.20 25.63 61.74
N CYS C 358 35.25 24.77 62.09
CA CYS C 358 34.23 25.09 63.07
C CYS C 358 34.54 24.62 64.50
N ALA C 359 35.58 23.80 64.66
CA ALA C 359 36.05 23.36 65.98
C ALA C 359 35.15 22.29 66.55
N SER C 360 34.05 22.02 65.86
CA SER C 360 33.05 21.08 66.35
C SER C 360 33.63 19.67 66.34
N HIS C 361 33.58 19.02 67.51
CA HIS C 361 34.22 17.70 67.71
C HIS C 361 33.63 16.60 66.76
N ILE C 362 34.46 16.19 65.83
CA ILE C 362 34.04 15.28 64.75
C ILE C 362 34.24 13.80 65.08
N GLY C 363 35.15 13.50 65.99
CA GLY C 363 35.52 12.11 66.28
C GLY C 363 36.84 11.95 66.96
N TRP C 364 37.57 10.92 66.54
CA TRP C 364 38.89 10.58 67.12
C TRP C 364 39.83 9.98 66.10
N LYS C 365 41.12 10.30 66.23
CA LYS C 365 42.16 9.61 65.51
C LYS C 365 42.79 8.50 66.38
N PHE C 366 42.84 7.29 65.83
CA PHE C 366 43.26 6.13 66.54
C PHE C 366 44.61 5.68 66.04
N THR C 367 45.42 5.32 66.97
CA THR C 367 46.81 5.15 66.76
C THR C 367 47.22 3.81 67.42
N ALA C 368 48.11 3.05 66.78
CA ALA C 368 48.55 1.78 67.34
C ALA C 368 49.51 1.97 68.51
N THR C 369 49.51 1.01 69.42
CA THR C 369 50.48 0.97 70.55
C THR C 369 51.57 -0.08 70.33
N LYS C 370 51.26 -1.02 69.43
CA LYS C 370 52.24 -2.01 68.96
C LYS C 370 52.52 -1.74 67.48
N LYS C 371 53.77 -1.93 67.08
CA LYS C 371 54.20 -1.60 65.72
C LYS C 371 53.98 -2.77 64.74
N ASP C 372 53.25 -3.80 65.20
CA ASP C 372 53.01 -4.99 64.41
C ASP C 372 51.52 -5.17 64.14
N MET C 373 50.70 -4.20 64.61
CA MET C 373 49.28 -4.12 64.25
C MET C 373 49.07 -3.47 62.89
N SER C 374 48.09 -3.99 62.14
CA SER C 374 47.64 -3.31 60.92
C SER C 374 46.42 -2.42 61.18
N PRO C 375 46.15 -1.46 60.28
CA PRO C 375 46.11 -0.04 60.54
C PRO C 375 46.97 0.44 61.70
N GLN C 376 48.03 1.15 61.39
CA GLN C 376 48.84 1.84 62.40
C GLN C 376 48.12 3.11 62.89
N LYS C 377 47.32 3.66 61.99
CA LYS C 377 46.41 4.77 62.30
C LYS C 377 45.15 4.66 61.48
N PHE C 378 44.14 5.36 61.95
CA PHE C 378 42.82 5.39 61.28
C PHE C 378 41.95 6.34 62.04
N TRP C 379 40.90 6.87 61.40
CA TRP C 379 39.99 7.71 62.11
C TRP C 379 38.70 7.00 62.46
N GLY C 380 38.21 7.33 63.64
CA GLY C 380 36.88 6.89 64.10
C GLY C 380 36.00 8.11 64.25
N LEU C 381 34.98 8.21 63.40
CA LEU C 381 34.22 9.43 63.31
C LEU C 381 32.80 9.22 63.76
N THR C 382 32.37 10.04 64.67
CA THR C 382 31.00 9.94 65.18
C THR C 382 30.00 10.42 64.13
N ARG C 383 28.97 9.61 63.91
CA ARG C 383 27.84 9.89 63.05
C ARG C 383 27.06 11.17 63.41
N SER C 384 26.98 11.56 64.65
CA SER C 384 26.34 12.80 65.07
C SER C 384 27.03 14.05 64.48
N ALA C 385 28.31 13.90 64.18
CA ALA C 385 29.12 14.97 63.70
C ALA C 385 29.10 15.10 62.14
N LEU C 386 28.43 14.17 61.46
CA LEU C 386 28.56 14.03 59.99
C LEU C 386 27.28 14.37 59.21
N LEU C 387 27.47 14.70 57.95
CA LEU C 387 26.38 14.91 56.98
C LEU C 387 26.78 14.24 55.65
N PRO C 388 26.17 13.10 55.31
CA PRO C 388 26.39 12.48 54.02
C PRO C 388 26.00 13.41 52.86
N THR C 389 26.87 13.51 51.84
CA THR C 389 26.50 14.26 50.66
C THR C 389 26.57 13.40 49.41
N ILE C 390 25.58 13.70 48.57
CA ILE C 390 25.63 13.52 47.15
C ILE C 390 26.40 14.69 46.48
N PRO C 391 27.64 14.39 46.00
CA PRO C 391 28.53 15.31 45.27
C PRO C 391 27.92 16.01 44.06
N ASP C 392 28.43 17.21 43.73
CA ASP C 392 27.79 18.17 42.79
C ASP C 392 26.74 19.17 43.36
N THR C 393 26.45 20.16 42.49
CA THR C 393 25.18 20.93 42.44
C THR C 393 24.32 20.51 41.20
N GLU C 394 24.25 19.19 40.89
CA GLU C 394 23.64 18.67 39.62
C GLU C 394 22.31 17.83 39.76
N ASP C 395 22.07 17.23 40.95
CA ASP C 395 20.71 17.22 41.66
C ASP C 395 20.78 17.41 43.22
N GLU C 396 21.77 18.15 43.72
CA GLU C 396 22.08 18.18 45.17
C GLU C 396 20.93 18.84 46.00
N VAL C 402 19.67 18.11 50.09
CA VAL C 402 18.90 17.12 50.87
C VAL C 402 18.55 15.92 49.99
N ILE C 403 19.41 14.88 50.04
CA ILE C 403 19.12 13.48 49.59
C ILE C 403 17.67 13.02 49.99
N LEU C 404 16.99 12.22 49.15
CA LEU C 404 15.79 11.46 49.58
C LEU C 404 16.07 9.97 49.32
N CYS C 405 15.87 9.08 50.31
CA CYS C 405 16.15 7.62 50.12
C CYS C 405 15.24 7.05 48.98
N LEU C 406 15.73 6.08 48.18
CA LEU C 406 14.95 5.58 47.00
C LEU C 406 14.45 4.11 47.17
N SER D 2 8.05 27.47 -40.88
CA SER D 2 8.45 26.67 -39.68
C SER D 2 9.42 25.53 -40.04
N TYR D 3 10.49 25.40 -39.25
CA TYR D 3 11.65 24.60 -39.60
C TYR D 3 12.09 23.77 -38.38
N ASN D 4 12.17 22.48 -38.61
CA ASN D 4 12.16 21.51 -37.50
C ASN D 4 13.35 20.56 -37.53
N TYR D 5 13.76 20.12 -36.34
CA TYR D 5 14.87 19.19 -36.16
C TYR D 5 14.29 17.85 -35.71
N VAL D 6 14.50 16.78 -36.50
CA VAL D 6 14.14 15.43 -36.06
C VAL D 6 15.35 14.64 -35.66
N VAL D 7 15.33 14.09 -34.46
CA VAL D 7 16.40 13.23 -34.00
C VAL D 7 15.86 12.02 -33.26
N THR D 8 16.55 10.89 -33.40
CA THR D 8 16.22 9.67 -32.69
C THR D 8 16.79 9.70 -31.28
N ALA D 9 15.98 9.35 -30.29
CA ALA D 9 16.42 9.27 -28.92
C ALA D 9 16.54 7.81 -28.48
N GLN D 10 15.78 6.93 -29.13
CA GLN D 10 15.88 5.48 -28.92
C GLN D 10 15.74 4.78 -30.26
N LYS D 11 16.81 4.13 -30.71
CA LYS D 11 16.81 3.42 -31.98
C LYS D 11 15.76 2.33 -31.96
N PRO D 12 15.21 1.94 -33.11
CA PRO D 12 14.19 0.89 -33.14
C PRO D 12 14.66 -0.40 -32.53
N THR D 13 13.80 -1.03 -31.76
CA THR D 13 14.17 -2.25 -31.00
C THR D 13 13.64 -3.53 -31.64
N ALA D 14 12.49 -3.42 -32.30
CA ALA D 14 11.78 -4.56 -32.87
C ALA D 14 12.54 -5.27 -34.00
N VAL D 15 12.49 -6.60 -34.00
CA VAL D 15 13.20 -7.44 -34.98
C VAL D 15 12.33 -7.76 -36.21
N ASN D 16 12.80 -7.34 -37.41
CA ASN D 16 12.17 -7.73 -38.67
C ASN D 16 12.47 -9.12 -39.11
N GLY D 17 13.70 -9.53 -38.87
CA GLY D 17 14.28 -10.70 -39.56
C GLY D 17 15.66 -11.02 -38.97
N CYS D 18 16.12 -12.24 -39.17
CA CYS D 18 17.24 -12.77 -38.41
C CYS D 18 17.84 -13.97 -39.13
N VAL D 19 19.12 -13.91 -39.40
CA VAL D 19 19.76 -14.95 -40.20
C VAL D 19 21.13 -15.34 -39.68
N THR D 20 21.53 -16.59 -40.00
CA THR D 20 22.84 -17.14 -39.59
C THR D 20 23.67 -17.45 -40.81
N GLY D 21 24.96 -17.66 -40.59
CA GLY D 21 25.88 -17.95 -41.68
C GLY D 21 27.19 -17.26 -41.40
N HIS D 22 28.07 -17.24 -42.38
CA HIS D 22 29.47 -16.92 -42.12
C HIS D 22 29.90 -15.67 -42.82
N PHE D 23 29.79 -14.55 -42.12
CA PHE D 23 29.79 -13.24 -42.75
C PHE D 23 31.01 -12.42 -42.34
N THR D 24 31.28 -12.39 -41.04
CA THR D 24 32.43 -11.68 -40.51
C THR D 24 33.71 -12.39 -40.88
N SER D 25 33.68 -13.70 -40.88
CA SER D 25 34.85 -14.52 -41.05
C SER D 25 34.28 -15.85 -41.47
N ALA D 26 35.02 -16.64 -42.22
CA ALA D 26 34.49 -17.91 -42.68
C ALA D 26 34.38 -18.93 -41.58
N GLU D 27 35.29 -18.84 -40.61
CA GLU D 27 35.25 -19.70 -39.45
C GLU D 27 34.19 -19.34 -38.41
N ASP D 28 33.95 -18.05 -38.15
CA ASP D 28 32.91 -17.62 -37.27
C ASP D 28 31.51 -18.06 -37.76
N LEU D 29 30.56 -18.20 -36.84
CA LEU D 29 29.15 -18.24 -37.18
C LEU D 29 28.48 -16.98 -36.63
N ASN D 30 27.77 -16.30 -37.48
CA ASN D 30 27.15 -15.04 -37.09
C ASN D 30 25.67 -15.14 -36.98
N LEU D 31 25.12 -14.26 -36.18
CA LEU D 31 23.70 -13.98 -36.20
C LEU D 31 23.58 -12.58 -36.75
N LEU D 32 22.83 -12.41 -37.85
CA LEU D 32 22.53 -11.10 -38.37
C LEU D 32 21.08 -10.78 -38.14
N ILE D 33 20.84 -9.62 -37.51
CA ILE D 33 19.50 -9.22 -37.04
C ILE D 33 19.11 -7.87 -37.67
N ALA D 34 17.96 -7.83 -38.33
CA ALA D 34 17.43 -6.54 -38.80
C ALA D 34 16.45 -5.93 -37.84
N LYS D 35 16.66 -4.66 -37.53
CA LYS D 35 15.74 -3.96 -36.69
C LYS D 35 15.33 -2.73 -37.48
N ASN D 36 14.56 -2.92 -38.54
CA ASN D 36 14.17 -1.87 -39.39
C ASN D 36 15.29 -1.23 -40.16
N THR D 37 15.77 -0.07 -39.69
CA THR D 37 16.82 0.66 -40.29
C THR D 37 18.21 0.28 -39.70
N ARG D 38 18.26 -0.64 -38.75
CA ARG D 38 19.50 -1.01 -38.17
C ARG D 38 19.84 -2.43 -38.49
N LEU D 39 21.12 -2.72 -38.50
CA LEU D 39 21.61 -4.07 -38.77
C LEU D 39 22.65 -4.46 -37.71
N GLU D 40 22.29 -5.40 -36.83
CA GLU D 40 23.21 -5.83 -35.79
C GLU D 40 23.96 -7.09 -36.25
N ILE D 41 25.28 -7.12 -36.01
CA ILE D 41 26.10 -8.31 -36.28
C ILE D 41 26.77 -8.89 -35.06
N TYR D 42 26.35 -10.08 -34.70
CA TYR D 42 26.87 -10.80 -33.55
C TYR D 42 27.71 -12.00 -34.03
N VAL D 43 28.67 -12.43 -33.22
CA VAL D 43 29.24 -13.76 -33.36
C VAL D 43 28.64 -14.65 -32.32
N VAL D 44 28.22 -15.81 -32.72
CA VAL D 44 27.64 -16.82 -31.79
C VAL D 44 28.74 -17.41 -30.90
N THR D 45 28.49 -17.58 -29.60
CA THR D 45 29.26 -18.53 -28.77
C THR D 45 28.25 -19.21 -27.82
N ALA D 46 28.73 -20.12 -26.98
CA ALA D 46 27.84 -21.06 -26.32
C ALA D 46 27.45 -20.58 -24.91
N LEU D 49 25.92 -14.62 -27.66
CA LEU D 49 26.18 -13.66 -28.73
C LEU D 49 27.13 -12.53 -28.27
N ARG D 50 28.29 -12.42 -28.92
CA ARG D 50 29.22 -11.32 -28.76
C ARG D 50 28.96 -10.30 -29.88
N PRO D 51 28.54 -9.06 -29.51
CA PRO D 51 28.28 -8.04 -30.50
C PRO D 51 29.56 -7.68 -31.20
N VAL D 52 29.48 -7.37 -32.49
CA VAL D 52 30.68 -7.07 -33.25
C VAL D 52 30.58 -5.72 -33.97
N LYS D 53 29.45 -5.52 -34.65
CA LYS D 53 29.20 -4.30 -35.43
C LYS D 53 27.72 -4.11 -35.61
N GLU D 54 27.23 -2.89 -35.33
CA GLU D 54 25.88 -2.49 -35.75
C GLU D 54 25.90 -1.23 -36.56
N VAL D 55 25.15 -1.23 -37.66
CA VAL D 55 25.18 -0.11 -38.64
C VAL D 55 23.78 0.31 -39.00
N GLY D 56 23.68 1.39 -39.78
CA GLY D 56 22.39 1.91 -40.19
C GLY D 56 22.29 2.03 -41.69
N MET D 57 21.23 1.45 -42.24
CA MET D 57 20.84 1.76 -43.63
C MET D 57 20.20 3.12 -43.65
N TYR D 58 20.28 3.74 -44.80
CA TYR D 58 19.34 4.76 -45.18
C TYR D 58 18.17 4.04 -45.83
N GLY D 59 17.43 3.28 -45.02
CA GLY D 59 16.49 2.29 -45.57
C GLY D 59 15.74 1.49 -44.53
N LYS D 60 14.48 1.21 -44.79
CA LYS D 60 13.80 0.10 -44.12
C LYS D 60 14.33 -1.18 -44.72
N ILE D 61 15.07 -2.00 -43.97
CA ILE D 61 15.42 -3.35 -44.41
C ILE D 61 14.16 -4.18 -44.53
N ALA D 62 13.87 -4.61 -45.74
CA ALA D 62 12.66 -5.36 -46.08
C ALA D 62 12.98 -6.80 -46.54
N VAL D 63 14.22 -7.03 -47.03
CA VAL D 63 14.76 -8.36 -47.22
C VAL D 63 16.23 -8.37 -46.90
N MET D 64 16.65 -9.50 -46.33
CA MET D 64 17.99 -9.65 -45.79
C MET D 64 18.38 -11.13 -45.84
N GLU D 65 19.27 -11.48 -46.75
CA GLU D 65 19.68 -12.88 -46.91
C GLU D 65 21.19 -12.99 -46.99
N LEU D 66 21.72 -14.07 -46.42
CA LEU D 66 23.12 -14.41 -46.63
C LEU D 66 23.27 -15.48 -47.70
N PHE D 67 24.34 -15.41 -48.46
CA PHE D 67 24.53 -16.32 -49.59
C PHE D 67 26.03 -16.40 -49.92
N ARG D 68 26.48 -17.54 -50.47
CA ARG D 68 27.88 -17.67 -50.86
C ARG D 68 28.04 -17.81 -52.38
N PRO D 69 28.46 -16.72 -53.11
CA PRO D 69 28.70 -16.94 -54.52
C PRO D 69 29.95 -17.81 -54.70
N LYS D 70 29.97 -18.55 -55.81
CA LYS D 70 31.03 -19.48 -56.12
C LYS D 70 32.41 -18.82 -56.03
N GLY D 71 33.36 -19.53 -55.42
CA GLY D 71 34.73 -19.05 -55.27
C GLY D 71 34.82 -17.72 -54.54
N GLU D 72 34.06 -17.61 -53.45
CA GLU D 72 34.16 -16.48 -52.54
C GLU D 72 34.43 -17.02 -51.14
N SER D 73 35.12 -16.24 -50.32
CA SER D 73 35.85 -16.74 -49.15
C SER D 73 35.02 -16.76 -47.84
N LYS D 74 33.99 -15.91 -47.77
CA LYS D 74 32.88 -16.05 -46.83
C LYS D 74 31.58 -15.55 -47.47
N ASP D 75 30.50 -15.60 -46.72
CA ASP D 75 29.18 -15.22 -47.24
C ASP D 75 29.11 -13.72 -47.48
N LEU D 76 28.35 -13.34 -48.50
CA LEU D 76 27.94 -11.95 -48.69
C LEU D 76 26.50 -11.74 -48.23
N LEU D 77 26.09 -10.48 -48.13
CA LEU D 77 24.80 -10.11 -47.55
C LEU D 77 23.98 -9.26 -48.51
N PHE D 78 22.79 -9.73 -48.86
CA PHE D 78 21.89 -8.95 -49.70
C PHE D 78 20.85 -8.22 -48.85
N ILE D 79 20.73 -6.92 -49.03
CA ILE D 79 19.65 -6.16 -48.40
C ILE D 79 18.78 -5.61 -49.54
N LEU D 80 17.47 -5.67 -49.37
CA LEU D 80 16.60 -4.84 -50.17
C LEU D 80 15.70 -4.03 -49.26
N THR D 81 15.67 -2.72 -49.45
CA THR D 81 14.86 -1.84 -48.61
C THR D 81 13.44 -1.61 -49.11
N ALA D 82 12.60 -1.07 -48.25
CA ALA D 82 11.21 -0.79 -48.56
C ALA D 82 11.09 0.15 -49.75
N LYS D 83 12.13 0.95 -49.98
CA LYS D 83 12.14 1.89 -51.11
C LYS D 83 12.83 1.29 -52.35
N TYR D 84 13.08 -0.02 -52.26
CA TYR D 84 13.60 -0.83 -53.34
C TYR D 84 15.08 -0.56 -53.61
N ASN D 85 15.80 -0.12 -52.60
CA ASN D 85 17.23 -0.01 -52.71
C ASN D 85 17.88 -1.34 -52.42
N ALA D 86 18.47 -1.94 -53.42
CA ALA D 86 19.23 -3.19 -53.28
C ALA D 86 20.70 -2.90 -53.00
N CYS D 87 21.36 -3.82 -52.32
CA CYS D 87 22.81 -3.82 -52.26
C CYS D 87 23.37 -5.20 -51.82
N ILE D 88 24.61 -5.44 -52.21
CA ILE D 88 25.34 -6.60 -51.72
C ILE D 88 26.54 -6.13 -50.92
N LEU D 89 26.72 -6.73 -49.74
CA LEU D 89 27.56 -6.21 -48.67
C LEU D 89 28.59 -7.22 -48.17
N GLU D 90 29.80 -6.74 -47.81
CA GLU D 90 30.87 -7.56 -47.33
C GLU D 90 31.43 -6.97 -46.03
N TYR D 91 31.80 -7.85 -45.10
CA TYR D 91 32.49 -7.44 -43.88
C TYR D 91 34.00 -7.32 -44.17
N LYS D 92 34.64 -6.28 -43.63
CA LYS D 92 36.07 -6.06 -43.90
C LYS D 92 36.80 -5.63 -42.63
N GLN D 93 37.87 -6.34 -42.30
CA GLN D 93 38.65 -6.06 -41.08
C GLN D 93 39.63 -4.94 -41.36
N SER D 97 39.03 0.07 -37.74
CA SER D 97 39.30 -1.35 -37.91
C SER D 97 38.27 -2.09 -38.75
N ILE D 98 36.95 -1.75 -38.69
CA ILE D 98 35.89 -2.47 -39.41
C ILE D 98 35.04 -1.60 -40.37
N ASP D 99 34.97 -2.01 -41.62
CA ASP D 99 34.00 -1.44 -42.57
C ASP D 99 33.01 -2.53 -43.01
N ILE D 100 31.78 -2.11 -43.27
CA ILE D 100 30.85 -2.92 -44.07
C ILE D 100 30.72 -2.26 -45.44
N ILE D 101 31.10 -2.96 -46.48
CA ILE D 101 31.34 -2.29 -47.77
C ILE D 101 30.33 -2.71 -48.82
N THR D 102 30.09 -1.83 -49.77
CA THR D 102 29.04 -2.05 -50.75
C THR D 102 29.66 -2.49 -52.11
N ARG D 103 29.54 -3.79 -52.39
CA ARG D 103 30.08 -4.38 -53.59
C ARG D 103 29.22 -4.03 -54.80
N ALA D 104 27.91 -4.03 -54.57
CA ALA D 104 26.93 -3.87 -55.61
C ALA D 104 25.74 -3.12 -55.05
N HIS D 105 25.09 -2.30 -55.88
CA HIS D 105 23.85 -1.64 -55.47
C HIS D 105 23.09 -1.13 -56.66
N GLY D 106 21.80 -0.93 -56.47
CA GLY D 106 20.97 -0.27 -57.45
C GLY D 106 19.55 -0.16 -56.89
N ASN D 107 18.79 0.86 -57.29
CA ASN D 107 17.40 0.93 -56.91
C ASN D 107 16.45 0.24 -57.93
N VAL D 108 15.84 -0.85 -57.53
CA VAL D 108 15.15 -1.75 -58.45
C VAL D 108 13.64 -1.44 -58.59
N GLN D 109 13.27 -0.18 -58.45
CA GLN D 109 11.91 0.27 -58.73
C GLN D 109 11.49 0.11 -60.18
N ASP D 110 10.20 -0.06 -60.42
CA ASP D 110 9.65 -0.01 -61.79
C ASP D 110 8.64 1.11 -61.89
N ARG D 111 8.54 1.74 -63.05
CA ARG D 111 7.57 2.87 -63.22
C ARG D 111 6.15 2.34 -63.12
N ILE D 112 5.86 1.17 -63.73
CA ILE D 112 4.56 0.52 -63.63
C ILE D 112 4.59 -0.35 -62.38
N GLY D 113 3.56 -1.15 -62.17
CA GLY D 113 3.59 -2.19 -61.13
C GLY D 113 2.81 -1.87 -59.86
N ARG D 114 1.72 -2.60 -59.65
CA ARG D 114 1.01 -2.59 -58.36
C ARG D 114 1.77 -3.49 -57.40
N PRO D 115 2.29 -2.90 -56.31
CA PRO D 115 2.96 -3.71 -55.28
C PRO D 115 2.04 -4.82 -54.79
N SER D 116 2.60 -6.02 -54.65
CA SER D 116 1.80 -7.21 -54.33
C SER D 116 1.24 -7.21 -52.90
N GLU D 117 0.02 -7.72 -52.78
CA GLU D 117 -0.72 -7.76 -51.51
C GLU D 117 0.05 -8.57 -50.49
N THR D 118 0.73 -9.60 -50.96
CA THR D 118 1.53 -10.49 -50.13
C THR D 118 2.89 -9.93 -49.71
N GLY D 119 3.16 -8.71 -50.15
CA GLY D 119 4.37 -8.01 -49.73
C GLY D 119 5.57 -8.43 -50.52
N ILE D 120 6.65 -7.64 -50.38
CA ILE D 120 7.95 -7.93 -50.98
C ILE D 120 8.51 -9.27 -50.53
N ILE D 121 9.12 -10.02 -51.44
CA ILE D 121 9.68 -11.35 -51.12
C ILE D 121 11.01 -11.54 -51.86
N GLY D 122 12.09 -11.72 -51.11
CA GLY D 122 13.41 -11.89 -51.65
C GLY D 122 13.87 -13.32 -51.44
N ILE D 123 14.47 -13.88 -52.48
CA ILE D 123 15.01 -15.24 -52.41
C ILE D 123 16.29 -15.33 -53.25
N ILE D 124 17.26 -16.09 -52.74
CA ILE D 124 18.49 -16.37 -53.48
C ILE D 124 18.54 -17.88 -53.70
N ASP D 125 18.76 -18.30 -54.94
CA ASP D 125 18.84 -19.73 -55.24
C ASP D 125 20.10 -20.36 -54.64
N PRO D 126 20.08 -21.71 -54.45
CA PRO D 126 21.13 -22.40 -53.71
C PRO D 126 22.49 -22.39 -54.41
N GLU D 127 22.52 -22.25 -55.74
CA GLU D 127 23.77 -22.25 -56.50
C GLU D 127 24.30 -20.82 -56.63
N CYS D 128 23.62 -19.88 -55.97
CA CYS D 128 23.96 -18.47 -56.02
C CYS D 128 24.09 -17.95 -57.47
N ARG D 129 23.16 -18.37 -58.32
CA ARG D 129 23.08 -17.88 -59.67
C ARG D 129 22.39 -16.52 -59.73
N MET D 130 21.33 -16.33 -58.96
CA MET D 130 20.46 -15.16 -59.09
C MET D 130 19.86 -14.72 -57.73
N ILE D 131 19.47 -13.45 -57.63
CA ILE D 131 18.48 -13.05 -56.67
C ILE D 131 17.14 -12.94 -57.36
N GLY D 132 16.13 -13.55 -56.78
CA GLY D 132 14.77 -13.50 -57.32
C GLY D 132 13.92 -12.58 -56.50
N LEU D 133 13.32 -11.55 -57.12
CA LEU D 133 12.48 -10.62 -56.38
C LEU D 133 11.04 -10.66 -56.85
N ARG D 134 10.15 -10.85 -55.90
CA ARG D 134 8.74 -10.62 -56.12
C ARG D 134 8.30 -9.37 -55.42
N LEU D 135 8.05 -8.33 -56.22
CA LEU D 135 7.75 -6.98 -55.72
C LEU D 135 6.37 -6.57 -56.16
N TYR D 136 6.06 -6.87 -57.42
CA TYR D 136 4.77 -6.51 -58.01
C TYR D 136 4.01 -7.75 -58.53
N ASP D 137 2.69 -7.64 -58.56
CA ASP D 137 1.86 -8.70 -59.09
C ASP D 137 2.20 -8.86 -60.58
N GLY D 138 2.11 -10.09 -61.07
CA GLY D 138 2.38 -10.37 -62.48
C GLY D 138 3.83 -10.51 -62.89
N LEU D 139 4.75 -9.95 -62.11
CA LEU D 139 6.18 -9.98 -62.49
C LEU D 139 7.08 -10.68 -61.46
N PHE D 140 8.16 -11.29 -61.93
CA PHE D 140 9.16 -11.88 -61.07
C PHE D 140 10.53 -11.36 -61.52
N LYS D 141 11.14 -10.51 -60.70
CA LYS D 141 12.40 -9.85 -61.06
C LYS D 141 13.61 -10.76 -60.76
N VAL D 142 14.58 -10.77 -61.67
CA VAL D 142 15.74 -11.56 -61.50
C VAL D 142 16.97 -10.67 -61.64
N ILE D 143 17.80 -10.69 -60.61
CA ILE D 143 19.18 -10.17 -60.74
C ILE D 143 20.17 -11.34 -60.88
N PRO D 144 20.75 -11.48 -62.07
CA PRO D 144 21.89 -12.37 -62.23
C PRO D 144 23.06 -11.98 -61.31
N LEU D 145 23.58 -12.96 -60.56
CA LEU D 145 24.82 -12.78 -59.83
C LEU D 145 26.00 -13.17 -60.71
N ASP D 146 26.34 -12.25 -61.60
CA ASP D 146 27.58 -12.34 -62.37
C ASP D 146 28.57 -11.41 -61.72
N ARG D 147 29.83 -11.83 -61.74
CA ARG D 147 30.90 -11.04 -61.12
C ARG D 147 30.77 -9.57 -61.54
N ASP D 148 30.39 -9.33 -62.80
CA ASP D 148 30.34 -7.98 -63.36
C ASP D 148 28.98 -7.29 -63.23
N ASN D 149 28.20 -7.62 -62.17
CA ASN D 149 26.93 -6.94 -61.93
C ASN D 149 26.93 -6.00 -60.73
N LYS D 150 27.87 -5.05 -60.71
CA LYS D 150 27.97 -4.08 -59.61
C LYS D 150 26.74 -3.14 -59.52
N GLU D 151 26.11 -2.84 -60.65
CA GLU D 151 24.89 -1.99 -60.61
C GLU D 151 23.56 -2.75 -60.49
N LEU D 152 23.64 -4.05 -60.16
CA LEU D 152 22.47 -4.91 -59.96
C LEU D 152 21.34 -4.69 -60.99
N LYS D 153 21.73 -4.48 -62.25
CA LYS D 153 20.79 -4.48 -63.37
C LYS D 153 20.03 -5.81 -63.42
N ALA D 154 18.78 -5.77 -63.85
CA ALA D 154 17.84 -6.87 -63.56
C ALA D 154 16.78 -6.95 -64.66
N PHE D 155 16.08 -8.07 -64.72
CA PHE D 155 15.01 -8.23 -65.70
C PHE D 155 13.84 -8.99 -65.10
N ASN D 156 12.65 -8.77 -65.69
CA ASN D 156 11.40 -9.32 -65.18
C ASN D 156 10.95 -10.53 -66.02
N ILE D 157 10.27 -11.46 -65.39
CA ILE D 157 9.56 -12.54 -66.07
C ILE D 157 8.05 -12.45 -65.77
N ARG D 158 7.20 -12.56 -66.80
CA ARG D 158 5.76 -12.42 -66.62
C ARG D 158 5.22 -13.63 -65.81
N LEU D 159 4.29 -13.33 -64.91
CA LEU D 159 3.48 -14.35 -64.27
C LEU D 159 2.04 -14.22 -64.76
N GLU D 160 1.55 -15.27 -65.39
CA GLU D 160 0.11 -15.42 -65.59
C GLU D 160 -0.65 -15.26 -64.25
N GLU D 161 -0.16 -15.95 -63.22
CA GLU D 161 -0.78 -15.89 -61.89
C GLU D 161 -0.45 -14.56 -61.20
N LEU D 162 -1.50 -13.87 -60.79
CA LEU D 162 -1.40 -12.51 -60.26
C LEU D 162 -1.35 -12.43 -58.73
N HIS D 163 -1.91 -13.44 -58.06
CA HIS D 163 -1.99 -13.48 -56.61
C HIS D 163 -1.08 -14.58 -56.05
N VAL D 164 0.20 -14.29 -55.94
CA VAL D 164 1.14 -15.25 -55.39
C VAL D 164 1.30 -15.04 -53.87
N ILE D 165 1.01 -16.09 -53.11
CA ILE D 165 1.07 -16.07 -51.65
C ILE D 165 2.51 -16.12 -51.14
N ASP D 166 3.31 -17.02 -51.71
CA ASP D 166 4.67 -17.23 -51.20
C ASP D 166 5.53 -18.05 -52.16
N VAL D 167 6.83 -17.73 -52.21
CA VAL D 167 7.73 -18.29 -53.24
C VAL D 167 9.16 -18.55 -52.70
N LYS D 168 9.72 -19.70 -53.11
CA LYS D 168 11.05 -20.12 -52.72
C LYS D 168 11.66 -20.84 -53.90
N PHE D 169 12.99 -20.77 -54.03
CA PHE D 169 13.74 -21.66 -54.93
C PHE D 169 13.88 -23.04 -54.25
N LEU D 170 14.04 -24.08 -55.04
CA LEU D 170 14.20 -25.42 -54.47
C LEU D 170 15.66 -25.84 -54.44
N TYR D 171 15.96 -26.87 -53.64
CA TYR D 171 17.28 -27.49 -53.64
C TYR D 171 17.34 -28.72 -54.57
N GLY D 172 18.53 -29.00 -55.08
CA GLY D 172 18.77 -30.17 -55.90
C GLY D 172 18.07 -30.17 -57.23
N CYS D 173 18.15 -29.06 -57.94
CA CYS D 173 17.64 -29.00 -59.33
C CYS D 173 18.77 -28.75 -60.30
N GLN D 174 18.69 -29.33 -61.51
CA GLN D 174 19.73 -29.13 -62.52
C GLN D 174 19.64 -27.73 -63.17
N ALA D 175 18.63 -26.95 -62.78
CA ALA D 175 18.50 -25.53 -63.17
C ALA D 175 17.66 -24.80 -62.11
N PRO D 176 17.92 -23.48 -61.91
CA PRO D 176 17.24 -22.80 -60.80
C PRO D 176 15.72 -22.91 -60.93
N THR D 177 15.06 -23.28 -59.83
CA THR D 177 13.66 -23.67 -59.88
C THR D 177 12.85 -23.04 -58.73
N ILE D 178 11.79 -22.32 -59.08
CA ILE D 178 10.96 -21.69 -58.06
C ILE D 178 9.70 -22.52 -57.76
N CYS D 179 9.35 -22.58 -56.48
CA CYS D 179 8.14 -23.25 -56.03
C CYS D 179 7.30 -22.25 -55.30
N PHE D 180 6.04 -22.07 -55.73
CA PHE D 180 5.19 -21.10 -55.07
C PHE D 180 3.73 -21.51 -54.94
N VAL D 181 3.08 -20.94 -53.93
CA VAL D 181 1.63 -21.02 -53.78
C VAL D 181 0.99 -19.76 -54.37
N TYR D 182 -0.09 -19.96 -55.11
CA TYR D 182 -0.89 -18.87 -55.62
C TYR D 182 -2.38 -19.20 -55.42
N GLN D 183 -3.21 -18.18 -55.46
CA GLN D 183 -4.67 -18.36 -55.41
C GLN D 183 -5.34 -17.62 -56.55
N ASP D 184 -6.29 -18.28 -57.22
CA ASP D 184 -7.18 -17.65 -58.18
C ASP D 184 -8.63 -18.13 -57.91
N PRO D 185 -9.62 -17.72 -58.74
CA PRO D 185 -11.00 -18.26 -58.66
C PRO D 185 -11.15 -19.79 -58.67
N GLN D 186 -10.25 -20.51 -59.34
CA GLN D 186 -10.33 -21.96 -59.38
C GLN D 186 -9.73 -22.64 -58.14
N GLY D 187 -9.06 -21.87 -57.27
CA GLY D 187 -8.63 -22.37 -55.96
C GLY D 187 -7.27 -21.88 -55.51
N ARG D 188 -6.69 -22.58 -54.53
CA ARG D 188 -5.29 -22.32 -54.08
C ARG D 188 -4.37 -23.51 -54.42
N HIS D 189 -3.24 -23.22 -55.07
CA HIS D 189 -2.47 -24.24 -55.78
C HIS D 189 -0.97 -23.98 -55.62
N VAL D 190 -0.19 -25.06 -55.51
CA VAL D 190 1.24 -24.95 -55.59
C VAL D 190 1.71 -25.34 -57.00
N LYS D 191 2.65 -24.55 -57.52
CA LYS D 191 3.22 -24.79 -58.82
C LYS D 191 4.72 -24.57 -58.75
N THR D 192 5.40 -24.90 -59.83
CA THR D 192 6.84 -24.68 -59.95
C THR D 192 7.13 -24.12 -61.32
N TYR D 193 8.19 -23.33 -61.41
CA TYR D 193 8.75 -22.96 -62.72
C TYR D 193 10.21 -23.23 -62.70
N GLU D 194 10.75 -23.49 -63.88
CA GLU D 194 12.21 -23.48 -64.11
C GLU D 194 12.51 -22.10 -64.67
N VAL D 195 13.50 -21.42 -64.11
CA VAL D 195 13.79 -20.08 -64.57
C VAL D 195 14.91 -20.18 -65.55
N SER D 196 14.64 -19.95 -66.82
CA SER D 196 15.69 -19.97 -67.83
C SER D 196 16.52 -18.71 -67.75
N LEU D 197 17.72 -18.81 -67.18
CA LEU D 197 18.68 -17.71 -67.14
C LEU D 197 18.92 -17.05 -68.51
N ARG D 198 19.14 -17.86 -69.55
CA ARG D 198 19.43 -17.36 -70.90
C ARG D 198 18.20 -16.70 -71.53
N GLU D 199 17.09 -17.44 -71.64
CA GLU D 199 15.90 -16.89 -72.29
C GLU D 199 15.17 -15.88 -71.42
N LYS D 200 15.48 -15.83 -70.13
CA LYS D 200 14.81 -14.93 -69.19
C LYS D 200 13.32 -15.20 -69.19
N GLU D 201 12.95 -16.48 -69.04
CA GLU D 201 11.56 -16.85 -68.94
C GLU D 201 11.34 -18.05 -68.02
N PHE D 202 10.11 -18.28 -67.62
CA PHE D 202 9.76 -19.53 -66.95
C PHE D 202 9.64 -20.68 -67.92
N ASN D 203 10.14 -21.84 -67.52
CA ASN D 203 9.83 -23.06 -68.22
C ASN D 203 9.04 -24.01 -67.39
N LYS D 204 8.14 -24.75 -68.04
CA LYS D 204 7.21 -25.62 -67.31
C LYS D 204 7.96 -26.41 -66.23
N GLY D 205 7.55 -26.23 -64.99
CA GLY D 205 8.28 -26.81 -63.85
C GLY D 205 8.08 -28.29 -63.63
N PRO D 206 8.93 -28.90 -62.78
CA PRO D 206 8.95 -30.35 -62.52
C PRO D 206 7.60 -30.94 -62.07
N TRP D 207 6.80 -30.11 -61.36
CA TRP D 207 5.55 -30.59 -60.78
C TRP D 207 4.60 -29.44 -60.45
N LYS D 208 3.36 -29.82 -60.11
CA LYS D 208 2.39 -28.90 -59.51
C LYS D 208 1.35 -29.70 -58.69
N GLN D 209 0.57 -29.01 -57.85
CA GLN D 209 -0.53 -29.77 -57.16
C GLN D 209 -1.83 -29.04 -56.77
N GLU D 210 -2.91 -29.26 -57.55
CA GLU D 210 -3.94 -28.20 -57.88
C GLU D 210 -4.88 -27.59 -56.75
N ASN D 211 -5.38 -28.40 -55.79
CA ASN D 211 -6.05 -27.82 -54.55
C ASN D 211 -5.26 -28.14 -53.26
N VAL D 212 -4.41 -27.20 -52.83
CA VAL D 212 -3.76 -27.27 -51.50
C VAL D 212 -4.75 -26.82 -50.42
N GLU D 213 -4.34 -26.86 -49.14
CA GLU D 213 -5.17 -26.35 -48.05
C GLU D 213 -5.66 -24.94 -48.32
N ALA D 214 -6.88 -24.62 -47.89
CA ALA D 214 -7.51 -23.32 -48.20
C ALA D 214 -6.65 -22.13 -47.77
N GLU D 215 -5.91 -22.33 -46.69
CA GLU D 215 -5.27 -21.20 -46.02
C GLU D 215 -3.76 -21.45 -45.88
N ALA D 216 -3.27 -22.42 -46.65
CA ALA D 216 -1.85 -22.61 -46.89
C ALA D 216 -1.20 -21.29 -47.24
N SER D 217 -0.07 -20.99 -46.61
CA SER D 217 0.58 -19.69 -46.78
C SER D 217 2.10 -19.68 -46.66
N MET D 218 2.70 -20.79 -46.24
CA MET D 218 4.13 -20.78 -46.00
C MET D 218 4.85 -21.84 -46.86
N VAL D 219 5.82 -21.38 -47.64
CA VAL D 219 6.63 -22.31 -48.41
C VAL D 219 7.97 -22.48 -47.73
N ILE D 220 8.42 -23.74 -47.61
CA ILE D 220 9.71 -24.08 -47.03
C ILE D 220 10.46 -25.00 -47.98
N ALA D 221 11.61 -24.54 -48.45
CA ALA D 221 12.43 -25.35 -49.34
C ALA D 221 13.41 -26.22 -48.54
N VAL D 222 13.31 -27.54 -48.76
CA VAL D 222 14.11 -28.49 -48.01
C VAL D 222 15.41 -28.75 -48.77
N PRO D 223 16.56 -28.73 -48.05
CA PRO D 223 17.89 -28.96 -48.68
C PRO D 223 18.09 -30.35 -49.29
N GLU D 224 19.25 -30.59 -49.91
CA GLU D 224 19.38 -31.65 -50.91
C GLU D 224 19.85 -33.03 -50.35
N PRO D 225 19.23 -33.50 -49.26
CA PRO D 225 19.06 -34.93 -49.38
C PRO D 225 17.67 -35.26 -49.92
N PHE D 226 16.63 -34.86 -49.21
CA PHE D 226 15.26 -35.13 -49.64
C PHE D 226 14.83 -34.20 -50.78
N GLY D 227 15.35 -32.96 -50.77
CA GLY D 227 14.84 -31.89 -51.61
C GLY D 227 13.36 -31.66 -51.36
N GLY D 228 12.70 -30.98 -52.29
CA GLY D 228 11.26 -30.81 -52.22
C GLY D 228 10.81 -29.59 -51.43
N ALA D 229 9.52 -29.52 -51.17
CA ALA D 229 8.96 -28.39 -50.47
C ALA D 229 7.98 -28.84 -49.38
N ILE D 230 7.97 -28.11 -48.27
CA ILE D 230 6.92 -28.24 -47.28
C ILE D 230 5.97 -27.05 -47.39
N ILE D 231 4.68 -27.31 -47.22
CA ILE D 231 3.66 -26.25 -47.26
C ILE D 231 2.86 -26.22 -45.96
N ILE D 232 2.98 -25.15 -45.19
CA ILE D 232 2.24 -25.02 -43.94
C ILE D 232 0.95 -24.25 -44.20
N GLY D 233 -0.16 -24.72 -43.60
CA GLY D 233 -1.43 -23.96 -43.60
C GLY D 233 -1.94 -23.71 -42.16
N GLN D 234 -3.26 -23.72 -42.01
CA GLN D 234 -3.88 -23.60 -40.70
C GLN D 234 -4.01 -24.93 -40.01
N GLU D 235 -4.53 -25.92 -40.75
CA GLU D 235 -4.80 -27.26 -40.21
C GLU D 235 -3.79 -28.33 -40.72
N SER D 236 -3.24 -28.08 -41.89
CA SER D 236 -2.42 -29.09 -42.57
C SER D 236 -0.98 -28.61 -42.87
N ILE D 237 -0.05 -29.56 -42.78
CA ILE D 237 1.31 -29.38 -43.22
C ILE D 237 1.54 -30.46 -44.25
N THR D 238 2.09 -30.10 -45.40
CA THR D 238 2.13 -30.98 -46.57
C THR D 238 3.50 -30.99 -47.22
N TYR D 239 3.97 -32.17 -47.63
CA TYR D 239 5.25 -32.28 -48.32
C TYR D 239 5.06 -32.67 -49.77
N HIS D 240 5.91 -32.09 -50.63
CA HIS D 240 5.89 -32.35 -52.07
C HIS D 240 7.32 -32.51 -52.59
N ASN D 241 7.54 -33.52 -53.43
CA ASN D 241 8.64 -33.54 -54.37
C ASN D 241 8.24 -34.44 -55.54
N GLY D 242 8.42 -33.95 -56.76
CA GLY D 242 7.88 -34.63 -57.90
C GLY D 242 6.49 -35.06 -57.50
N ASP D 243 6.22 -36.36 -57.51
CA ASP D 243 4.91 -36.86 -57.17
C ASP D 243 4.84 -37.76 -55.92
N LYS D 244 5.86 -37.72 -55.07
CA LYS D 244 5.72 -38.11 -53.67
C LYS D 244 4.91 -37.02 -52.95
N TYR D 245 4.19 -37.38 -51.90
CA TYR D 245 3.20 -36.46 -51.31
C TYR D 245 2.78 -36.96 -49.93
N LEU D 246 2.99 -36.11 -48.94
CA LEU D 246 2.66 -36.43 -47.55
C LEU D 246 1.76 -35.33 -47.03
N ALA D 247 0.69 -35.70 -46.31
CA ALA D 247 -0.22 -34.70 -45.72
C ALA D 247 -0.64 -35.08 -44.30
N ILE D 248 -0.11 -34.35 -43.31
CA ILE D 248 -0.53 -34.52 -41.94
C ILE D 248 -1.35 -33.31 -41.47
N ALA D 249 -2.26 -33.58 -40.54
CA ALA D 249 -3.15 -32.55 -40.01
C ALA D 249 -3.23 -32.68 -38.48
N PRO D 250 -2.10 -32.41 -37.77
CA PRO D 250 -2.05 -32.72 -36.35
C PRO D 250 -2.89 -31.77 -35.51
N PRO D 251 -3.47 -32.27 -34.38
CA PRO D 251 -4.31 -31.40 -33.53
C PRO D 251 -3.50 -30.33 -32.82
N ILE D 252 -2.23 -30.61 -32.57
CA ILE D 252 -1.37 -29.79 -31.76
C ILE D 252 -1.09 -28.42 -32.41
N ILE D 253 -1.41 -28.28 -33.71
CA ILE D 253 -1.35 -26.94 -34.33
C ILE D 253 -2.72 -26.41 -34.73
N LYS D 254 -3.78 -27.06 -34.24
CA LYS D 254 -5.15 -26.63 -34.58
C LYS D 254 -5.41 -25.19 -34.15
N GLN D 255 -4.99 -24.88 -32.92
CA GLN D 255 -5.42 -23.67 -32.20
C GLN D 255 -4.97 -22.34 -32.80
N SER D 256 -3.90 -22.35 -33.59
CA SER D 256 -3.49 -21.08 -34.22
C SER D 256 -2.65 -21.27 -35.47
N THR D 257 -1.83 -20.29 -35.82
CA THR D 257 -1.35 -20.15 -37.17
C THR D 257 0.14 -20.12 -37.21
N ILE D 258 0.74 -20.92 -38.06
CA ILE D 258 2.20 -20.98 -38.15
C ILE D 258 2.66 -19.87 -39.06
N VAL D 259 3.51 -19.00 -38.54
CA VAL D 259 3.87 -17.77 -39.23
C VAL D 259 5.37 -17.61 -39.48
N CYS D 260 6.19 -18.33 -38.72
CA CYS D 260 7.60 -18.33 -39.00
C CYS D 260 8.16 -19.69 -38.81
N HIS D 261 9.28 -19.91 -39.45
CA HIS D 261 9.91 -21.23 -39.50
C HIS D 261 11.42 -21.00 -39.60
N ASN D 262 12.19 -22.06 -39.37
CA ASN D 262 13.60 -22.06 -39.70
C ASN D 262 14.27 -23.42 -39.55
N ARG D 263 15.28 -23.64 -40.38
CA ARG D 263 16.01 -24.93 -40.41
C ARG D 263 16.95 -25.09 -39.21
N VAL D 264 16.83 -26.21 -38.51
CA VAL D 264 17.74 -26.53 -37.41
C VAL D 264 19.11 -26.99 -37.91
N ASP D 265 19.15 -28.04 -38.71
CA ASP D 265 20.44 -28.57 -39.19
C ASP D 265 20.51 -28.60 -40.74
N PRO D 266 21.75 -28.61 -41.29
CA PRO D 266 21.94 -28.64 -42.77
C PRO D 266 21.10 -29.72 -43.43
N ASN D 267 21.21 -30.95 -42.94
CA ASN D 267 20.37 -32.10 -43.29
C ASN D 267 18.90 -31.76 -43.60
N GLY D 268 18.33 -30.88 -42.77
CA GLY D 268 16.91 -30.53 -42.86
C GLY D 268 16.04 -31.55 -42.16
N SER D 269 16.66 -32.39 -41.33
CA SER D 269 15.90 -33.35 -40.50
C SER D 269 14.87 -32.65 -39.62
N ARG D 270 15.26 -31.49 -39.08
CA ARG D 270 14.47 -30.80 -38.05
C ARG D 270 14.23 -29.35 -38.47
N TYR D 271 13.04 -28.84 -38.17
CA TYR D 271 12.70 -27.45 -38.41
C TYR D 271 12.09 -26.85 -37.15
N LEU D 272 12.33 -25.58 -36.91
CA LEU D 272 11.60 -24.84 -35.89
C LEU D 272 10.39 -24.16 -36.51
N LEU D 273 9.27 -24.15 -35.77
CA LEU D 273 8.03 -23.50 -36.24
C LEU D 273 7.46 -22.60 -35.17
N GLY D 274 7.15 -21.36 -35.56
CA GLY D 274 6.57 -20.36 -34.65
C GLY D 274 5.12 -20.00 -34.91
N ASP D 275 4.30 -20.27 -33.90
CA ASP D 275 2.92 -19.79 -33.71
C ASP D 275 2.73 -18.30 -33.88
N MET D 276 1.50 -17.84 -34.03
CA MET D 276 1.20 -16.40 -34.07
C MET D 276 0.94 -15.86 -32.68
N GLU D 277 0.95 -16.77 -31.71
CA GLU D 277 0.54 -16.50 -30.33
C GLU D 277 1.56 -17.12 -29.35
N GLY D 278 2.73 -17.57 -29.84
CA GLY D 278 3.88 -17.78 -28.96
C GLY D 278 4.32 -19.23 -28.78
N ARG D 279 3.60 -20.16 -29.38
CA ARG D 279 4.06 -21.54 -29.39
C ARG D 279 5.24 -21.73 -30.27
N LEU D 280 6.17 -22.53 -29.78
CA LEU D 280 7.35 -22.96 -30.55
C LEU D 280 7.24 -24.44 -30.75
N PHE D 281 7.28 -24.86 -32.03
CA PHE D 281 7.16 -26.27 -32.37
C PHE D 281 8.45 -26.75 -32.95
N MET D 282 8.66 -28.07 -32.88
CA MET D 282 9.63 -28.69 -33.77
C MET D 282 8.96 -29.65 -34.75
N LEU D 283 9.28 -29.46 -36.02
CA LEU D 283 8.89 -30.36 -37.08
C LEU D 283 10.06 -31.28 -37.39
N LEU D 284 9.75 -32.56 -37.56
CA LEU D 284 10.73 -33.61 -37.87
C LEU D 284 10.36 -34.31 -39.18
N LEU D 285 11.36 -34.53 -40.03
CA LEU D 285 11.17 -35.31 -41.26
C LEU D 285 11.77 -36.68 -41.03
N GLU D 286 10.96 -37.71 -41.23
CA GLU D 286 11.40 -39.08 -40.98
C GLU D 286 11.77 -39.78 -42.28
N LYS D 287 12.93 -40.43 -42.23
CA LYS D 287 13.45 -41.27 -43.34
C LYS D 287 13.49 -42.74 -42.99
N THR D 296 13.89 -42.85 -48.64
CA THR D 296 14.04 -41.53 -48.05
C THR D 296 12.68 -41.08 -47.39
N LEU D 297 12.10 -39.93 -47.78
CA LEU D 297 11.14 -39.24 -46.88
C LEU D 297 9.78 -39.93 -46.71
N LYS D 298 9.50 -40.33 -45.48
CA LYS D 298 8.37 -41.24 -45.18
C LYS D 298 7.26 -40.61 -44.32
N ASP D 299 7.64 -39.81 -43.34
CA ASP D 299 6.59 -39.18 -42.50
C ASP D 299 7.01 -37.89 -41.81
N LEU D 300 6.04 -37.15 -41.31
CA LEU D 300 6.27 -35.89 -40.55
C LEU D 300 5.66 -35.96 -39.17
N ARG D 301 6.37 -35.44 -38.14
CA ARG D 301 5.80 -35.30 -36.77
C ARG D 301 6.09 -33.92 -36.16
N VAL D 302 5.08 -33.29 -35.60
CA VAL D 302 5.29 -31.97 -34.98
C VAL D 302 5.16 -32.06 -33.48
N GLU D 303 6.05 -31.41 -32.73
CA GLU D 303 6.09 -31.58 -31.28
C GLU D 303 6.20 -30.22 -30.61
N LEU D 304 5.52 -30.07 -29.48
CA LEU D 304 5.32 -28.74 -28.82
C LEU D 304 6.46 -28.39 -27.86
N LEU D 305 7.38 -27.54 -28.30
CA LEU D 305 8.48 -27.16 -27.41
C LEU D 305 8.08 -26.28 -26.22
N GLY D 306 7.06 -25.44 -26.42
CA GLY D 306 6.61 -24.52 -25.36
C GLY D 306 6.31 -23.11 -25.83
N GLU D 307 6.35 -22.17 -24.86
CA GLU D 307 6.01 -20.76 -25.10
C GLU D 307 7.29 -19.89 -25.12
N THR D 308 7.34 -18.98 -26.06
CA THR D 308 8.41 -18.02 -26.19
C THR D 308 7.65 -16.67 -26.34
N SER D 309 8.39 -15.58 -26.40
CA SER D 309 7.83 -14.35 -26.89
C SER D 309 7.22 -14.61 -28.25
N ILE D 310 6.14 -13.89 -28.56
CA ILE D 310 5.52 -14.01 -29.87
C ILE D 310 6.62 -13.74 -30.88
N ALA D 311 6.89 -14.73 -31.70
CA ALA D 311 8.03 -14.70 -32.63
C ALA D 311 7.67 -14.05 -33.97
N GLU D 312 8.58 -13.24 -34.49
CA GLU D 312 8.45 -12.70 -35.82
C GLU D 312 9.38 -13.51 -36.71
N CYS D 313 10.54 -13.86 -36.16
CA CYS D 313 11.49 -14.68 -36.87
C CYS D 313 12.29 -15.57 -35.90
N LEU D 314 12.76 -16.70 -36.38
CA LEU D 314 13.54 -17.62 -35.57
C LEU D 314 14.84 -17.99 -36.24
N THR D 315 15.87 -18.17 -35.43
CA THR D 315 17.12 -18.72 -35.90
C THR D 315 17.61 -19.75 -34.90
N TYR D 316 18.01 -20.91 -35.40
CA TYR D 316 18.78 -21.83 -34.60
C TYR D 316 20.23 -21.41 -34.67
N LEU D 317 20.84 -21.27 -33.51
CA LEU D 317 22.24 -20.91 -33.44
C LEU D 317 23.11 -22.16 -33.27
N ASP D 318 23.25 -22.66 -32.04
CA ASP D 318 24.07 -23.83 -31.79
C ASP D 318 24.01 -24.23 -30.31
N ASN D 319 24.48 -25.42 -30.01
CA ASN D 319 24.32 -25.99 -28.66
C ASN D 319 22.86 -25.82 -28.19
N GLY D 320 21.92 -26.13 -29.09
CA GLY D 320 20.49 -26.07 -28.79
C GLY D 320 19.98 -24.72 -28.32
N VAL D 321 20.63 -23.65 -28.77
CA VAL D 321 20.21 -22.29 -28.43
C VAL D 321 19.54 -21.70 -29.65
N VAL D 322 18.49 -20.92 -29.39
CA VAL D 322 17.64 -20.39 -30.42
C VAL D 322 17.41 -18.90 -30.20
N PHE D 323 17.59 -18.12 -31.27
CA PHE D 323 17.21 -16.71 -31.26
C PHE D 323 15.77 -16.49 -31.71
N VAL D 324 14.97 -15.92 -30.81
CA VAL D 324 13.58 -15.57 -31.09
C VAL D 324 13.55 -14.07 -31.30
N GLY D 325 13.34 -13.67 -32.54
CA GLY D 325 13.21 -12.25 -32.89
C GLY D 325 11.78 -11.85 -32.71
N SER D 326 11.54 -10.87 -31.86
CA SER D 326 10.17 -10.44 -31.58
C SER D 326 9.83 -9.07 -32.15
N ARG D 327 8.55 -8.84 -32.38
CA ARG D 327 8.06 -7.53 -32.71
C ARG D 327 7.12 -7.06 -31.64
N LEU D 328 6.29 -7.98 -31.16
CA LEU D 328 5.33 -7.65 -30.12
C LEU D 328 5.88 -7.65 -28.74
N GLY D 329 7.08 -8.19 -28.56
CA GLY D 329 7.64 -8.43 -27.22
C GLY D 329 9.14 -8.31 -27.23
N ASP D 330 9.76 -8.66 -26.12
CA ASP D 330 11.23 -8.68 -26.06
C ASP D 330 11.69 -9.84 -26.88
N SER D 331 12.80 -9.66 -27.59
CA SER D 331 13.41 -10.76 -28.32
C SER D 331 14.22 -11.59 -27.32
N GLN D 332 14.49 -12.85 -27.68
CA GLN D 332 14.99 -13.83 -26.69
C GLN D 332 16.23 -14.63 -27.18
N LEU D 333 16.98 -15.17 -26.22
CA LEU D 333 17.69 -16.38 -26.48
C LEU D 333 17.09 -17.51 -25.66
N VAL D 334 16.72 -18.59 -26.32
CA VAL D 334 16.16 -19.74 -25.60
C VAL D 334 16.98 -20.99 -25.76
N LYS D 335 17.23 -21.69 -24.66
CA LYS D 335 17.85 -23.02 -24.71
C LYS D 335 16.72 -24.05 -24.76
N LEU D 336 16.75 -24.89 -25.79
CA LEU D 336 15.79 -26.01 -25.82
C LEU D 336 16.38 -27.35 -25.38
N ASN D 337 16.05 -27.79 -24.15
CA ASN D 337 16.53 -29.08 -23.57
C ASN D 337 15.67 -30.30 -23.92
N GLN D 343 13.61 -31.64 -20.35
CA GLN D 343 12.40 -31.84 -21.13
C GLN D 343 11.14 -31.77 -20.21
N GLY D 344 11.29 -31.06 -19.09
CA GLY D 344 10.17 -30.58 -18.27
C GLY D 344 9.05 -29.72 -18.90
N SER D 345 9.39 -28.61 -19.55
CA SER D 345 8.57 -28.08 -20.67
C SER D 345 9.56 -27.39 -21.71
N TYR D 346 9.77 -27.94 -22.92
CA TYR D 346 11.18 -28.20 -23.38
C TYR D 346 12.03 -26.98 -23.75
N VAL D 347 11.53 -25.79 -23.44
CA VAL D 347 12.20 -24.55 -23.80
C VAL D 347 12.54 -23.77 -22.52
N VAL D 348 13.70 -23.10 -22.50
CA VAL D 348 14.13 -22.34 -21.30
C VAL D 348 14.67 -21.00 -21.78
N ALA D 349 14.36 -19.91 -21.07
CA ALA D 349 14.87 -18.60 -21.44
C ALA D 349 16.29 -18.41 -20.94
N MET D 350 17.15 -17.90 -21.81
CA MET D 350 18.55 -17.61 -21.48
C MET D 350 18.70 -16.12 -21.25
N GLU D 351 18.32 -15.37 -22.28
CA GLU D 351 18.44 -13.92 -22.28
C GLU D 351 17.15 -13.28 -22.75
N THR D 352 16.97 -12.03 -22.32
CA THR D 352 15.88 -11.16 -22.78
C THR D 352 16.53 -9.88 -23.39
N PHE D 353 16.04 -9.42 -24.54
CA PHE D 353 16.56 -8.20 -25.15
C PHE D 353 15.43 -7.21 -25.33
N THR D 354 15.64 -6.00 -24.76
CA THR D 354 14.50 -5.09 -24.54
C THR D 354 13.88 -4.65 -25.88
N ASN D 355 12.57 -4.76 -25.91
CA ASN D 355 11.76 -4.21 -27.00
C ASN D 355 10.67 -3.29 -26.54
N LEU D 356 10.73 -2.01 -26.91
CA LEU D 356 9.64 -1.09 -26.61
C LEU D 356 8.54 -1.21 -27.63
N GLY D 357 8.81 -1.89 -28.74
CA GLY D 357 7.89 -2.05 -29.89
C GLY D 357 6.44 -2.46 -29.59
N PRO D 358 5.52 -2.12 -30.53
CA PRO D 358 4.42 -1.20 -30.44
C PRO D 358 4.58 -0.27 -29.27
N ILE D 359 5.01 0.94 -29.51
CA ILE D 359 4.74 2.03 -28.59
C ILE D 359 3.39 2.57 -29.02
N VAL D 360 2.38 2.19 -28.26
CA VAL D 360 1.03 2.27 -28.67
C VAL D 360 0.39 3.53 -28.08
N ASP D 361 0.99 3.98 -26.98
CA ASP D 361 0.68 5.29 -26.35
C ASP D 361 1.69 5.51 -25.23
N MET D 362 1.88 6.76 -24.86
CA MET D 362 2.87 7.13 -23.83
C MET D 362 2.57 8.48 -23.21
N CYS D 363 3.23 8.78 -22.12
CA CYS D 363 3.03 10.08 -21.43
C CYS D 363 4.31 10.41 -20.68
N VAL D 364 4.59 11.71 -20.50
CA VAL D 364 5.81 12.14 -19.84
C VAL D 364 5.53 12.68 -18.43
N VAL D 365 6.29 12.19 -17.48
CA VAL D 365 5.99 12.32 -16.07
C VAL D 365 7.19 12.94 -15.44
N ASP D 366 6.95 13.70 -14.36
CA ASP D 366 7.96 14.15 -13.36
C ASP D 366 8.85 15.22 -13.95
N GLN D 370 10.30 18.19 -10.02
CA GLN D 370 10.94 16.90 -10.28
C GLN D 370 12.16 16.95 -11.18
N GLY D 371 12.48 18.15 -11.70
CA GLY D 371 13.59 18.42 -12.70
C GLY D 371 13.30 17.99 -14.16
N GLN D 372 14.17 17.16 -14.73
CA GLN D 372 13.95 16.62 -16.07
C GLN D 372 13.08 15.36 -16.04
N GLY D 373 12.07 15.34 -16.90
CA GLY D 373 11.07 14.27 -16.95
C GLY D 373 11.42 12.89 -17.55
N GLN D 374 10.58 11.92 -17.22
CA GLN D 374 10.77 10.55 -17.70
C GLN D 374 9.46 9.99 -18.32
N LEU D 375 9.61 9.01 -19.16
CA LEU D 375 8.63 8.74 -20.20
C LEU D 375 8.07 7.36 -19.96
N VAL D 376 6.74 7.23 -19.92
CA VAL D 376 6.14 5.93 -19.67
C VAL D 376 5.34 5.46 -20.84
N THR D 377 5.52 4.20 -21.27
CA THR D 377 4.83 3.72 -22.46
C THR D 377 3.87 2.56 -22.21
N CYS D 378 2.88 2.48 -23.10
CA CYS D 378 2.15 1.26 -23.33
C CYS D 378 2.81 0.53 -24.47
N SER D 379 3.59 -0.50 -24.12
CA SER D 379 4.41 -1.26 -25.08
C SER D 379 3.93 -2.69 -25.18
N GLY D 380 4.02 -3.26 -26.38
CA GLY D 380 3.73 -4.68 -26.57
C GLY D 380 2.25 -5.00 -26.75
N ALA D 381 1.95 -6.29 -26.69
CA ALA D 381 0.67 -6.82 -27.13
C ALA D 381 0.47 -8.24 -26.61
N PHE D 382 -0.80 -8.58 -26.36
CA PHE D 382 -1.14 -9.88 -25.80
C PHE D 382 -0.21 -10.20 -24.60
N LYS D 383 0.42 -11.35 -24.58
CA LYS D 383 1.20 -11.74 -23.40
C LYS D 383 2.44 -10.84 -23.16
N GLU D 384 2.87 -10.15 -24.21
CA GLU D 384 4.03 -9.29 -24.13
C GLU D 384 3.74 -7.89 -23.61
N GLY D 385 2.47 -7.56 -23.44
CA GLY D 385 2.08 -6.24 -22.96
C GLY D 385 2.84 -5.81 -21.73
N SER D 386 3.33 -4.58 -21.74
CA SER D 386 4.10 -4.08 -20.63
C SER D 386 3.94 -2.58 -20.51
N LEU D 387 4.34 -2.07 -19.35
CA LEU D 387 4.72 -0.69 -19.23
C LEU D 387 6.24 -0.61 -19.34
N ARG D 388 6.70 0.36 -20.13
CA ARG D 388 8.14 0.74 -20.12
C ARG D 388 8.34 2.09 -19.51
N ILE D 389 9.24 2.14 -18.54
CA ILE D 389 9.68 3.40 -18.00
C ILE D 389 11.07 3.74 -18.45
N ILE D 390 11.21 4.93 -19.00
CA ILE D 390 12.45 5.37 -19.66
C ILE D 390 12.96 6.65 -19.02
N ARG D 391 14.15 6.53 -18.43
CA ARG D 391 14.80 7.61 -17.69
C ARG D 391 16.20 7.76 -18.30
N ASN D 392 16.54 9.01 -18.60
CA ASN D 392 17.84 9.35 -19.10
C ASN D 392 18.77 9.51 -17.89
N GLY D 393 20.03 9.17 -17.98
CA GLY D 393 20.69 8.73 -16.74
C GLY D 393 22.10 8.28 -16.90
N ILE D 394 22.79 8.12 -15.81
CA ILE D 394 24.07 7.50 -15.74
C ILE D 394 23.72 6.46 -14.80
N GLY D 395 23.86 5.20 -15.18
CA GLY D 395 23.52 4.06 -14.26
C GLY D 395 24.68 3.66 -13.40
N ILE D 396 24.40 3.01 -12.27
CA ILE D 396 25.45 2.53 -11.38
C ILE D 396 25.26 1.06 -11.08
N HIS D 397 26.25 0.26 -11.53
CA HIS D 397 26.31 -1.14 -11.22
C HIS D 397 26.79 -1.31 -9.81
N GLU D 398 26.03 -2.02 -9.00
CA GLU D 398 26.40 -2.22 -7.61
C GLU D 398 27.16 -3.51 -7.44
N HIS D 399 28.25 -3.48 -6.70
CA HIS D 399 29.00 -4.68 -6.39
C HIS D 399 28.85 -5.11 -4.97
N ALA D 400 28.66 -4.13 -4.06
CA ALA D 400 28.21 -4.39 -2.68
C ALA D 400 27.11 -3.42 -2.24
N SER D 401 26.20 -3.91 -1.40
CA SER D 401 25.38 -3.04 -0.53
C SER D 401 25.55 -3.51 0.91
N ILE D 402 25.84 -2.57 1.82
CA ILE D 402 25.99 -2.89 3.24
C ILE D 402 25.06 -2.04 4.12
N ASP D 403 24.30 -2.77 4.94
CA ASP D 403 23.38 -2.13 5.89
C ASP D 403 24.04 -1.51 7.06
N LEU D 404 24.10 -0.21 6.91
CA LEU D 404 25.08 0.57 7.51
C LEU D 404 24.45 1.96 7.58
N PRO D 405 23.66 2.15 8.62
CA PRO D 405 22.95 3.41 8.83
C PRO D 405 23.84 4.50 9.34
N GLY D 406 23.61 5.73 8.87
CA GLY D 406 24.05 6.94 9.60
C GLY D 406 25.36 7.58 9.12
N ILE D 407 25.94 7.08 8.04
CA ILE D 407 27.18 7.65 7.53
C ILE D 407 27.05 9.14 7.28
N LYS D 408 28.02 9.92 7.78
CA LYS D 408 28.01 11.38 7.60
C LYS D 408 29.30 11.88 6.93
N GLY D 409 30.14 10.94 6.49
CA GLY D 409 31.32 11.25 5.68
C GLY D 409 32.05 9.94 5.23
N LEU D 410 32.79 10.06 4.13
CA LEU D 410 33.41 8.91 3.51
C LEU D 410 34.82 9.24 3.02
N TRP D 411 35.75 8.31 3.26
CA TRP D 411 37.13 8.52 2.77
C TRP D 411 37.82 7.27 2.39
N PRO D 412 38.46 7.24 1.22
CA PRO D 412 39.35 6.19 0.84
C PRO D 412 40.71 6.45 1.44
N LEU D 413 41.48 5.38 1.58
CA LEU D 413 42.71 5.45 2.31
C LEU D 413 43.57 4.27 1.95
N ARG D 414 44.84 4.35 2.37
CA ARG D 414 45.86 3.44 1.97
C ARG D 414 46.75 3.06 3.18
N SER D 415 46.44 1.92 3.81
CA SER D 415 47.20 1.44 4.94
C SER D 415 48.62 0.97 4.56
N ASP D 416 49.02 1.06 3.28
CA ASP D 416 50.38 0.65 2.89
C ASP D 416 50.93 1.36 1.61
N PRO D 417 52.13 2.02 1.74
CA PRO D 417 52.87 2.44 0.55
C PRO D 417 53.77 1.33 0.01
N GLU D 420 49.57 2.65 -2.43
CA GLU D 420 49.53 2.06 -3.78
C GLU D 420 48.12 2.06 -4.45
N THR D 421 47.16 1.46 -3.75
CA THR D 421 45.74 1.29 -4.17
C THR D 421 44.95 1.15 -2.87
N ASP D 422 43.78 1.79 -2.77
CA ASP D 422 43.05 1.87 -1.50
C ASP D 422 42.76 0.45 -0.95
N ASP D 423 42.73 0.33 0.38
CA ASP D 423 42.46 -0.92 1.04
C ASP D 423 41.55 -0.67 2.29
N THR D 424 41.35 0.62 2.53
CA THR D 424 40.77 1.08 3.73
C THR D 424 39.68 2.06 3.37
N LEU D 425 38.53 1.87 4.01
CA LEU D 425 37.46 2.84 3.93
C LEU D 425 37.17 3.38 5.31
N VAL D 426 37.19 4.69 5.44
CA VAL D 426 36.89 5.35 6.71
C VAL D 426 35.56 6.03 6.67
N LEU D 427 34.72 5.71 7.64
CA LEU D 427 33.37 6.30 7.74
C LEU D 427 33.28 7.08 9.02
N SER D 428 32.54 8.19 8.97
CA SER D 428 32.22 9.00 10.14
C SER D 428 30.69 9.02 10.41
N PHE D 429 30.33 9.05 11.69
CA PHE D 429 28.95 9.20 12.09
C PHE D 429 28.95 10.37 13.08
N VAL D 430 27.80 10.74 13.64
CA VAL D 430 27.79 11.93 14.48
C VAL D 430 28.60 11.68 15.78
N GLY D 431 29.65 12.48 15.94
CA GLY D 431 30.65 12.29 17.00
C GLY D 431 31.21 10.87 17.11
N GLN D 432 31.54 10.27 15.97
CA GLN D 432 32.05 8.91 15.95
C GLN D 432 32.73 8.60 14.61
N THR D 433 33.75 7.75 14.63
CA THR D 433 34.50 7.40 13.41
C THR D 433 34.95 5.99 13.39
N ARG D 434 34.95 5.45 12.23
CA ARG D 434 35.20 4.04 12.18
C ARG D 434 35.81 3.65 10.89
N VAL D 435 36.53 2.53 10.95
CA VAL D 435 37.39 2.14 9.87
C VAL D 435 37.02 0.77 9.35
N LEU D 436 36.96 0.65 8.01
CA LEU D 436 36.72 -0.64 7.35
C LEU D 436 37.96 -1.03 6.57
N MET D 437 38.40 -2.25 6.77
CA MET D 437 39.42 -2.80 5.86
C MET D 437 38.76 -3.56 4.70
N LEU D 438 39.41 -3.47 3.54
CA LEU D 438 38.91 -4.19 2.36
C LEU D 438 39.86 -5.32 1.95
N ASN D 439 39.34 -6.55 2.00
CA ASN D 439 40.01 -7.67 1.37
C ASN D 439 39.14 -8.23 0.30
N GLY D 440 39.57 -8.03 -0.94
CA GLY D 440 38.71 -8.32 -2.08
C GLY D 440 37.36 -7.68 -1.88
N GLU D 441 36.34 -8.53 -1.83
CA GLU D 441 34.97 -8.09 -1.76
C GLU D 441 34.42 -8.20 -0.33
N GLU D 442 35.28 -8.59 0.61
CA GLU D 442 34.86 -8.67 2.00
C GLU D 442 35.37 -7.47 2.83
N VAL D 443 34.42 -6.70 3.36
CA VAL D 443 34.72 -5.52 4.13
C VAL D 443 34.55 -5.87 5.62
N GLU D 444 35.49 -5.41 6.42
CA GLU D 444 35.61 -5.89 7.80
C GLU D 444 36.11 -4.72 8.64
N GLU D 445 35.57 -4.55 9.81
CA GLU D 445 35.92 -3.42 10.69
C GLU D 445 37.29 -3.63 11.28
N THR D 446 38.05 -2.56 11.33
CA THR D 446 39.40 -2.56 11.93
C THR D 446 39.57 -1.31 12.86
N GLU D 447 40.73 -1.24 13.53
CA GLU D 447 41.20 0.03 14.15
C GLU D 447 42.40 0.54 13.32
N LEU D 448 42.42 1.84 13.06
CA LEU D 448 43.64 2.48 12.54
C LEU D 448 44.39 3.14 13.70
N MET D 449 45.60 2.64 13.99
CA MET D 449 46.37 3.19 15.08
C MET D 449 46.80 4.63 14.79
N GLY D 450 46.45 5.54 15.70
CA GLY D 450 46.73 6.94 15.52
C GLY D 450 45.50 7.71 15.19
N PHE D 451 44.44 6.99 14.84
CA PHE D 451 43.17 7.63 14.53
C PHE D 451 42.25 7.50 15.77
N VAL D 452 41.89 8.64 16.31
CA VAL D 452 40.78 8.78 17.24
C VAL D 452 39.45 8.34 16.65
N ASP D 453 38.68 7.58 17.43
CA ASP D 453 37.46 6.92 16.95
C ASP D 453 36.23 7.32 17.80
N ASP D 454 36.30 8.41 18.52
CA ASP D 454 35.18 8.86 19.35
C ASP D 454 34.76 10.30 19.03
N GLN D 455 35.42 10.88 18.05
CA GLN D 455 34.99 12.14 17.45
C GLN D 455 34.47 11.88 16.05
N GLN D 456 33.74 12.84 15.50
CA GLN D 456 33.35 12.81 14.08
C GLN D 456 34.50 13.27 13.20
N THR D 457 34.82 12.52 12.14
CA THR D 457 35.88 12.87 11.19
C THR D 457 35.33 13.78 10.06
N PHE D 458 36.04 14.88 9.77
CA PHE D 458 35.64 15.82 8.71
C PHE D 458 36.40 15.63 7.41
N PHE D 459 37.67 15.23 7.50
CA PHE D 459 38.35 14.65 6.33
C PHE D 459 39.41 13.71 6.87
N CYS D 460 39.68 12.64 6.12
CA CYS D 460 40.96 11.96 6.28
C CYS D 460 41.41 11.39 4.95
N GLY D 461 42.66 10.96 4.88
CA GLY D 461 43.29 10.71 3.58
C GLY D 461 44.75 10.37 3.74
N ASN D 462 45.35 9.87 2.65
CA ASN D 462 46.81 9.79 2.55
C ASN D 462 47.37 11.14 2.23
N VAL D 463 48.53 11.42 2.80
CA VAL D 463 49.21 12.73 2.62
C VAL D 463 50.69 12.62 2.23
N ALA D 464 51.36 13.77 2.19
CA ALA D 464 52.76 13.85 1.85
C ALA D 464 53.68 13.30 2.95
N HIS D 465 54.87 12.85 2.53
CA HIS D 465 55.92 12.32 3.41
C HIS D 465 55.57 11.03 4.09
N GLN D 466 55.00 10.10 3.32
CA GLN D 466 54.69 8.74 3.75
C GLN D 466 53.80 8.68 5.01
N GLN D 467 52.78 9.52 4.99
CA GLN D 467 51.98 9.82 6.19
C GLN D 467 50.47 9.68 5.94
N LEU D 468 49.70 9.92 7.01
CA LEU D 468 48.24 9.86 7.00
C LEU D 468 47.69 11.01 7.81
N ILE D 469 46.44 11.37 7.59
CA ILE D 469 45.85 12.49 8.35
C ILE D 469 44.36 12.35 8.67
N GLN D 470 43.98 12.61 9.93
CA GLN D 470 42.60 12.68 10.32
C GLN D 470 42.24 14.07 10.89
N ILE D 471 41.28 14.70 10.24
CA ILE D 471 40.80 16.00 10.72
C ILE D 471 39.41 15.91 11.32
N THR D 472 39.40 15.83 12.64
CA THR D 472 38.18 15.78 13.47
C THR D 472 37.73 17.21 13.83
N SER D 473 36.66 17.28 14.62
CA SER D 473 36.21 18.50 15.24
C SER D 473 37.25 19.01 16.26
N ALA D 474 37.80 18.05 17.00
CA ALA D 474 38.77 18.34 18.07
C ALA D 474 40.13 18.77 17.53
N SER D 475 40.76 17.87 16.78
CA SER D 475 42.14 18.00 16.42
C SER D 475 42.45 17.69 14.97
N VAL D 476 43.62 18.06 14.52
CA VAL D 476 44.11 17.74 13.18
C VAL D 476 45.36 16.88 13.28
N ARG D 477 45.28 15.69 12.73
CA ARG D 477 46.07 14.58 13.32
C ARG D 477 46.95 13.90 12.29
N LEU D 478 48.24 14.21 12.32
CA LEU D 478 49.22 13.60 11.45
C LEU D 478 49.64 12.27 11.97
N VAL D 479 49.61 11.25 11.14
CA VAL D 479 49.94 9.86 11.52
C VAL D 479 50.95 9.29 10.56
N SER D 480 51.87 8.53 11.13
CA SER D 480 52.84 7.79 10.32
C SER D 480 52.21 6.55 9.67
N GLN D 481 52.86 6.02 8.63
CA GLN D 481 52.41 4.78 7.98
C GLN D 481 53.24 3.58 8.41
N GLU D 482 54.58 3.68 8.36
CA GLU D 482 55.46 2.71 8.97
C GLU D 482 55.45 2.84 10.46
N PRO D 483 55.33 1.71 11.22
CA PRO D 483 54.58 1.67 12.47
C PRO D 483 53.61 2.85 12.69
N LYS D 484 52.34 2.61 12.42
CA LYS D 484 51.32 3.65 12.46
C LYS D 484 51.17 4.27 13.87
N ALA D 485 51.21 5.58 13.93
CA ALA D 485 50.93 6.29 15.17
C ALA D 485 51.09 7.79 15.04
N LEU D 486 50.48 8.46 15.99
CA LEU D 486 50.17 9.84 15.86
C LEU D 486 51.44 10.68 16.08
N VAL D 487 52.05 11.09 14.99
CA VAL D 487 53.31 11.78 15.11
C VAL D 487 53.20 13.26 15.46
N SER D 488 52.16 13.94 14.96
CA SER D 488 51.81 15.25 15.50
C SER D 488 50.34 15.48 15.56
N GLU D 489 49.90 16.25 16.55
CA GLU D 489 48.52 16.77 16.60
C GLU D 489 48.60 18.30 16.58
N TRP D 490 47.54 18.88 16.05
CA TRP D 490 47.27 20.32 16.14
C TRP D 490 45.86 20.48 16.65
N LYS D 491 45.68 21.42 17.57
CA LYS D 491 44.37 21.85 17.99
C LYS D 491 44.33 23.37 17.93
N GLU D 492 43.16 23.96 18.16
CA GLU D 492 43.06 25.43 18.18
C GLU D 492 43.85 25.98 19.35
N PRO D 493 44.56 27.12 19.14
CA PRO D 493 45.28 27.79 20.23
C PRO D 493 44.43 28.04 21.50
N GLN D 494 43.10 28.13 21.36
CA GLN D 494 42.23 28.26 22.54
C GLN D 494 41.36 27.00 22.72
N ALA D 495 41.88 25.86 22.24
CA ALA D 495 41.27 24.54 22.46
C ALA D 495 39.78 24.47 22.03
N LYS D 496 39.48 24.98 20.83
CA LYS D 496 38.10 25.15 20.39
C LYS D 496 37.65 23.99 19.47
N ASN D 497 36.39 24.07 19.05
CA ASN D 497 35.88 23.22 18.02
C ASN D 497 36.17 23.68 16.62
N ILE D 498 36.77 22.80 15.83
CA ILE D 498 36.82 22.98 14.34
C ILE D 498 35.43 22.86 13.73
N SER D 499 35.05 23.82 12.88
CA SER D 499 33.73 23.75 12.17
C SER D 499 33.81 23.13 10.78
N VAL D 500 34.83 23.52 10.02
CA VAL D 500 34.98 23.13 8.59
C VAL D 500 36.46 22.93 8.24
N ALA D 501 36.80 21.81 7.60
CA ALA D 501 38.22 21.52 7.27
C ALA D 501 38.42 21.11 5.85
N SER D 502 39.58 21.42 5.27
CA SER D 502 39.88 21.15 3.84
C SER D 502 41.36 20.89 3.68
N CYS D 503 41.67 19.79 3.01
CA CYS D 503 43.02 19.26 3.06
C CYS D 503 43.34 18.66 1.70
N ASN D 504 44.59 18.79 1.25
CA ASN D 504 44.98 18.15 0.05
C ASN D 504 46.09 17.21 0.37
N SER D 505 46.96 16.93 -0.58
CA SER D 505 48.07 16.07 -0.27
C SER D 505 49.03 16.71 0.70
N SER D 506 49.22 18.02 0.61
CA SER D 506 50.32 18.67 1.31
C SER D 506 49.92 19.77 2.31
N GLN D 507 48.70 20.27 2.19
CA GLN D 507 48.25 21.38 2.99
C GLN D 507 46.91 21.07 3.73
N VAL D 508 46.69 21.85 4.79
CA VAL D 508 45.41 21.90 5.43
C VAL D 508 44.96 23.35 5.55
N VAL D 509 43.67 23.59 5.30
CA VAL D 509 43.02 24.83 5.75
C VAL D 509 41.78 24.51 6.55
N VAL D 510 41.88 24.72 7.86
CA VAL D 510 40.72 24.52 8.73
C VAL D 510 40.13 25.80 9.23
N ALA D 511 38.81 25.83 9.25
CA ALA D 511 38.07 26.95 9.79
C ALA D 511 37.58 26.63 11.19
N VAL D 512 37.56 27.65 12.03
CA VAL D 512 36.76 27.63 13.26
C VAL D 512 35.69 28.75 13.23
N GLY D 513 34.55 28.39 12.64
CA GLY D 513 33.38 29.27 12.50
C GLY D 513 33.66 30.56 11.75
N ARG D 514 34.23 31.53 12.49
CA ARG D 514 34.40 32.88 11.93
C ARG D 514 35.75 33.05 11.22
N ALA D 515 36.81 32.48 11.80
CA ALA D 515 38.18 32.70 11.33
C ALA D 515 38.92 31.34 11.20
N LEU D 516 40.03 31.34 10.49
CA LEU D 516 40.55 30.10 9.90
C LEU D 516 42.05 30.09 9.74
N TYR D 517 42.65 28.89 9.74
CA TYR D 517 44.09 28.70 9.80
C TYR D 517 44.64 27.90 8.62
N TYR D 518 45.86 28.22 8.23
CA TYR D 518 46.56 27.45 7.19
C TYR D 518 47.65 26.59 7.78
N LEU D 519 47.64 25.31 7.42
CA LEU D 519 48.56 24.31 7.97
C LEU D 519 49.26 23.57 6.83
N GLN D 520 50.49 23.12 7.11
CA GLN D 520 51.27 22.32 6.15
C GLN D 520 51.54 20.91 6.64
N ILE D 521 52.20 20.12 5.82
CA ILE D 521 52.49 18.73 6.19
C ILE D 521 53.92 18.35 5.85
N HIS D 522 54.75 18.23 6.89
CA HIS D 522 56.13 17.79 6.76
C HIS D 522 56.31 16.58 7.67
N PRO D 523 57.39 15.82 7.51
CA PRO D 523 57.39 14.64 8.36
C PRO D 523 57.37 15.03 9.81
N GLN D 524 56.43 14.43 10.55
CA GLN D 524 56.35 14.47 11.99
C GLN D 524 55.81 15.78 12.47
N GLU D 525 55.67 16.71 11.54
CA GLU D 525 55.18 18.03 11.90
C GLU D 525 54.12 18.51 10.94
N LEU D 526 53.09 19.12 11.49
CA LEU D 526 52.18 19.95 10.69
C LEU D 526 52.20 21.38 11.19
N ARG D 527 53.00 22.24 10.57
CA ARG D 527 53.31 23.51 11.22
C ARG D 527 52.54 24.68 10.64
N GLN D 528 51.97 25.50 11.55
CA GLN D 528 51.01 26.57 11.25
C GLN D 528 51.66 27.64 10.37
N ILE D 529 50.85 28.46 9.69
CA ILE D 529 51.40 29.57 8.92
C ILE D 529 50.57 30.87 9.07
N SER D 530 49.31 30.76 8.79
CA SER D 530 48.44 32.00 8.69
C SER D 530 47.20 31.84 9.49
N HIS D 531 46.76 32.92 10.19
CA HIS D 531 45.73 32.80 11.24
C HIS D 531 44.73 33.95 11.13
N THR D 532 43.87 33.90 10.11
CA THR D 532 43.18 35.08 9.60
C THR D 532 41.80 35.27 10.24
N GLU D 533 41.02 36.23 9.74
CA GLU D 533 39.66 36.48 10.28
C GLU D 533 38.70 36.93 9.19
N MET D 534 37.47 36.45 9.26
CA MET D 534 36.49 36.60 8.17
C MET D 534 35.27 37.42 8.59
N GLU D 535 34.66 38.07 7.61
CA GLU D 535 33.38 38.78 7.82
C GLU D 535 32.39 37.95 8.67
N HIS D 536 32.19 36.70 8.28
CA HIS D 536 31.17 35.87 8.94
C HIS D 536 31.47 34.37 8.82
N GLU D 537 30.68 33.54 9.51
CA GLU D 537 31.09 32.16 9.80
C GLU D 537 31.12 31.26 8.56
N VAL D 538 32.34 31.12 8.07
CA VAL D 538 32.68 30.29 6.98
C VAL D 538 31.95 28.91 7.01
N ALA D 539 31.48 28.52 5.85
CA ALA D 539 30.55 27.40 5.72
C ALA D 539 31.06 26.27 4.82
N CYS D 540 32.09 26.56 4.04
CA CYS D 540 32.65 25.57 3.07
C CYS D 540 33.99 25.98 2.52
N LEU D 541 34.90 25.03 2.31
CA LEU D 541 36.29 25.37 1.96
C LEU D 541 36.81 24.51 0.85
N ASP D 542 37.80 25.02 0.10
CA ASP D 542 38.53 24.22 -0.87
C ASP D 542 39.98 24.67 -1.14
N ILE D 543 40.76 23.70 -1.57
CA ILE D 543 42.18 23.79 -1.67
C ILE D 543 42.67 22.81 -2.79
N THR D 544 41.80 22.42 -3.72
CA THR D 544 42.16 21.42 -4.72
C THR D 544 43.10 22.08 -5.76
N PRO D 545 44.29 21.50 -5.92
CA PRO D 545 45.40 22.13 -6.58
C PRO D 545 45.26 22.21 -8.09
N LEU D 546 45.56 23.37 -8.65
CA LEU D 546 45.88 23.46 -10.12
C LEU D 546 47.11 24.33 -10.38
N SER D 549 50.03 23.24 -10.82
CA SER D 549 49.80 21.93 -10.21
C SER D 549 50.82 21.70 -9.10
N ASN D 550 51.79 20.81 -9.36
CA ASN D 550 52.94 20.56 -8.46
C ASN D 550 52.55 19.93 -7.09
N GLY D 551 51.26 19.96 -6.77
CA GLY D 551 50.77 19.38 -5.53
C GLY D 551 50.39 20.35 -4.42
N LEU D 552 50.93 21.58 -4.44
CA LEU D 552 50.48 22.63 -3.50
C LEU D 552 49.56 23.67 -4.18
N SER D 553 48.37 23.86 -3.61
CA SER D 553 47.38 24.79 -4.16
C SER D 553 47.58 26.20 -3.68
N PRO D 554 48.06 27.11 -4.54
CA PRO D 554 48.38 28.47 -4.09
C PRO D 554 47.12 29.38 -3.83
N LEU D 555 45.96 28.74 -3.74
CA LEU D 555 44.70 29.47 -3.69
C LEU D 555 43.66 28.75 -2.82
N CYS D 556 42.63 29.50 -2.46
CA CYS D 556 41.64 29.06 -1.50
C CYS D 556 40.21 29.48 -1.82
N ALA D 557 39.30 28.52 -1.75
CA ALA D 557 37.86 28.75 -1.98
C ALA D 557 37.08 28.80 -0.67
N ILE D 558 36.25 29.83 -0.48
CA ILE D 558 35.54 30.02 0.77
C ILE D 558 34.08 30.36 0.54
N GLY D 559 33.27 30.16 1.57
CA GLY D 559 31.83 30.47 1.55
C GLY D 559 31.35 30.89 2.91
N LEU D 560 30.87 32.12 3.02
CA LEU D 560 30.54 32.69 4.34
C LEU D 560 29.06 32.76 4.62
N TRP D 561 28.74 32.73 5.90
CA TRP D 561 27.45 32.27 6.40
C TRP D 561 26.38 33.32 6.13
N THR D 562 26.80 34.57 6.08
CA THR D 562 25.84 35.62 6.24
C THR D 562 25.92 36.71 5.18
N ASP D 563 27.10 36.80 4.59
CA ASP D 563 27.32 37.56 3.32
C ASP D 563 27.03 36.66 2.11
N ILE D 564 27.03 35.33 2.35
CA ILE D 564 26.36 34.33 1.43
C ILE D 564 27.06 34.34 0.05
N SER D 565 28.38 34.38 0.13
CA SER D 565 29.28 34.76 -0.97
C SER D 565 30.41 33.73 -1.14
N ALA D 566 30.78 33.44 -2.40
CA ALA D 566 31.89 32.57 -2.69
C ALA D 566 33.18 33.37 -2.92
N ARG D 567 34.01 33.46 -1.88
CA ARG D 567 35.26 34.26 -1.96
C ARG D 567 36.49 33.42 -2.31
N ILE D 568 37.38 34.02 -3.08
CA ILE D 568 38.69 33.43 -3.38
C ILE D 568 39.78 34.24 -2.71
N LEU D 569 40.79 33.55 -2.16
CA LEU D 569 41.87 34.16 -1.40
C LEU D 569 43.22 33.63 -1.85
N LYS D 570 44.26 34.43 -1.59
CA LYS D 570 45.65 33.98 -1.84
C LYS D 570 46.11 33.10 -0.69
N LEU D 571 47.02 32.15 -0.97
CA LEU D 571 47.62 31.39 0.13
C LEU D 571 48.85 32.17 0.71
N PRO D 572 49.50 31.61 1.75
CA PRO D 572 49.79 32.32 2.99
C PRO D 572 49.01 33.62 3.25
N SER D 573 48.99 34.51 2.26
CA SER D 573 48.41 35.87 2.41
C SER D 573 46.93 35.94 2.85
N PHE D 574 46.06 35.26 2.11
CA PHE D 574 44.62 35.26 2.37
C PHE D 574 43.84 36.46 1.84
N GLU D 575 44.54 37.44 1.28
CA GLU D 575 43.88 38.76 0.95
C GLU D 575 43.17 38.74 -0.40
N LEU D 576 41.86 38.46 -0.41
CA LEU D 576 41.02 38.38 -1.62
C LEU D 576 41.80 38.49 -2.96
N HIS D 578 39.94 39.26 -4.86
CA HIS D 578 39.17 38.80 -6.01
C HIS D 578 37.99 38.08 -5.49
N LYS D 579 37.03 37.75 -6.36
CA LYS D 579 35.67 37.49 -5.84
C LYS D 579 34.47 37.41 -6.84
N GLU D 580 33.33 36.95 -6.27
CA GLU D 580 31.92 37.20 -6.73
C GLU D 580 30.92 36.83 -5.59
N MET D 581 29.70 37.31 -5.65
CA MET D 581 28.91 37.38 -4.42
C MET D 581 27.42 37.01 -4.54
N LEU D 582 27.10 35.72 -4.53
CA LEU D 582 25.73 35.22 -4.87
C LEU D 582 24.64 35.65 -3.86
N GLY D 583 23.36 35.40 -4.19
CA GLY D 583 22.20 36.07 -3.50
C GLY D 583 21.53 35.21 -2.43
N GLY D 584 20.85 35.79 -1.43
CA GLY D 584 20.05 34.93 -0.49
C GLY D 584 20.02 35.26 1.01
N ILE D 586 20.32 32.26 1.96
CA ILE D 586 20.59 30.83 2.13
C ILE D 586 22.10 30.57 2.06
N ILE D 587 22.57 29.73 3.00
CA ILE D 587 24.02 29.47 3.15
C ILE D 587 24.53 28.52 2.05
N PRO D 588 25.77 28.74 1.60
CA PRO D 588 26.53 27.71 0.80
C PRO D 588 26.84 26.47 1.58
N ARG D 589 26.67 25.29 1.00
CA ARG D 589 26.95 24.01 1.65
C ARG D 589 28.34 23.46 1.19
N SER D 590 28.58 23.41 -0.14
CA SER D 590 29.87 22.91 -0.64
C SER D 590 30.51 23.87 -1.62
N ILE D 591 31.83 23.76 -1.73
CA ILE D 591 32.58 24.51 -2.74
C ILE D 591 33.80 23.76 -3.21
N LEU D 592 34.18 23.99 -4.47
CA LEU D 592 35.19 23.14 -5.12
C LEU D 592 35.85 23.88 -6.30
N MET D 593 37.18 23.77 -6.36
CA MET D 593 37.94 24.05 -7.56
C MET D 593 38.26 22.75 -8.28
N THR D 594 37.91 22.70 -9.57
CA THR D 594 38.28 21.53 -10.39
C THR D 594 38.45 21.81 -11.89
N THR D 595 38.79 20.79 -12.63
CA THR D 595 39.30 20.96 -14.01
C THR D 595 38.64 20.03 -15.05
N PHE D 596 37.95 20.63 -15.99
CA PHE D 596 37.33 19.83 -17.03
C PHE D 596 38.09 20.15 -18.28
N GLU D 597 38.46 19.13 -19.06
CA GLU D 597 39.28 19.34 -20.26
C GLU D 597 40.53 19.96 -19.67
N SER D 598 40.96 21.10 -20.15
CA SER D 598 42.05 21.79 -19.49
C SER D 598 41.50 23.13 -18.96
N SER D 599 40.18 23.29 -19.03
CA SER D 599 39.55 24.50 -18.53
C SER D 599 39.35 24.30 -17.07
N HIS D 600 39.51 25.38 -16.33
CA HIS D 600 39.39 25.39 -14.87
C HIS D 600 38.11 26.04 -14.44
N TYR D 601 37.45 25.44 -13.45
CA TYR D 601 36.21 25.97 -12.90
C TYR D 601 36.21 26.04 -11.36
N LEU D 602 35.37 26.94 -10.82
CA LEU D 602 35.04 26.93 -9.40
C LEU D 602 33.55 26.67 -9.23
N LEU D 603 33.21 25.70 -8.37
CA LEU D 603 31.82 25.33 -8.18
C LEU D 603 31.38 25.61 -6.73
N CYS D 604 30.24 26.23 -6.60
CA CYS D 604 29.70 26.52 -5.28
C CYS D 604 28.24 26.16 -5.22
N ALA D 605 27.91 25.25 -4.30
CA ALA D 605 26.58 24.63 -4.25
C ALA D 605 25.79 25.08 -3.02
N LEU D 606 24.53 25.42 -3.22
CA LEU D 606 23.77 26.08 -2.16
C LEU D 606 22.89 25.17 -1.33
N GLY D 607 22.54 25.65 -0.13
CA GLY D 607 21.68 24.93 0.80
C GLY D 607 20.20 24.90 0.39
N ASP D 608 19.86 25.62 -0.67
CA ASP D 608 18.55 25.59 -1.29
C ASP D 608 18.47 24.59 -2.45
N GLY D 609 19.65 24.18 -2.90
CA GLY D 609 19.76 23.18 -3.97
C GLY D 609 20.39 23.72 -5.24
N ALA D 610 20.71 25.01 -5.25
CA ALA D 610 21.23 25.65 -6.44
C ALA D 610 22.73 25.40 -6.55
N LEU D 611 23.26 25.49 -7.74
CA LEU D 611 24.68 25.31 -7.97
C LEU D 611 25.19 26.33 -8.94
N PHE D 612 26.07 27.20 -8.45
CA PHE D 612 26.69 28.25 -9.26
C PHE D 612 28.03 27.76 -9.78
N TYR D 613 28.27 27.91 -11.08
CA TYR D 613 29.53 27.47 -11.66
C TYR D 613 30.23 28.55 -12.50
N PHE D 614 31.34 29.05 -11.97
CA PHE D 614 32.07 30.17 -12.52
C PHE D 614 33.33 29.67 -13.26
N GLY D 615 33.89 30.54 -14.08
CA GLY D 615 35.24 30.37 -14.59
C GLY D 615 36.23 30.68 -13.49
N LEU D 616 37.42 30.10 -13.58
CA LEU D 616 38.48 30.38 -12.64
C LEU D 616 39.71 31.00 -13.29
N ASN D 617 40.53 31.75 -12.51
CA ASN D 617 41.91 32.01 -12.89
C ASN D 617 42.84 31.57 -11.76
N ILE D 618 43.43 30.37 -11.90
CA ILE D 618 44.56 29.87 -11.12
C ILE D 618 45.69 30.88 -10.86
N GLU D 619 46.05 31.63 -11.91
CA GLU D 619 47.13 32.60 -11.85
C GLU D 619 46.63 34.05 -11.71
N THR D 620 45.48 34.33 -12.33
CA THR D 620 44.88 35.68 -12.30
C THR D 620 44.13 35.96 -10.98
N GLY D 621 43.12 35.17 -10.69
CA GLY D 621 42.35 35.30 -9.45
C GLY D 621 40.88 35.62 -9.61
N LEU D 622 40.49 36.14 -10.75
CA LEU D 622 39.10 36.47 -10.92
C LEU D 622 38.29 35.23 -11.16
N LEU D 623 37.07 35.24 -10.65
CA LEU D 623 36.17 34.15 -10.87
C LEU D 623 35.36 34.87 -11.88
N SER D 624 35.31 34.34 -13.08
CA SER D 624 34.62 35.02 -14.15
C SER D 624 33.58 34.18 -14.80
N ASP D 625 32.66 34.89 -15.43
CA ASP D 625 31.52 34.32 -16.11
C ASP D 625 30.67 34.11 -14.95
N ARG D 626 29.47 33.64 -15.20
CA ARG D 626 28.59 33.32 -14.12
C ARG D 626 27.74 32.38 -14.87
N LYS D 627 27.23 31.39 -14.19
CA LYS D 627 26.35 30.48 -14.81
C LYS D 627 25.73 29.91 -13.60
N LYS D 628 24.50 29.47 -13.68
CA LYS D 628 23.94 28.84 -12.44
C LYS D 628 22.83 27.89 -12.82
N VAL D 629 22.68 26.81 -12.06
CA VAL D 629 21.70 25.76 -12.36
C VAL D 629 21.31 24.99 -11.09
N THR D 630 20.08 24.56 -11.03
CA THR D 630 19.54 23.92 -9.81
C THR D 630 19.44 22.42 -9.99
N LEU D 631 19.69 21.68 -8.91
CA LEU D 631 19.79 20.20 -8.96
C LEU D 631 18.77 19.50 -8.04
N GLY D 632 18.27 20.20 -7.02
CA GLY D 632 17.29 19.65 -6.10
C GLY D 632 17.42 20.28 -4.73
N THR D 633 16.27 20.63 -4.15
CA THR D 633 16.18 21.52 -2.97
C THR D 633 16.99 21.08 -1.74
N GLN D 634 17.21 19.76 -1.57
CA GLN D 634 18.11 19.28 -0.52
C GLN D 634 19.56 19.66 -0.83
N PRO D 635 20.23 20.36 0.13
CA PRO D 635 21.60 20.84 0.00
C PRO D 635 22.58 19.86 -0.61
N THR D 636 23.50 20.39 -1.41
CA THR D 636 24.31 19.59 -2.32
C THR D 636 25.75 19.47 -1.73
N VAL D 637 26.38 18.29 -1.94
CA VAL D 637 27.79 18.09 -1.64
C VAL D 637 28.57 17.69 -2.89
N LEU D 638 29.77 18.26 -3.05
CA LEU D 638 30.57 18.07 -4.29
C LEU D 638 31.87 17.32 -4.04
N ARG D 639 32.10 16.26 -4.83
CA ARG D 639 33.34 15.50 -4.79
C ARG D 639 33.98 15.44 -6.18
N THR D 640 35.29 15.34 -6.20
CA THR D 640 36.05 15.02 -7.37
C THR D 640 36.12 13.50 -7.50
N PHE D 641 36.25 13.03 -8.73
CA PHE D 641 36.55 11.61 -8.95
C PHE D 641 36.99 11.34 -10.39
N ARG D 642 37.75 10.26 -10.57
CA ARG D 642 38.18 9.85 -11.88
C ARG D 642 37.23 8.73 -12.43
N SER D 643 36.72 8.92 -13.65
CA SER D 643 36.30 7.77 -14.49
C SER D 643 36.08 8.15 -15.93
N SER D 645 38.69 7.74 -17.85
CA SER D 645 40.05 8.23 -17.87
C SER D 645 40.26 9.62 -17.23
N THR D 646 39.24 10.47 -17.26
CA THR D 646 39.35 11.88 -16.88
C THR D 646 38.77 12.17 -15.50
N THR D 647 38.61 13.46 -15.14
CA THR D 647 38.03 13.83 -13.81
C THR D 647 36.63 14.48 -13.90
N ASN D 648 35.70 13.92 -13.13
CA ASN D 648 34.33 14.42 -13.03
C ASN D 648 34.04 14.92 -11.59
N VAL D 649 32.81 15.35 -11.37
CA VAL D 649 32.27 15.73 -10.07
C VAL D 649 30.97 14.97 -9.75
N PHE D 650 30.89 14.38 -8.57
CA PHE D 650 29.66 13.80 -8.07
C PHE D 650 28.93 14.78 -7.16
N ALA D 651 27.65 14.91 -7.38
CA ALA D 651 26.90 15.91 -6.64
C ALA D 651 25.70 15.31 -5.93
N CYS D 652 25.78 15.25 -4.61
CA CYS D 652 24.85 14.48 -3.82
C CYS D 652 23.72 15.36 -3.32
N SER D 653 22.51 14.83 -3.39
CA SER D 653 21.32 15.57 -3.04
C SER D 653 20.15 14.61 -3.28
N ASP D 654 18.95 15.16 -3.31
CA ASP D 654 17.77 14.38 -3.54
C ASP D 654 17.96 13.70 -4.86
N ARG D 655 18.51 14.47 -5.80
CA ARG D 655 18.86 13.91 -7.07
C ARG D 655 20.36 13.96 -7.19
N PRO D 656 21.00 12.82 -7.27
CA PRO D 656 22.42 12.80 -7.44
C PRO D 656 22.76 13.07 -8.89
N THR D 657 23.86 13.74 -9.13
CA THR D 657 24.20 14.24 -10.44
C THR D 657 25.72 14.08 -10.70
N VAL D 658 26.09 13.64 -11.88
CA VAL D 658 27.48 13.62 -12.29
C VAL D 658 27.73 14.75 -13.27
N ILE D 659 28.94 15.29 -13.24
CA ILE D 659 29.27 16.46 -14.01
C ILE D 659 30.43 16.18 -15.01
N TYR D 660 30.33 16.74 -16.19
CA TYR D 660 31.41 16.80 -17.14
C TYR D 660 31.00 17.85 -18.17
N SER D 661 32.02 18.65 -18.52
CA SER D 661 33.22 18.13 -19.15
C SER D 661 33.95 19.35 -19.65
N ASN D 663 34.99 18.49 -23.94
CA ASN D 663 33.95 18.79 -24.96
C ASN D 663 33.46 20.20 -24.85
N HIS D 664 33.99 20.90 -23.83
CA HIS D 664 33.88 22.35 -23.70
C HIS D 664 32.46 22.89 -23.54
N LYS D 665 31.64 22.09 -22.83
CA LYS D 665 30.57 22.56 -21.93
C LYS D 665 30.81 21.86 -20.61
N LEU D 666 30.29 22.39 -19.49
CA LEU D 666 30.06 21.52 -18.29
C LEU D 666 28.62 20.98 -18.33
N VAL D 667 28.37 19.71 -18.06
CA VAL D 667 27.23 19.01 -18.63
C VAL D 667 26.64 18.10 -17.58
N PHE D 668 25.63 18.59 -16.87
CA PHE D 668 25.02 17.85 -15.79
C PHE D 668 24.19 16.69 -16.24
N SER D 669 24.19 15.61 -15.47
CA SER D 669 23.66 14.33 -15.92
C SER D 669 23.14 13.75 -14.70
N ASN D 670 21.83 13.45 -14.63
CA ASN D 670 21.29 12.72 -13.42
C ASN D 670 21.80 11.25 -13.36
N VAL D 671 21.90 10.78 -12.13
CA VAL D 671 22.48 9.48 -11.80
C VAL D 671 21.33 8.55 -11.37
N ASN D 672 21.28 7.34 -11.99
CA ASN D 672 20.16 6.45 -11.81
C ASN D 672 20.12 5.77 -10.44
N LEU D 673 19.87 6.58 -9.41
CA LEU D 673 19.86 6.13 -7.98
C LEU D 673 18.96 7.04 -7.12
N LYS D 674 18.31 6.47 -6.10
CA LYS D 674 17.63 7.27 -5.13
C LYS D 674 18.74 7.93 -4.37
N GLU D 675 18.44 8.81 -3.44
CA GLU D 675 19.41 9.83 -3.04
C GLU D 675 20.70 9.29 -2.45
N VAL D 676 21.78 9.97 -2.79
CA VAL D 676 23.09 9.68 -2.27
C VAL D 676 23.47 10.86 -1.44
N ASN D 677 23.55 10.70 -0.12
CA ASN D 677 24.05 11.73 0.77
C ASN D 677 25.54 12.07 0.64
N TYR D 678 26.36 11.04 0.53
CA TYR D 678 27.81 11.19 0.49
C TYR D 678 28.48 10.21 -0.47
N MET D 679 29.60 10.63 -1.02
CA MET D 679 30.41 9.72 -1.84
C MET D 679 31.89 9.95 -1.77
N CYS D 680 32.61 8.98 -2.33
CA CYS D 680 34.07 9.03 -2.49
C CYS D 680 34.43 8.11 -3.65
N PRO D 681 35.58 8.36 -4.30
CA PRO D 681 36.20 7.37 -5.19
C PRO D 681 36.82 6.22 -4.41
N LEU D 682 36.82 5.02 -4.97
CA LEU D 682 37.32 3.85 -4.26
C LEU D 682 37.95 2.88 -5.23
N ASN D 683 39.24 2.63 -5.02
CA ASN D 683 40.00 1.81 -5.92
C ASN D 683 40.70 0.73 -5.16
N SER D 684 40.18 -0.50 -5.24
CA SER D 684 40.73 -1.58 -4.45
C SER D 684 41.09 -2.81 -5.26
N ASP D 685 41.84 -3.70 -4.63
CA ASP D 685 42.13 -5.02 -5.19
C ASP D 685 40.84 -5.83 -5.35
N GLY D 686 39.73 -5.33 -4.80
CA GLY D 686 38.43 -5.95 -5.01
C GLY D 686 37.44 -5.10 -5.75
N TYR D 687 37.58 -3.78 -5.66
CA TYR D 687 36.64 -2.88 -6.29
C TYR D 687 37.36 -1.80 -7.10
N PRO D 688 37.92 -2.18 -8.26
CA PRO D 688 38.86 -1.30 -8.96
C PRO D 688 38.18 -0.20 -9.70
N ASP D 689 38.73 1.01 -9.60
CA ASP D 689 38.18 2.23 -10.21
C ASP D 689 36.66 2.37 -9.94
N SER D 690 36.29 2.03 -8.71
CA SER D 690 34.88 2.00 -8.31
C SER D 690 34.51 3.26 -7.53
N LEU D 691 33.33 3.20 -6.94
CA LEU D 691 32.71 4.29 -6.21
C LEU D 691 32.15 3.76 -4.89
N ALA D 692 32.12 4.60 -3.86
CA ALA D 692 31.41 4.26 -2.63
C ALA D 692 30.33 5.28 -2.35
N LEU D 693 29.09 4.82 -2.32
CA LEU D 693 27.94 5.70 -2.16
C LEU D 693 27.29 5.41 -0.81
N ALA D 694 27.04 6.47 -0.05
CA ALA D 694 26.36 6.31 1.23
C ALA D 694 25.12 7.17 1.26
N ASN D 695 24.00 6.56 1.64
CA ASN D 695 22.84 7.33 2.04
C ASN D 695 22.58 7.18 3.53
N ASN D 696 21.34 7.42 3.92
CA ASN D 696 20.93 7.36 5.32
C ASN D 696 21.01 6.01 5.97
N SER D 697 20.76 4.95 5.20
CA SER D 697 20.74 3.60 5.75
C SER D 697 21.58 2.56 5.00
N THR D 698 22.34 2.97 3.98
CA THR D 698 23.18 2.01 3.24
C THR D 698 24.50 2.58 2.73
N LEU D 699 25.57 1.76 2.75
CA LEU D 699 26.79 2.06 1.97
C LEU D 699 26.76 1.17 0.75
N THR D 700 27.04 1.75 -0.43
CA THR D 700 27.09 1.00 -1.67
C THR D 700 28.45 1.21 -2.34
N ILE D 701 29.05 0.12 -2.82
CA ILE D 701 30.27 0.21 -3.62
C ILE D 701 29.96 -0.21 -5.03
N GLY D 702 30.19 0.67 -6.02
CA GLY D 702 29.89 0.35 -7.41
C GLY D 702 30.82 0.93 -8.46
N THR D 703 30.84 0.32 -9.65
CA THR D 703 31.40 0.95 -10.86
C THR D 703 30.31 1.79 -11.54
N ILE D 704 30.70 2.78 -12.30
CA ILE D 704 29.72 3.73 -12.82
C ILE D 704 29.81 3.81 -14.34
N ASP D 705 28.73 3.43 -15.03
CA ASP D 705 28.66 3.41 -16.49
C ASP D 705 29.25 4.68 -17.11
N GLU D 706 29.76 4.46 -18.32
CA GLU D 706 30.80 5.29 -18.95
C GLU D 706 30.24 6.69 -19.33
N ILE D 707 29.22 6.70 -20.18
CA ILE D 707 28.40 7.89 -20.44
C ILE D 707 26.91 7.66 -20.15
N GLN D 708 26.12 8.70 -20.36
CA GLN D 708 24.67 8.64 -20.27
C GLN D 708 24.07 7.62 -21.25
N LYS D 709 22.82 7.26 -21.04
CA LYS D 709 22.02 6.51 -22.00
C LYS D 709 20.65 6.27 -21.35
N LEU D 710 19.80 5.49 -22.03
CA LEU D 710 18.40 5.34 -21.63
C LEU D 710 18.18 4.09 -20.82
N HIS D 711 17.70 4.26 -19.61
CA HIS D 711 17.50 3.12 -18.76
C HIS D 711 16.02 2.75 -18.77
N ILE D 712 15.73 1.58 -19.31
CA ILE D 712 14.34 1.13 -19.42
C ILE D 712 13.92 0.07 -18.39
N ARG D 713 12.93 0.39 -17.57
CA ARG D 713 12.35 -0.53 -16.58
C ARG D 713 11.13 -1.17 -17.18
N THR D 714 10.95 -2.44 -16.96
CA THR D 714 9.91 -3.20 -17.71
C THR D 714 8.87 -3.79 -16.80
N VAL D 715 7.63 -3.38 -16.93
CA VAL D 715 6.58 -3.81 -16.01
C VAL D 715 5.59 -4.69 -16.74
N PRO D 716 5.80 -5.98 -16.65
CA PRO D 716 4.95 -6.92 -17.41
C PRO D 716 3.53 -6.78 -16.98
N LEU D 717 2.61 -6.76 -17.95
CA LEU D 717 1.14 -6.81 -17.69
C LEU D 717 0.45 -8.11 -18.14
N TYR D 718 1.10 -8.83 -19.06
CA TYR D 718 0.55 -10.07 -19.65
C TYR D 718 -0.84 -9.87 -20.31
N GLU D 719 -1.07 -8.64 -20.77
CA GLU D 719 -2.21 -8.30 -21.60
C GLU D 719 -1.87 -6.99 -22.34
N SER D 720 -2.68 -6.63 -23.33
CA SER D 720 -2.34 -5.46 -24.17
C SER D 720 -2.75 -4.14 -23.48
N PRO D 721 -1.76 -3.30 -23.13
CA PRO D 721 -2.04 -1.91 -22.73
C PRO D 721 -2.37 -1.04 -23.92
N ARG D 722 -3.30 -0.13 -23.75
CA ARG D 722 -3.82 0.61 -24.89
C ARG D 722 -3.76 2.10 -24.71
N LYS D 723 -3.94 2.58 -23.49
CA LYS D 723 -3.67 3.99 -23.17
C LYS D 723 -3.13 4.13 -21.77
N ILE D 724 -2.44 5.23 -21.55
CA ILE D 724 -1.82 5.51 -20.27
C ILE D 724 -1.91 6.99 -20.08
N CYS D 725 -2.20 7.44 -18.86
CA CYS D 725 -2.21 8.87 -18.52
C CYS D 725 -1.90 8.93 -17.03
N TYR D 726 -1.57 10.11 -16.53
CA TYR D 726 -0.94 10.17 -15.21
C TYR D 726 -1.69 11.05 -14.26
N GLN D 727 -2.09 10.44 -13.16
CA GLN D 727 -2.66 11.23 -12.06
C GLN D 727 -1.61 11.51 -11.01
N GLU D 728 -1.02 12.70 -11.03
CA GLU D 728 0.06 13.11 -10.10
C GLU D 728 -0.39 13.19 -8.60
N VAL D 729 -1.61 13.66 -8.34
CA VAL D 729 -2.09 13.76 -6.97
C VAL D 729 -2.37 12.39 -6.35
N SER D 730 -2.75 11.43 -7.17
CA SER D 730 -2.97 10.07 -6.71
C SER D 730 -1.70 9.27 -6.86
N GLN D 731 -0.66 9.93 -7.35
CA GLN D 731 0.64 9.29 -7.62
C GLN D 731 0.53 7.87 -8.25
N CYS D 732 -0.22 7.79 -9.34
CA CYS D 732 -0.45 6.55 -10.02
C CYS D 732 -0.94 6.82 -11.43
N PHE D 733 -0.84 5.80 -12.27
CA PHE D 733 -1.23 5.86 -13.68
C PHE D 733 -2.58 5.18 -13.86
N GLY D 734 -3.35 5.69 -14.83
CA GLY D 734 -4.46 4.95 -15.41
C GLY D 734 -4.01 4.35 -16.72
N VAL D 735 -4.32 3.08 -16.89
CA VAL D 735 -4.00 2.34 -18.12
C VAL D 735 -5.23 1.65 -18.67
N LEU D 736 -5.66 2.01 -19.86
CA LEU D 736 -6.67 1.19 -20.55
C LEU D 736 -5.96 -0.03 -21.10
N SER D 737 -6.58 -1.17 -20.91
CA SER D 737 -6.05 -2.40 -21.46
C SER D 737 -7.12 -3.39 -21.79
N SER D 738 -6.74 -4.39 -22.55
CA SER D 738 -7.71 -5.38 -23.03
C SER D 738 -7.09 -6.75 -22.96
N ARG D 739 -7.92 -7.78 -22.78
CA ARG D 739 -7.44 -9.15 -22.74
C ARG D 739 -8.39 -10.07 -23.44
N ILE D 740 -7.89 -11.23 -23.80
CA ILE D 740 -8.62 -12.21 -24.63
C ILE D 740 -9.13 -13.34 -23.74
N GLU D 741 -10.44 -13.47 -23.69
CA GLU D 741 -11.13 -14.64 -23.11
C GLU D 741 -11.75 -15.50 -24.20
N VAL D 742 -11.98 -16.78 -23.92
CA VAL D 742 -12.61 -17.67 -24.89
C VAL D 742 -13.95 -18.19 -24.26
N GLN D 743 -14.89 -18.62 -25.10
CA GLN D 743 -16.35 -18.55 -24.81
C GLN D 743 -16.84 -19.53 -23.73
N ASP D 744 -17.73 -19.02 -22.83
CA ASP D 744 -18.32 -19.78 -21.71
C ASP D 744 -19.65 -20.45 -22.11
N THR D 749 -17.59 -16.49 -20.67
CA THR D 749 -16.22 -16.12 -21.05
C THR D 749 -15.20 -16.23 -19.89
N THR D 750 -14.06 -16.84 -20.20
CA THR D 750 -13.03 -17.14 -19.18
C THR D 750 -11.58 -17.14 -19.77
N ALA D 751 -10.63 -16.57 -19.02
CA ALA D 751 -9.39 -16.04 -19.66
C ALA D 751 -8.37 -17.14 -20.01
N LEU D 752 -7.38 -16.76 -20.84
CA LEU D 752 -6.30 -17.68 -21.25
C LEU D 752 -5.06 -17.64 -20.36
N ARG D 753 -4.93 -16.62 -19.51
CA ARG D 753 -3.86 -16.58 -18.51
C ARG D 753 -4.18 -15.49 -17.48
N PRO D 754 -3.56 -15.57 -16.30
CA PRO D 754 -3.57 -14.44 -15.37
C PRO D 754 -2.96 -13.17 -16.01
N SER D 755 -3.65 -12.05 -15.83
CA SER D 755 -3.21 -10.78 -16.37
C SER D 755 -3.15 -9.79 -15.26
N ALA D 756 -2.59 -8.63 -15.58
CA ALA D 756 -2.78 -7.43 -14.73
C ALA D 756 -4.22 -7.30 -14.26
N SER D 757 -5.14 -7.29 -15.20
CA SER D 757 -6.53 -7.03 -14.98
C SER D 757 -7.29 -8.12 -14.22
N THR D 758 -6.65 -9.27 -14.03
CA THR D 758 -7.28 -10.37 -13.31
C THR D 758 -6.62 -10.58 -11.94
N GLN D 759 -5.63 -9.74 -11.64
CA GLN D 759 -4.84 -9.89 -10.43
C GLN D 759 -4.59 -8.56 -9.76
N ALA D 760 -5.58 -7.67 -9.86
CA ALA D 760 -5.53 -6.43 -9.12
C ALA D 760 -5.78 -6.72 -7.64
N LEU D 761 -5.34 -5.80 -6.79
CA LEU D 761 -5.66 -5.83 -5.37
C LEU D 761 -7.17 -5.71 -5.13
N SER D 762 -7.72 -4.58 -5.55
CA SER D 762 -9.16 -4.32 -5.56
C SER D 762 -9.62 -4.40 -7.02
N SER D 763 -10.81 -4.91 -7.29
CA SER D 763 -11.31 -4.94 -8.68
C SER D 763 -12.81 -4.72 -8.73
N SER D 764 -13.29 -4.09 -9.79
CA SER D 764 -14.70 -3.84 -9.99
C SER D 764 -15.15 -4.44 -11.33
N VAL D 765 -16.43 -4.32 -11.61
CA VAL D 765 -16.95 -4.69 -12.91
C VAL D 765 -18.19 -3.78 -13.21
N SER D 766 -18.79 -3.94 -14.38
CA SER D 766 -20.02 -3.26 -14.63
C SER D 766 -21.20 -4.21 -14.78
N SER D 767 -20.98 -5.50 -14.88
CA SER D 767 -22.14 -6.38 -14.99
C SER D 767 -21.81 -7.85 -15.00
N SER D 768 -22.73 -8.69 -14.57
CA SER D 768 -22.45 -10.12 -14.53
C SER D 768 -23.25 -11.04 -15.43
N LYS D 769 -24.57 -10.89 -15.42
CA LYS D 769 -25.43 -11.74 -16.25
C LYS D 769 -26.41 -10.95 -17.10
N LEU D 770 -26.47 -11.28 -18.38
CA LEU D 770 -27.36 -10.61 -19.33
C LEU D 770 -28.81 -11.04 -19.15
N GLU D 784 -14.38 -19.37 -29.45
CA GLU D 784 -14.48 -18.04 -30.10
C GLU D 784 -14.03 -16.96 -29.16
N GLU D 785 -13.02 -16.17 -29.57
CA GLU D 785 -12.35 -15.21 -28.68
C GLU D 785 -13.18 -13.95 -28.45
N VAL D 786 -13.00 -13.33 -27.28
CA VAL D 786 -13.65 -12.04 -27.01
C VAL D 786 -12.66 -11.09 -26.39
N GLU D 787 -12.97 -9.80 -26.42
CA GLU D 787 -12.03 -8.77 -25.98
C GLU D 787 -12.66 -8.05 -24.80
N VAL D 788 -11.95 -8.02 -23.69
CA VAL D 788 -12.51 -7.49 -22.46
C VAL D 788 -11.62 -6.35 -22.01
N HIS D 789 -12.25 -5.17 -21.95
CA HIS D 789 -11.55 -3.93 -21.71
C HIS D 789 -11.55 -3.53 -20.28
N ASN D 790 -10.42 -3.02 -19.81
CA ASN D 790 -10.21 -2.71 -18.38
C ASN D 790 -9.57 -1.37 -18.24
N LEU D 791 -9.85 -0.69 -17.12
CA LEU D 791 -9.07 0.41 -16.65
C LEU D 791 -8.23 -0.08 -15.49
N LEU D 792 -6.91 0.05 -15.62
CA LEU D 792 -6.01 -0.36 -14.56
C LEU D 792 -5.60 0.86 -13.77
N ILE D 793 -5.43 0.71 -12.45
CA ILE D 793 -4.77 1.71 -11.67
C ILE D 793 -3.43 1.20 -11.19
N ILE D 794 -2.38 1.63 -11.86
CA ILE D 794 -1.04 1.21 -11.51
C ILE D 794 -0.35 2.25 -10.62
N ASP D 795 0.13 1.79 -9.47
CA ASP D 795 0.99 2.61 -8.57
C ASP D 795 2.22 3.12 -9.27
N GLN D 796 2.63 4.33 -8.95
CA GLN D 796 3.74 4.96 -9.66
C GLN D 796 5.15 4.53 -9.19
N HIS D 797 5.22 4.06 -7.95
CA HIS D 797 6.47 3.64 -7.33
C HIS D 797 6.73 2.16 -7.51
N THR D 798 5.73 1.36 -7.22
CA THR D 798 5.84 -0.07 -7.21
C THR D 798 5.40 -0.73 -8.53
N PHE D 799 4.68 0.02 -9.34
CA PHE D 799 3.99 -0.53 -10.53
C PHE D 799 3.06 -1.74 -10.29
N GLU D 800 2.68 -1.93 -9.03
CA GLU D 800 1.63 -2.85 -8.67
C GLU D 800 0.30 -2.35 -9.27
N VAL D 801 -0.52 -3.33 -9.68
CA VAL D 801 -1.88 -3.07 -10.13
C VAL D 801 -2.80 -2.99 -8.89
N LEU D 802 -3.08 -1.76 -8.52
CA LEU D 802 -3.94 -1.44 -7.36
C LEU D 802 -5.40 -1.72 -7.57
N HIS D 803 -5.89 -1.48 -8.78
CA HIS D 803 -7.30 -1.72 -9.15
C HIS D 803 -7.49 -2.08 -10.60
N ALA D 804 -8.42 -2.99 -10.86
CA ALA D 804 -8.90 -3.20 -12.26
C ALA D 804 -10.40 -3.11 -12.33
N HIS D 805 -10.85 -2.11 -13.07
CA HIS D 805 -12.21 -1.93 -13.50
C HIS D 805 -12.42 -2.75 -14.75
N GLN D 806 -13.54 -3.43 -14.87
CA GLN D 806 -13.93 -4.01 -16.15
C GLN D 806 -15.13 -3.29 -16.75
N PHE D 807 -15.00 -2.82 -18.00
CA PHE D 807 -16.11 -2.16 -18.68
C PHE D 807 -17.12 -3.21 -19.17
N LEU D 808 -18.25 -2.72 -19.70
CA LEU D 808 -19.41 -3.62 -19.92
C LEU D 808 -19.17 -4.57 -21.10
N GLN D 809 -19.88 -5.69 -21.09
CA GLN D 809 -19.83 -6.65 -22.20
C GLN D 809 -20.10 -5.83 -23.48
N ASN D 810 -19.38 -6.12 -24.55
CA ASN D 810 -19.45 -5.31 -25.77
C ASN D 810 -18.92 -3.91 -25.68
N GLU D 811 -18.49 -3.42 -24.50
CA GLU D 811 -17.95 -2.02 -24.40
C GLU D 811 -16.45 -2.01 -24.72
N TYR D 812 -16.11 -1.16 -25.66
CA TYR D 812 -14.73 -0.93 -26.07
C TYR D 812 -14.28 0.40 -25.46
N ALA D 813 -13.17 0.38 -24.72
CA ALA D 813 -12.70 1.59 -24.09
C ALA D 813 -11.67 2.27 -24.98
N LEU D 814 -11.96 3.51 -25.33
CA LEU D 814 -11.28 4.19 -26.46
C LEU D 814 -10.31 5.26 -26.04
N SER D 815 -10.73 6.05 -25.08
CA SER D 815 -10.00 7.23 -24.65
C SER D 815 -9.97 7.30 -23.11
N LEU D 816 -8.88 7.87 -22.57
CA LEU D 816 -8.64 7.96 -21.14
C LEU D 816 -7.95 9.28 -20.83
N VAL D 817 -8.16 9.84 -19.64
CA VAL D 817 -7.68 11.18 -19.39
C VAL D 817 -7.79 11.49 -17.91
N SER D 818 -6.84 12.24 -17.36
CA SER D 818 -6.85 12.56 -15.94
C SER D 818 -6.88 14.08 -15.75
N CYS D 819 -7.82 14.59 -14.99
CA CYS D 819 -7.96 16.04 -14.88
C CYS D 819 -8.96 16.58 -13.85
N LYS D 820 -8.84 17.87 -13.59
CA LYS D 820 -9.78 18.62 -12.76
C LYS D 820 -10.78 19.27 -13.68
N LEU D 821 -12.01 19.50 -13.19
CA LEU D 821 -13.10 20.02 -14.01
C LEU D 821 -13.91 21.11 -13.33
N GLY D 822 -14.28 22.14 -14.09
CA GLY D 822 -14.89 23.33 -13.52
C GLY D 822 -14.08 23.87 -12.37
N LYS D 823 -14.75 24.09 -11.23
CA LYS D 823 -14.10 24.65 -10.04
C LYS D 823 -13.96 23.62 -8.91
N ASP D 824 -13.83 22.36 -9.30
CA ASP D 824 -13.86 21.24 -8.36
C ASP D 824 -12.40 20.80 -8.14
N PRO D 825 -11.95 20.79 -6.88
CA PRO D 825 -10.54 20.47 -6.59
C PRO D 825 -10.12 19.03 -6.90
N ASN D 826 -11.08 18.13 -7.03
CA ASN D 826 -10.78 16.70 -7.32
C ASN D 826 -10.18 16.42 -8.66
N THR D 827 -9.28 15.46 -8.74
CA THR D 827 -8.76 15.01 -10.03
C THR D 827 -9.36 13.67 -10.37
N TYR D 828 -9.82 13.51 -11.60
CA TYR D 828 -10.59 12.35 -11.99
C TYR D 828 -9.91 11.61 -13.14
N PHE D 829 -10.13 10.29 -13.21
CA PHE D 829 -9.90 9.54 -14.43
C PHE D 829 -11.18 9.56 -15.20
N ILE D 830 -11.09 9.73 -16.49
CA ILE D 830 -12.24 9.82 -17.37
C ILE D 830 -12.10 8.95 -18.61
N VAL D 831 -12.98 8.01 -18.78
CA VAL D 831 -12.90 7.06 -19.89
C VAL D 831 -13.95 7.37 -20.92
N GLY D 832 -13.55 7.32 -22.20
CA GLY D 832 -14.49 7.31 -23.31
C GLY D 832 -14.64 5.91 -23.86
N THR D 833 -15.86 5.41 -23.95
CA THR D 833 -16.11 4.05 -24.51
C THR D 833 -16.83 4.11 -25.84
N ALA D 834 -17.02 2.96 -26.46
CA ALA D 834 -17.99 2.80 -27.56
C ALA D 834 -18.50 1.37 -27.56
N MET D 835 -19.78 1.20 -27.75
CA MET D 835 -20.41 -0.10 -27.69
C MET D 835 -20.35 -0.76 -29.07
N VAL D 836 -19.67 -1.87 -29.12
CA VAL D 836 -19.32 -2.48 -30.39
C VAL D 836 -20.05 -3.78 -30.56
N TYR D 837 -20.96 -3.82 -31.53
CA TYR D 837 -21.54 -5.08 -31.96
C TYR D 837 -21.17 -5.36 -33.41
N PRO D 838 -20.96 -6.65 -33.73
CA PRO D 838 -20.62 -7.08 -35.10
C PRO D 838 -21.71 -6.78 -36.16
N GLU D 839 -22.98 -6.87 -35.75
CA GLU D 839 -24.11 -6.60 -36.64
C GLU D 839 -24.22 -5.12 -36.95
N GLU D 840 -23.80 -4.29 -36.02
CA GLU D 840 -23.92 -2.86 -36.24
C GLU D 840 -22.58 -2.24 -36.55
N ALA D 841 -22.31 -1.92 -37.81
CA ALA D 841 -20.90 -1.64 -38.24
C ALA D 841 -20.38 -0.33 -37.72
N GLU D 842 -21.24 0.72 -37.66
CA GLU D 842 -20.91 1.98 -36.98
C GLU D 842 -21.43 2.05 -35.54
N PRO D 843 -20.56 2.44 -34.63
CA PRO D 843 -20.92 2.64 -33.24
C PRO D 843 -22.10 3.66 -33.05
N LYS D 844 -23.12 3.20 -32.33
CA LYS D 844 -24.35 3.94 -32.11
C LYS D 844 -24.59 4.36 -30.66
N GLN D 845 -23.78 3.84 -29.75
CA GLN D 845 -23.85 4.20 -28.33
C GLN D 845 -22.52 3.99 -27.60
N GLY D 846 -22.30 4.83 -26.59
CA GLY D 846 -21.06 4.80 -25.81
C GLY D 846 -21.21 5.61 -24.54
N ARG D 847 -20.26 5.47 -23.64
CA ARG D 847 -20.29 6.15 -22.35
C ARG D 847 -19.16 7.15 -22.22
N ILE D 848 -19.38 8.25 -21.47
CA ILE D 848 -18.28 8.93 -20.84
C ILE D 848 -18.43 8.77 -19.35
N VAL D 849 -17.42 8.15 -18.75
CA VAL D 849 -17.47 7.75 -17.34
C VAL D 849 -16.46 8.57 -16.60
N VAL D 850 -16.84 9.04 -15.43
CA VAL D 850 -15.92 9.78 -14.56
C VAL D 850 -15.64 8.88 -13.36
N PHE D 851 -14.40 8.40 -13.24
CA PHE D 851 -13.96 7.71 -12.04
C PHE D 851 -13.20 8.65 -11.10
N GLN D 852 -13.06 8.22 -9.88
CA GLN D 852 -12.16 8.90 -8.94
C GLN D 852 -11.44 7.93 -8.00
N TYR D 853 -10.12 8.06 -7.96
CA TYR D 853 -9.33 7.21 -7.12
C TYR D 853 -8.85 7.94 -5.87
N SER D 854 -9.62 7.75 -4.79
CA SER D 854 -9.10 8.12 -3.48
C SER D 854 -9.24 6.96 -2.51
N ASP D 855 -8.56 7.10 -1.37
CA ASP D 855 -8.17 5.95 -0.51
C ASP D 855 -7.52 4.89 -1.39
N GLY D 856 -7.99 3.67 -1.32
CA GLY D 856 -7.48 2.60 -2.17
C GLY D 856 -8.57 2.19 -3.13
N LYS D 857 -9.56 3.07 -3.28
CA LYS D 857 -10.78 2.69 -3.99
C LYS D 857 -11.04 3.52 -5.26
N LEU D 858 -11.53 2.83 -6.27
CA LEU D 858 -11.97 3.49 -7.47
C LEU D 858 -13.49 3.61 -7.45
N GLN D 859 -13.99 4.85 -7.34
CA GLN D 859 -15.46 5.12 -7.32
C GLN D 859 -15.93 5.51 -8.72
N THR D 860 -17.11 5.07 -9.12
CA THR D 860 -17.68 5.53 -10.38
C THR D 860 -18.61 6.73 -10.10
N VAL D 861 -18.15 7.92 -10.42
CA VAL D 861 -18.68 9.14 -9.93
C VAL D 861 -19.80 9.69 -10.81
N ALA D 862 -19.67 9.53 -12.13
CA ALA D 862 -20.68 10.12 -13.07
C ALA D 862 -20.60 9.53 -14.48
N GLU D 863 -21.76 9.39 -15.10
CA GLU D 863 -21.83 8.80 -16.42
C GLU D 863 -22.44 9.80 -17.39
N LYS D 864 -22.19 9.59 -18.70
CA LYS D 864 -23.07 10.12 -19.74
C LYS D 864 -23.18 9.04 -20.79
N GLU D 865 -24.41 8.66 -21.14
CA GLU D 865 -24.61 7.90 -22.39
C GLU D 865 -24.55 8.91 -23.54
N VAL D 866 -24.08 8.48 -24.68
CA VAL D 866 -23.82 9.32 -25.77
C VAL D 866 -24.05 8.53 -27.04
N LYS D 867 -24.65 9.14 -28.06
CA LYS D 867 -25.24 8.30 -29.14
C LYS D 867 -24.16 8.01 -30.18
N GLY D 868 -23.04 7.45 -29.72
CA GLY D 868 -21.93 7.02 -30.60
C GLY D 868 -20.64 6.75 -29.85
N ALA D 869 -19.55 6.63 -30.61
CA ALA D 869 -18.22 6.34 -30.01
C ALA D 869 -17.54 7.57 -29.54
N VAL D 870 -16.84 7.45 -28.42
CA VAL D 870 -16.06 8.56 -27.86
C VAL D 870 -14.63 8.28 -28.19
N TYR D 871 -14.26 8.67 -29.42
CA TYR D 871 -12.91 8.46 -29.95
C TYR D 871 -11.82 9.19 -29.17
N SER D 872 -12.11 10.41 -28.71
CA SER D 872 -11.14 11.05 -27.87
C SER D 872 -11.77 11.93 -26.84
N MET D 873 -10.93 12.33 -25.90
CA MET D 873 -11.22 13.38 -25.01
C MET D 873 -9.93 14.19 -24.79
N VAL D 874 -10.16 15.37 -24.31
CA VAL D 874 -9.05 16.29 -23.97
C VAL D 874 -9.61 17.28 -22.99
N GLU D 875 -8.82 17.59 -21.97
CA GLU D 875 -9.20 18.61 -21.00
C GLU D 875 -9.10 19.95 -21.67
N PHE D 876 -10.12 20.79 -21.55
CA PHE D 876 -10.17 22.03 -22.34
C PHE D 876 -10.58 23.26 -21.47
N ASN D 877 -9.58 23.92 -20.88
CA ASN D 877 -9.81 25.07 -19.99
C ASN D 877 -10.70 24.78 -18.78
N GLY D 878 -10.57 23.58 -18.20
CA GLY D 878 -11.43 23.19 -17.09
C GLY D 878 -12.77 22.63 -17.55
N LYS D 879 -12.97 22.60 -18.85
CA LYS D 879 -14.14 21.91 -19.42
C LYS D 879 -13.66 20.64 -20.07
N LEU D 880 -14.59 19.71 -20.37
CA LEU D 880 -14.20 18.47 -21.00
C LEU D 880 -14.63 18.44 -22.46
N LEU D 881 -13.67 18.22 -23.33
CA LEU D 881 -13.90 18.24 -24.73
C LEU D 881 -13.78 16.86 -25.25
N ALA D 882 -14.84 16.36 -25.86
CA ALA D 882 -14.92 14.99 -26.34
C ALA D 882 -15.44 14.92 -27.69
N SER D 883 -14.90 14.00 -28.42
CA SER D 883 -15.26 13.80 -29.82
C SER D 883 -16.09 12.55 -29.93
N ILE D 884 -17.35 12.67 -30.33
CA ILE D 884 -18.21 11.51 -30.44
C ILE D 884 -18.65 11.43 -31.88
N ASN D 885 -18.25 10.38 -32.55
CA ASN D 885 -18.35 10.33 -33.98
C ASN D 885 -17.86 11.60 -34.65
N SER D 886 -18.74 12.21 -35.40
CA SER D 886 -18.37 13.37 -36.18
C SER D 886 -18.91 14.63 -35.53
N THR D 887 -19.05 14.59 -34.21
CA THR D 887 -19.41 15.72 -33.43
C THR D 887 -18.28 15.97 -32.47
N VAL D 888 -18.06 17.25 -32.14
CA VAL D 888 -17.21 17.58 -31.04
C VAL D 888 -18.06 18.24 -30.03
N ARG D 889 -17.88 17.84 -28.79
CA ARG D 889 -18.81 18.22 -27.72
C ARG D 889 -18.05 18.65 -26.52
N LEU D 890 -18.48 19.73 -25.92
CA LEU D 890 -17.76 20.37 -24.85
C LEU D 890 -18.68 20.33 -23.63
N TYR D 891 -18.19 19.79 -22.50
CA TYR D 891 -19.02 19.55 -21.35
C TYR D 891 -18.55 20.43 -20.18
N GLU D 892 -19.53 20.99 -19.47
CA GLU D 892 -19.24 21.69 -18.22
C GLU D 892 -19.46 20.72 -17.04
N TRP D 893 -18.60 20.85 -16.01
CA TRP D 893 -18.68 20.00 -14.84
C TRP D 893 -19.32 20.76 -13.70
N THR D 894 -20.54 20.36 -13.40
CA THR D 894 -21.40 21.07 -12.45
C THR D 894 -21.01 20.82 -10.96
N THR D 895 -21.74 21.40 -10.04
CA THR D 895 -21.60 21.04 -8.64
C THR D 895 -22.46 19.83 -8.28
N GLU D 896 -23.45 19.57 -9.13
CA GLU D 896 -24.26 18.37 -8.97
C GLU D 896 -23.43 17.18 -9.40
N LYS D 897 -22.21 17.46 -9.87
CA LYS D 897 -21.18 16.45 -10.17
C LYS D 897 -21.56 15.56 -11.37
N GLU D 898 -21.87 16.23 -12.46
CA GLU D 898 -22.35 15.62 -13.67
C GLU D 898 -21.89 16.52 -14.81
N LEU D 899 -21.84 15.94 -16.01
CA LEU D 899 -21.43 16.63 -17.24
C LEU D 899 -22.63 17.18 -17.93
N ARG D 900 -22.65 18.51 -18.11
CA ARG D 900 -23.78 19.18 -18.79
C ARG D 900 -23.29 19.86 -20.08
N THR D 901 -23.65 19.30 -21.23
CA THR D 901 -23.31 19.82 -22.57
C THR D 901 -23.43 21.32 -22.70
N GLU D 902 -22.33 22.01 -22.96
CA GLU D 902 -22.34 23.44 -23.20
C GLU D 902 -22.49 23.73 -24.67
N CYS D 903 -21.74 23.00 -25.50
CA CYS D 903 -21.82 23.13 -26.95
C CYS D 903 -21.40 21.91 -27.73
N ASN D 904 -21.74 21.97 -29.02
CA ASN D 904 -21.86 20.80 -29.86
C ASN D 904 -21.53 21.25 -31.30
N HIS D 905 -20.52 20.63 -31.94
CA HIS D 905 -20.07 21.12 -33.24
C HIS D 905 -19.99 19.94 -34.26
N TYR D 906 -20.76 20.07 -35.32
CA TYR D 906 -20.76 18.97 -36.25
C TYR D 906 -19.81 19.25 -37.43
N ASN D 907 -19.01 18.25 -37.79
CA ASN D 907 -18.00 18.45 -38.78
C ASN D 907 -18.06 17.33 -39.79
N ASN D 908 -17.42 17.56 -40.91
CA ASN D 908 -17.40 16.58 -41.94
C ASN D 908 -16.64 15.36 -41.48
N ILE D 909 -15.49 15.61 -40.88
CA ILE D 909 -14.62 14.54 -40.40
C ILE D 909 -15.01 13.88 -39.12
N MET D 910 -14.47 12.70 -38.93
CA MET D 910 -14.70 11.95 -37.73
C MET D 910 -13.63 12.54 -36.87
N ALA D 911 -13.96 12.95 -35.65
CA ALA D 911 -12.95 13.55 -34.81
C ALA D 911 -12.17 12.45 -34.15
N LEU D 912 -11.22 11.91 -34.89
CA LEU D 912 -10.41 10.76 -34.36
C LEU D 912 -9.27 11.24 -33.53
N TYR D 913 -8.54 12.28 -33.99
CA TYR D 913 -7.55 12.91 -33.19
C TYR D 913 -8.04 14.23 -32.62
N LEU D 914 -7.73 14.44 -31.35
CA LEU D 914 -7.98 15.67 -30.69
C LEU D 914 -6.76 16.10 -29.96
N LYS D 915 -6.45 17.38 -30.12
CA LYS D 915 -5.39 18.01 -29.35
C LYS D 915 -5.71 19.47 -29.20
N THR D 916 -5.13 20.11 -28.21
CA THR D 916 -5.45 21.50 -27.96
C THR D 916 -4.30 22.31 -27.44
N LYS D 917 -4.48 23.60 -27.58
CA LYS D 917 -3.69 24.58 -26.88
C LYS D 917 -4.51 25.84 -26.79
N GLY D 918 -4.59 26.43 -25.61
CA GLY D 918 -5.16 27.77 -25.45
C GLY D 918 -6.62 27.70 -25.83
N ASP D 919 -6.95 28.32 -26.96
CA ASP D 919 -8.32 28.39 -27.42
C ASP D 919 -8.55 27.48 -28.62
N PHE D 920 -7.47 26.90 -29.11
CA PHE D 920 -7.52 26.07 -30.30
C PHE D 920 -7.81 24.63 -29.98
N ILE D 921 -8.49 24.04 -30.96
CA ILE D 921 -8.59 22.65 -31.07
C ILE D 921 -8.15 22.12 -32.44
N LEU D 922 -7.31 21.11 -32.41
CA LEU D 922 -6.88 20.41 -33.61
C LEU D 922 -7.63 19.10 -33.72
N VAL D 923 -8.33 18.95 -34.83
CA VAL D 923 -9.11 17.76 -35.12
C VAL D 923 -8.55 17.05 -36.32
N GLY D 924 -8.45 15.73 -36.24
CA GLY D 924 -8.01 14.94 -37.37
C GLY D 924 -8.75 13.60 -37.47
N ASP D 925 -8.66 13.01 -38.66
CA ASP D 925 -9.22 11.71 -38.90
C ASP D 925 -8.21 10.77 -39.57
N LEU D 926 -8.58 9.50 -39.70
CA LEU D 926 -7.74 8.47 -40.28
C LEU D 926 -7.20 8.89 -41.66
N MET D 927 -7.93 9.76 -42.31
CA MET D 927 -7.71 10.11 -43.68
C MET D 927 -6.84 11.32 -43.84
N ARG D 928 -6.40 11.89 -42.77
CA ARG D 928 -5.37 12.89 -42.85
C ARG D 928 -5.93 14.29 -43.07
N SER D 929 -7.21 14.41 -42.90
CA SER D 929 -7.86 15.66 -42.94
C SER D 929 -7.81 16.33 -41.58
N VAL D 930 -7.38 17.57 -41.58
CA VAL D 930 -7.21 18.36 -40.38
C VAL D 930 -8.09 19.59 -40.33
N LEU D 931 -8.49 19.93 -39.12
CA LEU D 931 -9.40 21.02 -38.85
C LEU D 931 -8.86 21.78 -37.68
N LEU D 932 -8.69 23.10 -37.83
CA LEU D 932 -8.46 23.97 -36.70
C LEU D 932 -9.77 24.53 -36.22
N LEU D 933 -10.08 24.42 -34.91
CA LEU D 933 -11.28 25.01 -34.32
C LEU D 933 -10.96 26.01 -33.18
N ALA D 934 -11.82 27.02 -33.01
CA ALA D 934 -11.65 28.00 -31.97
C ALA D 934 -12.90 28.19 -31.10
N TYR D 935 -12.74 27.99 -29.79
CA TYR D 935 -13.77 28.30 -28.84
C TYR D 935 -13.95 29.78 -28.78
N LYS D 936 -15.17 30.24 -29.00
CA LYS D 936 -15.50 31.66 -28.91
C LYS D 936 -16.29 31.95 -27.62
N PRO D 937 -15.57 32.40 -26.57
CA PRO D 937 -16.14 32.50 -25.22
C PRO D 937 -17.40 33.38 -25.16
N MET D 938 -17.44 34.43 -25.95
CA MET D 938 -18.53 35.38 -25.97
C MET D 938 -19.74 34.81 -26.78
N GLU D 939 -19.52 33.71 -27.49
CA GLU D 939 -20.60 33.07 -28.23
C GLU D 939 -20.96 31.70 -27.74
N GLY D 940 -20.13 31.11 -26.89
CA GLY D 940 -20.43 29.80 -26.26
C GLY D 940 -20.51 28.70 -27.30
N ASN D 941 -19.50 28.66 -28.16
CA ASN D 941 -19.67 28.15 -29.48
C ASN D 941 -18.33 27.87 -30.13
N PHE D 942 -18.33 27.07 -31.19
CA PHE D 942 -17.10 26.78 -31.89
C PHE D 942 -17.07 27.36 -33.27
N GLU D 943 -15.87 27.54 -33.82
CA GLU D 943 -15.71 28.23 -35.09
C GLU D 943 -14.53 27.59 -35.81
N GLU D 944 -14.72 27.23 -37.07
CA GLU D 944 -13.65 26.60 -37.88
C GLU D 944 -12.73 27.67 -38.37
N ILE D 945 -11.45 27.52 -38.05
CA ILE D 945 -10.42 28.52 -38.38
C ILE D 945 -9.73 28.19 -39.69
N ALA D 946 -9.28 26.96 -39.83
CA ALA D 946 -8.64 26.47 -41.05
C ALA D 946 -8.88 25.00 -41.22
N ARG D 947 -8.58 24.49 -42.40
CA ARG D 947 -8.76 23.12 -42.72
C ARG D 947 -7.82 22.76 -43.87
N ASP D 948 -7.26 21.56 -43.82
CA ASP D 948 -6.59 20.98 -44.96
C ASP D 948 -6.90 19.50 -45.22
N PHE D 949 -7.76 19.27 -46.21
CA PHE D 949 -8.13 17.94 -46.64
C PHE D 949 -7.23 17.44 -47.73
N ASN D 950 -6.34 16.51 -47.38
CA ASN D 950 -5.32 16.04 -48.31
C ASN D 950 -5.12 14.50 -48.16
N PRO D 951 -5.95 13.71 -48.82
CA PRO D 951 -6.32 12.38 -48.39
C PRO D 951 -5.18 11.35 -48.37
N ASN D 952 -4.71 11.02 -47.18
CA ASN D 952 -3.73 9.99 -46.96
C ASN D 952 -3.87 9.41 -45.53
N TRP D 953 -3.52 8.14 -45.33
CA TRP D 953 -3.63 7.55 -44.01
C TRP D 953 -2.81 8.37 -43.03
N MET D 954 -3.45 8.79 -41.95
CA MET D 954 -2.77 9.57 -40.91
C MET D 954 -2.86 8.80 -39.62
N SER D 955 -1.75 8.77 -38.88
CA SER D 955 -1.65 7.91 -37.67
C SER D 955 -1.59 8.67 -36.32
N ALA D 956 -1.31 9.96 -36.39
CA ALA D 956 -0.95 10.78 -35.26
C ALA D 956 -0.99 12.24 -35.71
N VAL D 957 -1.41 13.14 -34.85
CA VAL D 957 -1.15 14.57 -35.02
C VAL D 957 -0.72 15.21 -33.72
N GLU D 958 -0.25 16.43 -33.83
CA GLU D 958 0.16 17.21 -32.66
C GLU D 958 0.26 18.67 -32.99
N ILE D 959 -0.03 19.53 -32.01
CA ILE D 959 0.24 20.96 -32.16
C ILE D 959 1.66 21.27 -31.73
N LEU D 960 2.40 21.92 -32.60
CA LEU D 960 3.71 22.46 -32.23
C LEU D 960 3.59 23.82 -31.58
N ASP D 961 2.79 24.70 -32.18
CA ASP D 961 2.36 25.96 -31.55
C ASP D 961 1.13 26.51 -32.27
N ASP D 962 0.65 27.67 -31.85
CA ASP D 962 -0.59 28.25 -32.35
C ASP D 962 -0.77 28.11 -33.86
N ASP D 963 0.36 28.06 -34.57
CA ASP D 963 0.37 28.19 -36.03
C ASP D 963 0.90 26.96 -36.77
N ASN D 964 1.42 25.99 -36.05
CA ASN D 964 2.06 24.83 -36.68
C ASN D 964 1.62 23.48 -36.12
N PHE D 965 1.49 22.52 -37.01
CA PHE D 965 0.88 21.21 -36.71
C PHE D 965 1.72 20.07 -37.26
N LEU D 966 2.07 19.13 -36.42
CA LEU D 966 2.77 17.93 -36.82
C LEU D 966 1.78 16.80 -37.09
N GLY D 967 2.12 15.91 -37.99
CA GLY D 967 1.38 14.74 -38.29
C GLY D 967 2.29 13.62 -38.73
N ALA D 968 1.87 12.37 -38.46
CA ALA D 968 2.45 11.23 -39.18
C ALA D 968 1.52 10.74 -40.21
N GLU D 969 2.04 10.48 -41.41
CA GLU D 969 1.20 10.13 -42.55
C GLU D 969 1.83 9.15 -43.52
N ASN D 970 0.98 8.57 -44.37
CA ASN D 970 1.28 7.27 -44.98
C ASN D 970 2.58 7.08 -45.65
N ALA D 971 3.10 5.87 -45.43
CA ALA D 971 4.45 5.44 -45.83
C ALA D 971 5.44 6.11 -44.90
N PHE D 972 5.12 6.05 -43.61
CA PHE D 972 6.08 6.34 -42.54
C PHE D 972 6.69 7.73 -42.65
N ASN D 973 5.83 8.70 -42.91
CA ASN D 973 6.24 10.07 -43.09
C ASN D 973 5.92 10.92 -41.91
N LEU D 974 6.63 12.05 -41.75
CA LEU D 974 6.15 13.18 -40.97
C LEU D 974 5.78 14.33 -41.85
N PHE D 975 4.92 15.17 -41.34
CA PHE D 975 4.58 16.43 -42.04
C PHE D 975 4.28 17.53 -41.15
N VAL D 976 4.21 18.72 -41.69
CA VAL D 976 3.85 19.87 -40.93
C VAL D 976 2.92 20.76 -41.71
N CYS D 977 1.87 21.22 -41.06
CA CYS D 977 0.95 22.28 -41.53
C CYS D 977 1.20 23.60 -40.82
N GLN D 978 0.94 24.66 -41.51
CA GLN D 978 1.11 25.96 -40.95
C GLN D 978 -0.04 26.87 -41.19
N LYS D 979 -0.34 27.71 -40.21
CA LYS D 979 -1.51 28.61 -40.32
C LYS D 979 -1.35 29.64 -41.42
N ASP D 980 -0.34 30.49 -41.32
CA ASP D 980 -0.10 31.51 -42.37
C ASP D 980 0.61 30.84 -43.57
N GLU D 987 -11.43 35.44 -45.47
CA GLU D 987 -10.28 35.52 -46.35
C GLU D 987 -9.83 34.12 -46.79
N GLU D 988 -8.68 34.02 -47.46
CA GLU D 988 -8.05 32.71 -47.66
C GLU D 988 -7.01 32.37 -46.62
N ARG D 989 -7.31 32.76 -45.40
CA ARG D 989 -6.58 32.34 -44.20
C ARG D 989 -7.20 31.10 -43.54
N GLN D 990 -8.14 30.45 -44.26
CA GLN D 990 -8.80 29.23 -43.80
C GLN D 990 -8.15 28.01 -44.46
N HIS D 991 -6.99 28.22 -45.05
CA HIS D 991 -6.23 27.17 -45.71
C HIS D 991 -4.97 26.97 -44.88
N LEU D 992 -4.70 25.72 -44.54
CA LEU D 992 -3.39 25.33 -44.04
C LEU D 992 -2.39 25.02 -45.11
N GLN D 993 -1.16 25.53 -44.96
CA GLN D 993 -0.04 25.27 -45.90
C GLN D 993 0.85 24.13 -45.43
N GLU D 994 1.27 23.31 -46.37
CA GLU D 994 2.11 22.15 -46.10
C GLU D 994 3.59 22.56 -46.17
N VAL D 995 4.16 22.88 -45.02
CA VAL D 995 5.51 23.45 -44.95
C VAL D 995 6.63 22.50 -44.61
N GLY D 996 6.31 21.24 -44.38
CA GLY D 996 7.31 20.25 -44.02
C GLY D 996 6.89 18.85 -44.40
N LEU D 997 7.78 18.11 -45.01
CA LEU D 997 7.61 16.66 -45.14
C LEU D 997 8.90 15.98 -44.86
N PHE D 998 8.83 14.67 -44.57
CA PHE D 998 10.05 13.92 -44.15
C PHE D 998 9.72 12.46 -44.10
N HIS D 999 10.49 11.61 -44.77
CA HIS D 999 10.22 10.19 -44.66
C HIS D 999 10.98 9.65 -43.43
N LEU D 1000 10.24 9.34 -42.38
CA LEU D 1000 10.84 8.94 -41.11
C LEU D 1000 11.39 7.51 -41.13
N GLY D 1001 10.61 6.56 -41.63
CA GLY D 1001 11.02 5.17 -41.62
C GLY D 1001 10.40 4.36 -40.49
N GLU D 1002 9.67 5.05 -39.61
CA GLU D 1002 8.89 4.42 -38.56
C GLU D 1002 7.43 4.92 -38.62
N PHE D 1003 6.54 4.12 -38.02
CA PHE D 1003 5.11 4.42 -38.00
C PHE D 1003 4.79 4.97 -36.62
N VAL D 1004 4.49 6.26 -36.58
CA VAL D 1004 4.23 6.95 -35.33
C VAL D 1004 2.82 6.68 -34.86
N ASN D 1005 2.70 6.25 -33.59
CA ASN D 1005 1.42 6.09 -32.94
C ASN D 1005 1.09 7.31 -32.09
N VAL D 1006 2.12 7.96 -31.52
CA VAL D 1006 1.88 9.02 -30.60
C VAL D 1006 2.91 10.14 -30.65
N PHE D 1007 2.41 11.39 -30.58
CA PHE D 1007 3.23 12.55 -30.24
C PHE D 1007 2.89 12.97 -28.87
N CYS D 1008 3.85 13.49 -28.15
CA CYS D 1008 3.57 14.09 -26.84
C CYS D 1008 4.66 15.10 -26.46
N HIS D 1009 4.27 16.25 -25.92
CA HIS D 1009 5.18 17.24 -25.46
C HIS D 1009 5.96 16.74 -24.29
N GLY D 1010 7.26 17.00 -24.27
CA GLY D 1010 8.11 16.63 -23.13
C GLY D 1010 9.60 16.46 -23.45
N SER D 1011 10.45 16.47 -22.42
CA SER D 1011 11.87 16.24 -22.67
C SER D 1011 12.37 15.14 -21.77
N LEU D 1012 13.60 14.63 -22.00
CA LEU D 1012 14.34 13.83 -21.00
C LEU D 1012 15.75 14.38 -20.78
N VAL D 1013 15.85 15.68 -20.53
CA VAL D 1013 17.07 16.33 -20.02
C VAL D 1013 16.42 17.30 -19.13
N MET D 1014 17.04 17.64 -17.98
CA MET D 1014 16.50 18.71 -17.07
C MET D 1014 16.38 20.05 -17.92
N GLN D 1015 15.79 21.14 -17.35
CA GLN D 1015 15.46 22.34 -18.20
C GLN D 1015 15.61 23.83 -17.66
N ASN D 1016 15.71 24.78 -18.63
CA ASN D 1016 16.63 25.97 -18.59
C ASN D 1016 16.00 27.23 -17.96
N THR D 1024 17.40 25.44 -30.22
CA THR D 1024 16.08 24.68 -30.44
C THR D 1024 14.91 25.21 -29.62
N GLN D 1025 13.69 25.05 -30.13
CA GLN D 1025 12.50 25.63 -29.44
C GLN D 1025 11.38 24.63 -29.28
N GLY D 1026 10.98 24.37 -28.03
CA GLY D 1026 9.92 23.39 -27.73
C GLY D 1026 10.45 21.96 -27.91
N SER D 1027 9.58 21.00 -27.69
CA SER D 1027 9.98 19.62 -27.79
C SER D 1027 8.77 18.67 -27.80
N VAL D 1028 8.72 17.88 -28.85
CA VAL D 1028 7.75 16.82 -28.97
C VAL D 1028 8.48 15.51 -29.10
N LEU D 1029 8.11 14.55 -28.27
CA LEU D 1029 8.59 13.16 -28.42
C LEU D 1029 7.59 12.34 -29.15
N PHE D 1030 8.07 11.31 -29.79
CA PHE D 1030 7.16 10.46 -30.60
C PHE D 1030 7.51 9.01 -30.53
N GLY D 1031 6.47 8.19 -30.55
CA GLY D 1031 6.59 6.77 -30.19
C GLY D 1031 6.04 5.99 -31.33
N THR D 1032 6.52 4.77 -31.49
CA THR D 1032 6.55 4.12 -32.74
C THR D 1032 6.23 2.64 -32.72
N VAL D 1033 5.78 2.09 -33.82
CA VAL D 1033 5.50 0.65 -33.91
C VAL D 1033 6.72 -0.21 -33.70
N ASN D 1034 7.82 0.22 -34.29
CA ASN D 1034 9.12 -0.48 -34.23
C ASN D 1034 9.81 -0.29 -32.91
N GLY D 1035 9.26 0.58 -32.06
CA GLY D 1035 9.82 0.83 -30.74
C GLY D 1035 10.91 1.88 -30.70
N MET D 1036 10.89 2.75 -31.68
CA MET D 1036 11.82 3.88 -31.75
C MET D 1036 11.18 5.04 -31.06
N ILE D 1037 11.97 5.81 -30.34
CA ILE D 1037 11.48 7.05 -29.70
C ILE D 1037 12.28 8.15 -30.34
N GLY D 1038 11.56 9.18 -30.76
CA GLY D 1038 12.15 10.31 -31.41
C GLY D 1038 11.86 11.61 -30.67
N LEU D 1039 12.43 12.68 -31.21
CA LEU D 1039 12.18 13.99 -30.77
C LEU D 1039 12.07 14.93 -31.98
N VAL D 1040 11.18 15.87 -31.88
CA VAL D 1040 11.00 16.89 -32.87
C VAL D 1040 11.03 18.23 -32.22
N THR D 1041 11.68 19.20 -32.82
CA THR D 1041 11.75 20.55 -32.24
C THR D 1041 12.00 21.62 -33.26
N SER D 1042 11.71 22.85 -32.90
CA SER D 1042 11.79 23.96 -33.84
C SER D 1042 13.18 24.56 -33.85
N LEU D 1043 13.55 25.07 -35.01
CA LEU D 1043 14.78 25.81 -35.19
C LEU D 1043 14.44 27.18 -35.72
N SER D 1044 15.26 28.16 -35.38
CA SER D 1044 15.18 29.46 -36.05
C SER D 1044 15.64 29.31 -37.50
N GLU D 1045 15.08 30.15 -38.38
CA GLU D 1045 15.41 30.11 -39.81
C GLU D 1045 16.93 30.16 -40.05
N SER D 1046 17.66 30.85 -39.17
CA SER D 1046 19.11 30.91 -39.22
C SER D 1046 19.73 29.51 -39.14
N TRP D 1047 19.33 28.75 -38.13
CA TRP D 1047 19.87 27.40 -37.95
C TRP D 1047 19.40 26.42 -38.96
N TYR D 1048 18.16 26.54 -39.41
CA TYR D 1048 17.69 25.67 -40.49
C TYR D 1048 18.57 25.82 -41.74
N ASN D 1049 18.81 27.06 -42.14
CA ASN D 1049 19.69 27.34 -43.28
C ASN D 1049 21.06 26.70 -43.08
N LEU D 1050 21.68 26.96 -41.92
CA LEU D 1050 22.99 26.38 -41.63
C LEU D 1050 22.98 24.87 -41.69
N LEU D 1051 22.03 24.23 -41.04
CA LEU D 1051 22.03 22.78 -40.96
C LEU D 1051 21.68 22.13 -42.30
N LEU D 1052 20.89 22.82 -43.12
CA LEU D 1052 20.63 22.31 -44.48
C LEU D 1052 21.92 22.23 -45.34
N ASP D 1053 22.74 23.28 -45.28
CA ASP D 1053 24.07 23.25 -45.87
C ASP D 1053 24.84 22.05 -45.37
N MET D 1054 24.84 21.90 -44.07
CA MET D 1054 25.60 20.90 -43.38
C MET D 1054 25.25 19.51 -43.82
N GLN D 1055 23.96 19.21 -43.84
CA GLN D 1055 23.46 17.93 -44.35
C GLN D 1055 24.09 17.56 -45.70
N ASN D 1056 24.07 18.53 -46.61
CA ASN D 1056 24.55 18.31 -47.97
C ASN D 1056 26.02 18.05 -48.00
N ARG D 1057 26.75 18.73 -47.11
CA ARG D 1057 28.19 18.61 -47.03
C ARG D 1057 28.56 17.32 -46.33
N LEU D 1058 27.83 16.98 -45.28
CA LEU D 1058 27.99 15.68 -44.63
C LEU D 1058 27.62 14.53 -45.54
N ASN D 1059 26.73 14.75 -46.50
CA ASN D 1059 26.40 13.70 -47.45
C ASN D 1059 27.55 13.33 -48.36
N LYS D 1060 28.36 14.30 -48.74
CA LYS D 1060 29.53 14.05 -49.58
C LYS D 1060 30.62 13.23 -48.85
N VAL D 1061 30.63 13.35 -47.53
CA VAL D 1061 31.70 12.84 -46.68
C VAL D 1061 31.36 11.42 -46.07
N ILE D 1062 30.15 11.22 -45.61
CA ILE D 1062 29.80 10.00 -44.91
C ILE D 1062 29.55 8.85 -45.86
N LYS D 1063 30.07 7.67 -45.50
CA LYS D 1063 29.83 6.42 -46.26
C LYS D 1063 28.48 5.82 -45.88
N SER D 1064 27.61 5.65 -46.85
CA SER D 1064 26.25 5.16 -46.58
C SER D 1064 26.12 3.69 -46.96
N VAL D 1065 25.47 2.89 -46.13
CA VAL D 1065 25.72 1.43 -46.14
C VAL D 1065 25.48 0.76 -47.50
N GLY D 1066 24.27 0.85 -48.03
CA GLY D 1066 23.99 0.24 -49.34
C GLY D 1066 24.32 1.15 -50.52
N LYS D 1067 25.19 2.13 -50.27
CA LYS D 1067 25.33 3.32 -51.13
C LYS D 1067 24.01 3.94 -51.52
N ILE D 1068 23.17 4.20 -50.54
CA ILE D 1068 21.90 4.92 -50.75
C ILE D 1068 22.07 6.39 -50.38
N GLU D 1069 21.67 7.27 -51.29
CA GLU D 1069 21.78 8.70 -51.05
C GLU D 1069 20.79 9.18 -49.96
N HIS D 1070 21.33 9.75 -48.89
CA HIS D 1070 20.54 10.27 -47.78
C HIS D 1070 19.24 10.98 -48.29
N SER D 1071 19.40 11.82 -49.27
CA SER D 1071 18.20 12.51 -49.69
C SER D 1071 17.16 11.68 -50.41
N PHE D 1072 17.55 10.54 -50.97
CA PHE D 1072 16.60 9.60 -51.54
C PHE D 1072 15.81 9.00 -50.42
N TRP D 1073 16.53 8.63 -49.35
CA TRP D 1073 15.95 8.01 -48.15
C TRP D 1073 14.94 8.87 -47.49
N ARG D 1074 15.32 10.12 -47.19
CA ARG D 1074 14.45 11.07 -46.44
C ARG D 1074 13.30 11.63 -47.27
N SER D 1075 13.39 11.47 -48.58
CA SER D 1075 12.41 11.98 -49.49
C SER D 1075 11.04 11.39 -49.18
N PHE D 1076 10.07 12.28 -49.01
CA PHE D 1076 8.70 11.91 -48.68
C PHE D 1076 8.17 10.90 -49.65
N HIS D 1077 7.62 9.79 -49.14
CA HIS D 1077 7.30 8.59 -49.94
C HIS D 1077 5.86 8.09 -49.77
N THR D 1078 5.27 7.58 -50.85
CA THR D 1078 4.04 6.77 -50.72
C THR D 1078 4.11 5.50 -51.57
N LYS D 1081 3.20 8.80 -54.98
CA LYS D 1081 3.92 10.07 -54.86
C LYS D 1081 5.31 9.91 -54.21
N THR D 1082 6.26 10.69 -54.73
CA THR D 1082 7.60 10.87 -54.12
C THR D 1082 8.11 12.28 -54.37
N GLU D 1083 8.50 12.94 -53.29
CA GLU D 1083 8.97 14.33 -53.30
C GLU D 1083 10.16 14.45 -52.38
N PRO D 1084 11.09 15.39 -52.65
CA PRO D 1084 12.17 15.68 -51.70
C PRO D 1084 11.71 16.13 -50.33
N ALA D 1085 12.49 15.79 -49.31
CA ALA D 1085 12.17 16.13 -47.93
C ALA D 1085 12.27 17.63 -47.80
N THR D 1086 11.54 18.21 -46.84
CA THR D 1086 11.60 19.63 -46.65
C THR D 1086 11.12 20.07 -45.27
N GLY D 1087 11.70 21.19 -44.85
CA GLY D 1087 11.45 21.79 -43.53
C GLY D 1087 11.74 20.90 -42.34
N PHE D 1088 12.50 19.84 -42.58
CA PHE D 1088 12.99 18.98 -41.52
C PHE D 1088 14.50 18.81 -41.69
N ILE D 1089 15.22 18.84 -40.56
CA ILE D 1089 16.62 18.47 -40.50
C ILE D 1089 16.86 17.17 -39.75
N ASP D 1090 17.50 16.23 -40.43
CA ASP D 1090 17.79 14.93 -39.90
C ASP D 1090 18.95 15.00 -38.90
N GLY D 1091 18.59 15.19 -37.64
CA GLY D 1091 19.56 15.30 -36.56
C GLY D 1091 20.38 14.06 -36.42
N ASP D 1092 19.85 12.92 -36.85
CA ASP D 1092 20.60 11.68 -36.85
C ASP D 1092 21.84 11.88 -37.73
N LEU D 1093 21.63 12.48 -38.90
CA LEU D 1093 22.74 12.81 -39.80
C LEU D 1093 23.67 13.91 -39.26
N ILE D 1094 23.10 15.01 -38.76
CA ILE D 1094 23.91 16.10 -38.21
C ILE D 1094 24.82 15.61 -37.09
N GLU D 1095 24.32 14.76 -36.22
CA GLU D 1095 25.07 14.33 -35.04
C GLU D 1095 26.23 13.43 -35.38
N SER D 1096 26.18 12.74 -36.51
CA SER D 1096 27.31 11.93 -36.97
C SER D 1096 28.53 12.78 -37.35
N PHE D 1097 28.36 14.09 -37.53
CA PHE D 1097 29.49 15.02 -37.68
C PHE D 1097 30.61 14.72 -36.66
N LEU D 1098 30.18 14.36 -35.46
CA LEU D 1098 31.10 14.18 -34.33
C LEU D 1098 31.92 12.92 -34.44
N ASP D 1099 31.48 11.97 -35.24
CA ASP D 1099 32.14 10.69 -35.33
C ASP D 1099 33.19 10.61 -36.46
N ILE D 1100 33.17 11.55 -37.40
CA ILE D 1100 34.12 11.53 -38.52
C ILE D 1100 35.51 12.05 -38.10
N SER D 1101 36.54 11.76 -38.91
CA SER D 1101 37.91 12.11 -38.55
C SER D 1101 38.14 13.63 -38.69
N ARG D 1102 39.09 14.14 -37.92
CA ARG D 1102 39.42 15.56 -37.96
C ARG D 1102 39.57 16.13 -39.39
N PRO D 1103 40.26 15.42 -40.30
CA PRO D 1103 40.32 15.89 -41.70
C PRO D 1103 38.95 15.97 -42.40
N LYS D 1104 38.06 15.04 -42.07
CA LYS D 1104 36.71 15.05 -42.61
C LYS D 1104 35.87 16.22 -42.04
N MET D 1105 36.04 16.54 -40.75
CA MET D 1105 35.42 17.72 -40.14
C MET D 1105 35.79 18.98 -40.89
N GLN D 1106 37.06 19.11 -41.28
CA GLN D 1106 37.50 20.30 -42.00
C GLN D 1106 37.05 20.30 -43.46
N GLU D 1107 37.05 19.13 -44.08
CA GLU D 1107 36.44 18.96 -45.39
C GLU D 1107 35.07 19.63 -45.39
N VAL D 1108 34.23 19.22 -44.43
CA VAL D 1108 32.83 19.64 -44.31
C VAL D 1108 32.65 21.15 -44.08
N VAL D 1109 33.50 21.76 -43.27
CA VAL D 1109 33.34 23.18 -42.95
C VAL D 1109 34.04 24.15 -43.93
N ALA D 1110 34.52 23.62 -45.06
CA ALA D 1110 35.57 24.25 -45.88
C ALA D 1110 35.25 25.65 -46.32
N ASN D 1111 34.08 25.80 -46.91
CA ASN D 1111 33.67 27.11 -47.48
C ASN D 1111 32.33 27.56 -46.91
N LEU D 1112 32.34 27.85 -45.60
CA LEU D 1112 31.16 28.28 -44.87
C LEU D 1112 31.38 29.65 -44.24
N GLN D 1113 30.36 30.50 -44.30
CA GLN D 1113 30.28 31.67 -43.42
C GLN D 1113 29.47 31.33 -42.18
N TYR D 1114 30.17 31.20 -41.05
CA TYR D 1114 29.54 31.00 -39.75
C TYR D 1114 28.95 32.33 -39.27
N ASP D 1115 27.96 32.32 -38.37
CA ASP D 1115 27.04 33.48 -38.26
C ASP D 1115 26.88 34.08 -36.82
N ASP D 1116 27.57 35.18 -36.56
CA ASP D 1116 27.51 35.81 -35.25
C ASP D 1116 28.12 37.19 -35.32
N GLY D 1117 27.33 38.14 -34.90
CA GLY D 1117 27.86 39.20 -34.07
C GLY D 1117 28.50 40.30 -34.88
N LYS D 1121 30.25 37.68 -39.35
CA LYS D 1121 30.30 36.45 -40.18
C LYS D 1121 31.71 36.20 -40.74
N ARG D 1122 32.08 34.93 -40.89
CA ARG D 1122 33.45 34.57 -41.32
C ARG D 1122 33.74 33.04 -41.40
N GLU D 1123 34.90 32.72 -41.96
CA GLU D 1123 35.23 31.36 -42.41
C GLU D 1123 35.03 30.36 -41.28
N ALA D 1124 34.10 29.45 -41.46
CA ALA D 1124 33.69 28.51 -40.40
C ALA D 1124 34.73 27.44 -40.15
N THR D 1125 34.96 27.12 -38.88
CA THR D 1125 35.97 26.13 -38.49
C THR D 1125 35.31 24.86 -37.99
N ALA D 1126 36.07 23.76 -38.03
CA ALA D 1126 35.64 22.49 -37.42
C ALA D 1126 35.18 22.68 -35.98
N ASP D 1127 35.82 23.60 -35.25
CA ASP D 1127 35.50 23.85 -33.83
C ASP D 1127 34.19 24.59 -33.62
N ASP D 1128 33.86 25.53 -34.51
CA ASP D 1128 32.56 26.19 -34.49
C ASP D 1128 31.45 25.18 -34.68
N LEU D 1129 31.67 24.22 -35.58
CA LEU D 1129 30.69 23.18 -35.78
C LEU D 1129 30.65 22.16 -34.66
N ILE D 1130 31.82 21.77 -34.14
CA ILE D 1130 31.86 20.77 -33.06
C ILE D 1130 31.04 21.24 -31.87
N LYS D 1131 31.11 22.53 -31.56
CA LYS D 1131 30.34 23.10 -30.45
C LYS D 1131 28.88 23.29 -30.81
N VAL D 1132 28.59 23.59 -32.08
CA VAL D 1132 27.19 23.69 -32.50
C VAL D 1132 26.47 22.33 -32.40
N VAL D 1133 27.06 21.29 -32.96
CA VAL D 1133 26.47 19.95 -32.93
C VAL D 1133 26.37 19.37 -31.54
N GLU D 1134 27.28 19.76 -30.64
CA GLU D 1134 27.26 19.26 -29.26
C GLU D 1134 26.11 19.89 -28.46
N GLU D 1135 25.87 21.19 -28.65
CA GLU D 1135 24.67 21.83 -28.09
C GLU D 1135 23.44 21.07 -28.56
N LEU D 1136 23.53 20.55 -29.78
CA LEU D 1136 22.42 19.88 -30.40
C LEU D 1136 22.22 18.49 -29.81
N THR D 1137 23.30 17.83 -29.43
CA THR D 1137 23.17 16.48 -28.86
C THR D 1137 22.51 16.56 -27.50
N ARG D 1138 22.56 17.74 -26.87
CA ARG D 1138 22.13 17.93 -25.50
C ARG D 1138 20.62 18.14 -25.36
N ILE D 1139 19.84 17.97 -26.45
CA ILE D 1139 18.39 18.04 -26.31
C ILE D 1139 17.74 16.67 -26.06
N HIS D 1140 18.52 15.61 -25.93
CA HIS D 1140 18.02 14.37 -25.31
C HIS D 1140 19.15 13.72 -24.64
N ASN E 12 -43.89 -6.83 -63.34
CA ASN E 12 -42.80 -5.82 -63.46
C ASN E 12 -42.37 -5.61 -64.93
N PHE E 13 -41.39 -4.72 -65.11
CA PHE E 13 -41.06 -4.14 -66.43
C PHE E 13 -39.53 -4.16 -66.64
N ASP E 14 -39.10 -4.01 -67.90
CA ASP E 14 -37.69 -4.24 -68.26
C ASP E 14 -36.78 -3.09 -67.86
N THR E 15 -35.99 -3.32 -66.81
CA THR E 15 -35.18 -2.24 -66.18
C THR E 15 -34.02 -1.70 -67.03
N SER E 16 -33.70 -2.38 -68.13
CA SER E 16 -32.65 -1.92 -69.06
C SER E 16 -33.16 -0.91 -70.08
N LEU E 17 -34.48 -0.83 -70.21
CA LEU E 17 -35.13 0.03 -71.21
C LEU E 17 -34.92 1.54 -70.97
N PRO E 18 -35.10 2.00 -69.71
CA PRO E 18 -35.03 3.45 -69.47
C PRO E 18 -33.62 4.01 -69.66
N THR E 19 -32.59 3.22 -69.34
CA THR E 19 -31.20 3.65 -69.45
C THR E 19 -30.67 3.73 -70.90
N SER E 20 -31.36 3.06 -71.80
CA SER E 20 -31.00 3.07 -73.24
C SER E 20 -31.73 4.17 -74.03
N HIS E 21 -32.53 4.99 -73.35
CA HIS E 21 -33.15 6.19 -73.90
C HIS E 21 -33.80 6.01 -75.25
N THR E 22 -34.65 4.98 -75.33
CA THR E 22 -35.25 4.58 -76.59
C THR E 22 -36.15 5.68 -77.16
N TYR E 23 -36.64 6.55 -76.29
CA TYR E 23 -37.50 7.70 -76.63
C TYR E 23 -36.81 8.74 -77.53
N LEU E 24 -35.52 8.55 -77.80
CA LEU E 24 -34.74 9.51 -78.52
C LEU E 24 -34.69 9.17 -80.01
N GLY E 25 -35.12 7.98 -80.34
CA GLY E 25 -35.00 7.53 -81.71
C GLY E 25 -34.30 6.21 -81.89
N ALA E 26 -34.60 5.56 -83.00
CA ALA E 26 -34.56 4.10 -83.04
C ALA E 26 -33.13 3.56 -83.05
N ASP E 27 -32.34 4.06 -83.98
CA ASP E 27 -30.91 3.84 -83.95
C ASP E 27 -30.09 5.15 -84.12
N MET E 28 -29.05 5.27 -83.31
CA MET E 28 -28.08 6.29 -83.50
C MET E 28 -26.78 5.59 -83.79
N GLU E 29 -25.88 6.24 -84.51
CA GLU E 29 -24.51 5.72 -84.69
C GLU E 29 -23.84 5.61 -83.31
N GLU E 30 -23.23 4.44 -83.04
CA GLU E 30 -22.60 4.19 -81.75
C GLU E 30 -21.10 4.20 -81.88
N PHE E 31 -20.45 4.64 -80.81
CA PHE E 31 -18.97 4.85 -80.82
C PHE E 31 -18.35 4.08 -79.67
N HIS E 32 -17.41 3.16 -80.01
CA HIS E 32 -16.67 2.41 -79.02
C HIS E 32 -15.64 3.32 -78.33
N GLY E 33 -16.01 3.86 -77.18
CA GLY E 33 -15.27 4.90 -76.52
C GLY E 33 -13.98 4.45 -75.85
N ARG E 34 -12.84 4.92 -76.39
CA ARG E 34 -11.58 4.85 -75.66
C ARG E 34 -10.72 6.08 -75.87
N THR E 35 -11.22 7.27 -75.48
CA THR E 35 -10.34 8.41 -75.25
C THR E 35 -10.37 8.83 -73.77
N LEU E 36 -9.28 8.52 -73.05
CA LEU E 36 -9.02 9.14 -71.74
C LEU E 36 -7.68 9.88 -71.78
N HIS E 37 -7.64 11.05 -71.13
CA HIS E 37 -6.47 11.89 -71.10
C HIS E 37 -5.74 11.66 -69.77
N ASP E 38 -4.43 11.53 -69.84
CA ASP E 38 -3.65 11.14 -68.67
C ASP E 38 -3.55 12.26 -67.61
N ASP E 39 -3.31 11.87 -66.36
CA ASP E 39 -3.69 12.73 -65.24
C ASP E 39 -2.78 13.98 -65.10
N ASP E 40 -3.39 15.01 -64.56
CA ASP E 40 -2.78 16.35 -64.33
C ASP E 40 -2.52 17.15 -65.59
N SER E 41 -2.87 16.57 -66.75
CA SER E 41 -2.65 17.22 -68.04
C SER E 41 -3.43 18.54 -68.19
N CYS E 42 -3.03 19.35 -69.19
CA CYS E 42 -3.79 20.54 -69.54
C CYS E 42 -4.39 20.40 -70.91
N GLN E 43 -5.71 20.41 -70.93
CA GLN E 43 -6.49 20.18 -72.14
C GLN E 43 -7.37 21.40 -72.42
N VAL E 44 -7.69 21.58 -73.68
CA VAL E 44 -8.75 22.50 -74.06
C VAL E 44 -9.96 21.72 -74.54
N ILE E 45 -11.07 21.92 -73.88
CA ILE E 45 -12.34 21.25 -74.25
C ILE E 45 -13.44 22.29 -74.56
N PRO E 46 -14.21 22.10 -75.64
CA PRO E 46 -15.46 22.84 -75.83
C PRO E 46 -16.46 22.63 -74.70
N VAL E 47 -17.19 23.65 -74.33
CA VAL E 47 -18.31 23.52 -73.38
C VAL E 47 -19.54 24.00 -74.01
N LEU E 48 -20.57 23.13 -74.13
CA LEU E 48 -21.84 23.61 -74.78
C LEU E 48 -22.66 24.47 -73.92
N PRO E 49 -23.20 25.53 -74.52
CA PRO E 49 -23.97 26.54 -73.83
C PRO E 49 -25.38 26.01 -73.42
N GLN E 50 -25.86 26.51 -72.31
CA GLN E 50 -27.21 26.13 -71.84
C GLN E 50 -27.20 24.81 -71.14
N VAL E 51 -26.16 24.00 -71.21
CA VAL E 51 -26.22 22.77 -70.50
C VAL E 51 -25.72 23.08 -69.14
N MET E 52 -26.56 22.90 -68.13
CA MET E 52 -26.15 23.19 -66.79
C MET E 52 -26.55 22.03 -65.97
N MET E 53 -25.57 21.30 -65.47
CA MET E 53 -25.80 20.10 -64.74
C MET E 53 -24.44 19.71 -64.22
N ILE E 54 -24.36 19.10 -63.06
CA ILE E 54 -23.07 18.78 -62.55
C ILE E 54 -22.93 17.29 -62.80
N LEU E 55 -22.01 16.93 -63.67
CA LEU E 55 -22.06 15.64 -64.31
C LEU E 55 -21.01 14.71 -63.67
N ILE E 56 -21.37 13.45 -63.48
CA ILE E 56 -20.53 12.54 -62.73
C ILE E 56 -19.98 11.48 -63.64
N PRO E 57 -18.69 11.17 -63.52
CA PRO E 57 -18.11 9.99 -64.13
C PRO E 57 -18.99 8.80 -64.10
N GLY E 58 -19.25 8.22 -65.27
CA GLY E 58 -20.07 7.02 -65.38
C GLY E 58 -21.54 7.28 -65.55
N GLN E 59 -21.99 8.49 -65.20
CA GLN E 59 -23.37 8.89 -65.38
C GLN E 59 -23.66 9.05 -66.86
N THR E 60 -24.87 8.75 -67.27
CA THR E 60 -25.21 8.97 -68.63
C THR E 60 -25.95 10.31 -68.80
N LEU E 61 -25.68 11.01 -69.91
CA LEU E 61 -26.29 12.31 -70.18
C LEU E 61 -26.88 12.33 -71.59
N PRO E 62 -28.22 12.47 -71.71
CA PRO E 62 -28.81 12.60 -73.00
C PRO E 62 -29.03 14.13 -73.34
N LEU E 63 -28.94 14.44 -74.63
CA LEU E 63 -29.01 15.81 -75.06
C LEU E 63 -29.81 16.01 -76.34
N GLN E 64 -30.37 17.21 -76.52
CA GLN E 64 -31.00 17.59 -77.79
C GLN E 64 -30.69 19.01 -78.10
N LEU E 65 -30.03 19.16 -79.24
CA LEU E 65 -29.42 20.44 -79.61
C LEU E 65 -30.11 21.08 -80.82
N PHE E 66 -30.41 22.38 -80.70
CA PHE E 66 -31.34 23.04 -81.62
C PHE E 66 -30.67 24.22 -82.33
N HIS E 67 -29.83 24.95 -81.60
CA HIS E 67 -29.12 26.05 -82.21
C HIS E 67 -27.98 25.55 -83.06
N PRO E 68 -27.84 26.12 -84.29
CA PRO E 68 -26.80 25.68 -85.17
C PRO E 68 -25.45 25.93 -84.55
N GLN E 69 -25.32 26.91 -83.61
CA GLN E 69 -24.09 27.04 -82.80
C GLN E 69 -23.68 25.73 -82.22
N GLU E 70 -24.54 25.19 -81.34
CA GLU E 70 -24.31 23.89 -80.71
C GLU E 70 -24.15 22.78 -81.78
N VAL E 71 -25.09 22.73 -82.73
CA VAL E 71 -25.16 21.70 -83.74
C VAL E 71 -23.87 21.60 -84.60
N SER E 72 -23.19 22.74 -84.77
CA SER E 72 -21.87 22.76 -85.40
C SER E 72 -20.82 22.13 -84.52
N MET E 73 -20.75 22.62 -83.30
CA MET E 73 -19.78 22.22 -82.34
C MET E 73 -19.70 20.67 -82.19
N VAL E 74 -20.84 20.01 -82.21
CA VAL E 74 -20.98 18.59 -82.06
C VAL E 74 -20.61 17.82 -83.33
N ARG E 75 -21.20 18.26 -84.43
CA ARG E 75 -20.97 17.63 -85.75
C ARG E 75 -19.46 17.47 -85.98
N ASN E 76 -18.70 18.51 -85.64
CA ASN E 76 -17.24 18.48 -85.71
C ASN E 76 -16.56 17.74 -84.55
N LEU E 77 -17.17 17.78 -83.39
CA LEU E 77 -16.68 17.05 -82.21
C LEU E 77 -16.61 15.57 -82.50
N ILE E 78 -17.59 15.05 -83.22
CA ILE E 78 -17.62 13.64 -83.47
C ILE E 78 -16.36 13.17 -84.13
N GLN E 79 -15.88 13.91 -85.12
CA GLN E 79 -14.69 13.48 -85.79
C GLN E 79 -13.52 13.52 -84.83
N LYS E 80 -13.42 14.60 -84.08
CA LYS E 80 -12.31 14.76 -83.15
C LYS E 80 -12.33 13.86 -81.90
N ASP E 81 -12.37 14.49 -80.73
CA ASP E 81 -12.35 13.87 -79.42
C ASP E 81 -13.69 13.39 -78.98
N ARG E 82 -14.70 13.67 -79.75
CA ARG E 82 -16.03 13.31 -79.25
C ARG E 82 -16.35 13.69 -77.79
N THR E 83 -15.41 14.32 -77.10
CA THR E 83 -15.59 14.76 -75.71
C THR E 83 -15.66 16.27 -75.61
N PHE E 84 -16.64 16.71 -74.84
CA PHE E 84 -16.85 18.10 -74.56
C PHE E 84 -16.94 18.22 -73.03
N ALA E 85 -16.99 19.45 -72.54
CA ALA E 85 -16.78 19.75 -71.15
C ALA E 85 -18.12 20.22 -70.49
N VAL E 86 -18.41 19.67 -69.32
CA VAL E 86 -19.56 20.09 -68.58
C VAL E 86 -19.12 20.71 -67.28
N LEU E 87 -19.73 21.86 -66.93
CA LEU E 87 -19.24 22.64 -65.82
C LEU E 87 -20.16 22.61 -64.58
N ALA E 88 -19.54 22.47 -63.42
CA ALA E 88 -20.18 22.72 -62.16
C ALA E 88 -20.19 24.25 -61.92
N TYR E 89 -21.36 24.73 -61.52
CA TYR E 89 -21.55 26.13 -61.23
C TYR E 89 -22.21 26.26 -59.88
N SER E 90 -21.60 27.03 -59.00
CA SER E 90 -22.17 27.23 -57.69
C SER E 90 -22.77 28.62 -57.67
N ASN E 91 -24.02 28.71 -57.29
CA ASN E 91 -24.66 30.01 -57.18
C ASN E 91 -24.57 30.88 -58.44
N VAL E 92 -24.04 32.08 -58.25
CA VAL E 92 -23.86 33.07 -59.28
C VAL E 92 -22.36 33.21 -59.56
N GLU E 96 -18.61 32.83 -63.45
CA GLU E 96 -17.36 32.04 -63.66
C GLU E 96 -17.20 30.72 -62.81
N ALA E 97 -16.51 29.70 -63.38
CA ALA E 97 -16.73 28.28 -63.06
C ALA E 97 -15.38 27.60 -62.83
N GLN E 98 -15.31 26.63 -61.92
CA GLN E 98 -13.99 26.26 -61.35
C GLN E 98 -13.69 24.78 -61.43
N PHE E 99 -14.71 23.97 -61.51
CA PHE E 99 -14.54 22.50 -61.71
C PHE E 99 -15.61 21.97 -62.65
N GLY E 100 -15.41 20.73 -63.11
CA GLY E 100 -16.35 20.09 -64.05
C GLY E 100 -15.98 18.68 -64.44
N THR E 101 -16.55 18.20 -65.53
CA THR E 101 -16.47 16.76 -65.88
C THR E 101 -16.49 16.58 -67.42
N THR E 102 -15.58 15.77 -67.95
CA THR E 102 -15.60 15.44 -69.36
C THR E 102 -16.76 14.50 -69.63
N ALA E 103 -17.48 14.75 -70.71
CA ALA E 103 -18.44 13.81 -71.20
C ALA E 103 -18.08 13.46 -72.62
N GLU E 104 -18.14 12.19 -72.93
CA GLU E 104 -17.69 11.58 -74.18
C GLU E 104 -18.90 11.07 -74.91
N ILE E 105 -19.08 11.46 -76.19
CA ILE E 105 -20.26 11.01 -76.90
C ILE E 105 -20.12 9.57 -77.38
N TYR E 106 -21.08 8.74 -76.99
CA TYR E 106 -21.09 7.32 -77.39
C TYR E 106 -22.21 6.97 -78.38
N ALA E 107 -23.09 7.94 -78.65
CA ALA E 107 -24.22 7.76 -79.55
C ALA E 107 -24.74 9.14 -79.98
N TYR E 108 -25.30 9.20 -81.19
CA TYR E 108 -25.46 10.45 -81.92
C TYR E 108 -26.33 10.24 -83.16
N ARG E 109 -27.49 10.90 -83.26
CA ARG E 109 -28.25 10.98 -84.50
C ARG E 109 -28.57 12.41 -84.84
N GLU E 110 -28.42 12.76 -86.14
CA GLU E 110 -28.65 14.11 -86.62
C GLU E 110 -29.85 14.12 -87.56
N GLU E 111 -31.03 14.46 -87.05
CA GLU E 111 -32.19 14.53 -87.86
C GLU E 111 -32.53 15.95 -88.30
N GLN E 112 -32.80 16.06 -89.60
CA GLN E 112 -33.63 17.19 -90.10
C GLN E 112 -34.94 16.72 -90.74
N ASP E 113 -35.71 15.97 -89.97
CA ASP E 113 -36.97 15.41 -90.45
C ASP E 113 -38.00 16.49 -90.53
N PHE E 114 -38.24 17.13 -89.38
CA PHE E 114 -39.41 18.04 -89.18
C PHE E 114 -39.22 19.32 -89.94
N GLY E 115 -37.95 19.69 -90.11
CA GLY E 115 -37.70 20.98 -90.72
C GLY E 115 -36.43 21.36 -90.14
N ILE E 116 -36.49 21.98 -88.97
CA ILE E 116 -35.24 22.31 -88.30
C ILE E 116 -34.36 21.07 -87.99
N GLU E 117 -33.04 21.30 -88.07
CA GLU E 117 -32.04 20.25 -87.79
C GLU E 117 -31.86 20.13 -86.31
N ILE E 118 -31.84 18.91 -85.87
CA ILE E 118 -31.86 18.59 -84.42
C ILE E 118 -30.78 17.54 -84.22
N VAL E 119 -30.01 17.67 -83.16
CA VAL E 119 -28.99 16.69 -82.84
C VAL E 119 -29.24 16.13 -81.46
N LYS E 120 -29.43 14.81 -81.41
CA LYS E 120 -29.60 14.10 -80.15
C LYS E 120 -28.33 13.27 -79.91
N VAL E 121 -27.76 13.43 -78.72
CA VAL E 121 -26.63 12.65 -78.32
C VAL E 121 -26.78 12.02 -76.94
N LYS E 122 -26.07 10.91 -76.75
CA LYS E 122 -25.91 10.28 -75.45
C LYS E 122 -24.45 10.31 -75.06
N ALA E 123 -24.11 11.15 -74.08
CA ALA E 123 -22.75 11.19 -73.55
C ALA E 123 -22.64 10.49 -72.19
N ILE E 124 -21.43 10.15 -71.81
CA ILE E 124 -21.17 9.54 -70.52
C ILE E 124 -20.01 10.28 -69.85
N GLY E 125 -20.20 10.68 -68.60
CA GLY E 125 -19.15 11.39 -67.87
C GLY E 125 -17.88 10.56 -67.68
N ARG E 126 -16.74 11.19 -67.97
CA ARG E 126 -15.47 10.48 -67.94
C ARG E 126 -14.51 10.97 -66.87
N GLN E 127 -14.07 12.22 -66.93
CA GLN E 127 -13.05 12.70 -66.00
C GLN E 127 -13.39 13.97 -65.27
N ARG E 128 -12.86 14.12 -64.07
CA ARG E 128 -12.97 15.38 -63.36
C ARG E 128 -11.80 16.31 -63.69
N PHE E 129 -12.10 17.59 -63.84
CA PHE E 129 -11.08 18.58 -64.05
C PHE E 129 -11.25 19.84 -63.23
N LYS E 130 -10.18 20.60 -63.18
CA LYS E 130 -10.13 21.95 -62.62
C LYS E 130 -10.11 22.94 -63.81
N VAL E 131 -10.92 23.97 -63.72
CA VAL E 131 -10.88 25.07 -64.65
C VAL E 131 -9.67 25.96 -64.37
N LEU E 132 -8.92 26.25 -65.41
CA LEU E 132 -7.83 27.22 -65.34
C LEU E 132 -8.31 28.57 -65.93
N GLU E 133 -8.56 28.57 -67.25
CA GLU E 133 -9.12 29.71 -67.94
C GLU E 133 -10.35 29.33 -68.82
N LEU E 134 -11.17 30.33 -69.10
CA LEU E 134 -12.29 30.20 -70.03
C LEU E 134 -12.23 31.26 -71.15
N ARG E 135 -11.97 30.80 -72.37
CA ARG E 135 -11.99 31.68 -73.56
C ARG E 135 -13.32 31.52 -74.31
N THR E 136 -13.92 32.64 -74.71
CA THR E 136 -15.25 32.65 -75.32
C THR E 136 -15.16 32.94 -76.77
N GLN E 137 -15.05 31.89 -77.59
CA GLN E 137 -15.36 32.06 -78.99
C GLN E 137 -16.70 32.93 -79.11
N SER E 138 -16.78 33.68 -80.22
CA SER E 138 -17.92 34.56 -80.48
C SER E 138 -19.08 33.79 -80.98
N ASP E 139 -18.87 32.48 -81.18
CA ASP E 139 -19.92 31.56 -81.66
C ASP E 139 -20.78 31.04 -80.48
N GLY E 140 -20.76 31.80 -79.37
CA GLY E 140 -21.60 31.50 -78.25
C GLY E 140 -21.12 30.26 -77.52
N ILE E 141 -19.99 29.72 -77.95
CA ILE E 141 -19.41 28.52 -77.33
C ILE E 141 -18.18 28.92 -76.55
N GLN E 142 -17.99 28.28 -75.39
CA GLN E 142 -16.71 28.32 -74.68
C GLN E 142 -15.78 27.24 -75.09
N GLN E 143 -14.49 27.53 -75.07
CA GLN E 143 -13.46 26.48 -75.02
C GLN E 143 -12.62 26.71 -73.75
N ALA E 144 -12.54 25.67 -72.95
CA ALA E 144 -12.13 25.73 -71.53
C ALA E 144 -10.74 25.11 -71.30
N LYS E 145 -9.81 25.92 -70.75
CA LYS E 145 -8.50 25.47 -70.40
C LYS E 145 -8.56 24.73 -69.07
N VAL E 146 -8.14 23.47 -69.10
CA VAL E 146 -8.71 22.45 -68.18
C VAL E 146 -7.64 21.47 -67.75
N GLN E 147 -7.39 21.38 -66.42
CA GLN E 147 -6.41 20.45 -65.90
C GLN E 147 -7.08 19.23 -65.26
N ILE E 148 -6.78 18.06 -65.80
CA ILE E 148 -7.38 16.82 -65.31
C ILE E 148 -7.03 16.57 -63.86
N LEU E 149 -8.04 16.24 -63.07
CA LEU E 149 -7.83 15.82 -61.69
C LEU E 149 -7.67 14.32 -61.66
N PRO E 150 -6.54 13.84 -61.04
CA PRO E 150 -6.28 12.40 -60.84
C PRO E 150 -7.20 11.89 -59.74
N GLU E 151 -7.71 10.65 -59.86
CA GLU E 151 -8.36 10.00 -58.71
C GLU E 151 -7.26 9.49 -57.78
N CYS E 152 -7.26 10.07 -56.57
CA CYS E 152 -6.16 9.90 -55.66
C CYS E 152 -6.37 8.61 -54.84
N VAL E 153 -5.48 7.64 -55.10
CA VAL E 153 -5.63 6.29 -54.60
C VAL E 153 -4.62 5.96 -53.52
N LEU E 154 -5.20 5.39 -52.44
CA LEU E 154 -4.50 4.97 -51.21
C LEU E 154 -4.43 3.44 -51.14
N PRO E 155 -3.31 2.90 -50.61
CA PRO E 155 -3.23 1.47 -50.31
C PRO E 155 -4.20 1.13 -49.18
N SER E 156 -4.10 -0.07 -48.61
CA SER E 156 -4.91 -0.40 -47.43
C SER E 156 -4.40 0.40 -46.24
N THR E 157 -5.21 0.53 -45.20
CA THR E 157 -4.76 1.17 -43.99
C THR E 157 -3.61 0.42 -43.31
N MET E 158 -3.47 -0.86 -43.63
CA MET E 158 -2.52 -1.72 -42.92
C MET E 158 -1.18 -1.88 -43.64
N SER E 159 -1.17 -1.70 -44.95
CA SER E 159 0.02 -1.75 -45.76
C SER E 159 1.22 -0.95 -45.24
N ALA E 160 1.02 -0.14 -44.21
CA ALA E 160 2.09 0.73 -43.67
C ALA E 160 2.73 0.06 -42.44
N VAL E 161 1.87 -0.62 -41.70
CA VAL E 161 2.14 -1.04 -40.36
C VAL E 161 2.23 -2.59 -40.29
N GLN E 162 2.00 -3.23 -41.44
CA GLN E 162 1.78 -4.69 -41.49
C GLN E 162 3.06 -5.46 -41.22
N LEU E 163 3.00 -6.34 -40.23
CA LEU E 163 4.05 -7.31 -40.00
C LEU E 163 4.26 -8.13 -41.26
N GLU E 164 5.52 -8.32 -41.66
CA GLU E 164 5.81 -9.04 -42.90
C GLU E 164 5.44 -10.50 -42.83
N SER E 165 5.58 -11.11 -41.67
CA SER E 165 5.25 -12.53 -41.51
C SER E 165 3.76 -12.84 -41.76
N LEU E 166 2.89 -11.85 -41.52
CA LEU E 166 1.45 -12.01 -41.64
C LEU E 166 0.94 -11.58 -43.03
N ASN E 167 1.83 -11.06 -43.86
CA ASN E 167 1.49 -10.82 -45.26
C ASN E 167 0.86 -12.06 -45.91
N LYS E 168 1.42 -13.23 -45.61
CA LYS E 168 0.99 -14.49 -46.20
C LYS E 168 -0.47 -14.83 -45.91
N CYS E 169 -1.10 -14.11 -44.98
CA CYS E 169 -2.48 -14.42 -44.59
C CYS E 169 -3.48 -13.43 -45.16
N GLN E 170 -2.98 -12.41 -45.82
CA GLN E 170 -3.78 -11.23 -46.15
C GLN E 170 -4.76 -11.51 -47.29
N ILE E 171 -4.44 -12.47 -48.15
CA ILE E 171 -5.41 -12.97 -49.12
C ILE E 171 -6.26 -14.07 -48.46
N PHE E 172 -7.57 -13.94 -48.65
CA PHE E 172 -8.53 -14.99 -48.26
C PHE E 172 -9.13 -15.71 -49.49
N PRO E 173 -9.66 -16.93 -49.28
CA PRO E 173 -10.58 -17.51 -50.26
C PRO E 173 -11.82 -16.63 -50.42
N SER E 174 -12.25 -16.46 -51.66
CA SER E 174 -13.30 -15.49 -51.99
C SER E 174 -14.70 -15.87 -51.44
N LYS E 175 -15.50 -14.84 -51.23
CA LYS E 175 -16.75 -14.93 -50.49
C LYS E 175 -17.82 -15.74 -51.23
N PRO E 176 -18.47 -16.68 -50.53
CA PRO E 176 -19.74 -17.28 -51.00
C PRO E 176 -20.83 -16.25 -51.25
N SER E 184 -22.49 -15.74 -44.00
CA SER E 184 -22.83 -14.76 -45.04
C SER E 184 -22.58 -13.33 -44.51
N TYR E 185 -22.39 -13.25 -43.18
CA TYR E 185 -21.98 -12.03 -42.51
C TYR E 185 -20.97 -12.38 -41.41
N LYS E 186 -20.84 -13.68 -41.07
CA LYS E 186 -19.68 -14.19 -40.34
C LYS E 186 -18.42 -13.98 -41.18
N TRP E 187 -18.61 -14.07 -42.50
CA TRP E 187 -17.54 -13.80 -43.46
C TRP E 187 -16.97 -12.40 -43.28
N TRP E 188 -17.82 -11.44 -42.94
CA TRP E 188 -17.36 -10.07 -42.71
C TRP E 188 -16.73 -9.90 -41.34
N GLN E 189 -17.17 -10.69 -40.38
CA GLN E 189 -16.52 -10.71 -39.09
C GLN E 189 -15.15 -11.37 -39.24
N LYS E 190 -15.11 -12.42 -40.06
CA LYS E 190 -13.86 -13.08 -40.43
C LYS E 190 -12.92 -12.11 -41.17
N TYR E 191 -13.41 -11.55 -42.28
CA TYR E 191 -12.73 -10.49 -43.05
C TYR E 191 -12.10 -9.44 -42.14
N GLN E 192 -12.91 -8.85 -41.27
CA GLN E 192 -12.43 -7.81 -40.35
C GLN E 192 -11.31 -8.31 -39.44
N LYS E 193 -11.44 -9.54 -38.94
CA LYS E 193 -10.47 -10.09 -37.99
C LYS E 193 -9.12 -10.35 -38.65
N ARG E 194 -9.14 -10.78 -39.92
CA ARG E 194 -7.92 -11.17 -40.62
C ARG E 194 -7.24 -10.01 -41.35
N LYS E 195 -8.04 -9.12 -41.95
CA LYS E 195 -7.49 -7.97 -42.67
C LYS E 195 -6.86 -6.92 -41.75
N PHE E 196 -7.55 -6.63 -40.66
CA PHE E 196 -7.11 -5.57 -39.75
C PHE E 196 -6.47 -6.13 -38.51
N HIS E 197 -5.83 -7.28 -38.65
CA HIS E 197 -5.20 -7.91 -37.51
C HIS E 197 -4.19 -7.00 -36.83
N CYS E 198 -3.35 -6.39 -37.64
CA CYS E 198 -2.23 -5.59 -37.12
C CYS E 198 -2.64 -4.21 -36.57
N ALA E 199 -3.94 -4.00 -36.36
CA ALA E 199 -4.42 -2.83 -35.64
C ALA E 199 -3.77 -2.76 -34.28
N ASN E 200 -3.45 -3.93 -33.72
CA ASN E 200 -2.86 -3.99 -32.40
C ASN E 200 -1.53 -3.28 -32.30
N LEU E 201 -0.92 -3.02 -33.47
CA LEU E 201 0.35 -2.29 -33.58
C LEU E 201 0.11 -0.80 -33.61
N THR E 202 -1.15 -0.43 -33.82
CA THR E 202 -1.54 0.96 -33.95
C THR E 202 -2.37 1.35 -32.75
N SER E 203 -2.93 2.54 -32.80
CA SER E 203 -3.71 3.05 -31.67
C SER E 203 -5.21 3.09 -31.99
N TRP E 204 -5.68 2.22 -32.88
CA TRP E 204 -7.13 2.02 -33.05
C TRP E 204 -7.60 0.58 -33.19
N PRO E 205 -8.92 0.35 -33.02
CA PRO E 205 -9.47 -0.99 -33.16
C PRO E 205 -9.72 -1.44 -34.59
N ARG E 206 -9.88 -2.74 -34.79
CA ARG E 206 -10.27 -3.34 -36.09
C ARG E 206 -11.51 -2.68 -36.68
N TRP E 207 -12.52 -2.47 -35.85
CA TRP E 207 -13.83 -1.94 -36.30
C TRP E 207 -13.76 -0.49 -36.74
N LEU E 208 -12.69 0.21 -36.38
CA LEU E 208 -12.54 1.58 -36.88
C LEU E 208 -11.92 1.58 -38.24
N TYR E 209 -10.77 0.93 -38.36
CA TYR E 209 -10.12 0.77 -39.64
C TYR E 209 -11.11 0.20 -40.65
N SER E 210 -12.13 -0.48 -40.14
CA SER E 210 -13.16 -1.04 -41.00
C SER E 210 -14.03 0.03 -41.59
N LEU E 211 -14.25 1.12 -40.88
CA LEU E 211 -15.01 2.28 -41.36
C LEU E 211 -14.29 3.12 -42.43
N TYR E 212 -13.07 2.75 -42.80
CA TYR E 212 -12.35 3.39 -43.92
C TYR E 212 -11.91 2.37 -44.98
N ASP E 213 -12.54 1.21 -44.96
CA ASP E 213 -12.20 0.10 -45.84
C ASP E 213 -13.17 0.11 -47.01
N ALA E 214 -12.66 0.47 -48.18
CA ALA E 214 -13.43 0.52 -49.42
C ALA E 214 -14.37 -0.68 -49.57
N GLU E 215 -13.81 -1.87 -49.39
CA GLU E 215 -14.56 -3.10 -49.60
C GLU E 215 -15.78 -3.15 -48.65
N THR E 216 -15.56 -2.76 -47.40
CA THR E 216 -16.64 -2.79 -46.41
C THR E 216 -17.74 -1.78 -46.72
N LEU E 217 -17.34 -0.53 -46.88
CA LEU E 217 -18.24 0.58 -47.16
C LEU E 217 -19.13 0.26 -48.34
N MET E 218 -18.51 -0.21 -49.43
CA MET E 218 -19.23 -0.58 -50.66
C MET E 218 -20.34 -1.59 -50.34
N ASP E 219 -20.02 -2.55 -49.48
CA ASP E 219 -21.00 -3.53 -49.03
C ASP E 219 -22.13 -2.92 -48.21
N ARG E 220 -21.80 -2.02 -47.29
CA ARG E 220 -22.81 -1.30 -46.49
C ARG E 220 -23.72 -0.47 -47.39
N ILE E 221 -23.15 0.11 -48.44
CA ILE E 221 -23.91 0.86 -49.44
C ILE E 221 -24.77 -0.10 -50.27
N LYS E 222 -24.21 -1.24 -50.67
CA LYS E 222 -24.97 -2.24 -51.44
C LYS E 222 -26.32 -2.54 -50.77
N LYS E 223 -26.31 -2.83 -49.48
CA LYS E 223 -27.54 -3.17 -48.74
C LYS E 223 -28.65 -2.13 -48.83
N GLN E 224 -28.28 -0.85 -48.80
CA GLN E 224 -29.27 0.23 -49.00
C GLN E 224 -29.79 0.19 -50.42
N LEU E 225 -28.88 0.09 -51.38
CA LEU E 225 -29.22 0.03 -52.83
C LEU E 225 -30.10 -1.18 -53.15
N ARG E 226 -30.02 -2.20 -52.29
CA ARG E 226 -30.75 -3.45 -52.47
C ARG E 226 -32.23 -3.23 -52.16
N GLU E 227 -32.53 -2.25 -51.32
CA GLU E 227 -33.92 -1.92 -51.02
C GLU E 227 -34.59 -1.13 -52.16
N TRP E 228 -33.81 -0.79 -53.19
CA TRP E 228 -34.31 -0.19 -54.43
C TRP E 228 -34.43 -1.21 -55.56
N ASP E 229 -34.04 -2.46 -55.27
CA ASP E 229 -34.19 -3.63 -56.09
C ASP E 229 -34.54 -4.83 -55.19
N SER E 236 -22.76 -7.70 -61.85
CA SER E 236 -23.70 -6.76 -61.21
C SER E 236 -23.34 -5.28 -61.52
N LEU E 237 -22.40 -4.70 -60.76
CA LEU E 237 -21.95 -3.31 -60.94
C LEU E 237 -20.43 -3.25 -60.63
N PRO E 238 -19.83 -2.02 -60.56
CA PRO E 238 -18.36 -2.03 -60.57
C PRO E 238 -17.75 -2.69 -59.34
N SER E 239 -16.53 -3.18 -59.49
CA SER E 239 -15.75 -3.78 -58.40
C SER E 239 -14.77 -2.74 -57.83
N ASN E 240 -14.32 -1.88 -58.72
CA ASN E 240 -13.47 -0.77 -58.38
C ASN E 240 -14.25 0.26 -57.56
N PRO E 241 -13.74 0.58 -56.36
CA PRO E 241 -14.33 1.60 -55.49
C PRO E 241 -14.53 2.97 -56.16
N ILE E 242 -13.60 3.42 -56.99
CA ILE E 242 -13.75 4.64 -57.75
C ILE E 242 -15.09 4.67 -58.51
N ASP E 243 -15.34 3.63 -59.29
CA ASP E 243 -16.54 3.58 -60.08
C ASP E 243 -17.78 3.49 -59.21
N PHE E 244 -17.75 2.59 -58.24
CA PHE E 244 -18.87 2.40 -57.34
C PHE E 244 -19.26 3.72 -56.73
N SER E 245 -18.29 4.45 -56.21
CA SER E 245 -18.51 5.72 -55.50
C SER E 245 -19.15 6.77 -56.40
N TYR E 246 -18.77 6.76 -57.68
CA TYR E 246 -19.39 7.64 -58.70
C TYR E 246 -20.78 7.19 -59.18
N ARG E 247 -21.01 5.89 -59.22
CA ARG E 247 -22.30 5.31 -59.57
C ARG E 247 -23.38 5.64 -58.52
N VAL E 248 -23.05 5.53 -57.23
CA VAL E 248 -24.02 5.85 -56.19
C VAL E 248 -24.12 7.35 -55.99
N ALA E 249 -23.08 8.07 -56.34
CA ALA E 249 -23.12 9.53 -56.33
C ALA E 249 -24.26 10.05 -57.20
N ALA E 250 -24.43 9.46 -58.38
CA ALA E 250 -25.50 9.86 -59.30
C ALA E 250 -26.90 9.40 -58.88
N CYS E 251 -26.97 8.36 -58.06
CA CYS E 251 -28.25 7.87 -57.49
C CYS E 251 -28.79 8.79 -56.40
N LEU E 252 -27.90 9.41 -55.66
CA LEU E 252 -28.21 10.35 -54.63
C LEU E 252 -28.95 11.59 -55.10
N PRO E 253 -30.22 11.76 -54.70
CA PRO E 253 -30.93 13.01 -54.91
C PRO E 253 -30.45 14.09 -53.97
N ILE E 254 -29.47 14.88 -54.39
CA ILE E 254 -28.93 15.94 -53.56
C ILE E 254 -28.92 17.25 -54.32
N ASP E 255 -28.47 18.32 -53.67
CA ASP E 255 -28.60 19.65 -54.29
C ASP E 255 -27.29 20.14 -54.91
N ASP E 256 -27.41 20.89 -56.02
CA ASP E 256 -26.27 21.20 -56.88
C ASP E 256 -25.02 21.66 -56.08
N VAL E 257 -25.20 22.27 -54.90
CA VAL E 257 -24.04 22.70 -54.12
C VAL E 257 -23.36 21.56 -53.35
N LEU E 258 -24.13 20.62 -52.85
CA LEU E 258 -23.62 19.38 -52.26
C LEU E 258 -23.03 18.42 -53.29
N ARG E 259 -23.64 18.35 -54.47
CA ARG E 259 -23.16 17.49 -55.55
C ARG E 259 -21.75 17.90 -56.00
N ILE E 260 -21.48 19.20 -55.98
CA ILE E 260 -20.17 19.70 -56.33
C ILE E 260 -19.12 19.20 -55.34
N GLN E 261 -19.52 19.16 -54.06
CA GLN E 261 -18.64 18.73 -52.97
C GLN E 261 -18.08 17.34 -53.16
N LEU E 262 -18.95 16.34 -53.37
CA LEU E 262 -18.57 14.95 -53.63
C LEU E 262 -17.62 14.87 -54.81
N LEU E 263 -18.04 15.57 -55.84
CA LEU E 263 -17.28 15.66 -57.08
C LEU E 263 -15.88 16.20 -56.79
N LYS E 264 -15.80 17.22 -55.94
CA LYS E 264 -14.50 17.74 -55.53
C LYS E 264 -13.68 16.74 -54.70
N ILE E 265 -14.34 15.74 -54.10
CA ILE E 265 -13.68 14.77 -53.22
C ILE E 265 -12.83 13.76 -54.02
N GLY E 266 -11.58 13.60 -53.58
CA GLY E 266 -10.56 12.95 -54.40
C GLY E 266 -10.30 11.50 -54.05
N SER E 267 -10.78 11.08 -52.88
CA SER E 267 -10.71 9.69 -52.53
C SER E 267 -12.03 8.96 -52.72
N ALA E 268 -11.93 7.74 -53.28
CA ALA E 268 -13.02 6.81 -53.31
C ALA E 268 -13.55 6.55 -51.92
N ILE E 269 -12.65 6.32 -50.95
CA ILE E 269 -13.03 5.99 -49.57
C ILE E 269 -13.87 7.09 -48.95
N GLN E 270 -13.37 8.33 -49.03
CA GLN E 270 -14.09 9.51 -48.52
C GLN E 270 -15.38 9.76 -49.26
N ARG E 271 -15.41 9.35 -50.53
CA ARG E 271 -16.62 9.47 -51.33
C ARG E 271 -17.68 8.48 -50.83
N LEU E 272 -17.31 7.22 -50.72
CA LEU E 272 -18.20 6.16 -50.19
C LEU E 272 -18.69 6.47 -48.79
N ARG E 273 -17.79 6.87 -47.89
CA ARG E 273 -18.15 7.23 -46.52
C ARG E 273 -19.19 8.35 -46.52
N CYS E 274 -18.79 9.53 -47.01
CA CYS E 274 -19.70 10.65 -47.10
C CYS E 274 -21.05 10.29 -47.72
N GLU E 275 -21.00 9.43 -48.73
CA GLU E 275 -22.21 8.89 -49.39
C GLU E 275 -23.10 8.03 -48.49
N LEU E 276 -22.49 7.23 -47.62
CA LEU E 276 -23.28 6.48 -46.64
C LEU E 276 -23.96 7.41 -45.68
N ASP E 277 -23.27 8.48 -45.31
CA ASP E 277 -23.81 9.46 -44.39
C ASP E 277 -25.15 10.01 -44.92
N ILE E 278 -25.12 10.54 -46.14
CA ILE E 278 -26.30 11.10 -46.77
C ILE E 278 -27.47 10.11 -46.83
N MET E 279 -27.18 8.86 -47.16
CA MET E 279 -28.20 7.82 -47.29
C MET E 279 -28.92 7.50 -45.97
N ASN E 280 -28.18 7.58 -44.87
CA ASN E 280 -28.79 7.45 -43.56
C ASN E 280 -29.44 8.77 -43.11
N LYS E 281 -28.71 9.88 -43.26
CA LYS E 281 -29.11 11.17 -42.70
C LYS E 281 -30.23 11.91 -43.46
N CYS E 282 -30.49 11.54 -44.72
CA CYS E 282 -31.49 12.21 -45.55
C CYS E 282 -32.70 11.33 -45.92
N THR E 283 -33.62 11.20 -44.97
CA THR E 283 -34.86 10.44 -45.17
C THR E 283 -35.92 11.15 -46.04
N SER E 284 -36.05 12.46 -45.93
CA SER E 284 -37.19 13.20 -46.54
C SER E 284 -36.81 14.03 -47.72
N LEU E 285 -37.77 14.27 -48.63
CA LEU E 285 -37.56 15.06 -49.86
C LEU E 285 -38.68 16.06 -50.03
N CYS E 286 -38.31 17.32 -50.08
CA CYS E 286 -39.26 18.44 -49.90
C CYS E 286 -39.29 19.30 -51.15
N CYS E 287 -40.35 20.07 -51.28
CA CYS E 287 -40.49 21.10 -52.29
C CYS E 287 -39.37 22.12 -52.12
N LYS E 288 -38.51 22.29 -53.14
CA LYS E 288 -37.32 23.08 -52.92
C LYS E 288 -37.69 24.56 -52.75
N GLN E 289 -38.72 25.00 -53.47
CA GLN E 289 -39.16 26.38 -53.48
C GLN E 289 -39.76 26.84 -52.14
N CYS E 290 -40.83 26.21 -51.66
CA CYS E 290 -41.48 26.61 -50.42
C CYS E 290 -40.88 25.86 -49.22
N GLN E 291 -39.91 25.00 -49.54
CA GLN E 291 -38.95 24.44 -48.58
C GLN E 291 -39.51 23.46 -47.56
N GLU E 292 -40.44 23.92 -46.72
CA GLU E 292 -40.94 23.09 -45.59
C GLU E 292 -42.22 22.30 -45.97
N THR E 293 -42.25 21.78 -47.19
CA THR E 293 -43.29 20.82 -47.63
C THR E 293 -42.65 19.45 -48.03
N GLU E 294 -43.10 18.36 -47.39
CA GLU E 294 -42.69 17.00 -47.77
C GLU E 294 -43.42 16.49 -49.06
N ILE E 295 -42.62 16.05 -49.99
CA ILE E 295 -43.17 15.40 -51.19
C ILE E 295 -43.16 13.87 -51.00
N THR E 296 -42.02 13.34 -50.58
CA THR E 296 -41.79 11.89 -50.59
C THR E 296 -40.62 11.52 -49.61
N THR E 297 -40.37 10.24 -49.45
CA THR E 297 -39.36 9.75 -48.52
C THR E 297 -38.37 8.80 -49.17
N LYS E 298 -37.31 8.46 -48.43
CA LYS E 298 -36.34 7.45 -48.86
C LYS E 298 -37.07 6.15 -49.06
N ASN E 299 -37.91 5.76 -48.12
CA ASN E 299 -38.71 4.54 -48.21
C ASN E 299 -39.26 4.27 -49.62
N GLU E 300 -39.69 5.33 -50.30
CA GLU E 300 -40.45 5.20 -51.55
C GLU E 300 -39.58 5.16 -52.81
N ILE E 301 -38.33 5.55 -52.70
CA ILE E 301 -37.39 5.52 -53.80
C ILE E 301 -37.15 4.08 -54.27
N PHE E 302 -37.25 3.85 -55.55
CA PHE E 302 -36.75 2.61 -56.12
C PHE E 302 -36.25 2.78 -57.55
N SER E 303 -35.45 1.81 -57.95
CA SER E 303 -34.68 1.87 -59.20
C SER E 303 -35.45 1.24 -60.32
N LEU E 304 -36.26 2.04 -61.03
CA LEU E 304 -36.86 1.56 -62.24
C LEU E 304 -35.79 1.38 -63.28
N SER E 305 -34.88 2.33 -63.32
CA SER E 305 -33.77 2.26 -64.25
C SER E 305 -32.73 1.40 -63.62
N LEU E 306 -31.96 0.72 -64.46
CA LEU E 306 -30.88 -0.07 -63.97
C LEU E 306 -29.95 0.89 -63.25
N CYS E 307 -29.76 2.05 -63.83
CA CYS E 307 -28.78 2.94 -63.32
C CYS E 307 -29.06 3.49 -61.97
N GLY E 308 -30.31 3.66 -61.57
CA GLY E 308 -30.56 4.05 -60.22
C GLY E 308 -31.98 4.39 -59.99
N PRO E 309 -32.25 4.89 -58.80
CA PRO E 309 -33.49 5.65 -58.63
C PRO E 309 -33.46 7.02 -59.29
N MET E 310 -32.30 7.41 -59.80
CA MET E 310 -32.13 8.62 -60.57
C MET E 310 -31.21 8.43 -61.78
N ALA E 311 -31.67 9.00 -62.91
CA ALA E 311 -30.86 9.16 -64.12
C ALA E 311 -31.16 10.53 -64.69
N ALA E 312 -30.41 10.93 -65.71
CA ALA E 312 -30.76 12.10 -66.51
C ALA E 312 -31.59 11.69 -67.75
N TYR E 313 -32.63 12.48 -68.02
CA TYR E 313 -33.45 12.27 -69.21
C TYR E 313 -33.61 13.63 -69.93
N VAL E 314 -33.56 13.64 -71.27
CA VAL E 314 -33.93 14.85 -72.00
C VAL E 314 -35.37 14.86 -72.39
N ASN E 315 -35.98 16.05 -72.34
CA ASN E 315 -37.31 16.20 -72.92
C ASN E 315 -37.18 16.66 -74.37
N PRO E 316 -38.32 16.84 -75.06
CA PRO E 316 -38.31 17.20 -76.47
C PRO E 316 -37.73 18.57 -76.78
N HIS E 317 -37.90 19.53 -75.88
CA HIS E 317 -37.35 20.86 -76.10
C HIS E 317 -35.92 20.99 -75.68
N GLY E 318 -35.31 19.85 -75.33
CA GLY E 318 -33.86 19.77 -75.10
C GLY E 318 -33.40 20.06 -73.68
N TYR E 319 -34.36 20.12 -72.78
CA TYR E 319 -34.17 20.29 -71.33
C TYR E 319 -33.84 18.98 -70.62
N VAL E 320 -32.88 19.06 -69.69
CA VAL E 320 -32.43 17.84 -69.02
C VAL E 320 -33.08 17.65 -67.63
N HIS E 321 -33.50 16.43 -67.35
CA HIS E 321 -34.24 16.17 -66.09
C HIS E 321 -33.66 14.95 -65.41
N GLU E 322 -33.02 15.19 -64.27
CA GLU E 322 -32.57 14.11 -63.45
C GLU E 322 -33.80 13.72 -62.59
N THR E 323 -34.52 12.69 -63.02
CA THR E 323 -35.73 12.37 -62.36
C THR E 323 -35.61 11.16 -61.47
N LEU E 324 -36.27 11.25 -60.30
CA LEU E 324 -36.22 10.24 -59.23
C LEU E 324 -37.53 9.44 -59.23
N THR E 325 -37.44 8.13 -59.35
CA THR E 325 -38.59 7.26 -59.46
C THR E 325 -39.03 6.82 -58.07
N VAL E 326 -40.23 7.20 -57.65
CA VAL E 326 -40.71 6.96 -56.29
C VAL E 326 -42.13 6.37 -56.34
N TYR E 327 -42.46 5.51 -55.36
CA TYR E 327 -43.68 4.71 -55.44
C TYR E 327 -44.92 5.49 -55.05
N LYS E 328 -44.95 6.15 -53.90
CA LYS E 328 -45.97 7.19 -53.69
C LYS E 328 -45.34 8.58 -53.59
N ALA E 329 -46.19 9.57 -53.34
CA ALA E 329 -45.74 10.94 -53.00
C ALA E 329 -46.91 11.93 -52.80
N CYS E 330 -46.71 12.84 -51.89
CA CYS E 330 -47.80 13.59 -51.33
C CYS E 330 -47.83 15.03 -51.82
N ASN E 331 -48.94 15.71 -51.52
CA ASN E 331 -49.08 17.17 -51.72
C ASN E 331 -48.79 17.62 -53.12
N LEU E 332 -49.29 16.89 -54.12
CA LEU E 332 -49.18 17.33 -55.51
C LEU E 332 -50.57 17.47 -56.15
N ASN E 333 -50.64 18.31 -57.16
CA ASN E 333 -51.75 18.27 -58.12
C ASN E 333 -51.26 17.68 -59.43
N LEU E 334 -52.20 17.07 -60.14
CA LEU E 334 -52.04 16.74 -61.54
C LEU E 334 -52.91 17.68 -62.42
N ILE E 335 -52.32 18.06 -63.52
CA ILE E 335 -52.99 18.89 -64.53
C ILE E 335 -52.90 18.17 -65.88
N GLY E 336 -54.00 18.19 -66.63
CA GLY E 336 -54.06 17.50 -67.91
C GLY E 336 -54.28 16.00 -67.71
N ARG E 337 -54.14 15.25 -68.80
CA ARG E 337 -54.38 13.84 -68.82
C ARG E 337 -53.09 13.08 -69.18
N PRO E 338 -53.01 11.84 -68.72
CA PRO E 338 -51.86 11.00 -68.97
C PRO E 338 -51.55 10.90 -70.47
N SER E 339 -50.28 11.12 -70.81
CA SER E 339 -49.80 11.11 -72.18
C SER E 339 -48.49 10.30 -72.30
N THR E 340 -48.38 9.55 -73.41
CA THR E 340 -47.22 8.73 -73.69
C THR E 340 -46.20 9.46 -74.61
N GLU E 341 -46.63 10.64 -75.09
CA GLU E 341 -45.76 11.56 -75.80
C GLU E 341 -44.37 11.68 -75.29
N HIS E 342 -43.38 11.11 -75.99
CA HIS E 342 -41.95 11.27 -75.66
C HIS E 342 -41.64 10.70 -74.31
N SER E 343 -42.40 9.69 -73.87
CA SER E 343 -42.20 9.20 -72.50
C SER E 343 -40.90 8.41 -72.32
N TRP E 344 -40.23 8.71 -71.22
CA TRP E 344 -38.92 8.18 -70.90
C TRP E 344 -38.95 6.72 -70.46
N PHE E 345 -40.13 6.24 -70.16
CA PHE E 345 -40.33 4.92 -69.60
C PHE E 345 -41.36 4.17 -70.47
N PRO E 346 -40.85 3.42 -71.45
CA PRO E 346 -41.78 2.72 -72.35
C PRO E 346 -42.75 1.87 -71.53
N GLY E 347 -44.03 2.08 -71.77
CA GLY E 347 -45.08 1.40 -71.03
C GLY E 347 -45.93 2.37 -70.25
N TYR E 348 -45.34 3.53 -69.94
CA TYR E 348 -45.96 4.52 -69.04
C TYR E 348 -46.31 5.86 -69.74
N ALA E 349 -47.36 6.50 -69.26
CA ALA E 349 -47.75 7.84 -69.66
C ALA E 349 -47.51 8.81 -68.50
N TRP E 350 -47.25 10.06 -68.84
CA TRP E 350 -46.94 11.06 -67.83
C TRP E 350 -48.00 12.13 -67.69
N THR E 351 -48.16 12.60 -66.47
CA THR E 351 -49.03 13.73 -66.19
C THR E 351 -48.29 14.69 -65.33
N VAL E 352 -48.32 15.97 -65.70
CA VAL E 352 -47.53 16.99 -64.99
C VAL E 352 -48.05 17.11 -63.58
N ALA E 353 -47.12 17.10 -62.65
CA ALA E 353 -47.32 17.15 -61.22
C ALA E 353 -46.85 18.50 -60.74
N GLN E 354 -47.63 19.26 -59.96
CA GLN E 354 -47.02 20.40 -59.26
C GLN E 354 -47.43 20.62 -57.82
N CYS E 355 -46.55 21.29 -57.07
CA CYS E 355 -46.71 21.51 -55.62
C CYS E 355 -48.05 22.12 -55.32
N LYS E 356 -48.89 21.36 -54.64
CA LYS E 356 -50.17 21.82 -54.08
C LYS E 356 -50.11 23.28 -53.54
N ILE E 357 -49.03 23.62 -52.84
CA ILE E 357 -48.93 24.92 -52.16
C ILE E 357 -48.48 26.02 -53.17
N CYS E 358 -47.27 25.82 -53.68
CA CYS E 358 -46.55 26.85 -54.41
C CYS E 358 -46.70 26.77 -55.94
N ALA E 359 -47.27 25.68 -56.44
CA ALA E 359 -47.56 25.51 -57.89
C ALA E 359 -46.32 25.20 -58.67
N SER E 360 -45.17 25.24 -57.98
CA SER E 360 -43.89 25.03 -58.66
C SER E 360 -43.78 23.60 -59.15
N HIS E 361 -43.50 23.46 -60.44
CA HIS E 361 -43.58 22.12 -61.10
C HIS E 361 -42.53 21.15 -60.55
N ILE E 362 -43.02 20.13 -59.88
CA ILE E 362 -42.18 19.19 -59.11
C ILE E 362 -41.70 17.99 -59.92
N GLY E 363 -42.46 17.64 -60.96
CA GLY E 363 -42.23 16.37 -61.67
C GLY E 363 -43.40 15.86 -62.46
N TRP E 364 -43.58 14.55 -62.40
CA TRP E 364 -44.64 13.88 -63.20
C TRP E 364 -45.14 12.63 -62.53
N LYS E 365 -46.44 12.37 -62.66
CA LYS E 365 -47.03 11.11 -62.27
C LYS E 365 -47.18 10.18 -63.48
N PHE E 366 -46.67 8.96 -63.32
CA PHE E 366 -46.57 8.01 -64.42
C PHE E 366 -47.51 6.90 -64.18
N THR E 367 -48.14 6.51 -65.25
CA THR E 367 -49.32 5.70 -65.20
C THR E 367 -49.14 4.62 -66.26
N ALA E 368 -49.57 3.39 -65.96
CA ALA E 368 -49.46 2.32 -66.93
C ALA E 368 -50.52 2.46 -68.03
N THR E 369 -50.20 1.93 -69.21
CA THR E 369 -51.15 1.85 -70.34
C THR E 369 -51.68 0.40 -70.51
N LYS E 370 -50.93 -0.54 -69.95
CA LYS E 370 -51.35 -1.94 -69.86
C LYS E 370 -51.59 -2.29 -68.38
N LYS E 371 -52.60 -3.11 -68.13
CA LYS E 371 -52.98 -3.46 -66.76
C LYS E 371 -52.19 -4.65 -66.21
N ASP E 372 -51.16 -5.06 -66.94
CA ASP E 372 -50.35 -6.22 -66.58
C ASP E 372 -48.91 -5.83 -66.32
N MET E 373 -48.62 -4.51 -66.39
CA MET E 373 -47.34 -3.95 -65.94
C MET E 373 -47.31 -3.74 -64.44
N SER E 374 -46.15 -3.99 -63.83
CA SER E 374 -45.93 -3.59 -62.45
C SER E 374 -45.23 -2.22 -62.32
N PRO E 375 -45.35 -1.58 -61.14
CA PRO E 375 -45.96 -0.29 -60.91
C PRO E 375 -47.03 0.10 -61.92
N GLN E 376 -48.26 0.14 -61.46
CA GLN E 376 -49.39 0.68 -62.25
C GLN E 376 -49.35 2.21 -62.25
N LYS E 377 -48.80 2.73 -61.14
CA LYS E 377 -48.53 4.17 -60.98
C LYS E 377 -47.26 4.37 -60.19
N PHE E 378 -46.66 5.53 -60.38
CA PHE E 378 -45.45 5.92 -59.64
C PHE E 378 -45.16 7.35 -59.98
N TRP E 379 -44.40 8.05 -59.13
CA TRP E 379 -44.00 9.39 -59.46
C TRP E 379 -42.57 9.44 -59.95
N GLY E 380 -42.35 10.31 -60.92
CA GLY E 380 -41.01 10.69 -61.36
C GLY E 380 -40.77 12.15 -61.03
N LEU E 381 -39.81 12.40 -60.16
CA LEU E 381 -39.68 13.72 -59.59
C LEU E 381 -38.35 14.32 -59.95
N THR E 382 -38.39 15.50 -60.53
CA THR E 382 -37.15 16.17 -60.95
C THR E 382 -36.39 16.69 -59.73
N ARG E 383 -35.10 16.37 -59.71
CA ARG E 383 -34.14 16.82 -58.71
C ARG E 383 -34.03 18.35 -58.60
N SER E 384 -34.25 19.10 -59.65
CA SER E 384 -34.22 20.55 -59.60
C SER E 384 -35.32 21.14 -58.70
N ALA E 385 -36.38 20.37 -58.56
CA ALA E 385 -37.55 20.78 -57.81
C ALA E 385 -37.47 20.38 -56.30
N LEU E 386 -36.42 19.68 -55.90
CA LEU E 386 -36.37 19.03 -54.57
C LEU E 386 -35.31 19.60 -53.62
N LEU E 387 -35.53 19.41 -52.33
CA LEU E 387 -34.59 19.73 -51.27
C LEU E 387 -34.56 18.58 -50.25
N PRO E 388 -33.48 17.77 -50.23
CA PRO E 388 -33.33 16.75 -49.21
C PRO E 388 -33.30 17.34 -47.79
N THR E 389 -34.05 16.71 -46.87
CA THR E 389 -34.00 17.11 -45.49
C THR E 389 -33.67 15.92 -44.58
N ILE E 390 -33.49 16.27 -43.32
CA ILE E 390 -33.02 15.39 -42.28
C ILE E 390 -34.17 14.95 -41.36
N PRO E 391 -35.19 15.80 -41.18
CA PRO E 391 -35.35 16.91 -40.25
C PRO E 391 -34.89 16.63 -38.79
N ASP E 392 -34.97 17.63 -37.93
CA ASP E 392 -34.55 17.49 -36.53
C ASP E 392 -33.12 18.01 -36.28
N THR E 393 -32.43 18.40 -37.33
CA THR E 393 -31.08 18.96 -37.21
C THR E 393 -31.00 20.05 -36.16
N ILE E 403 -27.23 18.31 -44.92
CA ILE E 403 -26.48 19.59 -45.00
C ILE E 403 -24.88 19.51 -44.99
N LEU E 404 -24.28 18.59 -44.23
CA LEU E 404 -22.84 18.64 -43.95
C LEU E 404 -21.95 17.54 -44.60
N CYS E 405 -22.42 16.76 -45.58
CA CYS E 405 -21.57 15.71 -46.26
C CYS E 405 -20.79 14.82 -45.19
N LEU E 406 -19.47 14.50 -45.32
CA LEU E 406 -18.92 13.16 -44.76
C LEU E 406 -19.18 12.96 -43.28
N PRO F 4 -51.07 -1.87 -94.54
CA PRO F 4 -51.50 -0.51 -94.14
C PRO F 4 -50.90 0.60 -95.01
N ILE F 5 -51.52 0.99 -96.14
CA ILE F 5 -50.82 1.88 -97.14
C ILE F 5 -51.19 3.37 -97.26
N ARG F 6 -50.18 4.10 -97.64
CA ARG F 6 -50.27 5.54 -97.83
C ARG F 6 -48.99 6.02 -98.64
N LEU F 7 -49.23 6.62 -99.83
CA LEU F 7 -48.15 7.08 -100.71
C LEU F 7 -48.47 8.50 -101.09
N PRO F 8 -47.81 9.49 -100.43
CA PRO F 8 -47.99 10.86 -100.88
C PRO F 8 -47.39 11.06 -102.22
N ILE F 9 -48.29 11.41 -103.14
CA ILE F 9 -48.04 11.63 -104.55
C ILE F 9 -47.38 12.97 -104.76
N VAL F 10 -46.21 12.96 -105.42
CA VAL F 10 -45.44 14.17 -105.62
C VAL F 10 -45.83 14.81 -106.88
N ASP F 11 -45.81 14.01 -107.95
CA ASP F 11 -46.36 14.49 -109.20
C ASP F 11 -46.95 13.40 -110.11
N LYS F 12 -47.85 13.86 -110.99
CA LYS F 12 -48.46 13.07 -112.03
C LYS F 12 -47.91 13.51 -113.37
N TYR F 13 -47.28 12.58 -114.08
CA TYR F 13 -46.68 12.90 -115.35
C TYR F 13 -47.38 12.10 -116.38
N LYS F 14 -48.50 12.65 -116.86
CA LYS F 14 -49.51 11.92 -117.61
C LYS F 14 -48.92 11.40 -118.91
N ASP F 15 -49.04 10.10 -119.15
CA ASP F 15 -47.98 9.34 -119.86
C ASP F 15 -48.45 7.92 -120.37
N MET F 16 -47.74 6.82 -120.00
CA MET F 16 -47.81 5.54 -120.76
C MET F 16 -49.21 4.93 -120.60
N GLY F 17 -50.22 5.78 -120.68
CA GLY F 17 -51.35 5.81 -119.71
C GLY F 17 -51.38 7.08 -118.83
N THR F 18 -51.43 6.88 -117.50
CA THR F 18 -51.22 7.97 -116.52
C THR F 18 -50.33 7.48 -115.37
N VAL F 19 -49.26 8.22 -115.08
CA VAL F 19 -48.22 7.78 -114.11
C VAL F 19 -48.00 8.86 -113.10
N VAL F 20 -47.53 8.38 -111.94
CA VAL F 20 -47.53 9.10 -110.69
C VAL F 20 -46.28 8.76 -109.83
N LEU F 21 -45.78 9.77 -109.14
CA LEU F 21 -44.50 9.70 -108.42
C LEU F 21 -44.62 9.82 -106.89
N GLY F 22 -43.72 9.20 -106.15
CA GLY F 22 -43.62 9.53 -104.76
C GLY F 22 -42.59 8.78 -103.99
N LYS F 23 -42.57 9.02 -102.67
CA LYS F 23 -42.05 8.06 -101.69
C LYS F 23 -43.19 7.37 -101.00
N LEU F 24 -42.98 6.08 -100.73
CA LEU F 24 -44.04 5.19 -100.33
C LEU F 24 -43.94 4.96 -98.84
N GLU F 25 -44.83 5.60 -98.07
CA GLU F 25 -44.62 5.80 -96.63
C GLU F 25 -45.40 4.81 -95.77
N SER F 26 -46.54 4.33 -96.24
CA SER F 26 -47.24 3.28 -95.52
C SER F 26 -47.37 2.00 -96.34
N GLY F 27 -46.68 0.94 -95.90
CA GLY F 27 -47.01 -0.45 -96.32
C GLY F 27 -46.41 -0.94 -97.63
N SER F 28 -46.86 -2.10 -98.08
CA SER F 28 -46.34 -2.72 -99.32
C SER F 28 -47.39 -2.67 -100.42
N ILE F 29 -46.93 -2.69 -101.67
CA ILE F 29 -47.78 -2.36 -102.82
C ILE F 29 -47.62 -3.33 -104.00
N CYS F 30 -48.64 -4.18 -104.15
CA CYS F 30 -48.59 -5.32 -105.06
C CYS F 30 -48.98 -4.79 -106.42
N LYS F 31 -48.44 -5.41 -107.47
CA LYS F 31 -48.80 -5.06 -108.85
C LYS F 31 -50.30 -5.30 -109.12
N GLY F 32 -50.93 -4.35 -109.82
CA GLY F 32 -52.37 -4.38 -110.11
C GLY F 32 -53.38 -4.34 -108.95
N GLN F 33 -52.95 -3.94 -107.74
CA GLN F 33 -53.82 -3.97 -106.52
C GLN F 33 -54.81 -2.79 -106.44
N GLN F 34 -56.08 -2.98 -106.85
CA GLN F 34 -57.08 -1.87 -106.86
C GLN F 34 -56.94 -1.02 -105.57
N LEU F 35 -56.89 0.30 -105.73
CA LEU F 35 -56.59 1.27 -104.63
C LEU F 35 -57.48 2.48 -104.79
N VAL F 36 -57.29 3.45 -103.89
CA VAL F 36 -58.05 4.68 -103.94
C VAL F 36 -57.12 5.81 -103.70
N MET F 37 -57.58 7.00 -104.04
CA MET F 37 -56.74 8.17 -104.00
C MET F 37 -57.55 9.41 -103.65
N MET F 38 -57.12 10.13 -102.62
CA MET F 38 -57.32 11.58 -102.56
C MET F 38 -58.39 11.89 -101.58
N PRO F 39 -58.79 13.18 -101.55
CA PRO F 39 -60.08 13.68 -101.06
C PRO F 39 -61.28 13.19 -101.87
N ASN F 40 -61.11 13.12 -103.19
CA ASN F 40 -62.21 12.79 -104.09
C ASN F 40 -62.35 11.26 -104.35
N LYS F 41 -61.74 10.45 -103.49
CA LYS F 41 -62.09 9.04 -103.31
C LYS F 41 -62.19 8.32 -104.67
N HIS F 42 -61.21 8.52 -105.54
CA HIS F 42 -61.17 7.77 -106.82
C HIS F 42 -60.55 6.40 -106.68
N ASN F 43 -61.33 5.40 -107.07
CA ASN F 43 -60.80 4.09 -107.37
C ASN F 43 -59.71 4.14 -108.43
N VAL F 44 -58.87 3.11 -108.45
CA VAL F 44 -57.74 3.05 -109.38
C VAL F 44 -57.00 1.74 -109.18
N GLU F 45 -56.61 1.08 -110.27
CA GLU F 45 -55.83 -0.15 -110.17
C GLU F 45 -54.42 0.23 -110.52
N VAL F 46 -53.45 -0.24 -109.73
CA VAL F 46 -52.08 -0.28 -110.19
C VAL F 46 -52.09 -1.03 -111.49
N LEU F 47 -51.52 -0.42 -112.53
CA LEU F 47 -50.93 -1.16 -113.63
C LEU F 47 -49.43 -1.43 -113.36
N GLY F 48 -48.64 -0.36 -113.31
CA GLY F 48 -47.21 -0.45 -113.56
C GLY F 48 -46.36 0.23 -112.50
N ILE F 49 -45.38 -0.52 -112.01
CA ILE F 49 -44.58 -0.06 -110.89
C ILE F 49 -43.13 -0.09 -111.27
N LEU F 50 -42.63 1.06 -111.68
CA LEU F 50 -41.23 1.15 -112.01
C LEU F 50 -40.81 1.70 -110.68
N SER F 51 -39.92 1.02 -110.00
CA SER F 51 -39.51 1.48 -108.69
C SER F 51 -38.11 1.99 -108.74
N ASP F 52 -37.94 3.22 -108.27
CA ASP F 52 -36.62 3.80 -108.27
C ASP F 52 -36.15 3.79 -109.72
N ASP F 53 -34.94 3.35 -109.96
CA ASP F 53 -34.45 3.28 -111.31
C ASP F 53 -35.27 2.24 -112.08
N VAL F 54 -35.53 1.09 -111.46
CA VAL F 54 -36.26 0.03 -112.15
C VAL F 54 -37.39 -0.70 -111.44
N GLU F 55 -38.41 -1.04 -112.20
CA GLU F 55 -39.61 -1.70 -111.71
C GLU F 55 -39.51 -3.14 -111.22
N THR F 56 -40.43 -3.44 -110.32
CA THR F 56 -40.66 -4.73 -109.66
C THR F 56 -42.16 -4.97 -109.61
N ASP F 57 -42.55 -6.16 -109.18
CA ASP F 57 -43.97 -6.51 -109.05
C ASP F 57 -44.61 -5.98 -107.76
N THR F 58 -43.95 -6.20 -106.63
CA THR F 58 -44.36 -5.59 -105.35
C THR F 58 -43.15 -4.93 -104.71
N VAL F 59 -43.41 -3.93 -103.88
CA VAL F 59 -42.34 -3.17 -103.29
C VAL F 59 -42.82 -2.59 -101.97
N ALA F 60 -41.90 -2.49 -101.00
CA ALA F 60 -42.22 -2.17 -99.61
C ALA F 60 -41.85 -0.71 -99.32
N PRO F 61 -42.19 -0.21 -98.10
CA PRO F 61 -41.99 1.22 -97.79
C PRO F 61 -40.57 1.65 -97.98
N GLY F 62 -40.38 2.95 -98.13
CA GLY F 62 -39.05 3.51 -98.31
C GLY F 62 -38.82 3.86 -99.76
N GLU F 63 -39.05 2.88 -100.64
CA GLU F 63 -38.69 3.00 -102.05
C GLU F 63 -39.31 4.25 -102.71
N ASN F 64 -38.83 4.55 -103.92
CA ASN F 64 -39.21 5.75 -104.65
C ASN F 64 -39.95 5.40 -105.94
N LEU F 65 -41.26 5.26 -105.86
CA LEU F 65 -42.01 4.61 -106.90
C LEU F 65 -42.48 5.63 -107.87
N LYS F 66 -42.36 5.30 -109.15
CA LYS F 66 -43.35 5.70 -110.14
C LYS F 66 -44.36 4.55 -110.36
N ILE F 67 -45.61 4.93 -110.53
CA ILE F 67 -46.68 3.99 -110.59
C ILE F 67 -47.59 4.43 -111.73
N ARG F 68 -47.73 3.60 -112.75
CA ARG F 68 -48.85 3.79 -113.67
C ARG F 68 -50.21 3.40 -113.06
N LEU F 69 -51.14 4.33 -113.16
CA LEU F 69 -52.51 4.19 -112.62
C LEU F 69 -53.53 4.08 -113.78
N LYS F 70 -54.60 3.32 -113.59
CA LYS F 70 -55.79 3.40 -114.49
C LYS F 70 -57.03 3.72 -113.72
N GLY F 71 -57.73 4.76 -114.10
CA GLY F 71 -58.87 5.21 -113.30
C GLY F 71 -59.72 6.20 -114.05
N ILE F 72 -60.84 6.60 -113.45
CA ILE F 72 -61.65 7.67 -114.00
C ILE F 72 -60.90 9.01 -113.83
N GLU F 73 -59.91 9.04 -112.92
CA GLU F 73 -59.15 10.27 -112.67
C GLU F 73 -57.62 10.16 -112.94
N GLU F 74 -57.15 10.85 -114.02
CA GLU F 74 -55.91 10.48 -114.74
C GLU F 74 -54.95 11.62 -115.23
N GLU F 75 -55.38 12.87 -115.16
CA GLU F 75 -54.51 13.93 -114.65
C GLU F 75 -55.29 15.04 -113.98
N GLU F 76 -56.42 14.67 -113.41
CA GLU F 76 -57.19 15.57 -112.58
C GLU F 76 -56.55 15.55 -111.18
N ILE F 77 -55.67 14.58 -110.93
CA ILE F 77 -54.98 14.45 -109.64
C ILE F 77 -53.88 15.48 -109.41
N LEU F 78 -53.72 15.92 -108.16
CA LEU F 78 -52.71 16.92 -107.83
C LEU F 78 -51.84 16.47 -106.69
N PRO F 79 -50.69 17.08 -106.52
CA PRO F 79 -49.82 16.71 -105.39
C PRO F 79 -50.23 17.21 -103.99
N GLY F 80 -50.02 16.31 -103.04
CA GLY F 80 -50.68 16.39 -101.77
C GLY F 80 -52.11 15.95 -101.85
N PHE F 81 -52.36 15.08 -102.81
CA PHE F 81 -53.08 13.84 -102.55
C PHE F 81 -52.06 12.73 -102.28
N ILE F 82 -52.62 11.53 -102.08
CA ILE F 82 -51.94 10.34 -101.58
C ILE F 82 -52.72 9.17 -102.16
N LEU F 83 -52.11 8.01 -102.27
CA LEU F 83 -52.89 6.83 -102.46
C LEU F 83 -53.35 6.33 -101.10
N CYS F 84 -54.37 5.49 -101.07
CA CYS F 84 -54.80 4.92 -99.84
C CYS F 84 -55.42 3.55 -100.06
N ASP F 85 -54.90 2.55 -99.34
CA ASP F 85 -55.63 1.29 -99.08
C ASP F 85 -57.11 1.54 -98.83
N PRO F 86 -57.99 0.82 -99.53
CA PRO F 86 -59.42 1.09 -99.38
C PRO F 86 -60.10 0.70 -97.99
N ASN F 87 -59.44 -0.14 -97.19
CA ASN F 87 -60.04 -0.59 -95.92
C ASN F 87 -59.91 0.44 -94.81
N ASN F 88 -58.75 0.49 -94.14
CA ASN F 88 -58.38 1.71 -93.45
C ASN F 88 -57.74 2.64 -94.47
N LEU F 89 -58.52 3.62 -94.94
CA LEU F 89 -58.03 4.69 -95.82
C LEU F 89 -57.79 5.98 -95.01
N CYS F 90 -57.51 7.08 -95.69
CA CYS F 90 -56.94 8.26 -95.05
C CYS F 90 -58.05 9.27 -94.63
N HIS F 91 -57.83 9.91 -93.49
CA HIS F 91 -58.73 10.97 -92.98
C HIS F 91 -58.36 12.22 -93.73
N SER F 92 -59.27 13.20 -93.78
CA SER F 92 -59.02 14.44 -94.50
C SER F 92 -60.03 15.52 -94.14
N GLY F 93 -60.33 16.43 -95.09
CA GLY F 93 -61.09 17.65 -94.79
C GLY F 93 -60.06 18.74 -94.54
N ARG F 94 -60.46 19.84 -93.90
CA ARG F 94 -59.70 21.12 -94.02
C ARG F 94 -59.49 21.98 -92.75
N THR F 95 -60.14 21.64 -91.65
CA THR F 95 -59.73 22.18 -90.33
C THR F 95 -59.02 21.09 -89.57
N PHE F 96 -58.08 21.50 -88.70
CA PHE F 96 -57.40 20.59 -87.75
C PHE F 96 -56.61 21.32 -86.64
N ASP F 97 -56.37 20.57 -85.56
CA ASP F 97 -55.70 21.05 -84.34
C ASP F 97 -54.28 20.52 -84.32
N ALA F 98 -53.35 21.31 -83.85
CA ALA F 98 -52.01 20.82 -83.81
C ALA F 98 -51.16 21.66 -82.97
N GLN F 99 -49.99 21.07 -82.68
CA GLN F 99 -49.08 21.52 -81.65
C GLN F 99 -47.88 22.07 -82.41
N ILE F 100 -47.61 23.33 -82.19
CA ILE F 100 -47.05 24.19 -83.19
C ILE F 100 -45.89 25.02 -82.64
N VAL F 101 -44.67 24.49 -82.67
CA VAL F 101 -43.58 25.19 -81.97
C VAL F 101 -43.03 26.34 -82.79
N ILE F 102 -43.34 27.55 -82.35
CA ILE F 102 -42.84 28.76 -82.97
C ILE F 102 -41.34 28.85 -82.89
N ILE F 103 -40.69 28.93 -84.08
CA ILE F 103 -39.21 28.94 -84.21
C ILE F 103 -38.56 30.29 -84.59
N GLU F 104 -39.08 30.97 -85.58
CA GLU F 104 -38.60 32.31 -85.84
C GLU F 104 -39.81 33.20 -85.84
N HIS F 105 -39.65 34.42 -85.35
CA HIS F 105 -40.70 35.40 -85.43
C HIS F 105 -40.34 36.70 -84.76
N LYS F 106 -40.22 37.75 -85.55
CA LYS F 106 -39.79 39.03 -85.01
C LYS F 106 -40.76 39.53 -84.00
N SER F 107 -42.03 39.31 -84.25
CA SER F 107 -43.03 39.78 -83.34
C SER F 107 -44.09 38.75 -83.18
N ILE F 108 -44.90 38.94 -82.16
CA ILE F 108 -45.98 37.99 -81.81
C ILE F 108 -46.92 37.56 -82.92
N ILE F 109 -47.37 36.31 -82.91
CA ILE F 109 -48.32 35.82 -83.92
C ILE F 109 -49.68 35.56 -83.27
N CYS F 110 -50.77 35.84 -84.00
CA CYS F 110 -52.13 35.96 -83.41
C CYS F 110 -53.20 35.42 -84.32
N PRO F 111 -54.27 34.93 -83.71
CA PRO F 111 -55.19 34.10 -84.43
C PRO F 111 -55.75 34.80 -85.62
N GLY F 112 -55.74 34.11 -86.75
CA GLY F 112 -55.90 34.76 -88.05
C GLY F 112 -54.59 35.25 -88.65
N TYR F 113 -53.49 34.78 -88.09
CA TYR F 113 -52.19 34.82 -88.76
C TYR F 113 -52.29 33.95 -89.96
N ASN F 114 -51.82 34.51 -91.06
CA ASN F 114 -51.75 33.78 -92.26
C ASN F 114 -50.36 33.30 -92.63
N ALA F 115 -50.31 32.07 -93.16
CA ALA F 115 -49.04 31.47 -93.57
C ALA F 115 -49.28 30.27 -94.46
N VAL F 116 -48.21 29.82 -95.12
CA VAL F 116 -48.23 28.60 -95.93
C VAL F 116 -48.00 27.42 -95.02
N LEU F 117 -48.40 26.25 -95.46
CA LEU F 117 -48.39 25.10 -94.62
C LEU F 117 -47.88 23.96 -95.42
N HIS F 118 -46.70 23.54 -95.12
CA HIS F 118 -46.18 22.41 -95.81
C HIS F 118 -46.41 21.13 -95.04
N ILE F 119 -47.44 20.38 -95.43
CA ILE F 119 -47.49 18.97 -95.09
C ILE F 119 -46.97 18.11 -96.20
N HIS F 120 -46.77 16.83 -95.91
CA HIS F 120 -46.87 15.88 -96.96
C HIS F 120 -45.87 16.18 -98.02
N THR F 121 -46.27 15.79 -99.22
CA THR F 121 -45.98 16.51 -100.44
C THR F 121 -46.79 17.83 -100.60
N CYS F 122 -48.06 17.81 -100.22
CA CYS F 122 -48.90 18.98 -100.38
C CYS F 122 -48.31 20.23 -99.84
N ILE F 123 -48.88 21.36 -100.28
CA ILE F 123 -48.48 22.69 -99.82
C ILE F 123 -49.66 23.67 -99.99
N GLU F 124 -50.53 23.77 -98.99
CA GLU F 124 -51.66 24.71 -99.07
C GLU F 124 -51.59 25.88 -98.10
N GLU F 125 -52.06 27.04 -98.51
CA GLU F 125 -52.07 28.20 -97.66
C GLU F 125 -53.03 27.92 -96.51
N VAL F 126 -52.78 28.57 -95.36
CA VAL F 126 -53.48 28.25 -94.12
C VAL F 126 -53.54 29.46 -93.17
N GLU F 127 -54.51 29.37 -92.25
CA GLU F 127 -54.71 30.37 -91.19
C GLU F 127 -54.83 29.64 -89.86
N ILE F 128 -54.25 30.19 -88.80
CA ILE F 128 -54.47 29.60 -87.51
C ILE F 128 -55.57 30.41 -86.89
N THR F 129 -56.71 29.73 -86.71
CA THR F 129 -58.03 30.36 -86.74
C THR F 129 -58.46 30.85 -85.36
N ALA F 130 -58.35 29.96 -84.35
CA ALA F 130 -57.63 30.29 -83.09
C ALA F 130 -56.59 29.24 -82.68
N LEU F 131 -55.67 29.78 -81.87
CA LEU F 131 -54.83 29.02 -80.96
C LEU F 131 -55.49 28.91 -79.60
N ILE F 132 -55.04 27.89 -78.87
CA ILE F 132 -55.88 27.08 -77.92
C ILE F 132 -55.28 27.19 -76.53
N CYS F 133 -54.20 26.44 -76.34
CA CYS F 133 -53.57 26.32 -75.08
C CYS F 133 -52.11 26.40 -75.30
N LEU F 134 -51.49 27.41 -74.73
CA LEU F 134 -50.04 27.46 -74.58
C LEU F 134 -49.47 26.18 -73.98
N VAL F 135 -48.17 25.93 -74.09
CA VAL F 135 -47.50 24.87 -73.26
C VAL F 135 -46.02 25.09 -72.96
N ASP F 136 -45.66 24.91 -71.69
CA ASP F 136 -44.29 25.16 -71.22
C ASP F 136 -43.41 23.94 -71.51
N LYS F 137 -42.19 24.28 -71.92
CA LYS F 137 -41.32 23.34 -72.56
C LYS F 137 -40.66 22.49 -71.51
N LYS F 138 -40.28 23.11 -70.40
CA LYS F 138 -39.60 22.37 -69.34
C LYS F 138 -40.44 21.15 -68.83
N SER F 139 -41.77 21.32 -68.71
CA SER F 139 -42.69 20.30 -68.11
C SER F 139 -43.42 19.41 -69.13
N GLY F 140 -44.30 20.03 -69.95
CA GLY F 140 -45.49 19.34 -70.49
C GLY F 140 -46.77 20.08 -70.10
N GLU F 141 -46.57 21.14 -69.32
CA GLU F 141 -47.66 21.70 -68.59
C GLU F 141 -48.46 22.44 -69.62
N LYS F 142 -49.58 21.85 -70.08
CA LYS F 142 -50.54 22.63 -70.84
C LYS F 142 -50.97 23.84 -69.96
N SER F 143 -51.64 24.78 -70.58
CA SER F 143 -51.77 26.07 -69.96
C SER F 143 -53.15 26.26 -69.42
N LYS F 144 -53.27 27.29 -68.61
CA LYS F 144 -54.34 27.40 -67.65
C LYS F 144 -55.40 28.12 -68.39
N THR F 145 -54.99 29.31 -68.82
CA THR F 145 -55.75 30.14 -69.75
C THR F 145 -55.50 29.76 -71.25
N ARG F 146 -56.39 30.24 -72.14
CA ARG F 146 -56.09 30.37 -73.58
C ARG F 146 -54.99 31.35 -73.60
N PRO F 147 -54.29 31.42 -74.72
CA PRO F 147 -53.37 32.51 -74.88
C PRO F 147 -53.84 33.38 -76.02
N ARG F 148 -53.81 34.70 -75.83
CA ARG F 148 -54.08 35.70 -76.89
C ARG F 148 -53.16 35.57 -78.20
N PHE F 149 -52.06 34.79 -78.11
CA PHE F 149 -51.00 34.77 -79.10
C PHE F 149 -49.77 33.97 -78.64
N VAL F 150 -48.94 33.59 -79.58
CA VAL F 150 -47.71 32.92 -79.21
C VAL F 150 -46.49 33.61 -79.87
N LYS F 151 -45.47 34.02 -79.09
CA LYS F 151 -44.18 34.65 -79.63
C LYS F 151 -43.14 33.57 -79.99
N GLN F 152 -41.89 33.99 -80.22
CA GLN F 152 -40.91 33.01 -80.75
C GLN F 152 -40.63 31.91 -79.71
N ASP F 153 -39.88 30.88 -80.11
CA ASP F 153 -39.14 30.05 -79.16
C ASP F 153 -40.07 29.49 -78.07
N GLN F 154 -41.31 29.17 -78.46
CA GLN F 154 -42.49 29.04 -77.56
C GLN F 154 -43.48 28.04 -78.19
N VAL F 155 -44.30 27.35 -77.40
CA VAL F 155 -45.19 26.29 -77.98
C VAL F 155 -46.63 26.62 -77.68
N CYS F 156 -47.55 26.24 -78.57
CA CYS F 156 -49.00 26.43 -78.36
C CYS F 156 -49.67 25.27 -79.02
N ILE F 157 -50.99 25.21 -78.88
CA ILE F 157 -51.80 24.21 -79.61
C ILE F 157 -52.86 25.03 -80.24
N ALA F 158 -53.22 24.69 -81.46
CA ALA F 158 -53.99 25.59 -82.21
C ALA F 158 -54.66 24.87 -83.31
N ARG F 159 -55.77 25.46 -83.74
CA ARG F 159 -56.58 24.91 -84.81
C ARG F 159 -56.45 25.77 -86.08
N LEU F 160 -56.63 25.12 -87.22
CA LEU F 160 -56.01 25.55 -88.45
C LEU F 160 -56.97 25.20 -89.61
N ARG F 161 -57.37 26.21 -90.42
CA ARG F 161 -58.13 25.96 -91.71
C ARG F 161 -57.32 26.26 -92.97
N THR F 162 -57.12 25.21 -93.76
CA THR F 162 -56.48 25.31 -95.07
C THR F 162 -57.48 25.84 -96.08
N ALA F 163 -57.22 27.00 -96.66
CA ALA F 163 -58.27 27.70 -97.43
C ALA F 163 -58.76 26.86 -98.61
N GLY F 164 -58.29 25.61 -98.73
CA GLY F 164 -58.99 24.60 -99.55
C GLY F 164 -59.29 23.32 -98.79
N THR F 165 -58.55 22.25 -99.11
CA THR F 165 -58.83 20.92 -98.53
C THR F 165 -57.58 20.13 -98.60
N ILE F 166 -57.39 19.26 -97.63
CA ILE F 166 -56.12 18.57 -97.46
C ILE F 166 -56.42 17.06 -97.48
N CYS F 167 -55.39 16.23 -97.27
CA CYS F 167 -55.57 14.95 -96.58
C CYS F 167 -54.60 14.71 -95.38
N LEU F 168 -55.08 15.08 -94.15
CA LEU F 168 -54.30 14.98 -92.88
C LEU F 168 -54.27 13.55 -92.31
N GLU F 169 -53.38 13.33 -91.35
CA GLU F 169 -53.28 12.10 -90.59
C GLU F 169 -52.79 12.55 -89.23
N THR F 170 -53.32 11.98 -88.16
CA THR F 170 -52.87 12.37 -86.84
C THR F 170 -51.44 11.94 -86.73
N PHE F 171 -50.64 12.74 -86.06
CA PHE F 171 -49.25 12.40 -85.92
C PHE F 171 -49.16 11.08 -85.23
N LYS F 172 -49.98 10.89 -84.21
CA LYS F 172 -49.94 9.65 -83.48
C LYS F 172 -50.28 8.55 -84.43
N ASP F 173 -51.30 8.75 -85.24
CA ASP F 173 -51.70 7.74 -86.18
C ASP F 173 -50.63 7.51 -87.21
N PHE F 174 -50.04 8.60 -87.70
CA PHE F 174 -48.98 8.53 -88.70
C PHE F 174 -48.04 9.67 -88.48
N PRO F 175 -46.74 9.51 -88.74
CA PRO F 175 -45.97 10.69 -88.49
C PRO F 175 -45.71 11.48 -89.78
N GLN F 176 -44.97 10.91 -90.71
CA GLN F 176 -44.53 11.67 -91.88
C GLN F 176 -45.67 12.47 -92.58
N MET F 177 -46.91 12.10 -92.34
CA MET F 177 -48.00 12.80 -92.99
C MET F 177 -48.71 13.72 -92.04
N GLY F 178 -48.29 13.72 -90.78
CA GLY F 178 -48.84 14.64 -89.78
C GLY F 178 -47.82 15.54 -89.10
N ARG F 179 -46.55 15.48 -89.50
CA ARG F 179 -45.63 16.52 -89.14
C ARG F 179 -45.60 17.43 -90.26
N PHE F 180 -45.26 18.67 -89.97
CA PHE F 180 -45.49 19.73 -90.90
C PHE F 180 -44.94 21.04 -90.40
N THR F 181 -44.76 21.94 -91.31
CA THR F 181 -44.00 23.09 -91.06
C THR F 181 -44.79 24.24 -91.64
N LEU F 182 -45.36 25.10 -90.81
CA LEU F 182 -45.73 26.40 -91.30
C LEU F 182 -44.51 27.01 -91.85
N ARG F 183 -44.70 27.91 -92.81
CA ARG F 183 -43.60 28.52 -93.58
C ARG F 183 -44.12 29.86 -94.13
N ASP F 184 -43.38 30.94 -93.92
CA ASP F 184 -43.87 32.24 -94.37
C ASP F 184 -42.69 33.11 -94.75
N GLU F 185 -42.91 33.97 -95.74
CA GLU F 185 -41.82 34.42 -96.58
C GLU F 185 -41.13 33.09 -96.92
N GLY F 186 -39.81 33.05 -96.93
CA GLY F 186 -39.12 31.79 -97.26
C GLY F 186 -38.98 30.86 -96.08
N LYS F 187 -38.87 31.48 -94.89
CA LYS F 187 -38.33 30.79 -93.73
C LYS F 187 -39.32 29.86 -93.21
N THR F 188 -38.79 28.82 -92.59
CA THR F 188 -39.55 28.06 -91.61
C THR F 188 -39.81 28.94 -90.43
N ILE F 189 -41.01 28.82 -89.89
CA ILE F 189 -41.53 29.76 -88.89
C ILE F 189 -42.27 29.06 -87.70
N ALA F 190 -42.61 27.78 -87.90
CA ALA F 190 -43.15 26.86 -86.88
C ALA F 190 -43.00 25.41 -87.28
N ILE F 191 -43.07 24.48 -86.33
CA ILE F 191 -43.35 23.11 -86.70
C ILE F 191 -44.26 22.36 -85.75
N GLY F 192 -45.06 21.45 -86.33
CA GLY F 192 -46.37 21.13 -85.80
C GLY F 192 -46.72 19.68 -86.10
N LYS F 193 -47.00 18.89 -85.06
CA LYS F 193 -47.63 17.55 -85.23
C LYS F 193 -49.15 17.82 -85.23
N VAL F 194 -49.90 17.04 -86.00
CA VAL F 194 -51.35 17.25 -86.05
C VAL F 194 -51.96 16.35 -85.06
N LEU F 195 -52.97 16.87 -84.40
CA LEU F 195 -53.54 16.20 -83.26
C LEU F 195 -54.89 15.61 -83.57
N LYS F 196 -55.88 16.49 -83.80
CA LYS F 196 -57.24 16.06 -84.13
C LYS F 196 -57.49 16.37 -85.60
N LEU F 197 -58.74 16.23 -86.00
CA LEU F 197 -59.19 16.71 -87.29
C LEU F 197 -60.62 17.23 -87.07
N VAL F 198 -60.89 18.47 -87.43
CA VAL F 198 -62.07 19.14 -86.90
C VAL F 198 -63.08 19.35 -88.05
N PRO F 199 -64.40 19.46 -87.72
CA PRO F 199 -65.35 18.46 -88.23
C PRO F 199 -64.73 17.24 -88.90
ZN ZN G . 32.97 22.27 60.63
C1 85C H . 35.50 11.54 78.49
C2 85C H . 36.76 11.10 78.89
C3 85C H . 37.42 10.16 78.10
C4 85C H . 34.91 11.06 77.33
C5 85C H . 35.58 10.13 76.54
C6 85C H . 36.85 9.68 76.93
N1 85C H . 36.23 8.72 74.90
N2 85C H . 36.59 5.29 73.76
N3 85C H . 37.65 10.44 81.06
O1 85C H . 34.18 9.65 74.75
C7 85C H . 37.32 8.69 75.89
C8 85C H . 35.24 9.48 75.35
C9 85C H . 36.13 7.80 73.77
C10 85C H . 37.41 7.88 72.94
C11 85C H . 37.45 6.76 71.90
C12 85C H . 37.30 5.40 72.57
C13 85C H . 35.98 6.40 74.35
C14 85C H . 37.41 11.60 80.18
C15 85C H . 37.15 10.32 82.29
O2 85C H . 35.38 6.26 75.41
C17 85C H . 37.84 8.69 85.17
C18 85C H . 37.37 8.45 86.45
CL1 85C H . 38.46 8.12 87.75
C19 85C H . 36.00 8.49 86.71
C22 85C H . 35.49 8.24 88.13
C20 85C H . 35.10 8.77 85.68
C21 85C H . 35.58 8.99 84.39
C16 85C H . 36.95 8.96 84.14
N4 85C H . 37.41 9.17 82.92
O4 85C H . 36.48 11.21 82.82
O3 85C H . 37.80 4.40 72.06
ZN ZN I . -43.86 24.57 -53.23
C1 85C J . -42.78 19.83 -73.13
C2 85C J . -43.70 19.08 -73.89
C3 85C J . -43.80 17.72 -73.67
C4 85C J . -41.99 19.20 -72.18
C5 85C J . -42.10 17.84 -71.97
C6 85C J . -43.01 17.10 -72.71
N1 85C J . -42.03 15.79 -71.07
N2 85C J . -40.59 12.44 -71.08
N3 85C J . -44.70 18.96 -76.14
O1 85C J . -40.69 17.38 -70.21
C7 85C J . -42.90 15.65 -72.24
C8 85C J . -41.45 16.98 -71.08
C9 85C J . -41.54 14.66 -70.28
C10 85C J . -42.72 13.82 -69.85
C11 85C J . -42.22 12.55 -69.16
C12 85C J . -41.32 11.77 -70.10
C13 85C J . -40.64 13.83 -71.18
C14 85C J . -44.57 19.80 -74.94
C15 85C J . -44.04 19.19 -77.28
O2 85C J . -40.00 14.40 -72.06
C17 85C J . -42.28 18.70 -79.50
C18 85C J . -41.64 18.84 -80.73
CL1 85C J . -39.92 19.09 -80.78
C19 85C J . -42.38 18.80 -81.91
C22 85C J . -41.68 18.94 -83.26
C20 85C J . -43.76 18.62 -81.86
C21 85C J . -44.39 18.48 -80.64
C16 85C J . -43.66 18.53 -79.45
N4 85C J . -44.28 18.37 -78.29
O4 85C J . -43.25 20.13 -77.40
O3 85C J . -41.25 10.55 -70.01
#